data_7YFG
#
_entry.id   7YFG
#
_cell.length_a   1.00
_cell.length_b   1.00
_cell.length_c   1.00
_cell.angle_alpha   90.00
_cell.angle_beta   90.00
_cell.angle_gamma   90.00
#
_symmetry.space_group_name_H-M   'P 1'
#
loop_
_entity.id
_entity.type
_entity.pdbx_description
1 polymer 'Glutamate receptor ionotropic, NMDA 1'
2 polymer 'Glutamate receptor ionotropic, NMDA 2C'
3 branched 2-acetamido-2-deoxy-beta-D-glucopyranose-(1-4)-2-acetamido-2-deoxy-beta-D-glucopyranose
4 branched alpha-D-mannopyranose-(1-4)-2-acetamido-2-deoxy-beta-D-glucopyranose-(1-4)-2-acetamido-2-deoxy-beta-D-glucopyranose
5 non-polymer 2-acetamido-2-deoxy-beta-D-glucopyranose
6 non-polymer GLYCINE
7 non-polymer 'GLUTAMIC ACID'
#
loop_
_entity_poly.entity_id
_entity_poly.type
_entity_poly.pdbx_seq_one_letter_code
_entity_poly.pdbx_strand_id
1 'polypeptide(L)'
;MSTMHLLTFALLFSCSFARAACDPKIVNIGAVLSTRKHEQMFREAVNQANKRHGSWKIQLNATSVTHKPNAIQMALSVCE
DLISSQVYAILVSHPPTPNDHFTPTPVSYTAGFYRIPVLGLTTRMSIYSDKSIHLSFLRTVPPYSHQSSVWFEMMRVYNW
NHIILLVSDDHEGRAAQKRLETLLEERESKAEKVLQFDPGTKNVTALLMEARELEARVIILSASEDDAATVYRAAAMLNM
TGSGYVWLVGEREISGNALRYAPDGIIGLQLINGKNESAHISDAVGVVAQAVHELLEKENITDPPRGCVGNTNIWKTGPL
FKRVLMSSKYADGVTGRVEFNEDGDRKFANYSIMNLQNRKLVQVGIYNGTHVIPNDRKIIWPGGETEKPRGYQMSTRLKI
VTIHQEPFVYVKPTMSDGTCKEEFTVNGDPVKKVICTGPNDTSPGSPRHTVPQCCYGFCIDLLIKLARTMNFTYEVHLVA
DGKFGTQERVNNSNKKEWNGMMGELLSGQADMIVAPLTINNERAQYIEFSKPFKYQGLTILVKKEIPRSTLDSFMQPFQS
TLWLLVGLSVHVVAVMLYLLDRFSPFGRFKVNSEEEEEDALTLSSAMWFSWGVLLNSGIGEGAPRSFSARILGMVWAGFA
MIIVASYTANLAAFLVLDRPEERITGINDPRLRNPSDKFIYATVKQSSVDIYFRRQVELSTMYRHMEKHNYESAAEAIQA
VRDNKLHAFIWDSAVLEFEASQKCDLVTTGELFFRSGFGIGMRKDSPWKQNVSLSILKSHENGFMEDLDKTWVRYQECDS
RSNAPATLTFENMAGVFMLVAGGIVAGIFLIFIEIAYKRHKDARRKQLEVLFQGPAAAHHHHHHHH
;
A,C
2 'polypeptide(L)'
;MGGALGPALLLTSLLGAWARLGAGQGEQAVTVAVVFGSSGPLQTQARTRLTSQNFLDLPLEIQPLTVGVNNTNPSSILTQ
ICGLLGAARVHGIVFEDNVDTEAVAQLLDFVSSQTHVPILSISGGSAVVLTPKEPGSAFLQLGVSLEQQLQVLFKVLEEY
DWSAFAVITSLHPGHALFLEGVRAVADASYLSWRLLDVLTLELGPGGPRARTQRLLRQVDAPVLVAYCSREEAEVLFAEA
AQAGLVGPGHVWLVPNLALGSTDAPPAAFPVGLISVVTESWRLSLRQKVRDGVAILALGAHSYRRQYGTLPAPAGDCRSH
PGPVSPAREAFYRHLLNVTWEGRDFSFSPGGYLVRPTMVVIALNRHRLWEMVGRWDHGVLYMKYPVWPRYSTSLQPVVDS
RHLTVATLEERPFVIVESPDPGTGGCVPNTVPCRRQSNHTFSSGDLTPYTKLCCKGFCIDILKKLAKVVKFSYDLYLVTN
GKHGKRVRGVWNGMIGEVYYKRADMAIGSLTINEERSEIIDFSVPFVETGISVMVSRSNGTVSPSAFLEPYSPAVWVMMF
VMCLTVVAITVFMFEYFSPVSYNQNLTKGKKPGGPSFTIGKSVWLLWALVFNNSVPIENPRGTTSKIMVLVWAFFAVIFL
ASYTANLAAFMIQEQYIDTVSGLSDKKFQRPQDQYPPFRFGTVPNGSTERNIRSNYRDMHTHMVKFNQRSVEDALTSLKM
GKLDAFIYDAAVLNYMAGKDEGCKLVTIGSGKVFATTGYGIAMQKDSHWKRAIDLALLQLLGDGETQKLETVWLSGICQN
;
B,D
#
# COMPACT_ATOMS: atom_id res chain seq x y z
N LYS A 25 9.98 -37.75 33.54
CA LYS A 25 10.55 -37.43 32.22
C LYS A 25 12.03 -37.07 32.33
N ILE A 26 12.88 -37.90 31.74
CA ILE A 26 14.32 -37.70 31.77
C ILE A 26 14.77 -37.26 30.38
N VAL A 27 15.22 -36.01 30.27
CA VAL A 27 15.66 -35.44 29.01
C VAL A 27 17.16 -35.70 28.88
N ASN A 28 17.55 -36.48 27.87
CA ASN A 28 18.91 -36.91 27.68
C ASN A 28 19.53 -36.21 26.47
N ILE A 29 20.76 -35.72 26.63
CA ILE A 29 21.53 -35.15 25.54
C ILE A 29 22.74 -36.03 25.30
N GLY A 30 23.35 -35.86 24.12
CA GLY A 30 24.46 -36.72 23.75
C GLY A 30 25.57 -35.94 23.09
N ALA A 31 26.74 -36.57 23.04
CA ALA A 31 27.92 -35.92 22.49
C ALA A 31 28.81 -36.96 21.85
N VAL A 32 29.47 -36.55 20.77
CA VAL A 32 30.45 -37.37 20.07
C VAL A 32 31.77 -36.63 20.05
N LEU A 33 32.76 -37.15 20.78
CA LEU A 33 34.04 -36.49 20.92
C LEU A 33 35.18 -37.40 20.47
N SER A 34 36.43 -36.96 20.67
CA SER A 34 37.59 -37.69 20.18
C SER A 34 38.64 -37.98 21.23
N THR A 35 38.89 -37.06 22.15
CA THR A 35 40.04 -37.14 23.04
C THR A 35 39.89 -38.12 24.19
N ARG A 36 38.66 -38.59 24.45
CA ARG A 36 38.36 -39.55 25.53
C ARG A 36 38.55 -38.90 26.89
N LYS A 37 39.04 -37.67 26.93
CA LYS A 37 39.16 -36.93 28.17
C LYS A 37 38.20 -35.76 28.24
N HIS A 38 37.93 -35.11 27.10
CA HIS A 38 36.96 -34.03 27.07
C HIS A 38 35.55 -34.52 27.35
N GLU A 39 35.29 -35.82 27.21
CA GLU A 39 33.98 -36.35 27.59
C GLU A 39 33.76 -36.22 29.09
N GLN A 40 34.82 -36.39 29.90
CA GLN A 40 34.69 -36.15 31.33
C GLN A 40 34.38 -34.69 31.60
N MET A 41 35.00 -33.78 30.82
CA MET A 41 34.68 -32.36 30.95
C MET A 41 33.23 -32.08 30.59
N PHE A 42 32.72 -32.76 29.55
CA PHE A 42 31.33 -32.58 29.16
C PHE A 42 30.39 -33.11 30.24
N ARG A 43 30.73 -34.25 30.85
CA ARG A 43 29.93 -34.78 31.94
C ARG A 43 29.92 -33.83 33.13
N GLU A 44 31.09 -33.27 33.46
CA GLU A 44 31.14 -32.28 34.54
C GLU A 44 30.28 -31.08 34.20
N ALA A 45 30.38 -30.57 32.96
CA ALA A 45 29.63 -29.38 32.57
C ALA A 45 28.13 -29.62 32.61
N VAL A 46 27.68 -30.80 32.14
CA VAL A 46 26.26 -31.10 32.19
C VAL A 46 25.79 -31.29 33.63
N ASN A 47 26.66 -31.82 34.49
CA ASN A 47 26.31 -31.91 35.90
C ASN A 47 26.13 -30.53 36.53
N GLN A 48 27.03 -29.59 36.22
CA GLN A 48 26.86 -28.23 36.72
C GLN A 48 25.58 -27.62 36.18
N ALA A 49 25.31 -27.82 34.88
CA ALA A 49 24.10 -27.26 34.29
C ALA A 49 22.85 -27.82 34.96
N ASN A 50 22.86 -29.11 35.30
CA ASN A 50 21.76 -29.70 36.04
C ASN A 50 21.66 -29.11 37.44
N LYS A 51 22.80 -28.81 38.06
CA LYS A 51 22.78 -28.21 39.40
C LYS A 51 22.15 -26.82 39.36
N ARG A 52 22.22 -26.11 38.24
CA ARG A 52 21.49 -24.81 38.18
C ARG A 52 20.31 -24.68 37.17
N HIS A 53 19.04 -24.53 37.62
CA HIS A 53 17.88 -24.29 36.69
C HIS A 53 16.44 -24.15 37.27
N GLY A 54 15.48 -23.68 36.45
CA GLY A 54 14.06 -23.52 36.89
C GLY A 54 13.58 -24.81 37.50
N SER A 55 13.48 -25.86 36.69
CA SER A 55 13.04 -27.15 37.20
C SER A 55 14.22 -28.06 37.45
N TRP A 56 14.06 -28.98 38.39
CA TRP A 56 15.14 -29.91 38.71
C TRP A 56 14.61 -31.33 38.64
N LYS A 57 13.52 -31.53 37.90
CA LYS A 57 12.92 -32.85 37.79
C LYS A 57 13.20 -33.46 36.44
N ILE A 58 13.37 -32.60 35.43
CA ILE A 58 13.69 -33.09 34.10
C ILE A 58 14.89 -34.02 34.17
N GLN A 59 15.62 -33.96 35.28
CA GLN A 59 16.82 -34.78 35.45
C GLN A 59 17.60 -34.92 34.14
N LEU A 60 18.16 -33.79 33.72
CA LEU A 60 18.99 -33.76 32.52
C LEU A 60 20.09 -34.81 32.61
N ASN A 61 20.13 -35.70 31.63
CA ASN A 61 21.08 -36.79 31.54
C ASN A 61 21.98 -36.59 30.33
N ALA A 62 23.14 -37.23 30.34
CA ALA A 62 24.11 -37.06 29.28
C ALA A 62 24.71 -38.39 28.88
N THR A 63 25.04 -38.51 27.59
CA THR A 63 25.75 -39.68 27.08
C THR A 63 26.78 -39.21 26.06
N SER A 64 27.80 -40.04 25.85
CA SER A 64 28.90 -39.66 24.98
C SER A 64 29.45 -40.88 24.27
N VAL A 65 30.08 -40.63 23.12
CA VAL A 65 30.71 -41.67 22.32
C VAL A 65 31.94 -41.08 21.64
N THR A 66 33.00 -41.87 21.56
CA THR A 66 34.23 -41.46 20.90
C THR A 66 34.12 -41.63 19.39
N HIS A 67 34.97 -40.88 18.68
CA HIS A 67 34.96 -40.92 17.22
C HIS A 67 35.42 -42.28 16.70
N LYS A 68 34.89 -42.66 15.54
CA LYS A 68 35.25 -43.89 14.85
C LYS A 68 35.98 -43.57 13.55
N PRO A 69 36.92 -44.42 13.13
CA PRO A 69 37.66 -44.15 11.89
C PRO A 69 36.79 -44.27 10.64
N ASN A 70 36.09 -45.39 10.51
CA ASN A 70 35.26 -45.63 9.34
C ASN A 70 34.00 -44.77 9.40
N ALA A 71 33.72 -44.04 8.32
CA ALA A 71 32.57 -43.15 8.31
C ALA A 71 31.27 -43.92 8.41
N ILE A 72 31.17 -45.05 7.71
CA ILE A 72 29.95 -45.87 7.81
C ILE A 72 29.82 -46.44 9.22
N GLN A 73 30.91 -46.94 9.78
CA GLN A 73 30.89 -47.41 11.15
C GLN A 73 30.58 -46.27 12.11
N MET A 74 31.07 -45.06 11.80
CA MET A 74 30.73 -43.90 12.61
C MET A 74 29.23 -43.62 12.60
N ALA A 75 28.61 -43.67 11.41
CA ALA A 75 27.18 -43.44 11.32
C ALA A 75 26.40 -44.51 12.06
N LEU A 76 26.84 -45.77 11.95
CA LEU A 76 26.19 -46.84 12.72
C LEU A 76 26.35 -46.61 14.21
N SER A 77 27.51 -46.08 14.63
CA SER A 77 27.70 -45.74 16.04
C SER A 77 26.74 -44.65 16.49
N VAL A 78 26.45 -43.69 15.61
CA VAL A 78 25.42 -42.70 15.91
C VAL A 78 24.05 -43.37 16.05
N CYS A 79 23.75 -44.30 15.14
CA CYS A 79 22.45 -44.97 15.19
C CYS A 79 22.29 -45.77 16.48
N GLU A 80 23.35 -46.46 16.89
CA GLU A 80 23.38 -47.09 18.20
C GLU A 80 23.70 -46.04 19.27
N ASP A 81 23.58 -46.44 20.54
CA ASP A 81 23.92 -45.57 21.66
C ASP A 81 23.16 -44.25 21.62
N LEU A 82 23.68 -43.29 20.86
CA LEU A 82 23.10 -41.94 20.81
C LEU A 82 21.64 -42.00 20.38
N ILE A 83 21.39 -42.46 19.15
CA ILE A 83 20.01 -42.53 18.66
C ILE A 83 19.22 -43.57 19.43
N SER A 84 19.85 -44.69 19.80
CA SER A 84 19.14 -45.73 20.53
C SER A 84 18.63 -45.21 21.86
N SER A 85 19.41 -44.40 22.55
CA SER A 85 18.93 -43.75 23.76
C SER A 85 17.92 -42.66 23.43
N GLN A 86 17.17 -42.23 24.44
CA GLN A 86 16.14 -41.22 24.27
C GLN A 86 16.77 -39.82 24.32
N VAL A 87 17.53 -39.51 23.28
CA VAL A 87 18.33 -38.29 23.21
C VAL A 87 17.51 -37.18 22.56
N TYR A 88 17.74 -35.95 23.03
CA TYR A 88 17.04 -34.78 22.51
C TYR A 88 17.92 -33.91 21.63
N ALA A 89 19.22 -33.83 21.92
CA ALA A 89 20.15 -33.05 21.11
C ALA A 89 21.50 -33.75 21.11
N ILE A 90 22.26 -33.52 20.05
CA ILE A 90 23.57 -34.12 19.86
C ILE A 90 24.61 -33.02 19.63
N LEU A 91 25.75 -33.16 20.29
CA LEU A 91 26.88 -32.28 20.07
C LEU A 91 27.99 -33.06 19.39
N VAL A 92 28.75 -32.39 18.52
CA VAL A 92 29.84 -33.03 17.80
C VAL A 92 31.03 -32.07 17.75
N SER A 93 32.20 -32.60 18.04
CA SER A 93 33.43 -31.83 17.98
C SER A 93 34.32 -32.36 16.84
N HIS A 94 35.50 -31.77 16.70
CA HIS A 94 36.44 -32.12 15.65
C HIS A 94 37.78 -32.45 16.30
N PRO A 95 38.44 -33.54 15.92
CA PRO A 95 39.77 -33.82 16.44
C PRO A 95 40.75 -32.72 16.07
N PRO A 96 41.76 -32.49 16.91
CA PRO A 96 42.67 -31.34 16.67
C PRO A 96 43.33 -31.34 15.31
N THR A 97 43.74 -32.50 14.81
CA THR A 97 44.38 -32.57 13.50
C THR A 97 43.38 -32.18 12.42
N PRO A 98 43.72 -31.23 11.55
CA PRO A 98 42.76 -30.79 10.53
C PRO A 98 42.35 -31.91 9.59
N ASN A 99 41.06 -32.26 9.63
CA ASN A 99 40.47 -33.22 8.73
C ASN A 99 39.34 -32.65 7.91
N ASP A 100 38.97 -31.38 8.14
CA ASP A 100 37.92 -30.69 7.40
C ASP A 100 36.57 -31.38 7.56
N HIS A 101 35.66 -31.18 6.60
CA HIS A 101 34.31 -31.69 6.71
C HIS A 101 34.23 -33.17 6.34
N PHE A 102 34.69 -34.04 7.24
CA PHE A 102 34.54 -35.47 7.03
C PHE A 102 33.92 -36.12 8.27
N THR A 103 34.28 -35.62 9.45
CA THR A 103 33.87 -36.26 10.70
C THR A 103 32.45 -35.92 11.14
N PRO A 104 31.96 -34.67 11.08
CA PRO A 104 30.60 -34.41 11.54
C PRO A 104 29.52 -34.74 10.53
N THR A 105 29.89 -35.04 9.28
CA THR A 105 28.91 -35.32 8.24
C THR A 105 28.01 -36.52 8.55
N PRO A 106 28.52 -37.69 8.96
CA PRO A 106 27.60 -38.82 9.17
C PRO A 106 26.65 -38.60 10.33
N VAL A 107 27.13 -38.04 11.44
CA VAL A 107 26.23 -37.77 12.56
C VAL A 107 25.22 -36.70 12.19
N SER A 108 25.63 -35.71 11.40
CA SER A 108 24.68 -34.68 10.95
C SER A 108 23.58 -35.30 10.10
N TYR A 109 23.95 -36.15 9.15
CA TYR A 109 22.94 -36.80 8.30
C TYR A 109 22.00 -37.66 9.13
N THR A 110 22.56 -38.48 10.03
CA THR A 110 21.75 -39.41 10.80
C THR A 110 20.78 -38.68 11.72
N ALA A 111 21.22 -37.59 12.35
CA ALA A 111 20.31 -36.86 13.22
C ALA A 111 19.35 -35.96 12.44
N GLY A 112 19.74 -35.53 11.23
CA GLY A 112 18.82 -34.78 10.40
C GLY A 112 17.75 -35.63 9.76
N PHE A 113 17.97 -36.94 9.68
CA PHE A 113 16.91 -37.84 9.25
C PHE A 113 15.70 -37.73 10.17
N TYR A 114 15.93 -37.56 11.46
CA TYR A 114 14.86 -37.44 12.45
C TYR A 114 14.67 -36.02 12.95
N ARG A 115 15.31 -35.04 12.30
CA ARG A 115 15.24 -33.64 12.71
C ARG A 115 15.64 -33.46 14.17
N ILE A 116 16.68 -34.17 14.58
CA ILE A 116 17.26 -34.02 15.91
C ILE A 116 18.39 -33.00 15.82
N PRO A 117 18.29 -31.86 16.51
CA PRO A 117 19.31 -30.81 16.34
C PRO A 117 20.71 -31.31 16.69
N VAL A 118 21.69 -30.88 15.90
CA VAL A 118 23.09 -31.21 16.11
C VAL A 118 23.87 -29.91 16.23
N LEU A 119 24.59 -29.75 17.33
CA LEU A 119 25.37 -28.55 17.59
C LEU A 119 26.84 -28.84 17.31
N GLY A 120 27.41 -28.14 16.33
CA GLY A 120 28.83 -28.23 16.04
C GLY A 120 29.61 -27.25 16.89
N LEU A 121 30.75 -27.72 17.41
CA LEU A 121 31.55 -26.95 18.33
C LEU A 121 32.86 -26.45 17.74
N THR A 122 33.42 -27.16 16.76
CA THR A 122 34.71 -26.79 16.20
C THR A 122 34.76 -26.77 14.68
N THR A 123 33.80 -27.36 13.99
CA THR A 123 33.81 -27.34 12.53
C THR A 123 33.60 -25.93 12.01
N ARG A 124 34.32 -25.59 10.93
CA ARG A 124 34.27 -24.25 10.36
C ARG A 124 33.79 -24.21 8.92
N MET A 125 33.58 -25.37 8.29
CA MET A 125 33.19 -25.39 6.89
C MET A 125 31.81 -24.77 6.69
N SER A 126 31.61 -24.17 5.51
CA SER A 126 30.35 -23.52 5.19
C SER A 126 29.33 -24.47 4.58
N ILE A 127 29.72 -25.71 4.28
CA ILE A 127 28.78 -26.67 3.71
C ILE A 127 27.67 -26.97 4.71
N TYR A 128 27.93 -26.83 6.00
CA TYR A 128 26.95 -27.08 7.04
C TYR A 128 26.01 -25.91 7.27
N SER A 129 26.22 -24.78 6.58
CA SER A 129 25.27 -23.68 6.63
C SER A 129 24.11 -23.87 5.67
N ASP A 130 24.21 -24.81 4.74
CA ASP A 130 23.17 -25.03 3.73
C ASP A 130 22.09 -25.90 4.33
N LYS A 131 20.93 -25.30 4.62
CA LYS A 131 19.84 -26.02 5.26
C LYS A 131 19.20 -27.07 4.36
N SER A 132 19.49 -27.07 3.06
CA SER A 132 18.95 -28.09 2.19
C SER A 132 19.66 -29.44 2.36
N ILE A 133 20.95 -29.40 2.66
CA ILE A 133 21.73 -30.63 2.83
C ILE A 133 21.62 -31.08 4.28
N HIS A 134 22.04 -30.23 5.20
CA HIS A 134 22.00 -30.50 6.64
C HIS A 134 20.81 -29.75 7.22
N LEU A 135 19.70 -30.45 7.42
CA LEU A 135 18.46 -29.80 7.81
C LEU A 135 18.54 -29.29 9.25
N SER A 136 18.78 -30.18 10.20
CA SER A 136 18.85 -29.81 11.61
C SER A 136 20.32 -29.73 12.04
N PHE A 137 20.92 -28.58 11.78
CA PHE A 137 22.31 -28.32 12.13
C PHE A 137 22.45 -26.89 12.63
N LEU A 138 23.01 -26.74 13.83
CA LEU A 138 23.37 -25.45 14.38
C LEU A 138 24.83 -25.49 14.78
N ARG A 139 25.45 -24.33 14.89
CA ARG A 139 26.85 -24.24 15.29
C ARG A 139 27.04 -23.07 16.22
N THR A 140 27.95 -23.23 17.17
CA THR A 140 28.30 -22.19 18.12
C THR A 140 29.51 -21.37 17.68
N VAL A 141 30.05 -21.65 16.49
CA VAL A 141 31.23 -20.97 15.99
C VAL A 141 30.99 -20.54 14.54
N PRO A 142 31.30 -19.30 14.18
CA PRO A 142 31.04 -18.86 12.81
C PRO A 142 31.90 -19.64 11.81
N PRO A 143 31.45 -19.78 10.58
CA PRO A 143 32.23 -20.52 9.57
C PRO A 143 33.28 -19.62 8.94
N TYR A 144 34.01 -20.19 7.97
CA TYR A 144 35.05 -19.45 7.29
C TYR A 144 34.47 -18.32 6.45
N SER A 145 33.25 -18.50 5.95
CA SER A 145 32.65 -17.50 5.07
C SER A 145 32.44 -16.17 5.80
N HIS A 146 32.01 -16.23 7.06
CA HIS A 146 31.69 -15.02 7.81
C HIS A 146 32.89 -14.08 7.94
N GLN A 147 34.12 -14.60 7.80
CA GLN A 147 35.28 -13.72 7.80
C GLN A 147 35.16 -12.60 6.78
N SER A 148 34.56 -12.88 5.62
CA SER A 148 34.41 -11.83 4.61
C SER A 148 33.75 -10.60 5.19
N SER A 149 32.80 -10.79 6.12
CA SER A 149 32.12 -9.66 6.75
C SER A 149 33.13 -8.69 7.35
N VAL A 150 34.08 -9.19 8.15
CA VAL A 150 35.02 -8.29 8.80
C VAL A 150 35.84 -7.54 7.75
N TRP A 151 36.14 -8.21 6.63
CA TRP A 151 36.88 -7.55 5.56
C TRP A 151 36.12 -6.31 5.09
N PHE A 152 34.80 -6.46 4.90
CA PHE A 152 33.98 -5.31 4.54
C PHE A 152 34.18 -4.17 5.53
N GLU A 153 34.16 -4.49 6.82
CA GLU A 153 34.35 -3.45 7.84
C GLU A 153 35.71 -2.80 7.66
N MET A 154 36.76 -3.59 7.44
CA MET A 154 38.07 -3.01 7.21
C MET A 154 38.05 -2.13 5.96
N MET A 155 37.36 -2.59 4.92
CA MET A 155 37.24 -1.78 3.71
C MET A 155 36.54 -0.46 3.98
N ARG A 156 35.65 -0.44 4.98
CA ARG A 156 35.03 0.82 5.36
C ARG A 156 35.99 1.69 6.17
N VAL A 157 36.86 1.07 6.96
CA VAL A 157 37.74 1.82 7.83
C VAL A 157 38.79 2.58 7.03
N TYR A 158 39.40 1.91 6.06
CA TYR A 158 40.48 2.50 5.27
C TYR A 158 40.01 3.00 3.91
N ASN A 159 38.69 3.05 3.68
CA ASN A 159 38.09 3.59 2.46
C ASN A 159 38.56 2.87 1.21
N TRP A 160 39.04 1.64 1.33
CA TRP A 160 39.42 0.86 0.16
C TRP A 160 38.18 0.51 -0.65
N ASN A 161 38.28 0.64 -1.98
CA ASN A 161 37.15 0.34 -2.85
C ASN A 161 37.54 -0.65 -3.93
N HIS A 162 38.77 -0.57 -4.41
CA HIS A 162 39.26 -1.44 -5.48
C HIS A 162 39.90 -2.67 -4.84
N ILE A 163 39.27 -3.84 -5.01
CA ILE A 163 39.72 -5.07 -4.40
C ILE A 163 39.72 -6.18 -5.46
N ILE A 164 40.50 -7.22 -5.19
CA ILE A 164 40.58 -8.40 -6.03
C ILE A 164 40.30 -9.61 -5.16
N LEU A 165 39.40 -10.49 -5.62
CA LEU A 165 38.96 -11.65 -4.85
C LEU A 165 39.60 -12.90 -5.42
N LEU A 166 40.75 -13.29 -4.88
CA LEU A 166 41.46 -14.49 -5.33
C LEU A 166 40.98 -15.65 -4.47
N VAL A 167 40.00 -16.38 -4.96
CA VAL A 167 39.33 -17.40 -4.16
C VAL A 167 39.45 -18.75 -4.84
N SER A 168 39.38 -19.82 -4.03
CA SER A 168 39.44 -21.17 -4.57
C SER A 168 38.17 -21.52 -5.31
N ASP A 169 38.25 -22.57 -6.13
CA ASP A 169 37.10 -23.03 -6.90
C ASP A 169 36.18 -23.95 -6.12
N ASP A 170 36.59 -24.40 -4.93
CA ASP A 170 35.77 -25.33 -4.16
C ASP A 170 34.57 -24.59 -3.57
N HIS A 171 33.80 -25.31 -2.74
CA HIS A 171 32.60 -24.73 -2.16
C HIS A 171 32.94 -23.59 -1.21
N GLU A 172 34.04 -23.69 -0.47
CA GLU A 172 34.40 -22.65 0.48
C GLU A 172 34.67 -21.32 -0.22
N GLY A 173 35.46 -21.36 -1.29
CA GLY A 173 35.75 -20.14 -2.03
C GLY A 173 34.51 -19.52 -2.64
N ARG A 174 33.64 -20.35 -3.22
CA ARG A 174 32.41 -19.84 -3.79
C ARG A 174 31.52 -19.22 -2.72
N ALA A 175 31.43 -19.84 -1.55
CA ALA A 175 30.61 -19.30 -0.47
C ALA A 175 31.16 -17.96 0.02
N ALA A 176 32.47 -17.88 0.23
CA ALA A 176 33.06 -16.62 0.67
C ALA A 176 32.86 -15.53 -0.36
N GLN A 177 33.07 -15.85 -1.64
CA GLN A 177 32.86 -14.87 -2.70
C GLN A 177 31.41 -14.43 -2.76
N LYS A 178 30.47 -15.37 -2.62
CA LYS A 178 29.05 -15.00 -2.67
C LYS A 178 28.68 -14.09 -1.51
N ARG A 179 29.16 -14.38 -0.30
CA ARG A 179 28.85 -13.52 0.83
C ARG A 179 29.45 -12.13 0.66
N LEU A 180 30.71 -12.06 0.19
CA LEU A 180 31.33 -10.75 0.00
C LEU A 180 30.62 -9.96 -1.09
N GLU A 181 30.21 -10.63 -2.18
CA GLU A 181 29.46 -9.95 -3.23
C GLU A 181 28.12 -9.45 -2.73
N THR A 182 27.45 -10.24 -1.89
CA THR A 182 26.19 -9.81 -1.30
C THR A 182 26.38 -8.56 -0.45
N LEU A 183 27.41 -8.57 0.40
CA LEU A 183 27.68 -7.40 1.23
C LEU A 183 28.01 -6.18 0.37
N LEU A 184 28.82 -6.36 -0.66
CA LEU A 184 29.20 -5.26 -1.53
C LEU A 184 28.00 -4.72 -2.30
N GLU A 185 27.10 -5.59 -2.75
CA GLU A 185 25.91 -5.18 -3.48
C GLU A 185 24.88 -4.51 -2.59
N GLU A 186 24.85 -4.84 -1.29
CA GLU A 186 24.00 -4.09 -0.37
C GLU A 186 24.39 -2.61 -0.38
N ARG A 187 25.69 -2.33 -0.34
CA ARG A 187 26.21 -1.00 -0.59
C ARG A 187 26.28 -0.77 -2.10
N GLU A 188 26.70 0.42 -2.52
CA GLU A 188 26.85 0.74 -3.93
C GLU A 188 28.32 0.56 -4.30
N SER A 189 28.68 -0.68 -4.68
CA SER A 189 30.06 -0.99 -5.03
C SER A 189 30.09 -2.33 -5.76
N LYS A 190 31.27 -2.72 -6.23
CA LYS A 190 31.46 -4.02 -6.87
C LYS A 190 32.95 -4.35 -6.87
N ALA A 191 33.24 -5.63 -6.70
CA ALA A 191 34.63 -6.09 -6.72
C ALA A 191 35.20 -5.94 -8.14
N GLU A 192 36.47 -5.53 -8.19
CA GLU A 192 37.10 -5.30 -9.50
C GLU A 192 37.14 -6.58 -10.33
N LYS A 193 37.66 -7.66 -9.74
CA LYS A 193 37.58 -8.96 -10.40
C LYS A 193 37.81 -10.06 -9.38
N VAL A 194 37.34 -11.25 -9.74
CA VAL A 194 37.57 -12.45 -8.96
C VAL A 194 38.40 -13.42 -9.79
N LEU A 195 39.19 -14.23 -9.10
CA LEU A 195 40.08 -15.19 -9.73
C LEU A 195 39.87 -16.55 -9.08
N GLN A 196 39.38 -17.51 -9.88
CA GLN A 196 39.12 -18.86 -9.39
C GLN A 196 40.40 -19.67 -9.48
N PHE A 197 40.93 -20.09 -8.33
CA PHE A 197 42.12 -20.90 -8.26
C PHE A 197 41.71 -22.33 -7.93
N ASP A 198 41.88 -23.22 -8.89
CA ASP A 198 41.50 -24.62 -8.72
C ASP A 198 42.36 -25.27 -7.64
N PRO A 199 41.77 -25.84 -6.59
CA PRO A 199 42.57 -26.39 -5.50
C PRO A 199 43.52 -27.49 -5.96
N GLY A 200 44.70 -27.53 -5.35
CA GLY A 200 45.66 -28.58 -5.63
C GLY A 200 46.33 -28.50 -6.98
N THR A 201 46.22 -27.37 -7.67
CA THR A 201 46.83 -27.17 -8.97
C THR A 201 47.96 -26.17 -8.88
N LYS A 202 49.11 -26.52 -9.43
CA LYS A 202 50.26 -25.63 -9.45
C LYS A 202 50.10 -24.61 -10.56
N ASN A 203 51.10 -23.73 -10.68
CA ASN A 203 51.10 -22.67 -11.69
C ASN A 203 49.88 -21.76 -11.59
N VAL A 204 49.77 -21.03 -10.49
CA VAL A 204 48.77 -19.98 -10.35
C VAL A 204 49.31 -18.65 -10.89
N THR A 205 50.47 -18.69 -11.56
CA THR A 205 51.13 -17.47 -12.02
C THR A 205 50.32 -16.72 -13.05
N ALA A 206 49.46 -17.40 -13.81
CA ALA A 206 48.63 -16.71 -14.79
C ALA A 206 47.67 -15.75 -14.11
N LEU A 207 47.04 -16.19 -13.02
CA LEU A 207 46.11 -15.32 -12.29
C LEU A 207 46.82 -14.12 -11.70
N LEU A 208 48.00 -14.32 -11.13
CA LEU A 208 48.76 -13.19 -10.57
C LEU A 208 49.19 -12.23 -11.66
N MET A 209 49.59 -12.76 -12.82
CA MET A 209 49.95 -11.89 -13.94
C MET A 209 48.75 -11.08 -14.41
N GLU A 210 47.57 -11.70 -14.42
CA GLU A 210 46.36 -10.96 -14.76
C GLU A 210 46.04 -9.88 -13.74
N ALA A 211 46.21 -10.19 -12.45
CA ALA A 211 45.86 -9.25 -11.40
C ALA A 211 46.87 -8.11 -11.30
N ARG A 212 48.11 -8.33 -11.73
CA ARG A 212 49.11 -7.28 -11.67
C ARG A 212 48.73 -6.10 -12.56
N GLU A 213 48.12 -6.37 -13.71
CA GLU A 213 47.74 -5.31 -14.63
C GLU A 213 46.68 -4.40 -14.02
N LEU A 214 45.73 -4.96 -13.28
CA LEU A 214 44.59 -4.19 -12.79
C LEU A 214 45.04 -3.09 -11.84
N GLU A 215 44.20 -2.05 -11.76
CA GLU A 215 44.50 -0.89 -10.93
C GLU A 215 44.44 -1.20 -9.43
N ALA A 216 43.69 -2.22 -9.04
CA ALA A 216 43.48 -2.48 -7.62
C ALA A 216 44.76 -2.95 -6.95
N ARG A 217 45.01 -2.44 -5.74
CA ARG A 217 46.19 -2.80 -4.96
C ARG A 217 45.82 -3.52 -3.66
N VAL A 218 44.58 -3.98 -3.53
CA VAL A 218 44.12 -4.72 -2.36
C VAL A 218 43.82 -6.14 -2.80
N ILE A 219 44.54 -7.10 -2.22
CA ILE A 219 44.42 -8.51 -2.57
C ILE A 219 43.76 -9.24 -1.40
N ILE A 220 42.68 -9.96 -1.70
CA ILE A 220 41.94 -10.73 -0.71
C ILE A 220 42.03 -12.19 -1.12
N LEU A 221 42.43 -13.05 -0.18
CA LEU A 221 42.68 -14.45 -0.45
C LEU A 221 41.77 -15.32 0.40
N SER A 222 41.27 -16.40 -0.20
CA SER A 222 40.44 -17.39 0.50
C SER A 222 40.81 -18.75 -0.06
N ALA A 223 41.64 -19.50 0.67
CA ALA A 223 42.12 -20.79 0.18
C ALA A 223 42.63 -21.60 1.36
N SER A 224 42.95 -22.86 1.09
CA SER A 224 43.48 -23.76 2.10
C SER A 224 44.96 -23.46 2.36
N GLU A 225 45.59 -24.29 3.19
CA GLU A 225 46.98 -24.05 3.55
C GLU A 225 47.91 -24.22 2.36
N ASP A 226 47.79 -25.33 1.64
CA ASP A 226 48.69 -25.57 0.50
C ASP A 226 48.47 -24.54 -0.59
N ASP A 227 47.21 -24.21 -0.89
CA ASP A 227 46.93 -23.20 -1.92
C ASP A 227 47.45 -21.84 -1.51
N ALA A 228 47.29 -21.47 -0.23
CA ALA A 228 47.82 -20.20 0.25
C ALA A 228 49.34 -20.16 0.13
N ALA A 229 50.02 -21.24 0.50
CA ALA A 229 51.47 -21.28 0.37
C ALA A 229 51.89 -21.17 -1.09
N THR A 230 51.19 -21.87 -1.98
CA THR A 230 51.52 -21.81 -3.40
C THR A 230 51.38 -20.39 -3.94
N VAL A 231 50.26 -19.73 -3.63
CA VAL A 231 50.07 -18.38 -4.14
C VAL A 231 51.05 -17.40 -3.49
N TYR A 232 51.42 -17.63 -2.22
CA TYR A 232 52.42 -16.77 -1.59
C TYR A 232 53.76 -16.88 -2.30
N ARG A 233 54.19 -18.12 -2.59
CA ARG A 233 55.45 -18.31 -3.29
C ARG A 233 55.40 -17.71 -4.70
N ALA A 234 54.28 -17.91 -5.40
CA ALA A 234 54.15 -17.36 -6.75
C ALA A 234 54.16 -15.84 -6.73
N ALA A 235 53.51 -15.22 -5.75
CA ALA A 235 53.53 -13.77 -5.62
C ALA A 235 54.92 -13.25 -5.26
N ALA A 236 55.66 -13.98 -4.43
CA ALA A 236 57.04 -13.62 -4.16
C ALA A 236 57.87 -13.69 -5.43
N MET A 237 57.59 -14.67 -6.30
CA MET A 237 58.26 -14.73 -7.58
C MET A 237 57.92 -13.52 -8.45
N LEU A 238 56.68 -13.06 -8.40
CA LEU A 238 56.22 -11.94 -9.21
C LEU A 238 56.39 -10.59 -8.53
N ASN A 239 57.10 -10.53 -7.41
CA ASN A 239 57.28 -9.26 -6.66
C ASN A 239 55.97 -8.51 -6.38
N MET A 240 54.84 -9.20 -6.24
CA MET A 240 53.58 -8.53 -5.92
C MET A 240 53.40 -8.26 -4.44
N THR A 241 54.40 -8.56 -3.63
CA THR A 241 54.34 -8.32 -2.19
C THR A 241 55.01 -7.02 -1.78
N GLY A 242 55.35 -6.17 -2.73
CA GLY A 242 56.10 -4.96 -2.45
C GLY A 242 55.23 -3.85 -1.87
N SER A 243 55.78 -2.64 -1.90
CA SER A 243 55.10 -1.48 -1.34
C SER A 243 53.82 -1.18 -2.12
N GLY A 244 52.84 -0.61 -1.41
CA GLY A 244 51.57 -0.26 -2.00
C GLY A 244 50.52 -1.36 -1.95
N TYR A 245 50.93 -2.60 -2.14
CA TYR A 245 49.99 -3.71 -2.10
C TYR A 245 49.47 -3.93 -0.68
N VAL A 246 48.25 -4.46 -0.59
CA VAL A 246 47.63 -4.81 0.68
C VAL A 246 47.10 -6.23 0.58
N TRP A 247 47.41 -7.06 1.57
CA TRP A 247 46.97 -8.44 1.61
C TRP A 247 46.06 -8.66 2.80
N LEU A 248 44.87 -9.19 2.55
CA LEU A 248 43.94 -9.58 3.60
C LEU A 248 43.56 -11.04 3.38
N VAL A 249 43.79 -11.87 4.38
CA VAL A 249 43.58 -13.30 4.30
C VAL A 249 42.75 -13.76 5.49
N GLY A 250 42.54 -15.08 5.58
CA GLY A 250 41.76 -15.65 6.65
C GLY A 250 42.55 -16.51 7.60
N GLU A 251 41.87 -17.32 8.41
CA GLU A 251 42.55 -18.15 9.40
C GLU A 251 43.40 -19.23 8.74
N ARG A 252 42.90 -19.84 7.68
CA ARG A 252 43.62 -20.94 7.03
C ARG A 252 44.92 -20.49 6.37
N GLU A 253 45.07 -19.19 6.13
CA GLU A 253 46.23 -18.67 5.41
C GLU A 253 47.27 -18.05 6.33
N ILE A 254 47.10 -18.16 7.64
CA ILE A 254 48.11 -17.68 8.59
C ILE A 254 48.46 -18.80 9.56
N SER A 255 48.32 -20.04 9.10
CA SER A 255 48.63 -21.19 9.95
C SER A 255 49.08 -22.35 9.08
N GLY A 256 49.83 -23.26 9.70
CA GLY A 256 50.31 -24.42 8.98
C GLY A 256 51.37 -24.05 7.96
N ASN A 257 51.26 -24.65 6.77
CA ASN A 257 52.24 -24.41 5.72
C ASN A 257 52.23 -22.96 5.26
N ALA A 258 51.06 -22.31 5.28
CA ALA A 258 50.94 -20.96 4.72
C ALA A 258 51.82 -19.97 5.47
N LEU A 259 51.88 -20.08 6.80
CA LEU A 259 52.64 -19.11 7.60
C LEU A 259 54.13 -19.17 7.28
N ARG A 260 54.63 -20.34 6.87
CA ARG A 260 56.07 -20.48 6.62
C ARG A 260 56.51 -19.63 5.44
N TYR A 261 55.73 -19.65 4.36
CA TYR A 261 56.07 -18.91 3.15
C TYR A 261 55.26 -17.62 3.00
N ALA A 262 54.49 -17.24 4.02
CA ALA A 262 53.70 -16.02 3.93
C ALA A 262 54.60 -14.80 3.89
N PRO A 263 54.30 -13.83 3.03
CA PRO A 263 55.07 -12.59 3.02
C PRO A 263 54.77 -11.75 4.24
N ASP A 264 55.78 -11.00 4.68
CA ASP A 264 55.61 -10.12 5.83
C ASP A 264 54.66 -8.99 5.49
N GLY A 265 53.95 -8.52 6.52
CA GLY A 265 53.04 -7.40 6.38
C GLY A 265 51.62 -7.76 6.00
N ILE A 266 51.32 -9.04 5.77
CA ILE A 266 49.96 -9.43 5.46
C ILE A 266 49.09 -9.29 6.72
N ILE A 267 47.82 -8.98 6.51
CA ILE A 267 46.86 -8.82 7.60
C ILE A 267 45.91 -10.01 7.54
N GLY A 268 46.02 -10.90 8.50
CA GLY A 268 45.08 -11.98 8.67
C GLY A 268 44.24 -11.80 9.92
N LEU A 269 43.50 -12.85 10.26
CA LEU A 269 42.70 -12.80 11.47
C LEU A 269 42.44 -14.22 11.95
N GLN A 270 42.10 -14.33 13.23
CA GLN A 270 41.82 -15.63 13.83
C GLN A 270 40.81 -15.46 14.95
N LEU A 271 39.99 -16.49 15.14
CA LEU A 271 38.99 -16.47 16.19
C LEU A 271 39.65 -16.49 17.56
N ILE A 272 39.02 -15.84 18.53
CA ILE A 272 39.60 -15.73 19.87
C ILE A 272 39.76 -17.12 20.50
N ASN A 273 38.65 -17.83 20.64
CA ASN A 273 38.71 -19.17 21.25
C ASN A 273 39.13 -20.21 20.23
N GLY A 274 38.31 -20.41 19.19
CA GLY A 274 38.71 -21.24 18.07
C GLY A 274 38.74 -22.72 18.38
N LYS A 275 39.68 -23.15 19.21
CA LYS A 275 39.89 -24.56 19.51
C LYS A 275 39.74 -24.88 20.99
N ASN A 276 39.21 -23.95 21.79
CA ASN A 276 38.96 -24.19 23.21
C ASN A 276 37.70 -25.05 23.31
N GLU A 277 37.92 -26.37 23.36
CA GLU A 277 36.78 -27.30 23.34
C GLU A 277 35.92 -27.14 24.59
N SER A 278 36.55 -26.99 25.76
CA SER A 278 35.80 -26.96 27.01
C SER A 278 34.88 -25.74 27.07
N ALA A 279 35.36 -24.59 26.61
CA ALA A 279 34.52 -23.40 26.58
C ALA A 279 33.29 -23.61 25.70
N HIS A 280 33.50 -24.18 24.51
CA HIS A 280 32.40 -24.42 23.60
C HIS A 280 31.49 -25.56 24.05
N ILE A 281 31.95 -26.41 24.97
CA ILE A 281 31.08 -27.44 25.53
C ILE A 281 30.20 -26.85 26.62
N SER A 282 30.79 -26.09 27.54
CA SER A 282 30.00 -25.45 28.58
C SER A 282 28.99 -24.48 27.98
N ASP A 283 29.43 -23.67 27.02
CA ASP A 283 28.56 -22.69 26.40
C ASP A 283 27.45 -23.34 25.58
N ALA A 284 27.69 -24.56 25.13
CA ALA A 284 26.66 -25.28 24.37
C ALA A 284 25.65 -25.93 25.29
N VAL A 285 26.11 -26.59 26.36
CA VAL A 285 25.17 -27.23 27.27
C VAL A 285 24.32 -26.20 27.98
N GLY A 286 24.88 -25.01 28.28
CA GLY A 286 24.07 -23.98 28.89
C GLY A 286 22.90 -23.55 28.03
N VAL A 287 23.17 -23.27 26.76
CA VAL A 287 22.11 -22.83 25.86
C VAL A 287 21.13 -23.96 25.57
N VAL A 288 21.61 -25.21 25.47
CA VAL A 288 20.70 -26.33 25.26
C VAL A 288 19.75 -26.48 26.44
N ALA A 289 20.28 -26.40 27.67
CA ALA A 289 19.43 -26.49 28.86
C ALA A 289 18.43 -25.35 28.91
N GLN A 290 18.88 -24.14 28.60
CA GLN A 290 17.96 -22.99 28.58
C GLN A 290 16.85 -23.19 27.56
N ALA A 291 17.20 -23.72 26.38
CA ALA A 291 16.20 -23.96 25.35
C ALA A 291 15.18 -25.01 25.79
N VAL A 292 15.67 -26.08 26.42
CA VAL A 292 14.79 -27.14 26.90
C VAL A 292 13.81 -26.56 27.91
N HIS A 293 14.33 -25.80 28.86
CA HIS A 293 13.47 -25.19 29.87
C HIS A 293 12.46 -24.24 29.23
N GLU A 294 12.89 -23.50 28.21
CA GLU A 294 12.02 -22.53 27.57
C GLU A 294 10.86 -23.20 26.85
N LEU A 295 11.15 -24.23 26.04
CA LEU A 295 10.04 -24.80 25.28
C LEU A 295 9.24 -25.79 26.10
N LEU A 296 9.73 -26.21 27.27
CA LEU A 296 8.97 -27.13 28.09
C LEU A 296 7.65 -26.55 28.57
N GLU A 297 7.52 -25.22 28.59
CA GLU A 297 6.28 -24.60 29.06
C GLU A 297 5.11 -24.97 28.15
N LYS A 298 5.31 -24.89 26.83
CA LYS A 298 4.26 -25.26 25.89
C LYS A 298 4.00 -26.76 25.87
N GLU A 299 4.85 -27.57 26.50
CA GLU A 299 4.73 -29.02 26.51
C GLU A 299 4.55 -29.58 25.12
N ASN A 300 3.59 -30.49 24.96
CA ASN A 300 3.37 -31.21 23.70
C ASN A 300 4.67 -31.85 23.23
N ILE A 301 5.48 -32.30 24.18
CA ILE A 301 6.79 -32.86 23.87
C ILE A 301 6.62 -34.28 23.37
N THR A 302 7.25 -34.58 22.24
CA THR A 302 7.22 -35.92 21.68
C THR A 302 8.53 -36.61 22.01
N ASP A 303 8.43 -37.84 22.48
CA ASP A 303 9.61 -38.63 22.79
C ASP A 303 10.42 -38.86 21.52
N PRO A 304 11.72 -39.02 21.65
CA PRO A 304 12.64 -39.25 20.41
C PRO A 304 12.42 -40.61 19.76
N PRO A 305 13.00 -40.84 18.57
CA PRO A 305 12.66 -42.07 17.85
C PRO A 305 13.01 -43.34 18.58
N ARG A 306 13.97 -43.30 19.52
CA ARG A 306 14.37 -44.48 20.28
C ARG A 306 14.82 -45.57 19.31
N GLY A 307 15.99 -45.32 18.72
CA GLY A 307 16.61 -46.31 17.86
C GLY A 307 16.35 -46.06 16.39
N CYS A 308 17.39 -46.22 15.58
CA CYS A 308 17.22 -46.08 14.13
C CYS A 308 16.30 -47.18 13.59
N VAL A 309 16.49 -48.41 14.05
CA VAL A 309 15.66 -49.51 13.60
C VAL A 309 14.30 -49.45 14.29
N GLY A 310 13.23 -49.68 13.53
CA GLY A 310 11.90 -49.63 14.09
C GLY A 310 11.22 -48.29 14.01
N ASN A 311 11.74 -47.36 13.22
CA ASN A 311 11.10 -46.07 13.02
C ASN A 311 11.50 -45.50 11.68
N THR A 312 10.54 -44.83 11.02
CA THR A 312 10.77 -44.23 9.71
C THR A 312 10.24 -42.81 9.64
N ASN A 313 9.69 -42.28 10.73
CA ASN A 313 9.09 -40.96 10.75
C ASN A 313 9.96 -39.99 11.55
N ILE A 314 9.94 -38.73 11.16
CA ILE A 314 10.71 -37.71 11.87
C ILE A 314 10.08 -37.45 13.23
N TRP A 315 10.90 -37.00 14.17
CA TRP A 315 10.44 -36.71 15.52
C TRP A 315 9.67 -35.39 15.47
N LYS A 316 8.38 -35.44 15.83
CA LYS A 316 7.48 -34.32 15.54
C LYS A 316 7.90 -33.05 16.25
N THR A 317 8.30 -33.14 17.52
CA THR A 317 8.70 -31.94 18.24
C THR A 317 10.00 -31.36 17.69
N GLY A 318 10.85 -32.20 17.09
CA GLY A 318 12.15 -31.81 16.57
C GLY A 318 12.24 -30.47 15.87
N PRO A 319 11.40 -30.23 14.86
CA PRO A 319 11.42 -28.92 14.19
C PRO A 319 11.17 -27.75 15.14
N LEU A 320 10.20 -27.87 16.04
CA LEU A 320 9.91 -26.79 16.97
C LEU A 320 11.05 -26.63 17.99
N PHE A 321 11.64 -27.74 18.39
CA PHE A 321 12.80 -27.68 19.28
C PHE A 321 13.94 -26.92 18.64
N LYS A 322 14.22 -27.20 17.36
CA LYS A 322 15.25 -26.45 16.65
C LYS A 322 14.87 -24.99 16.50
N ARG A 323 13.59 -24.72 16.24
CA ARG A 323 13.15 -23.34 16.04
C ARG A 323 13.32 -22.51 17.31
N VAL A 324 12.99 -23.09 18.46
CA VAL A 324 13.16 -22.35 19.71
C VAL A 324 14.63 -22.32 20.12
N LEU A 325 15.41 -23.31 19.71
CA LEU A 325 16.84 -23.30 20.02
C LEU A 325 17.59 -22.25 19.23
N MET A 326 17.15 -21.97 18.00
CA MET A 326 17.81 -20.94 17.19
C MET A 326 17.70 -19.57 17.81
N SER A 327 16.52 -19.24 18.36
CA SER A 327 16.31 -17.96 19.04
C SER A 327 16.42 -18.19 20.54
N SER A 328 17.65 -18.11 21.04
CA SER A 328 17.92 -18.31 22.45
C SER A 328 19.08 -17.42 22.85
N LYS A 329 18.80 -16.35 23.59
CA LYS A 329 19.82 -15.40 24.01
C LYS A 329 20.43 -15.89 25.33
N TYR A 330 21.48 -16.70 25.21
CA TYR A 330 22.21 -17.20 26.36
C TYR A 330 23.42 -16.30 26.59
N ALA A 331 23.17 -15.17 27.25
CA ALA A 331 24.21 -14.17 27.48
C ALA A 331 24.91 -14.37 28.82
N ASP A 332 25.35 -15.60 29.10
CA ASP A 332 26.18 -15.87 30.27
C ASP A 332 27.24 -16.92 29.98
N GLY A 333 27.60 -17.09 28.71
CA GLY A 333 28.51 -18.15 28.33
C GLY A 333 29.96 -17.83 28.57
N VAL A 334 30.80 -18.87 28.47
CA VAL A 334 32.24 -18.68 28.57
C VAL A 334 32.75 -17.79 27.45
N THR A 335 32.27 -18.06 26.23
CA THR A 335 32.69 -17.31 25.04
C THR A 335 31.78 -16.13 24.74
N GLY A 336 31.11 -15.58 25.75
CA GLY A 336 30.25 -14.44 25.55
C GLY A 336 28.83 -14.83 25.18
N ARG A 337 28.06 -13.79 24.81
CA ARG A 337 26.66 -13.99 24.46
C ARG A 337 26.52 -14.91 23.27
N VAL A 338 25.54 -15.80 23.32
CA VAL A 338 25.27 -16.77 22.27
C VAL A 338 23.95 -16.39 21.60
N GLU A 339 24.01 -16.15 20.29
CA GLU A 339 22.83 -15.89 19.49
C GLU A 339 23.03 -16.49 18.10
N PHE A 340 21.96 -16.96 17.50
CA PHE A 340 22.01 -17.59 16.18
C PHE A 340 21.22 -16.78 15.17
N ASN A 341 21.67 -16.81 13.93
CA ASN A 341 21.03 -16.09 12.83
C ASN A 341 20.00 -16.98 12.16
N GLU A 342 19.51 -16.57 10.99
CA GLU A 342 18.46 -17.30 10.30
C GLU A 342 18.91 -18.66 9.80
N ASP A 343 20.22 -18.88 9.64
CA ASP A 343 20.74 -20.14 9.13
C ASP A 343 21.35 -21.01 10.22
N GLY A 344 21.06 -20.73 11.48
CA GLY A 344 21.59 -21.53 12.58
C GLY A 344 23.09 -21.41 12.73
N ASP A 345 23.60 -20.19 12.65
CA ASP A 345 25.02 -19.90 12.81
C ASP A 345 25.20 -18.88 13.92
N ARG A 346 26.29 -19.00 14.68
CA ARG A 346 26.52 -18.15 15.84
C ARG A 346 26.71 -16.72 15.35
N LYS A 347 25.74 -15.86 15.66
CA LYS A 347 25.62 -14.52 15.09
C LYS A 347 26.91 -13.70 15.20
N PHE A 348 27.35 -13.45 16.43
CA PHE A 348 28.51 -12.59 16.65
C PHE A 348 29.76 -13.43 16.90
N ALA A 349 30.90 -12.74 17.01
CA ALA A 349 32.17 -13.38 17.34
C ALA A 349 33.18 -12.27 17.61
N ASN A 350 34.39 -12.68 17.99
CA ASN A 350 35.50 -11.75 18.18
C ASN A 350 36.68 -12.30 17.40
N TYR A 351 37.14 -11.55 16.39
CA TYR A 351 38.28 -11.93 15.59
C TYR A 351 39.46 -11.03 15.94
N SER A 352 40.58 -11.65 16.31
CA SER A 352 41.81 -10.89 16.52
C SER A 352 42.54 -10.73 15.19
N ILE A 353 42.96 -9.50 14.91
CA ILE A 353 43.66 -9.17 13.67
C ILE A 353 45.15 -9.42 13.87
N MET A 354 45.76 -10.15 12.95
CA MET A 354 47.15 -10.58 13.05
C MET A 354 47.96 -9.95 11.93
N ASN A 355 49.15 -9.44 12.28
CA ASN A 355 50.10 -8.90 11.33
C ASN A 355 51.38 -9.71 11.40
N LEU A 356 51.94 -10.04 10.24
CA LEU A 356 53.20 -10.78 10.17
C LEU A 356 54.34 -9.78 10.19
N GLN A 357 54.73 -9.36 11.39
CA GLN A 357 55.79 -8.37 11.59
C GLN A 357 57.09 -9.10 11.95
N ASN A 358 57.99 -9.19 10.98
CA ASN A 358 59.29 -9.86 11.15
C ASN A 358 59.10 -11.31 11.63
N ARG A 359 58.44 -12.09 10.77
CA ARG A 359 58.21 -13.52 10.99
C ARG A 359 57.41 -13.79 12.26
N LYS A 360 56.79 -12.77 12.85
CA LYS A 360 56.05 -12.91 14.09
C LYS A 360 54.63 -12.43 13.91
N LEU A 361 53.67 -13.21 14.41
CA LEU A 361 52.25 -12.92 14.24
C LEU A 361 51.79 -12.09 15.43
N VAL A 362 51.73 -10.78 15.24
CA VAL A 362 51.39 -9.84 16.31
C VAL A 362 49.94 -9.40 16.14
N GLN A 363 49.27 -9.18 17.27
CA GLN A 363 47.88 -8.75 17.31
C GLN A 363 47.79 -7.24 17.38
N VAL A 364 46.91 -6.66 16.57
CA VAL A 364 46.81 -5.20 16.48
C VAL A 364 45.38 -4.71 16.67
N GLY A 365 44.44 -5.62 16.91
CA GLY A 365 43.07 -5.20 17.11
C GLY A 365 42.14 -6.38 17.28
N ILE A 366 40.93 -6.06 17.75
CA ILE A 366 39.89 -7.04 18.01
C ILE A 366 38.59 -6.55 17.41
N TYR A 367 37.88 -7.43 16.71
CA TYR A 367 36.63 -7.08 16.05
C TYR A 367 35.49 -7.39 17.00
N ASN A 368 34.84 -6.33 17.51
CA ASN A 368 33.78 -6.51 18.51
C ASN A 368 32.58 -7.25 17.93
N GLY A 369 32.33 -7.10 16.62
CA GLY A 369 31.17 -7.70 16.01
C GLY A 369 30.54 -6.79 14.98
N THR A 370 30.75 -5.49 15.14
CA THR A 370 30.33 -4.51 14.15
C THR A 370 31.41 -3.52 13.75
N HIS A 371 32.39 -3.23 14.62
CA HIS A 371 33.49 -2.33 14.28
C HIS A 371 34.79 -2.91 14.81
N VAL A 372 35.86 -2.77 14.04
CA VAL A 372 37.17 -3.18 14.50
C VAL A 372 37.74 -2.14 15.45
N ILE A 373 38.31 -2.59 16.57
CA ILE A 373 38.79 -1.67 17.60
C ILE A 373 40.31 -1.71 17.67
N PRO A 374 41.01 -0.71 17.13
CA PRO A 374 42.47 -0.65 17.28
C PRO A 374 42.88 0.02 18.57
N ASN A 375 43.69 -0.65 19.39
CA ASN A 375 44.08 -0.14 20.69
C ASN A 375 45.58 0.12 20.82
N ASP A 376 46.41 -0.87 20.51
CA ASP A 376 47.85 -0.75 20.68
C ASP A 376 48.57 -1.12 19.39
N ARG A 377 49.90 -0.92 19.41
CA ARG A 377 50.79 -1.26 18.31
C ARG A 377 50.44 -0.51 17.03
N LYS A 378 51.22 -0.75 15.97
CA LYS A 378 51.02 -0.11 14.69
C LYS A 378 51.10 -1.15 13.58
N ILE A 379 50.18 -1.05 12.62
CA ILE A 379 50.17 -1.98 11.50
C ILE A 379 51.36 -1.72 10.60
N ILE A 380 52.10 -2.78 10.26
CA ILE A 380 53.24 -2.69 9.36
C ILE A 380 52.83 -3.32 8.04
N TRP A 381 52.63 -2.48 7.03
CA TRP A 381 52.19 -2.93 5.72
C TRP A 381 53.33 -3.66 5.00
N PRO A 382 53.01 -4.49 4.01
CA PRO A 382 54.05 -5.37 3.43
C PRO A 382 55.26 -4.65 2.87
N GLY A 383 55.09 -3.44 2.34
CA GLY A 383 56.22 -2.73 1.79
C GLY A 383 57.17 -2.14 2.81
N GLY A 384 56.89 -2.33 4.10
CA GLY A 384 57.66 -1.72 5.15
C GLY A 384 57.19 -0.35 5.56
N GLU A 385 56.19 0.20 4.88
CA GLU A 385 55.69 1.52 5.20
C GLU A 385 54.97 1.53 6.54
N THR A 386 55.13 2.63 7.27
CA THR A 386 54.40 2.87 8.50
C THR A 386 53.19 3.76 8.29
N GLU A 387 52.84 4.05 7.04
CA GLU A 387 51.73 4.92 6.70
C GLU A 387 50.74 4.14 5.86
N LYS A 388 49.45 4.35 6.12
CA LYS A 388 48.40 3.63 5.44
C LYS A 388 48.47 3.88 3.94
N PRO A 389 48.59 2.83 3.11
CA PRO A 389 48.64 3.03 1.66
C PRO A 389 47.26 3.02 1.03
N ARG A 390 47.09 3.87 0.02
CA ARG A 390 45.87 3.89 -0.75
C ARG A 390 45.74 2.62 -1.60
N GLY A 391 44.51 2.24 -1.89
CA GLY A 391 44.24 1.00 -2.57
C GLY A 391 44.17 1.09 -4.08
N TYR A 392 45.03 1.91 -4.69
CA TYR A 392 45.10 2.00 -6.14
C TYR A 392 46.42 2.63 -6.54
N GLN A 393 46.85 2.32 -7.76
CA GLN A 393 48.11 2.80 -8.32
C GLN A 393 47.90 3.29 -9.75
N MET A 394 46.93 4.20 -9.91
CA MET A 394 46.60 4.81 -11.19
C MET A 394 47.86 5.18 -11.98
N SER A 395 47.94 4.67 -13.20
CA SER A 395 49.11 4.85 -14.03
C SER A 395 49.11 6.25 -14.66
N THR A 396 50.26 6.60 -15.24
CA THR A 396 50.42 7.88 -15.93
C THR A 396 50.02 7.81 -17.40
N ARG A 397 50.51 6.81 -18.12
CA ARG A 397 50.12 6.63 -19.52
C ARG A 397 48.65 6.25 -19.57
N LEU A 398 47.83 7.13 -20.12
CA LEU A 398 46.38 6.97 -20.11
C LEU A 398 45.85 6.83 -21.53
N LYS A 399 45.11 5.75 -21.77
CA LYS A 399 44.48 5.52 -23.06
C LYS A 399 43.10 6.17 -23.09
N ILE A 400 42.88 7.03 -24.08
CA ILE A 400 41.65 7.82 -24.16
C ILE A 400 40.99 7.55 -25.51
N VAL A 401 39.72 7.19 -25.47
CA VAL A 401 38.94 6.90 -26.67
C VAL A 401 38.11 8.12 -27.03
N THR A 402 37.79 8.24 -28.31
CA THR A 402 37.04 9.39 -28.81
C THR A 402 36.30 8.95 -30.07
N ILE A 403 35.24 9.69 -30.42
CA ILE A 403 34.46 9.43 -31.62
C ILE A 403 34.49 10.68 -32.50
N HIS A 404 34.12 10.49 -33.77
CA HIS A 404 34.13 11.56 -34.77
C HIS A 404 32.81 12.32 -34.69
N GLN A 405 32.84 13.50 -34.09
CA GLN A 405 31.73 14.44 -34.11
C GLN A 405 32.24 15.76 -34.64
N GLU A 406 31.58 16.27 -35.68
CA GLU A 406 32.15 17.39 -36.45
C GLU A 406 32.41 18.62 -35.60
N PRO A 407 31.45 19.18 -34.84
CA PRO A 407 31.75 20.42 -34.10
C PRO A 407 32.75 20.24 -32.98
N PHE A 408 32.99 19.01 -32.54
CA PHE A 408 33.83 18.74 -31.38
C PHE A 408 35.16 18.09 -31.74
N VAL A 409 35.14 17.01 -32.51
CA VAL A 409 36.34 16.25 -32.84
C VAL A 409 36.43 16.15 -34.36
N TYR A 410 37.25 17.00 -34.96
CA TYR A 410 37.60 16.87 -36.37
C TYR A 410 38.74 15.89 -36.51
N VAL A 411 38.55 14.89 -37.38
CA VAL A 411 39.57 13.90 -37.70
C VAL A 411 40.00 14.14 -39.14
N LYS A 412 41.31 14.33 -39.35
CA LYS A 412 41.84 14.63 -40.66
C LYS A 412 42.97 13.67 -41.00
N PRO A 413 43.15 13.36 -42.28
CA PRO A 413 44.23 12.45 -42.67
C PRO A 413 45.59 13.11 -42.48
N THR A 414 46.54 12.32 -41.99
CA THR A 414 47.90 12.80 -41.81
C THR A 414 48.70 12.63 -43.09
N MET A 415 49.65 13.55 -43.30
CA MET A 415 50.53 13.43 -44.46
C MET A 415 51.44 12.21 -44.33
N SER A 416 52.16 11.92 -45.41
CA SER A 416 52.96 10.69 -45.47
C SER A 416 54.11 10.68 -44.47
N ASP A 417 54.46 11.82 -43.89
CA ASP A 417 55.54 11.88 -42.91
C ASP A 417 55.06 11.68 -41.48
N GLY A 418 53.77 11.38 -41.28
CA GLY A 418 53.27 11.07 -39.95
C GLY A 418 52.71 12.23 -39.17
N THR A 419 52.60 13.41 -39.79
CA THR A 419 51.98 14.57 -39.17
C THR A 419 51.08 15.22 -40.21
N CYS A 420 49.97 15.79 -39.78
CA CYS A 420 48.99 16.35 -40.72
C CYS A 420 49.23 17.84 -40.93
N LYS A 421 48.37 18.43 -41.75
CA LYS A 421 48.56 19.80 -42.20
C LYS A 421 48.51 20.78 -41.03
N GLU A 422 49.44 21.73 -41.05
CA GLU A 422 49.42 22.82 -40.08
C GLU A 422 48.31 23.81 -40.43
N GLU A 423 47.64 24.33 -39.40
CA GLU A 423 46.52 25.22 -39.62
C GLU A 423 46.49 26.28 -38.53
N PHE A 424 45.88 27.41 -38.85
CA PHE A 424 45.73 28.52 -37.91
C PHE A 424 44.30 29.03 -37.97
N THR A 425 43.85 29.60 -36.85
CA THR A 425 42.51 30.17 -36.79
C THR A 425 42.46 31.49 -37.55
N VAL A 426 41.24 31.98 -37.78
CA VAL A 426 41.07 33.26 -38.47
C VAL A 426 41.63 34.39 -37.62
N ASN A 427 41.49 34.30 -36.29
CA ASN A 427 42.06 35.32 -35.42
C ASN A 427 43.58 35.32 -35.47
N GLY A 428 44.19 34.16 -35.77
CA GLY A 428 45.64 34.08 -35.89
C GLY A 428 46.28 33.23 -34.81
N ASP A 429 45.50 32.31 -34.23
CA ASP A 429 46.00 31.46 -33.15
C ASP A 429 46.33 30.07 -33.68
N PRO A 430 47.34 29.41 -33.11
CA PRO A 430 47.70 28.07 -33.58
C PRO A 430 46.71 27.02 -33.12
N VAL A 431 46.29 26.17 -34.04
CA VAL A 431 45.38 25.08 -33.72
C VAL A 431 46.19 23.91 -33.17
N LYS A 432 45.89 23.51 -31.94
CA LYS A 432 46.55 22.36 -31.34
C LYS A 432 45.96 21.07 -31.91
N LYS A 433 46.83 20.17 -32.35
CA LYS A 433 46.41 18.90 -32.92
C LYS A 433 47.18 17.76 -32.23
N VAL A 434 46.51 16.61 -32.11
CA VAL A 434 47.15 15.43 -31.54
C VAL A 434 47.02 14.29 -32.55
N ILE A 435 47.82 13.26 -32.34
CA ILE A 435 47.81 12.09 -33.21
C ILE A 435 46.84 11.07 -32.63
N CYS A 436 46.06 10.44 -33.50
CA CYS A 436 45.06 9.47 -33.10
C CYS A 436 45.12 8.27 -34.04
N THR A 437 44.57 7.14 -33.61
CA THR A 437 44.57 5.91 -34.40
C THR A 437 43.13 5.49 -34.63
N GLY A 438 42.62 5.68 -35.86
CA GLY A 438 41.23 5.48 -36.16
C GLY A 438 40.95 4.30 -37.06
N PRO A 439 39.72 4.11 -37.52
CA PRO A 439 39.40 2.88 -38.23
C PRO A 439 39.68 2.91 -39.72
N ASN A 440 40.51 3.84 -40.19
CA ASN A 440 40.72 4.05 -41.60
C ASN A 440 41.31 2.80 -42.22
N ASP A 441 40.51 2.10 -43.01
CA ASP A 441 40.94 0.87 -43.64
C ASP A 441 40.24 0.74 -44.99
N THR A 442 41.01 0.37 -46.01
CA THR A 442 40.43 0.22 -47.35
C THR A 442 39.54 -1.00 -47.44
N SER A 443 39.74 -1.99 -46.58
CA SER A 443 38.96 -3.21 -46.66
C SER A 443 37.51 -2.93 -46.25
N PRO A 444 36.54 -3.57 -46.89
CA PRO A 444 35.12 -3.28 -46.59
C PRO A 444 34.70 -3.81 -45.23
N GLY A 445 33.43 -3.67 -44.89
CA GLY A 445 32.92 -4.26 -43.66
C GLY A 445 33.48 -3.58 -42.42
N SER A 446 33.91 -4.40 -41.46
CA SER A 446 34.47 -3.86 -40.23
C SER A 446 35.79 -3.15 -40.51
N PRO A 447 36.27 -2.35 -39.56
CA PRO A 447 37.63 -1.78 -39.69
C PRO A 447 38.72 -2.83 -39.53
N ARG A 448 39.48 -3.10 -40.59
CA ARG A 448 40.55 -4.09 -40.57
C ARG A 448 41.95 -3.48 -40.49
N HIS A 449 42.06 -2.16 -40.36
CA HIS A 449 43.38 -1.53 -40.27
C HIS A 449 43.27 -0.23 -39.51
N THR A 450 44.08 -0.08 -38.46
CA THR A 450 44.07 1.13 -37.64
C THR A 450 45.16 2.07 -38.14
N VAL A 451 44.83 2.79 -39.20
CA VAL A 451 45.76 3.77 -39.77
C VAL A 451 45.64 5.07 -38.98
N PRO A 452 46.75 5.65 -38.54
CA PRO A 452 46.67 6.88 -37.75
C PRO A 452 46.23 8.09 -38.57
N GLN A 453 45.51 9.00 -37.90
CA GLN A 453 45.15 10.30 -38.43
C GLN A 453 45.48 11.37 -37.39
N CYS A 454 45.06 12.61 -37.61
CA CYS A 454 45.25 13.66 -36.63
C CYS A 454 43.90 14.24 -36.20
N CYS A 455 43.76 14.41 -34.90
CA CYS A 455 42.50 14.85 -34.29
C CYS A 455 42.68 16.22 -33.66
N TYR A 456 41.63 17.03 -33.75
CA TYR A 456 41.61 18.33 -33.09
C TYR A 456 40.18 18.74 -32.83
N GLY A 457 40.01 19.91 -32.20
CA GLY A 457 38.69 20.48 -32.01
C GLY A 457 38.43 20.82 -30.57
N PHE A 458 37.14 20.90 -30.24
CA PHE A 458 36.71 21.30 -28.90
C PHE A 458 37.16 20.28 -27.85
N CYS A 459 36.82 19.01 -28.06
CA CYS A 459 37.12 17.98 -27.07
C CYS A 459 38.62 17.79 -26.91
N ILE A 460 39.37 17.88 -27.99
CA ILE A 460 40.82 17.70 -27.90
C ILE A 460 41.46 18.86 -27.18
N ASP A 461 40.98 20.09 -27.39
CA ASP A 461 41.48 21.22 -26.64
C ASP A 461 41.17 21.07 -25.15
N LEU A 462 39.97 20.62 -24.83
CA LEU A 462 39.62 20.35 -23.43
C LEU A 462 40.54 19.27 -22.85
N LEU A 463 40.82 18.24 -23.64
CA LEU A 463 41.72 17.17 -23.18
C LEU A 463 43.12 17.69 -22.92
N ILE A 464 43.63 18.55 -23.79
CA ILE A 464 44.97 19.11 -23.60
C ILE A 464 45.00 19.94 -22.33
N LYS A 465 43.98 20.78 -22.11
CA LYS A 465 43.93 21.56 -20.88
C LYS A 465 43.86 20.65 -19.65
N LEU A 466 43.04 19.61 -19.71
CA LEU A 466 42.88 18.70 -18.58
C LEU A 466 44.20 17.98 -18.27
N ALA A 467 44.89 17.50 -19.32
CA ALA A 467 46.16 16.82 -19.11
C ALA A 467 47.22 17.77 -18.55
N ARG A 468 47.23 19.01 -19.00
CA ARG A 468 48.16 19.98 -18.44
C ARG A 468 47.87 20.24 -16.98
N THR A 469 46.58 20.35 -16.62
CA THR A 469 46.23 20.67 -15.24
C THR A 469 46.47 19.49 -14.30
N MET A 470 46.18 18.26 -14.74
CA MET A 470 46.25 17.09 -13.88
C MET A 470 47.58 16.34 -13.97
N ASN A 471 48.48 16.77 -14.85
CA ASN A 471 49.82 16.18 -14.95
C ASN A 471 49.77 14.69 -15.28
N PHE A 472 49.24 14.38 -16.46
CA PHE A 472 49.26 13.02 -16.98
C PHE A 472 49.41 13.06 -18.50
N THR A 473 50.01 12.01 -19.05
CA THR A 473 50.19 11.87 -20.49
C THR A 473 49.14 10.92 -21.05
N TYR A 474 48.87 11.07 -22.34
CA TYR A 474 47.71 10.43 -22.95
C TYR A 474 48.04 9.90 -24.33
N GLU A 475 47.28 8.87 -24.73
CA GLU A 475 47.27 8.37 -26.10
C GLU A 475 45.83 8.27 -26.56
N VAL A 476 45.49 9.02 -27.61
CA VAL A 476 44.13 9.17 -28.09
C VAL A 476 43.90 8.20 -29.24
N HIS A 477 42.79 7.48 -29.21
CA HIS A 477 42.41 6.62 -30.32
C HIS A 477 40.90 6.68 -30.52
N LEU A 478 40.47 6.35 -31.73
CA LEU A 478 39.06 6.44 -32.08
C LEU A 478 38.34 5.12 -31.81
N VAL A 479 37.03 5.22 -31.62
CA VAL A 479 36.22 4.06 -31.32
C VAL A 479 36.23 3.10 -32.51
N ALA A 480 36.11 1.81 -32.21
CA ALA A 480 36.27 0.80 -33.25
C ALA A 480 35.09 0.79 -34.23
N ASP A 481 33.86 0.80 -33.71
CA ASP A 481 32.68 0.60 -34.54
C ASP A 481 31.92 1.89 -34.83
N GLY A 482 32.44 3.04 -34.44
CA GLY A 482 31.80 4.29 -34.78
C GLY A 482 30.47 4.55 -34.08
N LYS A 483 30.26 3.95 -32.92
CA LYS A 483 29.01 4.09 -32.18
C LYS A 483 29.30 4.54 -30.76
N PHE A 484 28.36 5.31 -30.19
CA PHE A 484 28.54 5.78 -28.83
C PHE A 484 28.36 4.65 -27.83
N GLY A 485 27.33 3.82 -27.99
CA GLY A 485 27.22 2.63 -27.20
C GLY A 485 26.00 2.50 -26.31
N THR A 486 25.20 1.46 -26.54
CA THR A 486 24.14 1.05 -25.65
C THR A 486 24.26 -0.44 -25.40
N GLN A 487 23.91 -0.88 -24.18
CA GLN A 487 23.99 -2.29 -23.88
C GLN A 487 22.92 -3.05 -24.66
N GLU A 488 23.33 -4.15 -25.28
CA GLU A 488 22.45 -4.96 -26.12
C GLU A 488 22.73 -6.43 -25.86
N ARG A 489 21.69 -7.25 -26.06
CA ARG A 489 21.82 -8.68 -25.84
C ARG A 489 22.82 -9.29 -26.81
N VAL A 490 23.87 -9.90 -26.27
CA VAL A 490 24.90 -10.52 -27.09
C VAL A 490 24.31 -11.72 -27.81
N ASN A 491 24.76 -11.94 -29.05
CA ASN A 491 24.28 -13.05 -29.88
C ASN A 491 24.49 -14.40 -29.19
N ASN A 492 23.66 -15.37 -29.56
CA ASN A 492 23.66 -16.74 -29.01
C ASN A 492 23.84 -16.73 -27.49
N SER A 493 23.07 -15.87 -26.83
CA SER A 493 23.06 -15.76 -25.38
C SER A 493 21.82 -14.96 -24.98
N ASN A 494 21.63 -14.81 -23.67
CA ASN A 494 20.50 -14.09 -23.13
C ASN A 494 20.87 -12.84 -22.34
N LYS A 495 22.16 -12.57 -22.15
CA LYS A 495 22.59 -11.41 -21.39
C LYS A 495 22.92 -10.24 -22.31
N LYS A 496 22.79 -9.04 -21.77
CA LYS A 496 23.06 -7.81 -22.51
C LYS A 496 24.48 -7.33 -22.23
N GLU A 497 25.18 -6.92 -23.28
CA GLU A 497 26.56 -6.46 -23.16
C GLU A 497 26.71 -5.12 -23.87
N TRP A 498 27.62 -4.29 -23.36
CA TRP A 498 27.83 -2.96 -23.89
C TRP A 498 28.68 -3.01 -25.16
N ASN A 499 28.59 -1.93 -25.94
CA ASN A 499 29.35 -1.79 -27.17
C ASN A 499 29.78 -0.34 -27.31
N GLY A 500 30.53 -0.06 -28.37
CA GLY A 500 31.00 1.30 -28.61
C GLY A 500 32.00 1.75 -27.56
N MET A 501 32.10 3.07 -27.40
CA MET A 501 32.99 3.61 -26.38
C MET A 501 32.61 3.14 -24.99
N MET A 502 31.31 2.92 -24.75
CA MET A 502 30.86 2.36 -23.49
C MET A 502 31.49 0.99 -23.25
N GLY A 503 31.40 0.11 -24.25
CA GLY A 503 31.97 -1.22 -24.11
C GLY A 503 33.48 -1.19 -23.95
N GLU A 504 34.15 -0.31 -24.70
CA GLU A 504 35.60 -0.24 -24.59
C GLU A 504 36.06 0.33 -23.26
N LEU A 505 35.30 1.27 -22.68
CA LEU A 505 35.64 1.79 -21.36
C LEU A 505 35.40 0.74 -20.28
N LEU A 506 34.28 0.02 -20.37
CA LEU A 506 33.97 -0.97 -19.35
C LEU A 506 34.91 -2.16 -19.42
N SER A 507 35.27 -2.59 -20.63
CA SER A 507 36.15 -3.75 -20.78
C SER A 507 37.56 -3.45 -20.30
N GLY A 508 38.09 -2.27 -20.65
CA GLY A 508 39.43 -1.88 -20.26
C GLY A 508 40.32 -1.41 -21.39
N GLN A 509 39.87 -1.46 -22.64
CA GLN A 509 40.71 -0.98 -23.73
C GLN A 509 40.95 0.52 -23.64
N ALA A 510 39.98 1.27 -23.11
CA ALA A 510 40.09 2.70 -22.91
C ALA A 510 39.95 3.02 -21.43
N ASP A 511 40.68 4.04 -20.97
CA ASP A 511 40.67 4.42 -19.58
C ASP A 511 39.83 5.67 -19.30
N MET A 512 39.42 6.39 -20.34
CA MET A 512 38.66 7.62 -20.17
C MET A 512 38.04 7.98 -21.52
N ILE A 513 36.80 8.45 -21.49
CA ILE A 513 36.11 8.88 -22.70
C ILE A 513 36.07 10.39 -22.73
N VAL A 514 36.77 10.99 -23.70
CA VAL A 514 36.67 12.43 -23.93
C VAL A 514 35.95 12.65 -25.25
N ALA A 515 34.63 12.78 -25.19
CA ALA A 515 33.80 12.87 -26.37
C ALA A 515 32.43 13.40 -25.94
N PRO A 516 31.63 13.89 -26.89
CA PRO A 516 30.27 14.34 -26.51
C PRO A 516 29.37 13.18 -26.13
N LEU A 517 29.54 12.64 -24.93
CA LEU A 517 28.77 11.52 -24.43
C LEU A 517 27.66 12.05 -23.53
N THR A 518 26.42 11.80 -23.91
CA THR A 518 25.28 12.32 -23.17
C THR A 518 25.10 11.59 -21.85
N ILE A 519 24.91 12.36 -20.78
CA ILE A 519 24.67 11.79 -19.45
C ILE A 519 23.25 11.28 -19.38
N ASN A 520 23.09 10.03 -18.96
CA ASN A 520 21.77 9.43 -18.80
C ASN A 520 21.84 8.35 -17.75
N ASN A 521 20.67 7.90 -17.29
CA ASN A 521 20.60 6.97 -16.17
C ASN A 521 21.22 5.62 -16.52
N GLU A 522 21.02 5.14 -17.74
CA GLU A 522 21.52 3.81 -18.12
C GLU A 522 23.04 3.76 -18.04
N ARG A 523 23.72 4.78 -18.54
CA ARG A 523 25.18 4.79 -18.51
C ARG A 523 25.74 5.07 -17.13
N ALA A 524 25.03 5.86 -16.32
CA ALA A 524 25.55 6.23 -15.01
C ALA A 524 25.60 5.06 -14.04
N GLN A 525 24.89 3.97 -14.33
CA GLN A 525 24.95 2.80 -13.47
C GLN A 525 26.29 2.09 -13.56
N TYR A 526 26.91 2.09 -14.74
CA TYR A 526 28.18 1.40 -14.94
C TYR A 526 29.36 2.35 -15.14
N ILE A 527 29.14 3.56 -15.63
CA ILE A 527 30.20 4.52 -15.89
C ILE A 527 30.04 5.70 -14.95
N GLU A 528 31.16 6.26 -14.52
CA GLU A 528 31.19 7.45 -13.70
C GLU A 528 31.31 8.68 -14.59
N PHE A 529 30.40 9.63 -14.43
CA PHE A 529 30.35 10.85 -15.23
C PHE A 529 30.87 12.02 -14.42
N SER A 530 31.68 12.87 -15.05
CA SER A 530 32.11 14.10 -14.43
C SER A 530 31.01 15.14 -14.50
N LYS A 531 31.28 16.31 -13.94
CA LYS A 531 30.36 17.43 -14.08
C LYS A 531 30.24 17.79 -15.56
N PRO A 532 29.05 18.13 -16.03
CA PRO A 532 28.88 18.43 -17.46
C PRO A 532 29.74 19.61 -17.88
N PHE A 533 30.44 19.45 -19.00
CA PHE A 533 31.23 20.52 -19.57
C PHE A 533 30.51 21.23 -20.71
N LYS A 534 29.28 20.82 -21.03
CA LYS A 534 28.51 21.44 -22.11
C LYS A 534 27.06 21.05 -21.91
N TYR A 535 26.20 22.02 -21.63
CA TYR A 535 24.77 21.79 -21.49
C TYR A 535 24.09 21.94 -22.84
N GLN A 536 23.18 21.04 -23.14
CA GLN A 536 22.52 20.99 -24.44
C GLN A 536 21.25 20.16 -24.29
N GLY A 537 20.64 19.79 -25.43
CA GLY A 537 19.44 18.99 -25.42
C GLY A 537 19.28 18.15 -26.67
N LEU A 538 18.05 17.74 -26.96
CA LEU A 538 17.72 17.01 -28.18
C LEU A 538 16.76 17.83 -29.02
N THR A 539 17.00 17.86 -30.33
CA THR A 539 16.18 18.66 -31.23
C THR A 539 16.07 17.93 -32.56
N ILE A 540 15.29 18.52 -33.47
CA ILE A 540 14.95 17.91 -34.75
C ILE A 540 15.44 18.82 -35.88
N LEU A 541 16.15 18.23 -36.83
CA LEU A 541 16.66 18.93 -38.00
C LEU A 541 15.90 18.48 -39.23
N VAL A 542 15.40 19.45 -40.01
CA VAL A 542 14.69 19.19 -41.25
C VAL A 542 15.21 20.16 -42.31
N LYS A 543 14.74 19.98 -43.54
CA LYS A 543 15.17 20.84 -44.63
C LYS A 543 14.56 22.23 -44.50
N LYS A 544 15.34 23.23 -44.90
CA LYS A 544 14.92 24.63 -44.77
C LYS A 544 13.84 24.98 -45.79
N GLU A 662 9.79 24.04 -41.58
CA GLU A 662 9.62 24.48 -40.20
C GLU A 662 8.18 24.30 -39.73
N ARG A 663 7.67 23.07 -39.89
CA ARG A 663 6.30 22.73 -39.50
C ARG A 663 6.29 21.60 -38.49
N ILE A 664 7.34 21.53 -37.65
CA ILE A 664 7.45 20.50 -36.62
C ILE A 664 7.69 21.20 -35.29
N THR A 665 6.92 20.83 -34.28
CA THR A 665 7.07 21.41 -32.94
C THR A 665 7.33 20.28 -31.95
N GLY A 666 8.59 20.06 -31.63
CA GLY A 666 8.98 19.06 -30.67
C GLY A 666 8.63 17.65 -31.14
N ILE A 667 8.55 16.76 -30.16
CA ILE A 667 8.21 15.36 -30.41
C ILE A 667 6.74 15.08 -30.12
N ASN A 668 5.92 16.12 -30.04
CA ASN A 668 4.49 15.98 -29.74
C ASN A 668 3.60 16.23 -30.93
N ASP A 669 4.15 16.55 -32.10
CA ASP A 669 3.32 16.78 -33.27
C ASP A 669 2.59 15.51 -33.66
N PRO A 670 1.35 15.60 -34.17
CA PRO A 670 0.60 14.39 -34.50
C PRO A 670 1.26 13.54 -35.57
N ARG A 671 2.00 14.15 -36.50
CA ARG A 671 2.71 13.36 -37.50
C ARG A 671 3.75 12.45 -36.86
N LEU A 672 4.49 12.97 -35.88
CA LEU A 672 5.48 12.16 -35.19
C LEU A 672 4.85 11.20 -34.21
N ARG A 673 3.60 11.44 -33.78
CA ARG A 673 2.88 10.50 -32.95
C ARG A 673 2.09 9.46 -33.75
N ASN A 674 1.97 9.66 -35.06
CA ASN A 674 1.25 8.73 -35.94
C ASN A 674 2.16 8.41 -37.12
N PRO A 675 3.09 7.46 -36.93
CA PRO A 675 4.10 7.21 -37.95
C PRO A 675 3.50 6.71 -39.26
N SER A 676 4.13 7.11 -40.37
CA SER A 676 3.69 6.73 -41.70
C SER A 676 4.82 7.00 -42.68
N ASP A 677 4.65 6.49 -43.91
CA ASP A 677 5.67 6.69 -44.93
C ASP A 677 5.77 8.13 -45.38
N LYS A 678 4.74 8.94 -45.09
CA LYS A 678 4.75 10.35 -45.48
C LYS A 678 5.88 11.10 -44.79
N PHE A 679 6.01 10.94 -43.48
CA PHE A 679 7.04 11.60 -42.69
C PHE A 679 7.92 10.53 -42.05
N ILE A 680 9.15 10.41 -42.52
CA ILE A 680 10.11 9.44 -42.02
C ILE A 680 11.11 10.17 -41.13
N TYR A 681 11.42 9.58 -39.98
CA TYR A 681 12.34 10.18 -39.02
C TYR A 681 13.25 9.09 -38.48
N ALA A 682 14.48 9.48 -38.14
CA ALA A 682 15.49 8.49 -37.77
C ALA A 682 16.54 9.15 -36.88
N THR A 683 17.37 8.31 -36.26
CA THR A 683 18.45 8.76 -35.39
C THR A 683 19.68 7.94 -35.72
N VAL A 684 20.69 8.02 -34.85
CA VAL A 684 21.93 7.26 -35.00
C VAL A 684 21.83 6.01 -34.15
N LYS A 685 22.20 4.87 -34.74
CA LYS A 685 22.16 3.61 -34.01
C LYS A 685 23.09 3.64 -32.81
N GLN A 686 22.65 3.00 -31.72
CA GLN A 686 23.45 2.84 -30.51
C GLN A 686 23.94 4.19 -29.98
N SER A 687 22.98 5.09 -29.74
CA SER A 687 23.26 6.41 -29.21
C SER A 687 22.35 6.69 -28.02
N SER A 688 22.46 7.90 -27.48
CA SER A 688 21.64 8.27 -26.33
C SER A 688 20.17 8.40 -26.70
N VAL A 689 19.89 8.82 -27.93
CA VAL A 689 18.50 8.96 -28.36
C VAL A 689 17.83 7.61 -28.48
N ASP A 690 18.57 6.60 -28.94
CA ASP A 690 18.06 5.23 -28.98
C ASP A 690 17.66 4.80 -27.58
N ILE A 691 18.54 5.01 -26.60
CA ILE A 691 18.24 4.63 -25.22
C ILE A 691 17.03 5.40 -24.71
N TYR A 692 16.98 6.69 -25.00
CA TYR A 692 15.88 7.54 -24.52
C TYR A 692 14.54 7.06 -25.03
N PHE A 693 14.47 6.72 -26.32
CA PHE A 693 13.19 6.25 -26.87
C PHE A 693 12.88 4.81 -26.49
N ARG A 694 13.90 3.98 -26.27
CA ARG A 694 13.67 2.60 -25.87
C ARG A 694 13.20 2.50 -24.43
N ARG A 695 13.60 3.44 -23.58
CA ARG A 695 13.24 3.43 -22.18
C ARG A 695 11.92 4.13 -21.90
N GLN A 696 11.25 4.66 -22.92
CA GLN A 696 10.00 5.38 -22.77
C GLN A 696 8.85 4.44 -23.11
N VAL A 697 7.96 4.18 -22.14
CA VAL A 697 6.77 3.39 -22.40
C VAL A 697 5.80 4.17 -23.28
N GLU A 698 5.68 5.48 -23.06
CA GLU A 698 4.76 6.30 -23.82
C GLU A 698 5.18 6.42 -25.29
N LEU A 699 6.46 6.22 -25.60
CA LEU A 699 6.95 6.40 -26.96
C LEU A 699 7.44 5.08 -27.58
N SER A 700 6.71 3.99 -27.34
CA SER A 700 7.12 2.69 -27.91
C SER A 700 6.98 2.69 -29.44
N THR A 701 5.89 3.25 -29.95
CA THR A 701 5.71 3.31 -31.40
C THR A 701 6.77 4.19 -32.05
N MET A 702 7.22 5.22 -31.34
CA MET A 702 8.33 6.04 -31.78
C MET A 702 9.57 5.21 -32.08
N TYR A 703 9.98 4.39 -31.11
CA TYR A 703 11.14 3.53 -31.31
C TYR A 703 10.87 2.47 -32.36
N ARG A 704 9.63 1.99 -32.43
CA ARG A 704 9.29 0.97 -33.43
C ARG A 704 9.47 1.50 -34.84
N HIS A 705 9.01 2.73 -35.09
CA HIS A 705 9.23 3.35 -36.40
C HIS A 705 10.69 3.69 -36.61
N MET A 706 11.38 4.12 -35.55
CA MET A 706 12.77 4.50 -35.66
C MET A 706 13.65 3.33 -36.06
N GLU A 707 13.35 2.14 -35.52
CA GLU A 707 14.21 0.98 -35.72
C GLU A 707 14.36 0.59 -37.19
N LYS A 708 13.43 1.01 -38.04
CA LYS A 708 13.48 0.64 -39.45
C LYS A 708 14.44 1.50 -40.26
N HIS A 709 14.90 2.64 -39.74
CA HIS A 709 15.63 3.59 -40.57
C HIS A 709 16.84 4.21 -39.88
N ASN A 710 17.38 3.59 -38.84
CA ASN A 710 18.51 4.20 -38.16
C ASN A 710 19.74 4.26 -39.06
N TYR A 711 20.66 5.16 -38.74
CA TYR A 711 21.82 5.43 -39.56
C TYR A 711 23.10 5.06 -38.81
N GLU A 712 24.17 4.85 -39.57
CA GLU A 712 25.44 4.43 -38.98
C GLU A 712 26.10 5.58 -38.23
N SER A 713 26.02 6.79 -38.76
CA SER A 713 26.73 7.92 -38.18
C SER A 713 25.91 9.19 -38.37
N ALA A 714 26.25 10.22 -37.59
CA ALA A 714 25.53 11.47 -37.66
C ALA A 714 25.79 12.20 -38.97
N ALA A 715 27.04 12.18 -39.45
CA ALA A 715 27.37 12.90 -40.67
C ALA A 715 26.63 12.34 -41.88
N GLU A 716 26.57 11.02 -42.00
CA GLU A 716 25.84 10.43 -43.12
C GLU A 716 24.34 10.66 -42.98
N ALA A 717 23.83 10.72 -41.76
CA ALA A 717 22.41 11.04 -41.58
C ALA A 717 22.12 12.47 -42.01
N ILE A 718 23.00 13.42 -41.66
CA ILE A 718 22.82 14.80 -42.11
C ILE A 718 22.90 14.88 -43.62
N GLN A 719 23.84 14.16 -44.23
CA GLN A 719 23.95 14.15 -45.69
C GLN A 719 22.68 13.59 -46.33
N ALA A 720 22.13 12.52 -45.75
CA ALA A 720 20.89 11.95 -46.28
C ALA A 720 19.73 12.92 -46.14
N VAL A 721 19.66 13.64 -45.01
CA VAL A 721 18.58 14.60 -44.81
C VAL A 721 18.68 15.74 -45.82
N ARG A 722 19.89 16.26 -46.04
CA ARG A 722 20.05 17.37 -46.99
C ARG A 722 19.71 16.92 -48.41
N ASP A 723 20.09 15.71 -48.78
CA ASP A 723 19.81 15.18 -50.11
C ASP A 723 18.37 14.70 -50.27
N ASN A 724 17.49 15.04 -49.33
CA ASN A 724 16.07 14.69 -49.38
C ASN A 724 15.85 13.19 -49.39
N LYS A 725 16.68 12.44 -48.67
CA LYS A 725 16.47 11.02 -48.48
C LYS A 725 15.86 10.68 -47.13
N LEU A 726 15.97 11.58 -46.16
CA LEU A 726 15.35 11.42 -44.84
C LEU A 726 14.71 12.75 -44.46
N HIS A 727 13.52 12.69 -43.87
CA HIS A 727 12.75 13.91 -43.63
C HIS A 727 13.22 14.63 -42.37
N ALA A 728 13.18 13.97 -41.23
CA ALA A 728 13.55 14.59 -39.95
C ALA A 728 14.64 13.76 -39.28
N PHE A 729 15.60 14.46 -38.67
CA PHE A 729 16.71 13.80 -37.97
C PHE A 729 16.76 14.32 -36.55
N ILE A 730 16.63 13.42 -35.57
CA ILE A 730 16.62 13.80 -34.16
C ILE A 730 18.03 13.60 -33.62
N TRP A 731 18.62 14.66 -33.06
CA TRP A 731 19.98 14.57 -32.58
C TRP A 731 20.23 15.71 -31.58
N ASP A 732 21.42 15.71 -31.00
CA ASP A 732 21.77 16.67 -29.97
C ASP A 732 21.72 18.09 -30.52
N SER A 733 21.30 19.02 -29.67
CA SER A 733 21.21 20.42 -30.08
C SER A 733 22.60 21.00 -30.35
N ALA A 734 23.60 20.58 -29.59
CA ALA A 734 24.94 21.16 -29.73
C ALA A 734 25.51 20.90 -31.11
N VAL A 735 25.26 19.72 -31.67
CA VAL A 735 25.78 19.38 -32.99
C VAL A 735 24.84 19.86 -34.08
N LEU A 736 23.53 19.68 -33.88
CA LEU A 736 22.56 20.04 -34.91
C LEU A 736 22.54 21.53 -35.16
N GLU A 737 22.61 22.34 -34.11
CA GLU A 737 22.62 23.79 -34.28
C GLU A 737 23.87 24.24 -35.03
N PHE A 738 25.02 23.66 -34.70
CA PHE A 738 26.25 24.00 -35.41
C PHE A 738 26.16 23.62 -36.88
N GLU A 739 25.61 22.44 -37.17
CA GLU A 739 25.46 22.02 -38.56
C GLU A 739 24.53 22.97 -39.31
N ALA A 740 23.42 23.35 -38.68
CA ALA A 740 22.47 24.26 -39.32
C ALA A 740 23.11 25.63 -39.57
N SER A 741 23.93 26.10 -38.63
CA SER A 741 24.58 27.40 -38.79
C SER A 741 25.63 27.35 -39.89
N GLN A 742 26.50 26.33 -39.86
CA GLN A 742 27.63 26.29 -40.80
C GLN A 742 27.16 25.91 -42.20
N LYS A 743 26.54 24.75 -42.35
CA LYS A 743 26.16 24.25 -43.67
C LYS A 743 24.90 24.91 -44.21
N CYS A 744 24.12 25.58 -43.36
CA CYS A 744 22.88 26.23 -43.77
C CYS A 744 21.95 25.24 -44.48
N ASP A 745 20.96 25.76 -45.21
CA ASP A 745 20.02 24.97 -46.00
C ASP A 745 19.22 23.99 -45.16
N LEU A 746 19.29 24.10 -43.83
CA LEU A 746 18.59 23.22 -42.91
C LEU A 746 18.13 24.03 -41.72
N VAL A 747 17.06 23.57 -41.08
CA VAL A 747 16.46 24.30 -39.97
C VAL A 747 16.18 23.33 -38.83
N THR A 748 16.36 23.81 -37.60
CA THR A 748 16.02 23.07 -36.40
C THR A 748 14.66 23.53 -35.90
N THR A 749 13.82 22.56 -35.55
CA THR A 749 12.43 22.81 -35.24
C THR A 749 12.10 22.35 -33.83
N GLY A 750 11.22 23.10 -33.17
CA GLY A 750 10.78 22.77 -31.83
C GLY A 750 11.77 23.21 -30.77
N GLU A 751 11.36 23.00 -29.52
CA GLU A 751 12.22 23.27 -28.38
C GLU A 751 12.84 21.97 -27.88
N LEU A 752 13.96 22.11 -27.17
CA LEU A 752 14.68 20.95 -26.68
C LEU A 752 13.81 20.14 -25.73
N PHE A 753 13.70 18.85 -25.98
CA PHE A 753 12.79 18.00 -25.22
C PHE A 753 13.51 17.02 -24.29
N PHE A 754 14.84 17.02 -24.28
CA PHE A 754 15.59 16.22 -23.31
C PHE A 754 16.87 16.98 -23.01
N ARG A 755 16.82 17.79 -21.96
CA ARG A 755 17.96 18.61 -21.59
C ARG A 755 18.96 17.80 -20.79
N SER A 756 20.21 17.78 -21.25
CA SER A 756 21.25 17.01 -20.58
C SER A 756 22.58 17.71 -20.83
N GLY A 757 23.68 17.01 -20.52
CA GLY A 757 25.00 17.56 -20.69
C GLY A 757 25.96 16.51 -21.21
N PHE A 758 27.07 17.00 -21.73
CA PHE A 758 28.19 16.15 -22.10
C PHE A 758 29.15 16.03 -20.92
N GLY A 759 29.65 14.83 -20.71
CA GLY A 759 30.53 14.59 -19.58
C GLY A 759 31.66 13.65 -19.92
N ILE A 760 32.77 13.79 -19.21
CA ILE A 760 33.87 12.86 -19.33
C ILE A 760 33.52 11.56 -18.62
N GLY A 761 33.59 10.45 -19.34
CA GLY A 761 33.25 9.15 -18.78
C GLY A 761 34.49 8.42 -18.29
N MET A 762 34.34 7.75 -17.15
CA MET A 762 35.41 6.95 -16.59
C MET A 762 34.83 5.66 -16.04
N ARG A 763 35.71 4.74 -15.66
CA ARG A 763 35.25 3.49 -15.05
C ARG A 763 34.62 3.78 -13.69
N LYS A 764 33.77 2.85 -13.26
CA LYS A 764 33.03 3.02 -12.02
C LYS A 764 33.98 3.26 -10.85
N ASP A 765 33.69 4.28 -10.06
CA ASP A 765 34.47 4.64 -8.87
C ASP A 765 35.93 4.93 -9.21
N SER A 766 36.17 5.62 -10.32
CA SER A 766 37.54 5.98 -10.69
C SER A 766 38.10 6.96 -9.67
N PRO A 767 39.31 6.74 -9.18
CA PRO A 767 39.84 7.60 -8.11
C PRO A 767 39.98 9.07 -8.47
N TRP A 768 40.29 9.40 -9.73
CA TRP A 768 40.49 10.79 -10.12
C TRP A 768 39.27 11.39 -10.79
N LYS A 769 38.07 10.96 -10.41
CA LYS A 769 36.88 11.67 -10.87
C LYS A 769 36.86 13.10 -10.35
N GLN A 770 37.00 13.26 -9.02
CA GLN A 770 36.88 14.58 -8.43
C GLN A 770 37.81 15.58 -9.10
N ASN A 771 39.10 15.23 -9.22
CA ASN A 771 40.03 16.07 -9.96
C ASN A 771 39.40 16.62 -11.21
N VAL A 772 39.02 15.73 -12.13
CA VAL A 772 38.50 16.16 -13.42
C VAL A 772 37.29 17.06 -13.21
N SER A 773 36.35 16.63 -12.38
CA SER A 773 35.16 17.45 -12.14
C SER A 773 35.55 18.84 -11.69
N LEU A 774 36.43 18.92 -10.69
CA LEU A 774 36.88 20.23 -10.22
C LEU A 774 37.45 21.03 -11.38
N SER A 775 38.34 20.43 -12.16
CA SER A 775 38.93 21.15 -13.28
C SER A 775 37.85 21.66 -14.21
N ILE A 776 36.87 20.81 -14.54
CA ILE A 776 35.81 21.23 -15.44
C ILE A 776 35.09 22.44 -14.86
N LEU A 777 34.76 22.38 -13.57
CA LEU A 777 34.09 23.52 -12.95
C LEU A 777 34.95 24.77 -13.05
N LYS A 778 36.27 24.61 -12.81
CA LYS A 778 37.16 25.75 -12.94
C LYS A 778 37.15 26.28 -14.36
N SER A 779 37.12 25.39 -15.35
CA SER A 779 37.09 25.83 -16.74
C SER A 779 35.81 26.60 -17.03
N HIS A 780 34.72 26.28 -16.32
CA HIS A 780 33.49 27.04 -16.50
C HIS A 780 33.60 28.40 -15.86
N GLU A 781 34.42 28.53 -14.81
CA GLU A 781 34.42 29.76 -14.04
C GLU A 781 35.27 30.85 -14.70
N ASN A 782 36.49 30.52 -15.13
CA ASN A 782 37.39 31.62 -15.47
C ASN A 782 37.11 32.21 -16.84
N GLY A 783 37.50 31.52 -17.91
CA GLY A 783 37.05 31.91 -19.23
C GLY A 783 37.09 30.80 -20.26
N PHE A 784 37.46 29.59 -19.83
CA PHE A 784 37.95 28.61 -20.78
C PHE A 784 36.85 28.09 -21.68
N MET A 785 35.67 27.82 -21.12
CA MET A 785 34.58 27.29 -21.93
C MET A 785 34.02 28.34 -22.89
N GLU A 786 34.03 29.61 -22.49
CA GLU A 786 33.62 30.66 -23.42
C GLU A 786 34.58 30.77 -24.60
N ASP A 787 35.89 30.71 -24.33
CA ASP A 787 36.87 30.73 -25.41
C ASP A 787 36.73 29.51 -26.30
N LEU A 788 36.49 28.34 -25.71
CA LEU A 788 36.33 27.13 -26.51
C LEU A 788 35.06 27.18 -27.35
N ASP A 789 34.00 27.79 -26.83
CA ASP A 789 32.80 27.97 -27.63
C ASP A 789 33.06 28.92 -28.79
N LYS A 790 33.66 30.08 -28.50
CA LYS A 790 33.88 31.07 -29.55
C LYS A 790 34.80 30.56 -30.64
N THR A 791 35.88 29.86 -30.26
CA THR A 791 36.87 29.46 -31.24
C THR A 791 36.33 28.38 -32.18
N TRP A 792 35.59 27.42 -31.65
CA TRP A 792 35.20 26.24 -32.41
C TRP A 792 33.77 26.30 -32.92
N VAL A 793 32.79 26.46 -32.03
CA VAL A 793 31.38 26.49 -32.42
C VAL A 793 30.96 27.96 -32.44
N ARG A 794 31.11 28.58 -33.61
CA ARG A 794 30.83 30.00 -33.79
C ARG A 794 29.40 30.36 -33.39
N ALA B 29 28.52 -61.55 -15.76
CA ALA B 29 29.07 -60.35 -16.38
C ALA B 29 28.87 -59.14 -15.49
N VAL B 30 28.14 -58.14 -16.00
CA VAL B 30 27.89 -56.92 -15.25
C VAL B 30 26.86 -57.20 -14.16
N THR B 31 27.13 -56.69 -12.96
CA THR B 31 26.23 -56.85 -11.82
C THR B 31 25.59 -55.50 -11.52
N VAL B 32 24.27 -55.43 -11.65
CA VAL B 32 23.50 -54.24 -11.34
C VAL B 32 22.49 -54.59 -10.25
N ALA B 33 22.49 -53.84 -9.17
CA ALA B 33 21.63 -54.09 -8.03
C ALA B 33 20.48 -53.11 -7.99
N VAL B 34 19.34 -53.57 -7.49
CA VAL B 34 18.13 -52.76 -7.37
C VAL B 34 17.74 -52.72 -5.90
N VAL B 35 17.59 -51.50 -5.37
CA VAL B 35 17.20 -51.31 -3.97
C VAL B 35 15.80 -50.73 -3.94
N PHE B 36 15.07 -51.07 -2.89
CA PHE B 36 13.65 -50.75 -2.80
C PHE B 36 13.39 -49.97 -1.52
N GLY B 37 12.13 -49.86 -1.14
CA GLY B 37 11.73 -49.01 -0.03
C GLY B 37 10.35 -48.42 -0.24
N SER B 38 9.79 -48.64 -1.43
CA SER B 38 8.39 -48.31 -1.67
C SER B 38 7.43 -49.27 -0.99
N SER B 39 7.93 -50.36 -0.41
CA SER B 39 7.13 -51.39 0.23
C SER B 39 6.09 -51.95 -0.73
N GLY B 40 4.81 -51.78 -0.42
CA GLY B 40 3.74 -52.32 -1.22
C GLY B 40 3.76 -53.84 -1.25
N PRO B 41 3.39 -54.42 -2.39
CA PRO B 41 3.45 -55.87 -2.53
C PRO B 41 4.87 -56.40 -2.45
N LEU B 42 5.01 -57.60 -1.90
CA LEU B 42 6.32 -58.22 -1.75
C LEU B 42 6.69 -59.13 -2.91
N GLN B 43 5.74 -59.46 -3.79
CA GLN B 43 6.04 -60.34 -4.91
C GLN B 43 6.85 -59.63 -5.98
N THR B 44 6.74 -58.30 -6.07
CA THR B 44 7.40 -57.54 -7.13
C THR B 44 8.90 -57.82 -7.15
N GLN B 45 9.50 -58.06 -5.98
CA GLN B 45 10.93 -58.36 -5.90
C GLN B 45 11.30 -59.51 -6.84
N ALA B 46 10.50 -60.57 -6.84
CA ALA B 46 10.76 -61.69 -7.75
C ALA B 46 10.76 -61.21 -9.20
N ARG B 47 9.75 -60.43 -9.58
CA ARG B 47 9.71 -59.88 -10.92
C ARG B 47 10.96 -59.07 -11.21
N THR B 48 11.48 -58.37 -10.19
CA THR B 48 12.67 -57.55 -10.39
C THR B 48 13.85 -58.36 -10.87
N ARG B 49 13.90 -59.65 -10.54
CA ARG B 49 14.93 -60.52 -11.09
C ARG B 49 14.43 -61.40 -12.23
N LEU B 50 13.11 -61.55 -12.37
CA LEU B 50 12.57 -62.24 -13.53
C LEU B 50 12.92 -61.50 -14.81
N THR B 51 12.91 -60.17 -14.76
CA THR B 51 13.32 -59.31 -15.86
C THR B 51 14.76 -59.60 -16.26
N SER B 52 15.47 -60.40 -15.45
CA SER B 52 16.78 -60.89 -15.84
C SER B 52 16.73 -61.56 -17.21
N GLN B 53 15.68 -62.32 -17.46
CA GLN B 53 15.45 -62.87 -18.80
C GLN B 53 14.56 -61.96 -19.63
N ASN B 54 14.90 -60.67 -19.63
CA ASN B 54 14.24 -59.68 -20.49
C ASN B 54 15.19 -58.70 -21.15
N PHE B 55 16.40 -58.51 -20.62
CA PHE B 55 17.35 -57.50 -21.12
C PHE B 55 18.13 -57.97 -22.34
N LEU B 56 17.65 -58.99 -23.05
CA LEU B 56 18.35 -59.47 -24.24
C LEU B 56 18.42 -58.40 -25.31
N ASP B 57 17.47 -57.47 -25.32
CA ASP B 57 17.54 -56.32 -26.22
C ASP B 57 18.80 -55.51 -25.97
N LEU B 58 19.10 -55.24 -24.71
CA LEU B 58 20.31 -54.50 -24.39
C LEU B 58 21.52 -55.40 -24.62
N PRO B 59 22.51 -54.94 -25.37
CA PRO B 59 23.82 -55.66 -25.43
C PRO B 59 24.48 -55.78 -24.05
N LEU B 60 25.40 -56.73 -23.93
CA LEU B 60 26.14 -56.98 -22.70
C LEU B 60 25.20 -57.32 -21.54
N GLU B 61 24.56 -58.49 -21.65
CA GLU B 61 23.57 -58.95 -20.68
C GLU B 61 24.04 -58.76 -19.24
N ILE B 62 23.09 -58.44 -18.37
CA ILE B 62 23.36 -57.97 -17.01
C ILE B 62 22.74 -58.94 -16.02
N GLN B 63 23.47 -59.22 -14.95
CA GLN B 63 22.94 -60.04 -13.86
C GLN B 63 22.37 -59.12 -12.78
N PRO B 64 21.06 -59.15 -12.54
CA PRO B 64 20.46 -58.28 -11.53
C PRO B 64 20.55 -58.89 -10.14
N LEU B 65 20.20 -58.06 -9.15
CA LEU B 65 20.19 -58.50 -7.76
C LEU B 65 19.16 -57.64 -7.03
N THR B 66 18.25 -58.30 -6.31
CA THR B 66 17.10 -57.61 -5.72
C THR B 66 17.08 -57.84 -4.22
N VAL B 67 17.39 -56.80 -3.45
CA VAL B 67 17.21 -56.80 -2.01
C VAL B 67 16.59 -55.47 -1.61
N GLY B 68 15.44 -55.51 -0.93
CA GLY B 68 14.71 -54.29 -0.64
C GLY B 68 14.44 -54.05 0.82
N VAL B 69 14.93 -52.91 1.33
CA VAL B 69 14.62 -52.51 2.70
C VAL B 69 13.14 -52.18 2.80
N ASN B 70 12.53 -52.53 3.93
CA ASN B 70 11.13 -52.26 4.17
C ASN B 70 10.89 -51.33 5.36
N ASN B 71 11.94 -50.70 5.90
CA ASN B 71 11.78 -49.69 6.92
C ASN B 71 12.34 -48.33 6.55
N THR B 72 13.15 -48.25 5.48
CA THR B 72 13.66 -47.00 4.91
C THR B 72 14.18 -46.03 5.98
N ASN B 73 15.02 -46.56 6.85
CA ASN B 73 15.69 -45.80 7.90
C ASN B 73 17.20 -45.92 7.71
N PRO B 74 17.97 -44.97 8.27
CA PRO B 74 19.42 -44.99 7.99
C PRO B 74 20.12 -46.28 8.35
N SER B 75 19.78 -46.90 9.48
CA SER B 75 20.48 -48.10 9.91
C SER B 75 20.28 -49.24 8.93
N SER B 76 19.02 -49.52 8.57
CA SER B 76 18.75 -50.61 7.64
C SER B 76 19.35 -50.30 6.27
N ILE B 77 19.24 -49.06 5.81
CA ILE B 77 19.80 -48.72 4.50
C ILE B 77 21.30 -48.99 4.48
N LEU B 78 22.02 -48.49 5.50
CA LEU B 78 23.46 -48.67 5.53
C LEU B 78 23.84 -50.15 5.64
N THR B 79 23.15 -50.89 6.53
CA THR B 79 23.49 -52.29 6.73
C THR B 79 23.21 -53.12 5.48
N GLN B 80 22.08 -52.87 4.82
CA GLN B 80 21.76 -53.64 3.62
C GLN B 80 22.69 -53.30 2.46
N ILE B 81 23.04 -52.03 2.31
CA ILE B 81 24.01 -51.67 1.29
C ILE B 81 25.37 -52.30 1.60
N CYS B 82 25.72 -52.36 2.89
CA CYS B 82 26.96 -52.99 3.32
C CYS B 82 26.97 -54.47 2.94
N GLY B 83 25.87 -55.17 3.26
CA GLY B 83 25.80 -56.59 2.97
C GLY B 83 25.75 -56.87 1.48
N LEU B 84 25.01 -56.04 0.74
CA LEU B 84 24.95 -56.19 -0.72
C LEU B 84 26.32 -55.98 -1.33
N LEU B 85 27.07 -54.99 -0.84
CA LEU B 85 28.44 -54.80 -1.32
C LEU B 85 29.32 -55.98 -0.93
N GLY B 86 29.24 -56.43 0.32
CA GLY B 86 30.11 -57.51 0.77
C GLY B 86 29.83 -58.86 0.14
N ALA B 87 28.60 -59.09 -0.31
CA ALA B 87 28.23 -60.42 -0.81
C ALA B 87 28.73 -60.65 -2.22
N ALA B 88 28.29 -59.82 -3.17
CA ALA B 88 28.64 -59.98 -4.57
C ALA B 88 29.20 -58.68 -5.11
N ARG B 89 30.13 -58.79 -6.07
CA ARG B 89 30.80 -57.61 -6.64
C ARG B 89 29.84 -56.90 -7.59
N VAL B 90 29.27 -55.79 -7.15
CA VAL B 90 28.28 -55.04 -7.92
C VAL B 90 28.97 -53.90 -8.64
N HIS B 91 28.46 -53.58 -9.83
CA HIS B 91 28.98 -52.49 -10.64
C HIS B 91 28.17 -51.21 -10.51
N GLY B 92 26.89 -51.32 -10.19
CA GLY B 92 26.04 -50.16 -10.03
C GLY B 92 24.83 -50.49 -9.21
N ILE B 93 24.28 -49.46 -8.55
CA ILE B 93 23.15 -49.60 -7.65
C ILE B 93 22.02 -48.71 -8.13
N VAL B 94 20.81 -49.24 -8.12
CA VAL B 94 19.61 -48.50 -8.48
C VAL B 94 18.73 -48.40 -7.25
N PHE B 95 18.34 -47.18 -6.88
CA PHE B 95 17.54 -46.93 -5.69
C PHE B 95 16.18 -46.38 -6.09
N GLU B 96 15.17 -46.73 -5.31
CA GLU B 96 13.83 -46.22 -5.52
C GLU B 96 13.12 -46.06 -4.17
N ASP B 97 12.32 -45.00 -4.07
CA ASP B 97 11.57 -44.70 -2.86
C ASP B 97 10.19 -44.23 -3.30
N ASN B 98 9.23 -44.17 -2.37
CA ASN B 98 7.87 -43.89 -2.80
C ASN B 98 7.63 -42.40 -3.03
N VAL B 99 7.62 -41.61 -1.97
CA VAL B 99 7.28 -40.18 -2.05
C VAL B 99 7.75 -39.51 -0.77
N ASP B 100 8.00 -38.21 -0.85
CA ASP B 100 8.05 -37.29 0.28
C ASP B 100 9.10 -37.65 1.32
N THR B 101 10.07 -38.49 0.99
CA THR B 101 11.16 -38.79 1.91
C THR B 101 12.30 -37.81 1.65
N GLU B 102 12.71 -37.08 2.69
CA GLU B 102 13.68 -36.02 2.51
C GLU B 102 15.12 -36.52 2.65
N ALA B 103 15.47 -37.07 3.81
CA ALA B 103 16.87 -37.31 4.14
C ALA B 103 17.47 -38.52 3.44
N VAL B 104 16.69 -39.29 2.69
CA VAL B 104 17.22 -40.48 2.03
C VAL B 104 18.24 -40.07 0.96
N ALA B 105 18.01 -38.94 0.29
CA ALA B 105 18.94 -38.49 -0.73
C ALA B 105 20.32 -38.23 -0.14
N GLN B 106 20.38 -37.57 1.01
CA GLN B 106 21.66 -37.32 1.67
C GLN B 106 22.35 -38.62 2.05
N LEU B 107 21.59 -39.60 2.54
CA LEU B 107 22.19 -40.88 2.91
C LEU B 107 22.76 -41.60 1.70
N LEU B 108 22.02 -41.62 0.59
CA LEU B 108 22.53 -42.25 -0.63
C LEU B 108 23.77 -41.52 -1.13
N ASP B 109 23.77 -40.19 -1.06
CA ASP B 109 24.94 -39.42 -1.45
C ASP B 109 26.15 -39.76 -0.58
N PHE B 110 25.92 -39.88 0.73
CA PHE B 110 27.00 -40.23 1.65
C PHE B 110 27.56 -41.62 1.35
N VAL B 111 26.68 -42.58 1.08
CA VAL B 111 27.12 -43.93 0.77
C VAL B 111 27.92 -43.96 -0.53
N SER B 112 27.44 -43.22 -1.53
CA SER B 112 28.16 -43.15 -2.80
C SER B 112 29.53 -42.52 -2.63
N SER B 113 29.61 -41.46 -1.82
CA SER B 113 30.89 -40.81 -1.57
C SER B 113 31.86 -41.73 -0.85
N GLN B 114 31.36 -42.49 0.13
CA GLN B 114 32.24 -43.35 0.91
C GLN B 114 32.70 -44.57 0.11
N THR B 115 31.75 -45.37 -0.36
CA THR B 115 32.08 -46.65 -0.99
C THR B 115 32.49 -46.52 -2.45
N HIS B 116 32.34 -45.34 -3.05
CA HIS B 116 32.75 -45.08 -4.44
C HIS B 116 32.06 -46.05 -5.41
N VAL B 117 30.75 -46.17 -5.28
CA VAL B 117 29.93 -47.04 -6.13
C VAL B 117 28.94 -46.16 -6.87
N PRO B 118 28.79 -46.31 -8.19
CA PRO B 118 27.82 -45.49 -8.92
C PRO B 118 26.38 -45.86 -8.59
N ILE B 119 25.70 -44.99 -7.86
CA ILE B 119 24.31 -45.18 -7.51
C ILE B 119 23.45 -44.43 -8.53
N LEU B 120 22.21 -44.87 -8.69
CA LEU B 120 21.28 -44.24 -9.62
C LEU B 120 19.89 -44.22 -8.98
N SER B 121 19.38 -43.03 -8.69
CA SER B 121 18.09 -42.89 -8.02
C SER B 121 16.99 -42.76 -9.08
N ILE B 122 16.00 -43.64 -9.01
CA ILE B 122 14.88 -43.61 -9.93
C ILE B 122 13.60 -43.37 -9.13
N SER B 123 12.47 -43.32 -9.83
CA SER B 123 11.14 -43.12 -9.23
C SER B 123 11.17 -41.76 -8.53
N GLY B 124 10.55 -41.63 -7.36
CA GLY B 124 10.49 -40.35 -6.67
C GLY B 124 11.04 -40.43 -5.26
N GLY B 125 10.75 -39.41 -4.45
CA GLY B 125 11.24 -39.37 -3.09
C GLY B 125 12.69 -38.94 -3.01
N SER B 126 13.58 -39.80 -3.51
CA SER B 126 15.01 -39.51 -3.55
C SER B 126 15.46 -38.91 -4.87
N ALA B 127 14.53 -38.66 -5.79
CA ALA B 127 14.87 -38.09 -7.08
C ALA B 127 14.78 -36.57 -7.10
N VAL B 128 14.45 -35.93 -5.99
CA VAL B 128 14.51 -34.48 -5.91
C VAL B 128 15.97 -34.06 -5.91
N VAL B 129 16.30 -33.10 -6.78
CA VAL B 129 17.69 -32.79 -7.04
C VAL B 129 18.35 -32.19 -5.80
N LEU B 130 19.45 -32.80 -5.38
CA LEU B 130 20.25 -32.30 -4.27
C LEU B 130 21.46 -31.59 -4.90
N THR B 131 21.42 -30.25 -4.92
CA THR B 131 22.33 -29.53 -5.81
C THR B 131 23.79 -29.69 -5.41
N PRO B 132 24.25 -29.24 -4.24
CA PRO B 132 25.68 -29.35 -3.92
C PRO B 132 26.03 -30.76 -3.46
N LYS B 133 26.69 -31.51 -4.33
CA LYS B 133 27.14 -32.86 -4.02
C LYS B 133 28.54 -32.82 -3.42
N GLU B 134 28.90 -33.90 -2.74
CA GLU B 134 30.27 -34.05 -2.25
C GLU B 134 31.22 -34.24 -3.43
N PRO B 135 32.50 -33.88 -3.26
CA PRO B 135 33.44 -33.96 -4.40
C PRO B 135 33.54 -35.36 -5.00
N GLY B 136 33.50 -36.40 -4.18
CA GLY B 136 33.59 -37.76 -4.66
C GLY B 136 32.26 -38.43 -4.94
N SER B 137 31.17 -37.67 -4.93
CA SER B 137 29.84 -38.24 -5.07
C SER B 137 29.61 -38.79 -6.47
N ALA B 138 28.79 -39.84 -6.54
CA ALA B 138 28.30 -40.43 -7.78
C ALA B 138 26.83 -40.75 -7.67
N PHE B 139 26.06 -39.81 -7.10
CA PHE B 139 24.64 -40.05 -6.85
C PHE B 139 23.86 -40.18 -8.16
N LEU B 140 24.03 -39.22 -9.06
CA LEU B 140 23.38 -39.24 -10.38
C LEU B 140 21.87 -39.41 -10.26
N GLN B 141 21.24 -38.40 -9.67
CA GLN B 141 19.79 -38.41 -9.54
C GLN B 141 19.12 -38.30 -10.90
N LEU B 142 18.00 -39.01 -11.04
CA LEU B 142 17.19 -38.96 -12.26
C LEU B 142 16.07 -37.94 -12.12
N GLY B 143 16.46 -36.69 -11.86
CA GLY B 143 15.52 -35.61 -11.67
C GLY B 143 15.96 -34.36 -12.42
N VAL B 144 15.13 -33.33 -12.32
CA VAL B 144 15.37 -32.06 -12.98
C VAL B 144 15.44 -30.97 -11.92
N SER B 145 16.35 -30.01 -12.12
CA SER B 145 16.64 -29.01 -11.10
C SER B 145 15.49 -28.01 -11.00
N LEU B 146 15.69 -27.01 -10.12
CA LEU B 146 14.71 -25.94 -9.99
C LEU B 146 14.81 -24.93 -11.12
N GLU B 147 16.02 -24.65 -11.59
CA GLU B 147 16.18 -23.64 -12.64
C GLU B 147 15.47 -24.05 -13.92
N GLN B 148 15.57 -25.32 -14.32
CA GLN B 148 14.89 -25.79 -15.52
C GLN B 148 13.38 -25.72 -15.36
N GLN B 149 12.87 -26.09 -14.18
CA GLN B 149 11.43 -26.00 -13.94
C GLN B 149 10.96 -24.56 -14.04
N LEU B 150 11.72 -23.62 -13.46
CA LEU B 150 11.34 -22.22 -13.55
C LEU B 150 11.42 -21.72 -14.99
N GLN B 151 12.40 -22.19 -15.75
CA GLN B 151 12.48 -21.84 -17.17
C GLN B 151 11.22 -22.27 -17.91
N VAL B 152 10.78 -23.51 -17.68
CA VAL B 152 9.59 -24.00 -18.38
C VAL B 152 8.33 -23.27 -17.91
N LEU B 153 8.24 -22.98 -16.60
CA LEU B 153 7.07 -22.26 -16.11
C LEU B 153 7.01 -20.85 -16.69
N PHE B 154 8.15 -20.17 -16.80
CA PHE B 154 8.17 -18.85 -17.42
C PHE B 154 7.85 -18.95 -18.91
N LYS B 155 8.27 -20.02 -19.57
CA LYS B 155 7.87 -20.21 -20.96
C LYS B 155 6.37 -20.37 -21.08
N VAL B 156 5.75 -21.10 -20.14
CA VAL B 156 4.29 -21.24 -20.14
C VAL B 156 3.62 -19.89 -19.94
N LEU B 157 4.13 -19.10 -18.98
CA LEU B 157 3.59 -17.77 -18.75
C LEU B 157 3.69 -16.90 -20.00
N GLU B 158 4.81 -16.99 -20.70
CA GLU B 158 4.96 -16.27 -21.97
C GLU B 158 3.95 -16.74 -23.00
N GLU B 159 3.72 -18.05 -23.07
CA GLU B 159 2.75 -18.59 -24.01
C GLU B 159 1.35 -18.07 -23.72
N TYR B 160 0.98 -17.94 -22.45
CA TYR B 160 -0.32 -17.42 -22.07
C TYR B 160 -0.29 -15.93 -21.75
N ASP B 161 0.87 -15.29 -21.89
CA ASP B 161 1.01 -13.84 -21.74
C ASP B 161 0.48 -13.34 -20.40
N TRP B 162 1.09 -13.83 -19.33
CA TRP B 162 0.81 -13.37 -17.97
C TRP B 162 2.07 -12.66 -17.47
N SER B 163 2.16 -11.37 -17.77
CA SER B 163 3.39 -10.63 -17.48
C SER B 163 3.56 -10.36 -16.00
N ALA B 164 2.48 -10.15 -15.27
CA ALA B 164 2.54 -9.76 -13.86
C ALA B 164 2.13 -10.94 -12.99
N PHE B 165 3.08 -11.45 -12.22
CA PHE B 165 2.86 -12.57 -11.31
C PHE B 165 3.39 -12.24 -9.93
N ALA B 166 2.96 -13.00 -8.94
CA ALA B 166 3.48 -12.88 -7.59
C ALA B 166 4.01 -14.21 -7.11
N VAL B 167 5.08 -14.16 -6.32
CA VAL B 167 5.80 -15.35 -5.88
C VAL B 167 5.55 -15.55 -4.39
N ILE B 168 5.07 -16.73 -4.03
CA ILE B 168 4.77 -17.10 -2.64
C ILE B 168 5.62 -18.29 -2.26
N THR B 169 6.57 -18.08 -1.37
CA THR B 169 7.45 -19.14 -0.90
C THR B 169 7.32 -19.30 0.61
N SER B 170 7.42 -20.54 1.06
CA SER B 170 7.44 -20.83 2.49
C SER B 170 8.86 -20.66 3.03
N LEU B 171 9.04 -21.02 4.29
CA LEU B 171 10.37 -21.14 4.89
C LEU B 171 10.94 -22.54 4.77
N HIS B 172 10.51 -23.31 3.78
CA HIS B 172 11.12 -24.60 3.53
C HIS B 172 12.57 -24.40 3.12
N PRO B 173 13.49 -25.24 3.59
CA PRO B 173 14.90 -25.08 3.22
C PRO B 173 15.09 -25.32 1.72
N GLY B 174 15.56 -24.28 1.03
CA GLY B 174 15.72 -24.35 -0.41
C GLY B 174 15.00 -23.22 -1.12
N HIS B 175 14.22 -22.44 -0.36
CA HIS B 175 13.52 -21.31 -0.96
C HIS B 175 14.50 -20.26 -1.46
N ALA B 176 15.69 -20.19 -0.87
CA ALA B 176 16.71 -19.27 -1.36
C ALA B 176 17.11 -19.62 -2.79
N LEU B 177 17.31 -20.90 -3.06
CA LEU B 177 17.62 -21.33 -4.43
C LEU B 177 16.47 -21.02 -5.37
N PHE B 178 15.24 -21.20 -4.90
CA PHE B 178 14.07 -20.88 -5.72
C PHE B 178 14.01 -19.40 -6.07
N LEU B 179 14.28 -18.52 -5.09
CA LEU B 179 14.28 -17.09 -5.34
C LEU B 179 15.40 -16.69 -6.29
N GLU B 180 16.59 -17.26 -6.10
CA GLU B 180 17.69 -16.99 -7.03
C GLU B 180 17.32 -17.44 -8.43
N GLY B 181 16.69 -18.60 -8.55
CA GLY B 181 16.30 -19.09 -9.87
C GLY B 181 15.26 -18.22 -10.55
N VAL B 182 14.24 -17.79 -9.81
CA VAL B 182 13.22 -16.95 -10.44
C VAL B 182 13.81 -15.61 -10.84
N ARG B 183 14.69 -15.04 -10.01
CA ARG B 183 15.35 -13.79 -10.39
C ARG B 183 16.22 -13.97 -11.63
N ALA B 184 16.96 -15.07 -11.70
CA ALA B 184 17.83 -15.31 -12.85
C ALA B 184 17.02 -15.51 -14.12
N VAL B 185 15.92 -16.26 -14.04
CA VAL B 185 15.10 -16.51 -15.23
C VAL B 185 14.40 -15.22 -15.65
N ALA B 186 13.95 -14.41 -14.70
CA ALA B 186 13.33 -13.14 -15.05
C ALA B 186 14.33 -12.22 -15.75
N ASP B 187 15.56 -12.15 -15.23
CA ASP B 187 16.57 -11.32 -15.88
C ASP B 187 16.97 -11.87 -17.24
N ALA B 188 17.09 -13.19 -17.35
CA ALA B 188 17.54 -13.83 -18.59
C ALA B 188 16.38 -14.17 -19.50
N SER B 189 15.59 -13.17 -19.87
CA SER B 189 14.44 -13.38 -20.73
C SER B 189 14.15 -12.10 -21.50
N TYR B 190 13.70 -12.27 -22.75
CA TYR B 190 13.40 -11.10 -23.59
C TYR B 190 12.22 -10.31 -23.06
N LEU B 191 11.24 -10.98 -22.47
CA LEU B 191 10.04 -10.30 -22.02
C LEU B 191 10.32 -9.46 -20.77
N SER B 192 9.51 -8.42 -20.58
CA SER B 192 9.62 -7.54 -19.42
C SER B 192 8.85 -8.16 -18.25
N TRP B 193 9.48 -9.15 -17.63
CA TRP B 193 8.84 -9.87 -16.53
C TRP B 193 8.63 -8.95 -15.34
N ARG B 194 7.41 -8.91 -14.84
CA ARG B 194 7.04 -8.07 -13.71
C ARG B 194 6.86 -8.95 -12.48
N LEU B 195 7.51 -8.55 -11.39
CA LEU B 195 7.43 -9.25 -10.11
C LEU B 195 6.65 -8.37 -9.15
N LEU B 196 5.35 -8.65 -9.02
CA LEU B 196 4.47 -7.76 -8.26
C LEU B 196 4.83 -7.76 -6.78
N ASP B 197 4.94 -8.93 -6.17
CA ASP B 197 5.16 -9.00 -4.74
C ASP B 197 5.75 -10.37 -4.40
N VAL B 198 6.79 -10.37 -3.57
CA VAL B 198 7.37 -11.58 -3.02
C VAL B 198 7.11 -11.57 -1.52
N LEU B 199 6.35 -12.55 -1.04
CA LEU B 199 5.96 -12.60 0.36
C LEU B 199 6.27 -14.00 0.89
N THR B 200 6.93 -14.07 2.04
CA THR B 200 7.30 -15.33 2.65
C THR B 200 6.32 -15.66 3.76
N LEU B 201 5.68 -16.82 3.64
CA LEU B 201 4.70 -17.28 4.61
C LEU B 201 5.34 -18.17 5.67
N GLU B 202 4.51 -18.62 6.60
CA GLU B 202 4.89 -19.53 7.67
C GLU B 202 3.83 -20.61 7.76
N LEU B 203 4.03 -21.69 7.01
CA LEU B 203 3.11 -22.82 7.00
C LEU B 203 3.62 -23.88 7.96
N GLY B 204 3.03 -25.07 7.89
CA GLY B 204 3.36 -26.14 8.81
C GLY B 204 2.10 -26.70 9.44
N PRO B 205 2.21 -27.88 10.05
CA PRO B 205 1.03 -28.49 10.67
C PRO B 205 0.50 -27.62 11.79
N GLY B 206 -0.63 -26.99 11.53
CA GLY B 206 -1.22 -26.12 12.51
C GLY B 206 -0.57 -24.75 12.58
N GLY B 207 0.56 -24.68 13.26
CA GLY B 207 1.34 -23.48 13.34
C GLY B 207 0.55 -22.22 13.64
N PRO B 208 1.13 -21.15 13.23
CA PRO B 208 0.55 -19.81 13.38
C PRO B 208 -0.52 -19.47 12.34
N ARG B 209 -1.78 -19.77 12.67
CA ARG B 209 -2.88 -19.53 11.74
C ARG B 209 -2.83 -18.11 11.18
N ALA B 210 -2.63 -17.13 12.04
CA ALA B 210 -2.67 -15.74 11.63
C ALA B 210 -1.40 -15.37 10.87
N ARG B 211 -1.33 -14.10 10.45
CA ARG B 211 -0.19 -13.50 9.74
C ARG B 211 -0.04 -14.07 8.33
N THR B 212 -0.85 -15.06 7.97
CA THR B 212 -0.93 -15.55 6.61
C THR B 212 -2.18 -15.05 5.89
N GLN B 213 -3.32 -15.07 6.57
CA GLN B 213 -4.55 -14.54 5.98
C GLN B 213 -4.42 -13.05 5.69
N ARG B 214 -3.83 -12.30 6.63
CA ARG B 214 -3.65 -10.86 6.42
C ARG B 214 -2.75 -10.59 5.24
N LEU B 215 -1.64 -11.33 5.12
CA LEU B 215 -0.73 -11.12 4.01
C LEU B 215 -1.34 -11.56 2.69
N LEU B 216 -2.04 -12.70 2.68
CA LEU B 216 -2.66 -13.19 1.46
C LEU B 216 -3.86 -12.34 1.05
N ARG B 217 -4.40 -11.53 1.96
CA ARG B 217 -5.54 -10.69 1.65
C ARG B 217 -5.19 -9.52 0.75
N GLN B 218 -3.94 -9.07 0.76
CA GLN B 218 -3.56 -7.85 0.05
C GLN B 218 -2.55 -8.13 -1.08
N VAL B 219 -2.50 -9.35 -1.60
CA VAL B 219 -1.66 -9.66 -2.75
C VAL B 219 -2.53 -9.51 -3.99
N ASP B 220 -2.27 -8.46 -4.76
CA ASP B 220 -3.06 -8.14 -5.95
C ASP B 220 -2.28 -8.64 -7.17
N ALA B 221 -2.53 -9.90 -7.53
CA ALA B 221 -1.84 -10.51 -8.65
C ALA B 221 -2.75 -11.54 -9.30
N PRO B 222 -2.77 -11.62 -10.63
CA PRO B 222 -3.67 -12.58 -11.29
C PRO B 222 -3.08 -13.98 -11.41
N VAL B 223 -1.75 -14.10 -11.35
CA VAL B 223 -1.08 -15.39 -11.45
C VAL B 223 -0.02 -15.48 -10.37
N LEU B 224 0.00 -16.62 -9.68
CA LEU B 224 0.84 -16.82 -8.50
C LEU B 224 1.71 -18.07 -8.69
N VAL B 225 3.00 -17.93 -8.43
CA VAL B 225 3.94 -19.04 -8.44
C VAL B 225 4.31 -19.35 -7.00
N ALA B 226 4.00 -20.56 -6.55
CA ALA B 226 4.21 -20.95 -5.16
C ALA B 226 5.29 -22.02 -5.08
N TYR B 227 6.03 -21.98 -3.97
CA TYR B 227 7.06 -22.99 -3.69
C TYR B 227 6.91 -23.43 -2.25
N CYS B 228 6.57 -24.71 -2.04
CA CYS B 228 6.37 -25.26 -0.71
C CYS B 228 6.26 -26.76 -0.83
N SER B 229 6.43 -27.44 0.31
CA SER B 229 6.34 -28.90 0.34
C SER B 229 4.88 -29.33 0.26
N ARG B 230 4.65 -30.65 0.27
CA ARG B 230 3.31 -31.18 0.04
C ARG B 230 2.33 -30.72 1.11
N GLU B 231 2.69 -30.94 2.39
CA GLU B 231 1.83 -30.50 3.48
C GLU B 231 1.69 -28.99 3.50
N GLU B 232 2.81 -28.28 3.29
CA GLU B 232 2.76 -26.83 3.23
C GLU B 232 1.91 -26.36 2.05
N ALA B 233 1.98 -27.07 0.92
CA ALA B 233 1.13 -26.72 -0.22
C ALA B 233 -0.33 -26.88 0.13
N GLU B 234 -0.68 -27.97 0.81
CA GLU B 234 -2.07 -28.18 1.22
C GLU B 234 -2.55 -27.07 2.13
N VAL B 235 -1.73 -26.70 3.12
CA VAL B 235 -2.10 -25.63 4.04
C VAL B 235 -2.25 -24.31 3.30
N LEU B 236 -1.32 -24.01 2.38
CA LEU B 236 -1.38 -22.76 1.64
C LEU B 236 -2.63 -22.69 0.77
N PHE B 237 -2.99 -23.80 0.12
CA PHE B 237 -4.19 -23.80 -0.71
C PHE B 237 -5.45 -23.65 0.13
N ALA B 238 -5.49 -24.30 1.30
CA ALA B 238 -6.64 -24.11 2.18
C ALA B 238 -6.77 -22.66 2.62
N GLU B 239 -5.65 -22.04 3.01
CA GLU B 239 -5.68 -20.65 3.44
C GLU B 239 -6.10 -19.72 2.29
N ALA B 240 -5.59 -19.97 1.09
CA ALA B 240 -5.96 -19.16 -0.06
C ALA B 240 -7.44 -19.31 -0.38
N ALA B 241 -7.99 -20.53 -0.25
CA ALA B 241 -9.42 -20.71 -0.41
C ALA B 241 -10.19 -19.90 0.63
N GLN B 242 -9.72 -19.91 1.88
CA GLN B 242 -10.33 -19.05 2.89
C GLN B 242 -10.07 -17.57 2.65
N ALA B 243 -9.05 -17.24 1.86
CA ALA B 243 -8.71 -15.86 1.57
C ALA B 243 -9.27 -15.38 0.23
N GLY B 244 -10.04 -16.20 -0.47
CA GLY B 244 -10.56 -15.83 -1.76
C GLY B 244 -9.48 -15.64 -2.81
N LEU B 245 -8.58 -16.62 -2.93
CA LEU B 245 -7.48 -16.55 -3.87
C LEU B 245 -7.46 -17.69 -4.88
N VAL B 246 -8.50 -18.53 -4.93
CA VAL B 246 -8.56 -19.65 -5.84
C VAL B 246 -9.81 -19.51 -6.71
N GLY B 247 -9.79 -20.20 -7.84
CA GLY B 247 -10.86 -20.11 -8.81
C GLY B 247 -10.46 -19.28 -10.01
N PRO B 248 -11.41 -18.97 -10.88
CA PRO B 248 -11.10 -18.15 -12.05
C PRO B 248 -10.57 -16.79 -11.64
N GLY B 249 -9.66 -16.26 -12.45
CA GLY B 249 -8.96 -15.04 -12.13
C GLY B 249 -7.69 -15.23 -11.34
N HIS B 250 -7.32 -16.46 -11.00
CA HIS B 250 -6.11 -16.74 -10.25
C HIS B 250 -5.55 -18.06 -10.72
N VAL B 251 -4.35 -18.04 -11.29
CA VAL B 251 -3.68 -19.21 -11.82
C VAL B 251 -2.48 -19.52 -10.95
N TRP B 252 -2.41 -20.76 -10.44
CA TRP B 252 -1.33 -21.20 -9.57
C TRP B 252 -0.37 -22.09 -10.35
N LEU B 253 0.92 -21.93 -10.08
CA LEU B 253 1.96 -22.77 -10.66
C LEU B 253 2.91 -23.20 -9.57
N VAL B 254 3.27 -24.49 -9.58
CA VAL B 254 4.15 -25.05 -8.55
C VAL B 254 5.12 -26.01 -9.19
N PRO B 255 6.30 -26.15 -8.60
CA PRO B 255 7.23 -27.22 -8.99
C PRO B 255 6.78 -28.56 -8.40
N ASN B 256 7.58 -29.60 -8.65
CA ASN B 256 7.21 -30.94 -8.22
C ASN B 256 7.17 -31.07 -6.70
N LEU B 257 7.75 -30.12 -5.97
CA LEU B 257 7.77 -30.22 -4.51
C LEU B 257 6.37 -30.27 -3.94
N ALA B 258 5.43 -29.52 -4.53
CA ALA B 258 4.07 -29.52 -4.02
C ALA B 258 3.33 -30.81 -4.39
N LEU B 259 3.69 -31.43 -5.51
CA LEU B 259 3.01 -32.65 -5.95
C LEU B 259 3.53 -33.85 -5.17
N GLY B 260 2.61 -34.64 -4.65
CA GLY B 260 2.98 -35.87 -3.98
C GLY B 260 2.11 -37.04 -4.38
N SER B 261 2.72 -38.07 -4.99
CA SER B 261 2.01 -39.26 -5.45
C SER B 261 0.86 -38.88 -6.38
N THR B 262 1.26 -38.36 -7.54
CA THR B 262 0.33 -37.76 -8.51
C THR B 262 -0.79 -38.72 -8.92
N ASP B 263 -0.72 -39.98 -8.51
CA ASP B 263 -1.82 -40.91 -8.75
C ASP B 263 -3.11 -40.41 -8.11
N ALA B 264 -3.00 -39.79 -6.93
CA ALA B 264 -4.17 -39.27 -6.23
C ALA B 264 -3.84 -37.97 -5.50
N PRO B 265 -4.36 -36.83 -5.97
CA PRO B 265 -4.05 -35.56 -5.32
C PRO B 265 -5.05 -35.25 -4.22
N PRO B 266 -4.65 -34.46 -3.22
CA PRO B 266 -5.58 -34.08 -2.16
C PRO B 266 -6.70 -33.16 -2.64
N ALA B 267 -7.78 -33.16 -1.87
CA ALA B 267 -8.95 -32.36 -2.23
C ALA B 267 -8.67 -30.86 -2.13
N ALA B 268 -7.74 -30.47 -1.27
CA ALA B 268 -7.44 -29.05 -1.09
C ALA B 268 -6.81 -28.43 -2.33
N PHE B 269 -6.25 -29.23 -3.22
CA PHE B 269 -5.64 -28.70 -4.43
C PHE B 269 -6.70 -28.06 -5.31
N PRO B 270 -6.52 -26.83 -5.77
CA PRO B 270 -7.53 -26.19 -6.61
C PRO B 270 -7.42 -26.64 -8.06
N VAL B 271 -8.58 -26.76 -8.71
CA VAL B 271 -8.62 -27.09 -10.13
C VAL B 271 -7.96 -25.97 -10.91
N GLY B 272 -7.08 -26.34 -11.84
CA GLY B 272 -6.30 -25.37 -12.58
C GLY B 272 -4.87 -25.21 -12.09
N LEU B 273 -4.47 -25.95 -11.07
CA LEU B 273 -3.09 -25.93 -10.62
C LEU B 273 -2.19 -26.50 -11.71
N ILE B 274 -1.12 -25.78 -12.03
CA ILE B 274 -0.21 -26.15 -13.11
C ILE B 274 1.13 -26.49 -12.49
N SER B 275 1.76 -27.56 -13.01
CA SER B 275 3.09 -27.96 -12.58
C SER B 275 3.83 -28.51 -13.78
N VAL B 276 5.13 -28.73 -13.61
CA VAL B 276 5.97 -29.30 -14.66
C VAL B 276 6.71 -30.49 -14.10
N VAL B 277 6.61 -31.64 -14.78
CA VAL B 277 7.23 -32.88 -14.34
C VAL B 277 8.06 -33.43 -15.49
N THR B 278 8.77 -34.53 -15.20
CA THR B 278 9.47 -35.24 -16.25
C THR B 278 8.53 -36.18 -16.99
N GLU B 279 9.01 -36.70 -18.12
CA GLU B 279 8.18 -37.57 -18.94
C GLU B 279 7.80 -38.85 -18.20
N SER B 280 8.72 -39.38 -17.40
CA SER B 280 8.51 -40.64 -16.68
C SER B 280 7.47 -40.54 -15.57
N TRP B 281 6.74 -39.43 -15.42
CA TRP B 281 5.76 -39.32 -14.34
C TRP B 281 4.64 -40.34 -14.47
N ARG B 282 4.29 -40.71 -15.71
CA ARG B 282 3.21 -41.65 -15.96
C ARG B 282 3.68 -43.10 -16.03
N LEU B 283 4.98 -43.33 -15.98
CA LEU B 283 5.51 -44.69 -16.08
C LEU B 283 5.29 -45.45 -14.78
N SER B 284 5.41 -46.77 -14.87
CA SER B 284 5.28 -47.62 -13.70
C SER B 284 6.65 -47.84 -13.06
N LEU B 285 6.64 -48.50 -11.90
CA LEU B 285 7.89 -48.78 -11.20
C LEU B 285 8.77 -49.72 -12.02
N ARG B 286 8.17 -50.73 -12.66
CA ARG B 286 8.94 -51.66 -13.46
C ARG B 286 9.61 -50.97 -14.64
N GLN B 287 8.89 -50.07 -15.31
CA GLN B 287 9.47 -49.36 -16.43
C GLN B 287 10.63 -48.46 -16.00
N LYS B 288 10.48 -47.78 -14.85
CA LYS B 288 11.56 -46.96 -14.34
C LYS B 288 12.78 -47.80 -13.97
N VAL B 289 12.55 -48.97 -13.35
CA VAL B 289 13.65 -49.86 -13.03
C VAL B 289 14.36 -50.33 -14.29
N ARG B 290 13.58 -50.64 -15.33
CA ARG B 290 14.17 -51.04 -16.60
C ARG B 290 15.00 -49.90 -17.19
N ASP B 291 14.50 -48.67 -17.09
CA ASP B 291 15.25 -47.52 -17.62
C ASP B 291 16.56 -47.31 -16.88
N GLY B 292 16.53 -47.43 -15.55
CA GLY B 292 17.77 -47.29 -14.78
C GLY B 292 18.77 -48.39 -15.09
N VAL B 293 18.28 -49.63 -15.17
CA VAL B 293 19.16 -50.75 -15.53
C VAL B 293 19.75 -50.53 -16.91
N ALA B 294 18.94 -50.03 -17.85
CA ALA B 294 19.44 -49.75 -19.19
C ALA B 294 20.50 -48.65 -19.17
N ILE B 295 20.30 -47.62 -18.34
CA ILE B 295 21.29 -46.55 -18.24
C ILE B 295 22.63 -47.11 -17.75
N LEU B 296 22.59 -47.89 -16.67
CA LEU B 296 23.82 -48.47 -16.15
C LEU B 296 24.46 -49.42 -17.16
N ALA B 297 23.65 -50.23 -17.84
CA ALA B 297 24.18 -51.17 -18.81
C ALA B 297 24.84 -50.45 -19.98
N LEU B 298 24.21 -49.38 -20.47
CA LEU B 298 24.80 -48.63 -21.58
C LEU B 298 26.08 -47.93 -21.16
N GLY B 299 26.13 -47.41 -19.93
CA GLY B 299 27.37 -46.83 -19.45
C GLY B 299 28.48 -47.86 -19.38
N ALA B 300 28.18 -49.04 -18.85
CA ALA B 300 29.19 -50.09 -18.77
C ALA B 300 29.63 -50.54 -20.15
N HIS B 301 28.68 -50.64 -21.09
CA HIS B 301 29.01 -51.05 -22.45
C HIS B 301 29.91 -50.03 -23.13
N SER B 302 29.62 -48.73 -22.94
CA SER B 302 30.47 -47.69 -23.51
C SER B 302 31.87 -47.75 -22.91
N TYR B 303 31.96 -47.93 -21.59
CA TYR B 303 33.26 -48.07 -20.95
C TYR B 303 34.03 -49.26 -21.51
N ARG B 304 33.34 -50.39 -21.69
CA ARG B 304 34.00 -51.59 -22.23
C ARG B 304 34.47 -51.37 -23.65
N ARG B 305 33.64 -50.75 -24.49
CA ARG B 305 34.02 -50.53 -25.88
C ARG B 305 35.08 -49.46 -26.02
N GLN B 306 35.26 -48.60 -25.01
CA GLN B 306 36.33 -47.62 -25.07
C GLN B 306 37.65 -48.17 -24.56
N TYR B 307 37.66 -48.79 -23.38
CA TYR B 307 38.89 -49.30 -22.80
C TYR B 307 39.19 -50.75 -23.18
N GLY B 308 38.25 -51.46 -23.79
CA GLY B 308 38.48 -52.84 -24.12
C GLY B 308 38.41 -53.79 -22.95
N THR B 309 37.78 -53.40 -21.84
CA THR B 309 37.68 -54.25 -20.68
C THR B 309 36.44 -53.86 -19.88
N LEU B 310 35.96 -54.81 -19.07
CA LEU B 310 34.78 -54.61 -18.25
C LEU B 310 35.08 -53.64 -17.11
N PRO B 311 34.09 -52.85 -16.69
CA PRO B 311 34.31 -51.91 -15.59
C PRO B 311 34.67 -52.63 -14.30
N ALA B 312 35.52 -51.97 -13.52
CA ALA B 312 35.93 -52.53 -12.23
C ALA B 312 34.81 -52.37 -11.21
N PRO B 313 34.38 -53.44 -10.54
CA PRO B 313 33.35 -53.31 -9.51
C PRO B 313 33.87 -52.55 -8.29
N ALA B 314 32.92 -51.98 -7.56
CA ALA B 314 33.25 -51.19 -6.37
C ALA B 314 33.66 -52.11 -5.22
N GLY B 315 34.04 -51.50 -4.10
CA GLY B 315 34.45 -52.25 -2.94
C GLY B 315 33.42 -52.27 -1.83
N ASP B 316 33.82 -51.82 -0.65
CA ASP B 316 32.94 -51.78 0.51
C ASP B 316 33.44 -50.67 1.43
N CYS B 317 32.95 -50.67 2.68
CA CYS B 317 33.23 -49.57 3.59
C CYS B 317 34.69 -49.53 4.00
N ARG B 318 35.28 -50.69 4.30
CA ARG B 318 36.65 -50.70 4.79
C ARG B 318 37.60 -50.16 3.71
N SER B 319 38.66 -49.51 4.17
CA SER B 319 39.71 -48.97 3.29
C SER B 319 39.11 -47.99 2.26
N HIS B 320 38.64 -46.87 2.80
CA HIS B 320 38.05 -45.84 1.96
C HIS B 320 39.04 -45.40 0.89
N PRO B 321 38.61 -45.21 -0.35
CA PRO B 321 39.55 -44.89 -1.44
C PRO B 321 40.34 -43.62 -1.20
N GLY B 322 39.65 -42.50 -0.99
CA GLY B 322 40.29 -41.22 -0.86
C GLY B 322 40.23 -40.45 -2.17
N PRO B 323 41.36 -40.41 -2.88
CA PRO B 323 41.36 -39.79 -4.22
C PRO B 323 40.66 -40.70 -5.22
N VAL B 324 39.77 -40.11 -6.02
CA VAL B 324 38.99 -40.88 -6.99
C VAL B 324 39.94 -41.50 -8.00
N SER B 325 39.80 -42.81 -8.21
CA SER B 325 40.67 -43.51 -9.15
C SER B 325 40.41 -43.03 -10.57
N PRO B 326 41.43 -43.01 -11.42
CA PRO B 326 41.21 -42.59 -12.82
C PRO B 326 40.19 -43.44 -13.55
N ALA B 327 40.12 -44.75 -13.24
CA ALA B 327 39.10 -45.59 -13.84
C ALA B 327 37.70 -45.16 -13.41
N ARG B 328 37.53 -44.85 -12.13
CA ARG B 328 36.23 -44.39 -11.64
C ARG B 328 35.82 -43.09 -12.33
N GLU B 329 36.76 -42.17 -12.46
CA GLU B 329 36.49 -40.88 -13.09
C GLU B 329 36.21 -41.02 -14.58
N ALA B 330 36.64 -42.11 -15.21
CA ALA B 330 36.31 -42.40 -16.61
C ALA B 330 34.99 -43.14 -16.77
N PHE B 331 34.72 -44.12 -15.90
CA PHE B 331 33.43 -44.81 -15.93
C PHE B 331 32.30 -43.83 -15.65
N TYR B 332 32.51 -42.91 -14.70
CA TYR B 332 31.50 -41.92 -14.40
C TYR B 332 31.22 -41.02 -15.61
N ARG B 333 32.28 -40.55 -16.27
CA ARG B 333 32.08 -39.70 -17.45
C ARG B 333 31.38 -40.46 -18.56
N HIS B 334 31.73 -41.74 -18.75
CA HIS B 334 31.02 -42.53 -19.75
C HIS B 334 29.56 -42.70 -19.40
N LEU B 335 29.25 -42.86 -18.11
CA LEU B 335 27.87 -43.01 -17.68
C LEU B 335 27.09 -41.70 -17.84
N LEU B 336 27.79 -40.57 -17.82
CA LEU B 336 27.13 -39.27 -17.94
C LEU B 336 26.31 -39.14 -19.22
N ASN B 337 26.97 -39.19 -20.38
CA ASN B 337 26.31 -38.98 -21.67
C ASN B 337 25.82 -40.32 -22.20
N VAL B 338 24.55 -40.62 -21.95
CA VAL B 338 23.91 -41.86 -22.41
C VAL B 338 22.54 -41.52 -22.96
N THR B 339 22.22 -42.04 -24.14
CA THR B 339 20.92 -41.88 -24.77
C THR B 339 20.29 -43.26 -24.97
N TRP B 340 19.02 -43.39 -24.63
CA TRP B 340 18.33 -44.67 -24.75
C TRP B 340 16.91 -44.47 -25.22
N GLU B 341 16.52 -45.20 -26.27
CA GLU B 341 15.16 -45.22 -26.78
C GLU B 341 14.65 -43.80 -27.07
N GLY B 342 15.41 -43.08 -27.87
CA GLY B 342 15.02 -41.74 -28.27
C GLY B 342 15.29 -40.68 -27.23
N ARG B 343 14.69 -40.84 -26.05
CA ARG B 343 14.89 -39.88 -24.98
C ARG B 343 16.35 -39.87 -24.53
N ASP B 344 16.89 -38.67 -24.32
CA ASP B 344 18.28 -38.52 -23.92
C ASP B 344 18.36 -38.37 -22.40
N PHE B 345 19.33 -39.07 -21.81
CA PHE B 345 19.54 -39.08 -20.37
C PHE B 345 20.91 -38.51 -20.01
N SER B 346 21.34 -37.45 -20.67
CA SER B 346 22.60 -36.82 -20.34
C SER B 346 22.51 -36.21 -18.94
N PHE B 347 23.55 -36.43 -18.14
CA PHE B 347 23.57 -35.98 -16.75
C PHE B 347 24.50 -34.79 -16.61
N SER B 348 24.02 -33.75 -15.94
CA SER B 348 24.82 -32.57 -15.67
C SER B 348 25.93 -32.91 -14.67
N PRO B 349 26.99 -32.10 -14.61
CA PRO B 349 28.01 -32.33 -13.58
C PRO B 349 27.46 -32.31 -12.16
N GLY B 350 26.39 -31.56 -11.91
CA GLY B 350 25.77 -31.55 -10.60
C GLY B 350 25.10 -32.86 -10.22
N GLY B 351 24.76 -33.69 -11.20
CA GLY B 351 24.17 -34.99 -10.96
C GLY B 351 22.73 -35.13 -11.39
N TYR B 352 22.08 -34.05 -11.82
CA TYR B 352 20.70 -34.11 -12.26
C TYR B 352 20.67 -34.31 -13.78
N LEU B 353 19.48 -34.17 -14.37
CA LEU B 353 19.28 -34.39 -15.80
C LEU B 353 19.28 -33.06 -16.53
N VAL B 354 20.15 -32.93 -17.52
CA VAL B 354 20.20 -31.75 -18.37
C VAL B 354 19.39 -32.03 -19.63
N ARG B 355 18.71 -31.00 -20.13
CA ARG B 355 17.80 -31.01 -21.28
C ARG B 355 16.96 -32.29 -21.36
N PRO B 356 16.06 -32.53 -20.42
CA PRO B 356 15.12 -33.64 -20.54
C PRO B 356 13.82 -33.21 -21.20
N THR B 357 13.06 -34.21 -21.65
CA THR B 357 11.75 -33.96 -22.24
C THR B 357 10.73 -33.79 -21.11
N MET B 358 10.43 -32.54 -20.77
CA MET B 358 9.56 -32.21 -19.66
C MET B 358 8.14 -31.99 -20.15
N VAL B 359 7.17 -32.33 -19.30
CA VAL B 359 5.76 -32.20 -19.63
C VAL B 359 5.09 -31.31 -18.58
N VAL B 360 4.31 -30.34 -19.05
CA VAL B 360 3.58 -29.42 -18.20
C VAL B 360 2.18 -30.00 -18.00
N ILE B 361 1.86 -30.35 -16.76
CA ILE B 361 0.61 -31.01 -16.43
C ILE B 361 -0.23 -30.07 -15.56
N ALA B 362 -1.51 -30.37 -15.46
CA ALA B 362 -2.43 -29.54 -14.69
C ALA B 362 -3.57 -30.38 -14.15
N LEU B 363 -4.24 -29.84 -13.13
CA LEU B 363 -5.35 -30.51 -12.49
C LEU B 363 -6.64 -30.15 -13.21
N ASN B 364 -7.37 -31.14 -13.69
CA ASN B 364 -8.53 -30.90 -14.55
C ASN B 364 -9.80 -30.73 -13.72
N ARG B 365 -10.95 -30.70 -14.41
CA ARG B 365 -12.22 -30.54 -13.73
C ARG B 365 -12.53 -31.72 -12.81
N HIS B 366 -12.23 -32.93 -13.27
CA HIS B 366 -12.51 -34.14 -12.50
C HIS B 366 -11.42 -34.47 -11.49
N ARG B 367 -10.57 -33.50 -11.15
CA ARG B 367 -9.54 -33.67 -10.13
C ARG B 367 -8.60 -34.83 -10.46
N LEU B 368 -8.15 -34.88 -11.71
CA LEU B 368 -7.19 -35.87 -12.17
C LEU B 368 -6.05 -35.18 -12.90
N TRP B 369 -4.82 -35.55 -12.56
CA TRP B 369 -3.65 -34.94 -13.18
C TRP B 369 -3.51 -35.44 -14.61
N GLU B 370 -3.62 -34.55 -15.59
CA GLU B 370 -3.47 -34.91 -16.98
C GLU B 370 -2.49 -33.96 -17.67
N MET B 371 -1.81 -34.48 -18.68
CA MET B 371 -0.84 -33.69 -19.42
C MET B 371 -1.54 -32.59 -20.21
N VAL B 372 -0.94 -31.39 -20.20
CA VAL B 372 -1.46 -30.25 -20.94
C VAL B 372 -0.51 -29.82 -22.05
N GLY B 373 0.80 -29.86 -21.80
CA GLY B 373 1.75 -29.47 -22.82
C GLY B 373 3.05 -30.24 -22.67
N ARG B 374 3.90 -30.12 -23.69
CA ARG B 374 5.22 -30.72 -23.69
C ARG B 374 6.27 -29.65 -23.86
N TRP B 375 7.54 -30.05 -23.73
CA TRP B 375 8.67 -29.16 -23.90
C TRP B 375 9.65 -29.62 -24.96
N ASP B 376 9.91 -30.94 -25.04
CA ASP B 376 10.77 -31.53 -26.05
C ASP B 376 12.09 -30.80 -26.20
N HIS B 377 12.21 -29.96 -27.24
CA HIS B 377 13.44 -29.23 -27.52
C HIS B 377 13.13 -27.74 -27.63
N GLY B 378 13.08 -27.05 -26.49
CA GLY B 378 13.00 -25.60 -26.44
C GLY B 378 11.74 -24.99 -27.03
N VAL B 379 10.75 -25.83 -27.33
CA VAL B 379 9.53 -25.42 -28.01
C VAL B 379 8.32 -25.98 -27.27
N LEU B 380 7.34 -25.11 -27.00
CA LEU B 380 6.17 -25.48 -26.22
C LEU B 380 5.04 -25.97 -27.12
N TYR B 381 4.40 -27.05 -26.70
CA TYR B 381 3.28 -27.67 -27.42
C TYR B 381 2.08 -27.66 -26.48
N MET B 382 1.39 -26.53 -26.43
CA MET B 382 0.23 -26.40 -25.55
C MET B 382 -1.04 -26.79 -26.29
N LYS B 383 -1.87 -27.58 -25.62
CA LYS B 383 -3.11 -28.06 -26.22
C LYS B 383 -4.29 -27.12 -25.97
N TYR B 384 -4.09 -26.08 -25.18
CA TYR B 384 -5.11 -25.05 -24.97
C TYR B 384 -4.63 -23.73 -25.55
N PRO B 385 -5.17 -23.27 -26.68
CA PRO B 385 -4.79 -21.94 -27.18
C PRO B 385 -5.12 -20.83 -26.19
N VAL B 386 -6.22 -20.98 -25.45
CA VAL B 386 -6.60 -20.05 -24.39
C VAL B 386 -6.77 -20.85 -23.11
N TRP B 387 -6.18 -20.37 -22.02
CA TRP B 387 -6.23 -21.11 -20.77
C TRP B 387 -7.67 -21.14 -20.24
N PRO B 388 -8.22 -22.32 -19.96
CA PRO B 388 -9.60 -22.40 -19.48
C PRO B 388 -9.70 -22.16 -17.97
N ARG B 389 -10.87 -21.67 -17.57
CA ARG B 389 -11.20 -21.48 -16.17
C ARG B 389 -12.58 -22.09 -15.91
N TYR B 390 -12.74 -22.63 -14.71
CA TYR B 390 -13.91 -23.44 -14.38
C TYR B 390 -14.65 -22.88 -13.17
N SER B 391 -15.90 -23.32 -13.03
CA SER B 391 -16.81 -22.83 -11.99
C SER B 391 -16.39 -23.26 -10.59
N THR B 392 -15.30 -24.00 -10.48
CA THR B 392 -14.85 -24.48 -9.19
C THR B 392 -14.42 -23.31 -8.30
N SER B 393 -14.58 -23.50 -6.99
CA SER B 393 -14.23 -22.49 -5.99
C SER B 393 -14.96 -21.17 -6.25
N LEU B 394 -16.24 -21.26 -6.61
CA LEU B 394 -17.05 -20.07 -6.84
C LEU B 394 -18.20 -20.01 -5.84
N GLN B 395 -17.92 -20.33 -4.58
CA GLN B 395 -18.95 -20.29 -3.54
C GLN B 395 -19.60 -18.92 -3.36
N PRO B 396 -18.90 -17.78 -3.42
CA PRO B 396 -19.59 -16.50 -3.31
C PRO B 396 -19.99 -15.87 -4.64
N VAL B 397 -19.76 -16.56 -5.75
CA VAL B 397 -20.12 -16.11 -7.10
C VAL B 397 -19.27 -14.90 -7.51
N VAL B 398 -19.08 -13.96 -6.58
CA VAL B 398 -18.32 -12.74 -6.84
C VAL B 398 -16.87 -13.07 -7.18
N ASP B 399 -16.43 -14.28 -6.84
CA ASP B 399 -15.09 -14.72 -7.18
C ASP B 399 -14.90 -14.87 -8.68
N SER B 400 -15.98 -14.88 -9.46
CA SER B 400 -15.87 -14.97 -10.91
C SER B 400 -15.51 -13.61 -11.49
N ARG B 401 -14.38 -13.06 -11.03
CA ARG B 401 -13.93 -11.74 -11.47
C ARG B 401 -13.48 -11.77 -12.92
N HIS B 402 -13.35 -12.97 -13.49
CA HIS B 402 -12.96 -13.10 -14.88
C HIS B 402 -14.07 -12.61 -15.80
N LEU B 403 -13.68 -11.95 -16.89
CA LEU B 403 -14.59 -11.44 -17.89
C LEU B 403 -14.12 -11.83 -19.28
N THR B 404 -15.06 -11.92 -20.21
CA THR B 404 -14.74 -12.11 -21.62
C THR B 404 -15.26 -10.90 -22.39
N VAL B 405 -14.37 -10.20 -23.07
CA VAL B 405 -14.66 -8.90 -23.68
C VAL B 405 -14.70 -9.06 -25.19
N ALA B 406 -15.90 -9.01 -25.76
CA ALA B 406 -16.04 -8.95 -27.21
C ALA B 406 -15.58 -7.59 -27.72
N THR B 407 -15.03 -7.58 -28.92
CA THR B 407 -14.51 -6.32 -29.47
C THR B 407 -14.46 -6.42 -30.98
N LEU B 408 -14.54 -5.26 -31.65
CA LEU B 408 -14.32 -5.14 -33.08
C LEU B 408 -13.05 -4.39 -33.41
N GLU B 409 -12.90 -4.09 -34.70
CA GLU B 409 -11.76 -3.34 -35.22
C GLU B 409 -12.28 -2.07 -35.89
N GLU B 410 -11.92 -0.92 -35.32
CA GLU B 410 -12.06 0.34 -36.03
C GLU B 410 -10.76 1.12 -35.88
N ARG B 411 -10.28 1.66 -37.01
CA ARG B 411 -8.96 2.24 -37.14
C ARG B 411 -8.59 3.22 -36.01
N PRO B 412 -9.47 4.15 -35.63
CA PRO B 412 -9.08 5.07 -34.56
C PRO B 412 -9.07 4.43 -33.18
N PHE B 413 -10.01 3.52 -32.89
CA PHE B 413 -10.23 3.07 -31.52
C PHE B 413 -9.55 1.74 -31.23
N VAL B 414 -9.81 0.71 -32.03
CA VAL B 414 -9.24 -0.62 -31.82
C VAL B 414 -8.58 -1.09 -33.10
N ILE B 415 -7.29 -1.36 -33.05
CA ILE B 415 -6.52 -1.85 -34.20
C ILE B 415 -5.76 -3.10 -33.80
N VAL B 416 -5.81 -4.12 -34.67
CA VAL B 416 -5.10 -5.36 -34.43
C VAL B 416 -3.87 -5.39 -35.32
N GLU B 417 -2.96 -6.30 -34.98
CA GLU B 417 -1.74 -6.49 -35.75
C GLU B 417 -1.20 -7.89 -35.47
N SER B 418 -0.30 -8.32 -36.34
CA SER B 418 0.36 -9.60 -36.15
C SER B 418 1.34 -9.53 -34.99
N PRO B 419 1.58 -10.65 -34.31
CA PRO B 419 2.55 -10.64 -33.21
C PRO B 419 3.94 -10.23 -33.69
N ASP B 420 4.67 -9.55 -32.81
CA ASP B 420 6.00 -9.08 -33.15
C ASP B 420 6.93 -10.26 -33.38
N PRO B 421 7.59 -10.35 -34.54
CA PRO B 421 8.39 -11.55 -34.84
C PRO B 421 9.66 -11.65 -34.01
N GLY B 422 10.19 -10.53 -33.52
CA GLY B 422 11.48 -10.57 -32.85
C GLY B 422 11.46 -11.37 -31.57
N THR B 423 10.45 -11.15 -30.72
CA THR B 423 10.35 -11.80 -29.43
C THR B 423 9.00 -12.48 -29.25
N GLY B 424 8.29 -12.72 -30.34
CA GLY B 424 6.95 -13.28 -30.22
C GLY B 424 6.03 -12.34 -29.49
N GLY B 425 4.94 -12.89 -28.95
CA GLY B 425 4.04 -12.15 -28.11
C GLY B 425 3.52 -10.86 -28.72
N CYS B 426 3.62 -9.76 -27.99
CA CYS B 426 3.25 -8.46 -28.50
C CYS B 426 4.24 -7.42 -28.00
N VAL B 427 4.05 -6.18 -28.45
CA VAL B 427 4.86 -5.02 -28.10
C VAL B 427 4.30 -4.54 -26.76
N PRO B 428 5.04 -3.80 -25.92
CA PRO B 428 4.42 -3.31 -24.68
C PRO B 428 3.27 -2.36 -25.00
N ASN B 429 2.29 -2.34 -24.10
CA ASN B 429 1.05 -1.60 -24.30
C ASN B 429 0.29 -2.13 -25.52
N THR B 430 0.09 -3.45 -25.54
CA THR B 430 -0.68 -4.10 -26.60
C THR B 430 -1.26 -5.39 -26.03
N VAL B 431 -2.57 -5.41 -25.83
CA VAL B 431 -3.22 -6.57 -25.19
C VAL B 431 -3.34 -7.70 -26.21
N PRO B 432 -3.05 -8.95 -25.83
CA PRO B 432 -3.27 -10.07 -26.77
C PRO B 432 -4.76 -10.33 -26.93
N CYS B 433 -5.23 -10.36 -28.18
CA CYS B 433 -6.62 -10.63 -28.50
C CYS B 433 -6.70 -11.81 -29.45
N ARG B 434 -7.57 -12.77 -29.13
CA ARG B 434 -7.75 -13.95 -29.95
C ARG B 434 -8.98 -13.79 -30.82
N ARG B 435 -8.81 -13.96 -32.12
CA ARG B 435 -9.94 -13.89 -33.03
C ARG B 435 -10.90 -15.04 -32.75
N GLN B 436 -12.20 -14.77 -32.90
CA GLN B 436 -13.22 -15.75 -32.55
C GLN B 436 -13.09 -17.01 -33.38
N SER B 437 -12.68 -18.10 -32.74
CA SER B 437 -12.47 -19.40 -33.40
C SER B 437 -11.49 -19.23 -34.55
N ASN B 438 -11.51 -20.16 -35.49
CA ASN B 438 -10.67 -20.13 -36.69
C ASN B 438 -11.55 -20.28 -37.93
N HIS B 439 -12.59 -19.44 -37.97
CA HIS B 439 -13.69 -19.48 -38.93
C HIS B 439 -13.28 -19.71 -40.37
N THR B 440 -12.06 -19.29 -40.74
CA THR B 440 -11.61 -19.39 -42.13
C THR B 440 -11.76 -20.82 -42.66
N PHE B 441 -11.48 -21.80 -41.81
CA PHE B 441 -11.80 -23.20 -42.10
C PHE B 441 -12.54 -23.87 -40.96
N SER B 442 -12.27 -23.47 -39.72
CA SER B 442 -13.00 -23.99 -38.55
C SER B 442 -14.09 -23.00 -38.16
N SER B 443 -15.19 -23.02 -38.92
CA SER B 443 -16.30 -22.16 -38.56
C SER B 443 -17.25 -22.96 -37.70
N GLY B 444 -16.71 -23.93 -36.97
CA GLY B 444 -17.54 -24.79 -36.15
C GLY B 444 -17.26 -24.73 -34.66
N ASP B 445 -17.78 -25.70 -33.92
CA ASP B 445 -17.61 -25.71 -32.46
C ASP B 445 -16.15 -25.71 -32.04
N LEU B 446 -15.27 -26.18 -32.92
CA LEU B 446 -13.84 -26.19 -32.64
C LEU B 446 -13.43 -24.94 -31.88
N THR B 447 -12.84 -25.14 -30.71
CA THR B 447 -12.45 -24.02 -29.88
C THR B 447 -11.15 -23.31 -30.28
N PRO B 448 -10.16 -24.04 -30.85
CA PRO B 448 -8.92 -23.31 -31.10
C PRO B 448 -9.06 -21.94 -31.76
N TYR B 449 -8.28 -20.98 -31.27
CA TYR B 449 -8.33 -19.58 -31.65
C TYR B 449 -7.09 -19.21 -32.47
N THR B 450 -6.97 -17.93 -32.81
CA THR B 450 -5.80 -17.42 -33.51
C THR B 450 -5.41 -16.08 -32.88
N LYS B 451 -4.15 -15.96 -32.49
CA LYS B 451 -3.71 -14.82 -31.69
C LYS B 451 -3.33 -13.63 -32.54
N LEU B 452 -3.67 -12.44 -32.06
CA LEU B 452 -3.27 -11.16 -32.64
C LEU B 452 -3.01 -10.21 -31.47
N CYS B 453 -2.52 -9.01 -31.78
CA CYS B 453 -2.21 -8.03 -30.75
C CYS B 453 -3.04 -6.77 -31.01
N CYS B 454 -3.79 -6.35 -29.99
CA CYS B 454 -4.77 -5.28 -30.10
C CYS B 454 -4.30 -4.05 -29.32
N LYS B 455 -4.53 -2.88 -29.88
CA LYS B 455 -4.16 -1.64 -29.21
C LYS B 455 -5.09 -0.53 -29.67
N GLY B 456 -5.07 0.59 -28.95
CA GLY B 456 -5.80 1.76 -29.35
C GLY B 456 -6.43 2.46 -28.16
N PHE B 457 -7.35 3.38 -28.46
CA PHE B 457 -8.01 4.17 -27.41
C PHE B 457 -8.87 3.28 -26.52
N CYS B 458 -9.75 2.49 -27.12
CA CYS B 458 -10.65 1.66 -26.33
C CYS B 458 -9.89 0.60 -25.54
N ILE B 459 -8.79 0.10 -26.10
CA ILE B 459 -7.98 -0.88 -25.37
C ILE B 459 -7.33 -0.21 -24.16
N ASP B 460 -6.87 1.03 -24.30
CA ASP B 460 -6.34 1.75 -23.15
C ASP B 460 -7.40 1.97 -22.08
N ILE B 461 -8.63 2.32 -22.51
CA ILE B 461 -9.72 2.49 -21.55
C ILE B 461 -10.00 1.18 -20.83
N LEU B 462 -10.02 0.07 -21.56
CA LEU B 462 -10.28 -1.23 -20.94
C LEU B 462 -9.16 -1.61 -19.98
N LYS B 463 -7.91 -1.31 -20.33
CA LYS B 463 -6.79 -1.59 -19.45
C LYS B 463 -6.90 -0.80 -18.15
N LYS B 464 -7.24 0.48 -18.26
CA LYS B 464 -7.39 1.31 -17.06
C LYS B 464 -8.56 0.82 -16.21
N LEU B 465 -9.65 0.40 -16.86
CA LEU B 465 -10.79 -0.13 -16.11
C LEU B 465 -10.43 -1.40 -15.36
N ALA B 466 -9.70 -2.31 -16.01
CA ALA B 466 -9.28 -3.53 -15.33
C ALA B 466 -8.30 -3.24 -14.21
N LYS B 467 -7.48 -2.20 -14.37
CA LYS B 467 -6.55 -1.82 -13.30
C LYS B 467 -7.29 -1.23 -12.11
N VAL B 468 -8.35 -0.48 -12.35
CA VAL B 468 -9.06 0.19 -11.25
C VAL B 468 -10.01 -0.77 -10.55
N VAL B 469 -10.92 -1.39 -11.31
CA VAL B 469 -11.91 -2.30 -10.73
C VAL B 469 -11.30 -3.63 -10.30
N LYS B 470 -10.04 -3.89 -10.68
CA LYS B 470 -9.32 -5.10 -10.26
C LYS B 470 -10.02 -6.37 -10.76
N PHE B 471 -10.09 -6.51 -12.09
CA PHE B 471 -10.62 -7.72 -12.70
C PHE B 471 -9.71 -8.13 -13.86
N SER B 472 -9.88 -9.38 -14.29
CA SER B 472 -9.15 -9.93 -15.43
C SER B 472 -10.10 -10.10 -16.61
N TYR B 473 -9.53 -10.12 -17.81
CA TYR B 473 -10.33 -10.16 -19.02
C TYR B 473 -9.65 -11.00 -20.09
N ASP B 474 -10.47 -11.63 -20.92
CA ASP B 474 -10.05 -12.28 -22.16
C ASP B 474 -10.66 -11.49 -23.30
N LEU B 475 -9.82 -10.70 -23.98
CA LEU B 475 -10.27 -9.91 -25.10
C LEU B 475 -10.36 -10.79 -26.34
N TYR B 476 -11.49 -10.72 -27.06
CA TYR B 476 -11.60 -11.49 -28.29
C TYR B 476 -12.46 -10.74 -29.30
N LEU B 477 -12.12 -10.91 -30.57
CA LEU B 477 -12.79 -10.21 -31.65
C LEU B 477 -14.09 -10.93 -32.01
N VAL B 478 -14.91 -10.25 -32.82
CA VAL B 478 -16.22 -10.74 -33.21
C VAL B 478 -16.21 -11.03 -34.70
N THR B 479 -16.82 -12.15 -35.08
CA THR B 479 -16.90 -12.55 -36.48
C THR B 479 -18.31 -12.49 -37.06
N ASN B 480 -19.34 -12.72 -36.25
CA ASN B 480 -20.73 -12.68 -36.71
C ASN B 480 -21.24 -11.26 -36.59
N GLY B 481 -21.44 -10.60 -37.72
CA GLY B 481 -21.89 -9.22 -37.73
C GLY B 481 -20.77 -8.29 -37.32
N LYS B 482 -21.09 -7.00 -37.25
CA LYS B 482 -20.13 -6.01 -36.80
C LYS B 482 -20.51 -5.39 -35.47
N HIS B 483 -21.62 -4.67 -35.40
CA HIS B 483 -21.96 -3.98 -34.16
C HIS B 483 -23.29 -4.39 -33.58
N GLY B 484 -24.18 -4.96 -34.38
CA GLY B 484 -25.46 -5.39 -33.88
C GLY B 484 -26.60 -4.88 -34.73
N LYS B 485 -27.44 -5.79 -35.22
CA LYS B 485 -28.58 -5.41 -36.03
C LYS B 485 -29.61 -6.52 -35.94
N ARG B 486 -30.81 -6.19 -35.48
CA ARG B 486 -31.85 -7.19 -35.32
C ARG B 486 -32.27 -7.73 -36.68
N VAL B 487 -31.81 -8.93 -37.01
CA VAL B 487 -32.17 -9.60 -38.25
C VAL B 487 -32.98 -10.84 -37.91
N ARG B 488 -34.18 -10.94 -38.46
CA ARG B 488 -35.09 -12.06 -38.24
C ARG B 488 -35.25 -12.42 -36.78
N GLY B 489 -35.20 -11.42 -35.89
CA GLY B 489 -35.46 -11.62 -34.48
C GLY B 489 -34.24 -11.93 -33.63
N VAL B 490 -33.07 -12.08 -34.22
CA VAL B 490 -31.86 -12.37 -33.46
C VAL B 490 -30.89 -11.20 -33.58
N TRP B 491 -29.94 -11.15 -32.65
CA TRP B 491 -28.95 -10.08 -32.59
C TRP B 491 -27.57 -10.64 -32.91
N ASN B 492 -26.84 -9.95 -33.77
CA ASN B 492 -25.47 -10.30 -34.12
C ASN B 492 -24.51 -9.26 -33.55
N GLY B 493 -23.23 -9.38 -33.89
CA GLY B 493 -22.25 -8.41 -33.45
C GLY B 493 -21.97 -8.48 -31.96
N MET B 494 -21.37 -7.41 -31.46
CA MET B 494 -21.06 -7.33 -30.03
C MET B 494 -22.33 -7.33 -29.19
N ILE B 495 -23.37 -6.63 -29.65
CA ILE B 495 -24.64 -6.65 -28.95
C ILE B 495 -25.20 -8.05 -28.91
N GLY B 496 -25.09 -8.79 -30.01
CA GLY B 496 -25.52 -10.17 -30.02
C GLY B 496 -24.73 -11.04 -29.06
N GLU B 497 -23.41 -10.84 -29.01
CA GLU B 497 -22.58 -11.63 -28.10
C GLU B 497 -22.94 -11.38 -26.65
N VAL B 498 -23.15 -10.11 -26.29
CA VAL B 498 -23.47 -9.78 -24.90
C VAL B 498 -24.88 -10.24 -24.55
N TYR B 499 -25.84 -10.03 -25.46
CA TYR B 499 -27.23 -10.38 -25.19
C TYR B 499 -27.44 -11.88 -25.07
N TYR B 500 -26.55 -12.70 -25.62
CA TYR B 500 -26.67 -14.14 -25.57
C TYR B 500 -25.68 -14.79 -24.61
N LYS B 501 -25.22 -14.03 -23.62
CA LYS B 501 -24.37 -14.53 -22.53
C LYS B 501 -23.04 -15.12 -23.02
N ARG B 502 -22.64 -14.82 -24.26
CA ARG B 502 -21.35 -15.28 -24.74
C ARG B 502 -20.22 -14.37 -24.29
N ALA B 503 -20.52 -13.16 -23.82
CA ALA B 503 -19.51 -12.23 -23.37
C ALA B 503 -20.09 -11.39 -22.23
N ASP B 504 -19.29 -11.19 -21.18
CA ASP B 504 -19.78 -10.44 -20.03
C ASP B 504 -19.85 -8.94 -20.32
N MET B 505 -19.00 -8.44 -21.21
CA MET B 505 -19.09 -7.06 -21.64
C MET B 505 -18.48 -6.91 -23.02
N ALA B 506 -18.88 -5.86 -23.74
CA ALA B 506 -18.35 -5.56 -25.06
C ALA B 506 -17.91 -4.11 -25.07
N ILE B 507 -16.67 -3.87 -25.49
CA ILE B 507 -16.12 -2.52 -25.56
C ILE B 507 -15.59 -2.30 -26.98
N GLY B 508 -15.63 -1.06 -27.41
CA GLY B 508 -15.20 -0.72 -28.72
C GLY B 508 -15.96 0.52 -29.18
N SER B 509 -16.24 0.57 -30.47
CA SER B 509 -17.00 1.68 -30.98
C SER B 509 -18.46 1.28 -31.06
N LEU B 510 -19.08 1.29 -29.90
CA LEU B 510 -20.43 0.85 -29.71
C LEU B 510 -21.27 2.06 -29.34
N THR B 511 -22.23 2.40 -30.19
CA THR B 511 -23.05 3.59 -30.01
C THR B 511 -24.25 3.28 -29.13
N ILE B 512 -24.57 4.21 -28.26
CA ILE B 512 -25.71 4.07 -27.34
C ILE B 512 -26.96 4.59 -28.04
N ASN B 513 -27.99 3.75 -28.10
CA ASN B 513 -29.27 4.17 -28.64
C ASN B 513 -30.37 3.36 -27.96
N GLU B 514 -31.62 3.74 -28.24
CA GLU B 514 -32.74 3.22 -27.47
C GLU B 514 -32.95 1.74 -27.68
N GLU B 515 -32.80 1.26 -28.92
CA GLU B 515 -33.10 -0.14 -29.21
C GLU B 515 -32.15 -1.06 -28.46
N ARG B 516 -30.88 -0.66 -28.32
CA ARG B 516 -29.92 -1.50 -27.63
C ARG B 516 -30.08 -1.43 -26.12
N SER B 517 -30.44 -0.25 -25.58
CA SER B 517 -30.58 -0.13 -24.13
C SER B 517 -31.70 -1.01 -23.59
N GLU B 518 -32.68 -1.35 -24.43
CA GLU B 518 -33.83 -2.11 -23.96
C GLU B 518 -33.49 -3.58 -23.70
N ILE B 519 -32.46 -4.10 -24.36
CA ILE B 519 -32.09 -5.50 -24.22
C ILE B 519 -30.81 -5.69 -23.42
N ILE B 520 -29.96 -4.68 -23.31
CA ILE B 520 -28.70 -4.73 -22.57
C ILE B 520 -28.47 -3.38 -21.92
N ASP B 521 -27.62 -3.37 -20.90
CA ASP B 521 -27.37 -2.17 -20.10
C ASP B 521 -26.03 -1.58 -20.48
N PHE B 522 -26.03 -0.31 -20.88
CA PHE B 522 -24.82 0.40 -21.24
C PHE B 522 -24.17 1.00 -20.00
N SER B 523 -23.10 1.76 -20.22
CA SER B 523 -22.41 2.49 -19.17
C SER B 523 -22.42 3.98 -19.51
N VAL B 524 -21.84 4.78 -18.63
CA VAL B 524 -21.74 6.22 -18.91
C VAL B 524 -20.88 6.43 -20.14
N PRO B 525 -21.32 7.21 -21.13
CA PRO B 525 -20.51 7.41 -22.33
C PRO B 525 -19.18 8.06 -22.00
N PHE B 526 -18.11 7.54 -22.60
CA PHE B 526 -16.77 8.07 -22.36
C PHE B 526 -16.21 8.84 -23.55
N VAL B 527 -16.91 8.86 -24.69
CA VAL B 527 -16.55 9.73 -25.80
C VAL B 527 -17.81 10.05 -26.59
N GLU B 528 -18.08 11.33 -26.78
CA GLU B 528 -19.32 11.78 -27.41
C GLU B 528 -19.22 11.73 -28.92
N THR B 529 -20.24 11.15 -29.55
CA THR B 529 -20.30 10.99 -31.00
C THR B 529 -21.68 11.38 -31.48
N GLY B 530 -21.96 11.07 -32.73
CA GLY B 530 -23.24 11.39 -33.34
C GLY B 530 -23.23 11.01 -34.79
N ILE B 531 -24.18 11.56 -35.53
CA ILE B 531 -24.27 11.36 -36.98
C ILE B 531 -23.74 12.62 -37.65
N SER B 532 -22.77 12.44 -38.55
CA SER B 532 -22.12 13.57 -39.21
C SER B 532 -21.90 13.24 -40.68
N VAL B 533 -21.78 14.30 -41.48
CA VAL B 533 -21.69 14.20 -42.93
C VAL B 533 -20.36 14.80 -43.39
N MET B 534 -19.69 14.07 -44.28
CA MET B 534 -18.38 14.45 -44.80
C MET B 534 -18.47 14.70 -46.29
N VAL B 535 -17.81 15.77 -46.74
CA VAL B 535 -17.81 16.18 -48.14
C VAL B 535 -16.38 16.48 -48.56
N SER B 536 -16.22 16.83 -49.84
CA SER B 536 -14.93 17.17 -50.41
C SER B 536 -14.83 18.68 -50.56
N ARG B 537 -13.84 19.27 -49.90
CA ARG B 537 -13.64 20.72 -49.97
C ARG B 537 -12.91 21.16 -51.23
N SER B 538 -12.28 20.23 -51.94
CA SER B 538 -11.55 20.55 -53.15
C SER B 538 -12.47 21.11 -54.23
N ASP B 658 -20.66 26.00 -47.51
CA ASP B 658 -21.14 24.63 -47.40
C ASP B 658 -22.11 24.31 -48.53
N THR B 659 -22.47 23.04 -48.66
CA THR B 659 -23.42 22.59 -49.67
C THR B 659 -24.77 22.20 -49.07
N VAL B 660 -24.77 21.62 -47.87
CA VAL B 660 -25.99 21.17 -47.23
C VAL B 660 -26.08 21.81 -45.85
N SER B 661 -27.27 21.72 -45.26
CA SER B 661 -27.53 22.24 -43.93
C SER B 661 -27.98 21.12 -42.99
N GLY B 662 -27.36 19.96 -43.10
CA GLY B 662 -27.72 18.83 -42.28
C GLY B 662 -28.87 18.04 -42.86
N LEU B 663 -29.32 17.07 -42.06
CA LEU B 663 -30.40 16.18 -42.49
C LEU B 663 -31.71 16.91 -42.75
N SER B 664 -31.87 18.11 -42.20
CA SER B 664 -33.07 18.89 -42.45
C SER B 664 -33.06 19.58 -43.81
N ASP B 665 -31.94 19.55 -44.52
CA ASP B 665 -31.84 20.21 -45.81
C ASP B 665 -32.79 19.57 -46.82
N LYS B 666 -33.39 20.41 -47.67
CA LYS B 666 -34.23 19.90 -48.74
C LYS B 666 -33.43 19.04 -49.72
N LYS B 667 -32.14 19.33 -49.86
CA LYS B 667 -31.28 18.52 -50.72
C LYS B 667 -31.24 17.08 -50.24
N PHE B 668 -31.11 16.87 -48.92
CA PHE B 668 -31.10 15.52 -48.38
C PHE B 668 -32.50 14.91 -48.41
N GLN B 669 -33.51 15.69 -48.04
CA GLN B 669 -34.87 15.17 -47.95
C GLN B 669 -35.42 14.79 -49.33
N ARG B 670 -35.31 15.70 -50.29
CA ARG B 670 -35.83 15.51 -51.64
C ARG B 670 -34.71 15.75 -52.63
N PRO B 671 -33.87 14.76 -52.91
CA PRO B 671 -32.72 14.96 -53.79
C PRO B 671 -32.99 14.75 -55.28
N GLN B 672 -34.10 14.13 -55.65
CA GLN B 672 -34.34 13.79 -57.06
C GLN B 672 -35.04 14.92 -57.81
N ASP B 673 -34.52 16.13 -57.67
CA ASP B 673 -35.00 17.28 -58.44
C ASP B 673 -33.87 18.07 -59.06
N GLN B 674 -32.75 18.22 -58.37
CA GLN B 674 -31.68 19.13 -58.77
C GLN B 674 -30.66 18.40 -59.62
N TYR B 675 -30.49 18.87 -60.88
CA TYR B 675 -29.47 18.46 -61.84
C TYR B 675 -29.25 16.93 -61.77
N PRO B 676 -28.06 16.37 -61.98
CA PRO B 676 -27.85 14.96 -61.61
C PRO B 676 -28.12 14.71 -60.14
N PRO B 677 -28.63 13.53 -59.80
CA PRO B 677 -28.97 13.25 -58.40
C PRO B 677 -27.74 13.27 -57.49
N PHE B 678 -27.97 13.61 -56.23
CA PHE B 678 -26.93 13.60 -55.21
C PHE B 678 -26.61 12.15 -54.82
N ARG B 679 -25.51 11.98 -54.08
CA ARG B 679 -25.05 10.67 -53.66
C ARG B 679 -24.88 10.66 -52.15
N PHE B 680 -25.57 9.74 -51.48
CA PHE B 680 -25.51 9.60 -50.03
C PHE B 680 -24.80 8.30 -49.70
N GLY B 681 -23.73 8.39 -48.92
CA GLY B 681 -22.92 7.23 -48.57
C GLY B 681 -23.05 6.90 -47.08
N THR B 682 -23.09 5.60 -46.78
CA THR B 682 -23.08 5.13 -45.41
C THR B 682 -22.64 3.67 -45.40
N VAL B 683 -22.23 3.21 -44.24
CA VAL B 683 -21.89 1.80 -44.02
C VAL B 683 -23.12 1.13 -43.40
N PRO B 684 -23.68 0.11 -44.04
CA PRO B 684 -24.93 -0.47 -43.53
C PRO B 684 -24.72 -1.34 -42.30
N ASN B 685 -25.81 -1.92 -41.79
CA ASN B 685 -25.77 -2.84 -40.66
C ASN B 685 -25.16 -2.21 -39.42
N GLY B 686 -25.49 -0.94 -39.19
CA GLY B 686 -24.94 -0.26 -38.03
C GLY B 686 -25.99 0.50 -37.24
N SER B 687 -25.64 1.72 -36.83
CA SER B 687 -26.54 2.57 -36.05
C SER B 687 -27.06 3.75 -36.83
N THR B 688 -26.25 4.34 -37.72
CA THR B 688 -26.73 5.45 -38.54
C THR B 688 -27.83 5.00 -39.49
N GLU B 689 -27.68 3.82 -40.10
CA GLU B 689 -28.70 3.32 -41.00
C GLU B 689 -30.00 3.07 -40.24
N ARG B 690 -29.91 2.54 -39.02
CA ARG B 690 -31.12 2.34 -38.23
C ARG B 690 -31.80 3.66 -37.90
N ASN B 691 -31.02 4.68 -37.54
CA ASN B 691 -31.58 6.00 -37.27
C ASN B 691 -32.29 6.56 -38.49
N ILE B 692 -31.65 6.46 -39.65
CA ILE B 692 -32.22 7.00 -40.88
C ILE B 692 -33.47 6.24 -41.27
N ARG B 693 -33.46 4.91 -41.11
CA ARG B 693 -34.65 4.12 -41.41
C ARG B 693 -35.80 4.47 -40.49
N SER B 694 -35.52 4.70 -39.21
CA SER B 694 -36.56 5.03 -38.25
C SER B 694 -37.09 6.44 -38.42
N ASN B 695 -36.29 7.36 -38.96
CA ASN B 695 -36.71 8.75 -39.06
C ASN B 695 -37.19 9.14 -40.45
N TYR B 696 -36.43 8.82 -41.50
CA TYR B 696 -36.69 9.30 -42.86
C TYR B 696 -36.81 8.11 -43.80
N ARG B 697 -38.04 7.79 -44.21
CA ARG B 697 -38.26 6.64 -45.08
C ARG B 697 -37.73 6.91 -46.49
N ASP B 698 -38.07 8.07 -47.06
CA ASP B 698 -37.62 8.39 -48.41
C ASP B 698 -36.10 8.51 -48.48
N MET B 699 -35.49 9.12 -47.47
CA MET B 699 -34.05 9.22 -47.42
C MET B 699 -33.40 7.85 -47.44
N HIS B 700 -33.90 6.92 -46.61
CA HIS B 700 -33.31 5.59 -46.56
C HIS B 700 -33.52 4.82 -47.85
N THR B 701 -34.70 4.97 -48.48
CA THR B 701 -34.95 4.28 -49.74
C THR B 701 -34.01 4.79 -50.83
N HIS B 702 -33.73 6.10 -50.83
CA HIS B 702 -32.75 6.62 -51.78
C HIS B 702 -31.33 6.21 -51.40
N MET B 703 -31.06 6.05 -50.10
CA MET B 703 -29.70 5.82 -49.64
C MET B 703 -29.26 4.38 -49.89
N VAL B 704 -30.19 3.42 -49.79
CA VAL B 704 -29.82 2.02 -49.93
C VAL B 704 -29.25 1.74 -51.32
N LYS B 705 -29.64 2.53 -52.32
CA LYS B 705 -29.17 2.30 -53.68
C LYS B 705 -27.65 2.41 -53.78
N PHE B 706 -27.08 3.46 -53.17
CA PHE B 706 -25.65 3.69 -53.25
C PHE B 706 -24.88 2.91 -52.18
N ASN B 707 -25.37 2.94 -50.93
CA ASN B 707 -24.88 2.08 -49.87
C ASN B 707 -23.37 2.21 -49.66
N GLN B 708 -22.63 1.20 -50.13
CA GLN B 708 -21.19 1.07 -49.98
C GLN B 708 -20.83 0.60 -48.57
N ARG B 709 -19.65 -0.01 -48.42
CA ARG B 709 -19.18 -0.51 -47.14
C ARG B 709 -17.71 -0.13 -46.99
N SER B 710 -17.08 -0.62 -45.92
CA SER B 710 -15.64 -0.48 -45.76
C SER B 710 -15.22 0.99 -45.75
N VAL B 711 -15.53 1.71 -44.67
CA VAL B 711 -15.45 3.17 -44.58
C VAL B 711 -14.22 3.75 -45.28
N GLU B 712 -13.11 3.01 -45.29
CA GLU B 712 -11.96 3.45 -46.07
C GLU B 712 -12.30 3.49 -47.56
N ASP B 713 -12.99 2.46 -48.06
CA ASP B 713 -13.43 2.47 -49.45
C ASP B 713 -14.42 3.61 -49.71
N ALA B 714 -15.28 3.90 -48.74
CA ALA B 714 -16.23 5.00 -48.91
C ALA B 714 -15.52 6.34 -48.99
N LEU B 715 -14.53 6.57 -48.12
CA LEU B 715 -13.75 7.81 -48.21
C LEU B 715 -13.00 7.89 -49.53
N THR B 716 -12.43 6.77 -49.98
CA THR B 716 -11.76 6.76 -51.27
C THR B 716 -12.72 7.15 -52.38
N SER B 717 -13.91 6.54 -52.41
CA SER B 717 -14.89 6.84 -53.44
C SER B 717 -15.32 8.30 -53.37
N LEU B 718 -15.49 8.84 -52.16
CA LEU B 718 -15.87 10.23 -52.01
C LEU B 718 -14.80 11.15 -52.58
N LYS B 719 -13.53 10.85 -52.32
CA LYS B 719 -12.47 11.71 -52.84
C LYS B 719 -12.36 11.60 -54.36
N MET B 720 -12.45 10.38 -54.90
CA MET B 720 -12.31 10.22 -56.34
C MET B 720 -13.48 10.83 -57.08
N GLY B 721 -14.70 10.70 -56.53
CA GLY B 721 -15.85 11.33 -57.13
C GLY B 721 -17.04 10.41 -57.34
N LYS B 722 -16.97 9.21 -56.76
CA LYS B 722 -18.06 8.26 -56.90
C LYS B 722 -19.28 8.63 -56.04
N LEU B 723 -19.10 9.41 -54.99
CA LEU B 723 -20.24 9.91 -54.22
C LEU B 723 -19.90 11.28 -53.66
N ASP B 724 -20.94 12.01 -53.26
CA ASP B 724 -20.83 13.41 -52.87
C ASP B 724 -20.72 13.63 -51.38
N ALA B 725 -21.57 12.98 -50.58
CA ALA B 725 -21.58 13.15 -49.14
C ALA B 725 -21.64 11.80 -48.45
N PHE B 726 -20.91 11.66 -47.36
CA PHE B 726 -20.79 10.40 -46.63
C PHE B 726 -21.31 10.61 -45.21
N ILE B 727 -22.34 9.85 -44.82
CA ILE B 727 -23.02 10.01 -43.55
C ILE B 727 -22.61 8.86 -42.64
N TYR B 728 -22.01 9.18 -41.50
CA TYR B 728 -21.45 8.13 -40.65
C TYR B 728 -21.31 8.65 -39.22
N ASP B 729 -20.63 7.87 -38.39
CA ASP B 729 -20.39 8.24 -37.00
C ASP B 729 -19.54 9.50 -36.94
N ALA B 730 -19.81 10.34 -35.94
CA ALA B 730 -19.12 11.62 -35.85
C ALA B 730 -17.69 11.48 -35.38
N ALA B 731 -17.42 10.57 -34.43
CA ALA B 731 -16.08 10.48 -33.87
C ALA B 731 -15.07 9.98 -34.90
N VAL B 732 -15.40 8.88 -35.60
CA VAL B 732 -14.47 8.33 -36.57
C VAL B 732 -14.30 9.27 -37.77
N LEU B 733 -15.38 9.91 -38.22
CA LEU B 733 -15.25 10.88 -39.30
C LEU B 733 -14.39 12.06 -38.89
N ASN B 734 -14.56 12.53 -37.65
CA ASN B 734 -13.74 13.62 -37.16
C ASN B 734 -12.27 13.21 -37.10
N TYR B 735 -12.00 11.99 -36.66
CA TYR B 735 -10.62 11.50 -36.65
C TYR B 735 -10.04 11.42 -38.06
N MET B 736 -10.81 10.92 -39.01
CA MET B 736 -10.33 10.83 -40.39
C MET B 736 -10.05 12.21 -40.96
N ALA B 737 -10.91 13.18 -40.67
CA ALA B 737 -10.66 14.54 -41.12
C ALA B 737 -9.41 15.11 -40.48
N GLY B 738 -9.22 14.87 -39.19
CA GLY B 738 -8.05 15.41 -38.50
C GLY B 738 -6.75 14.82 -39.01
N LYS B 739 -6.73 13.51 -39.26
CA LYS B 739 -5.53 12.88 -39.77
C LYS B 739 -5.26 13.25 -41.23
N ASP B 740 -6.30 13.60 -41.99
CA ASP B 740 -6.15 13.89 -43.41
C ASP B 740 -5.30 15.14 -43.62
N GLU B 741 -4.77 15.27 -44.84
CA GLU B 741 -3.89 16.40 -45.17
C GLU B 741 -4.63 17.73 -45.07
N GLY B 742 -5.93 17.74 -45.34
CA GLY B 742 -6.69 18.97 -45.24
C GLY B 742 -7.75 19.13 -46.32
N CYS B 743 -7.85 18.16 -47.23
CA CYS B 743 -8.82 18.25 -48.31
C CYS B 743 -10.22 17.89 -47.81
N LYS B 744 -10.40 16.68 -47.32
CA LYS B 744 -11.70 16.27 -46.80
C LYS B 744 -12.01 17.03 -45.52
N LEU B 745 -13.25 17.50 -45.40
CA LEU B 745 -13.67 18.22 -44.22
C LEU B 745 -15.16 17.96 -43.98
N VAL B 746 -15.55 18.11 -42.72
CA VAL B 746 -16.95 18.04 -42.34
C VAL B 746 -17.73 19.18 -42.98
N THR B 747 -19.04 18.96 -43.12
CA THR B 747 -19.87 19.79 -44.00
C THR B 747 -20.61 20.90 -43.28
N ILE B 748 -20.65 20.90 -41.95
CA ILE B 748 -21.31 21.97 -41.21
C ILE B 748 -20.47 22.38 -40.00
N GLY B 749 -19.93 23.59 -40.03
CA GLY B 749 -19.19 24.10 -38.89
C GLY B 749 -18.00 23.23 -38.55
N SER B 750 -17.69 23.14 -37.25
CA SER B 750 -16.62 22.26 -36.81
C SER B 750 -16.99 20.80 -37.02
N GLY B 751 -18.02 20.31 -36.33
CA GLY B 751 -18.54 19.00 -36.67
C GLY B 751 -20.04 18.95 -36.87
N LYS B 752 -20.75 19.83 -36.16
CA LYS B 752 -22.22 19.83 -36.09
C LYS B 752 -22.74 18.40 -35.97
N VAL B 753 -22.41 17.73 -34.87
CA VAL B 753 -22.91 16.38 -34.65
C VAL B 753 -24.43 16.39 -34.58
N PHE B 754 -25.06 15.40 -35.21
CA PHE B 754 -26.51 15.26 -35.20
C PHE B 754 -26.88 14.01 -34.41
N ALA B 755 -27.97 14.12 -33.64
CA ALA B 755 -28.42 13.04 -32.77
C ALA B 755 -27.30 12.59 -31.84
N THR B 756 -26.85 13.52 -31.01
CA THR B 756 -25.67 13.30 -30.19
C THR B 756 -25.88 12.11 -29.24
N THR B 757 -24.89 11.22 -29.22
CA THR B 757 -24.89 10.07 -28.31
C THR B 757 -23.45 9.91 -27.82
N GLY B 758 -23.15 8.76 -27.23
CA GLY B 758 -21.80 8.47 -26.80
C GLY B 758 -21.47 7.01 -26.99
N TYR B 759 -20.18 6.72 -26.99
CA TYR B 759 -19.73 5.34 -27.00
C TYR B 759 -19.82 4.75 -25.60
N GLY B 760 -20.31 3.51 -25.51
CA GLY B 760 -20.55 2.90 -24.21
C GLY B 760 -20.11 1.45 -24.19
N ILE B 761 -20.14 0.88 -23.00
CA ILE B 761 -19.73 -0.51 -22.78
C ILE B 761 -20.97 -1.36 -22.56
N ALA B 762 -21.17 -2.31 -23.47
CA ALA B 762 -22.32 -3.21 -23.43
C ALA B 762 -22.16 -4.23 -22.31
N MET B 763 -23.18 -4.37 -21.48
CA MET B 763 -23.18 -5.39 -20.43
C MET B 763 -24.52 -6.08 -20.32
N GLN B 764 -24.52 -7.26 -19.71
CA GLN B 764 -25.75 -8.01 -19.52
C GLN B 764 -26.69 -7.27 -18.58
N LYS B 765 -27.98 -7.51 -18.76
CA LYS B 765 -29.00 -6.84 -17.97
C LYS B 765 -28.83 -7.14 -16.48
N ASP B 766 -28.92 -6.10 -15.65
CA ASP B 766 -28.84 -6.21 -14.21
C ASP B 766 -27.50 -6.79 -13.75
N SER B 767 -26.44 -6.53 -14.50
CA SER B 767 -25.11 -6.97 -14.10
C SER B 767 -24.64 -6.18 -12.88
N HIS B 768 -23.94 -6.85 -11.98
CA HIS B 768 -23.41 -6.17 -10.81
C HIS B 768 -22.13 -5.39 -11.11
N TRP B 769 -21.62 -5.49 -12.34
CA TRP B 769 -20.47 -4.71 -12.76
C TRP B 769 -20.83 -3.28 -13.16
N LYS B 770 -22.12 -3.00 -13.39
CA LYS B 770 -22.50 -1.74 -14.03
C LYS B 770 -22.12 -0.55 -13.17
N ARG B 771 -22.44 -0.60 -11.87
CA ARG B 771 -22.16 0.53 -11.00
C ARG B 771 -20.65 0.80 -10.90
N ALA B 772 -19.87 -0.26 -10.73
CA ALA B 772 -18.43 -0.09 -10.58
C ALA B 772 -17.81 0.49 -11.85
N ILE B 773 -18.22 -0.01 -13.02
CA ILE B 773 -17.67 0.49 -14.27
C ILE B 773 -18.11 1.92 -14.52
N ASP B 774 -19.35 2.25 -14.18
CA ASP B 774 -19.82 3.63 -14.31
C ASP B 774 -18.98 4.57 -13.45
N LEU B 775 -18.75 4.19 -12.20
CA LEU B 775 -17.96 5.05 -11.31
C LEU B 775 -16.52 5.16 -11.79
N ALA B 776 -15.93 4.05 -12.25
CA ALA B 776 -14.56 4.11 -12.74
C ALA B 776 -14.43 4.97 -13.97
N LEU B 777 -15.40 4.87 -14.90
CA LEU B 777 -15.38 5.69 -16.10
C LEU B 777 -15.55 7.16 -15.75
N LEU B 778 -16.44 7.47 -14.81
CA LEU B 778 -16.62 8.86 -14.40
C LEU B 778 -15.36 9.39 -13.74
N GLN B 779 -14.67 8.57 -12.93
CA GLN B 779 -13.41 8.98 -12.34
C GLN B 779 -12.37 9.26 -13.42
N LEU B 780 -12.28 8.38 -14.41
CA LEU B 780 -11.31 8.58 -15.49
C LEU B 780 -11.62 9.86 -16.28
N LEU B 781 -12.91 10.11 -16.55
CA LEU B 781 -13.30 11.30 -17.29
C LEU B 781 -12.96 12.56 -16.50
N GLY B 782 -13.32 12.59 -15.22
CA GLY B 782 -13.07 13.78 -14.43
C GLY B 782 -11.61 14.03 -14.18
N ASP B 783 -10.83 12.96 -13.98
CA ASP B 783 -9.41 13.11 -13.66
C ASP B 783 -8.68 13.78 -14.81
N GLY B 784 -9.02 13.41 -16.04
CA GLY B 784 -8.30 13.86 -17.21
C GLY B 784 -7.58 12.75 -17.93
N GLU B 785 -7.65 11.52 -17.43
CA GLU B 785 -7.05 10.40 -18.14
C GLU B 785 -7.69 10.20 -19.51
N THR B 786 -9.01 10.35 -19.59
CA THR B 786 -9.66 10.29 -20.89
C THR B 786 -9.13 11.39 -21.81
N GLN B 787 -8.98 12.61 -21.29
CA GLN B 787 -8.44 13.70 -22.10
C GLN B 787 -7.05 13.37 -22.61
N LYS B 788 -6.21 12.80 -21.75
CA LYS B 788 -4.87 12.39 -22.19
C LYS B 788 -4.95 11.35 -23.30
N LEU B 789 -5.87 10.40 -23.17
CA LEU B 789 -6.01 9.37 -24.19
C LEU B 789 -6.47 9.95 -25.52
N GLU B 790 -7.40 10.91 -25.48
CA GLU B 790 -7.81 11.57 -26.73
C GLU B 790 -6.65 12.34 -27.35
N THR B 791 -5.85 13.01 -26.53
CA THR B 791 -4.69 13.74 -27.07
C THR B 791 -3.70 12.77 -27.72
N VAL B 792 -3.48 11.62 -27.08
CA VAL B 792 -2.50 10.66 -27.60
C VAL B 792 -3.02 10.00 -28.89
N TRP B 793 -4.29 9.60 -28.91
CA TRP B 793 -4.80 8.72 -29.96
C TRP B 793 -5.65 9.42 -31.01
N LEU B 794 -6.32 10.51 -30.67
CA LEU B 794 -7.31 11.10 -31.55
C LEU B 794 -6.88 12.41 -32.21
N SER B 795 -5.78 13.01 -31.78
CA SER B 795 -5.36 14.30 -32.33
C SER B 795 -4.78 14.10 -33.73
N GLY B 796 -5.34 14.80 -34.70
CA GLY B 796 -4.87 14.75 -36.07
C GLY B 796 -4.00 15.93 -36.45
N ILE B 797 -3.53 15.91 -37.69
CA ILE B 797 -2.62 16.94 -38.17
C ILE B 797 -3.33 18.09 -38.87
N CYS B 798 -4.59 17.92 -39.26
CA CYS B 798 -5.29 18.96 -40.00
C CYS B 798 -5.55 20.18 -39.11
N GLN B 799 -6.07 19.96 -37.91
CA GLN B 799 -6.37 21.07 -37.01
C GLN B 799 -5.09 21.63 -36.39
N LYS C 25 -20.03 -27.01 52.36
CA LYS C 25 -19.98 -25.55 52.44
C LYS C 25 -21.37 -24.95 52.19
N ILE C 26 -21.56 -23.71 52.65
CA ILE C 26 -22.84 -23.01 52.52
C ILE C 26 -22.64 -21.88 51.52
N VAL C 27 -23.38 -21.92 50.42
CA VAL C 27 -23.30 -20.93 49.36
C VAL C 27 -24.63 -20.21 49.29
N ASN C 28 -24.59 -18.89 49.47
CA ASN C 28 -25.80 -18.08 49.57
C ASN C 28 -26.23 -17.55 48.21
N ILE C 29 -27.54 -17.55 47.97
CA ILE C 29 -28.14 -16.90 46.81
C ILE C 29 -29.20 -15.95 47.32
N GLY C 30 -29.13 -14.69 46.88
CA GLY C 30 -30.03 -13.66 47.32
C GLY C 30 -31.10 -13.34 46.28
N ALA C 31 -32.19 -12.76 46.77
CA ALA C 31 -33.29 -12.43 45.88
C ALA C 31 -34.01 -11.18 46.39
N VAL C 32 -34.53 -10.41 45.45
CA VAL C 32 -35.34 -9.23 45.73
C VAL C 32 -36.68 -9.43 45.02
N LEU C 33 -37.72 -9.71 45.77
CA LEU C 33 -39.04 -9.99 45.21
C LEU C 33 -40.02 -8.94 45.72
N SER C 34 -41.30 -9.09 45.37
CA SER C 34 -42.27 -8.05 45.68
C SER C 34 -43.62 -8.62 46.12
N THR C 35 -43.66 -9.85 46.63
CA THR C 35 -44.94 -10.44 46.99
C THR C 35 -44.95 -10.99 48.41
N ARG C 36 -43.79 -11.38 48.92
CA ARG C 36 -43.60 -12.14 50.16
C ARG C 36 -44.16 -13.55 50.06
N LYS C 37 -44.80 -13.90 48.95
CA LYS C 37 -45.23 -15.27 48.65
C LYS C 37 -44.35 -15.94 47.61
N HIS C 38 -43.79 -15.16 46.68
CA HIS C 38 -42.79 -15.69 45.77
C HIS C 38 -41.50 -16.06 46.50
N GLU C 39 -41.31 -15.55 47.72
CA GLU C 39 -40.13 -15.92 48.50
C GLU C 39 -40.16 -17.40 48.87
N GLN C 40 -41.34 -17.89 49.27
CA GLN C 40 -41.48 -19.32 49.56
C GLN C 40 -41.23 -20.13 48.30
N MET C 41 -41.71 -19.64 47.16
CA MET C 41 -41.47 -20.32 45.89
C MET C 41 -39.98 -20.38 45.57
N PHE C 42 -39.26 -19.28 45.85
CA PHE C 42 -37.82 -19.24 45.65
C PHE C 42 -37.11 -20.25 46.55
N ARG C 43 -37.52 -20.32 47.82
CA ARG C 43 -36.93 -21.30 48.73
C ARG C 43 -37.20 -22.72 48.25
N GLU C 44 -38.43 -23.00 47.81
CA GLU C 44 -38.76 -24.34 47.34
C GLU C 44 -37.96 -24.70 46.09
N ALA C 45 -37.80 -23.73 45.18
CA ALA C 45 -37.02 -23.98 43.97
C ALA C 45 -35.56 -24.24 44.29
N VAL C 46 -34.98 -23.47 45.20
CA VAL C 46 -33.58 -23.72 45.54
C VAL C 46 -33.42 -25.04 46.29
N ASN C 47 -34.43 -25.43 47.08
CA ASN C 47 -34.37 -26.74 47.72
C ASN C 47 -34.42 -27.87 46.69
N GLN C 48 -35.28 -27.72 45.68
CA GLN C 48 -35.31 -28.71 44.60
C GLN C 48 -33.98 -28.78 43.87
N ALA C 49 -33.38 -27.62 43.59
CA ALA C 49 -32.07 -27.61 42.93
C ALA C 49 -31.02 -28.28 43.80
N ASN C 50 -31.08 -28.05 45.12
CA ASN C 50 -30.15 -28.69 46.04
C ASN C 50 -30.31 -30.21 46.02
N LYS C 51 -31.56 -30.68 46.05
CA LYS C 51 -31.80 -32.12 46.02
C LYS C 51 -31.34 -32.74 44.72
N ARG C 52 -31.58 -32.08 43.60
CA ARG C 52 -31.22 -32.65 42.29
C ARG C 52 -29.71 -32.74 42.11
N HIS C 53 -28.95 -31.81 42.69
CA HIS C 53 -27.53 -31.69 42.40
C HIS C 53 -26.65 -32.36 43.45
N GLY C 54 -27.24 -33.17 44.33
CA GLY C 54 -26.44 -33.88 45.32
C GLY C 54 -25.86 -32.96 46.37
N SER C 55 -26.71 -32.41 47.24
CA SER C 55 -26.28 -31.46 48.24
C SER C 55 -25.58 -32.14 49.41
N TRP C 56 -24.45 -32.79 49.13
CA TRP C 56 -23.63 -33.36 50.20
C TRP C 56 -22.23 -32.77 50.17
N LYS C 57 -21.75 -32.42 48.98
CA LYS C 57 -20.45 -31.75 48.87
C LYS C 57 -20.58 -30.25 49.09
N ILE C 58 -21.53 -29.61 48.42
CA ILE C 58 -21.80 -28.19 48.59
C ILE C 58 -23.29 -28.00 48.82
N GLN C 59 -23.63 -27.09 49.74
CA GLN C 59 -25.01 -26.81 50.09
C GLN C 59 -25.39 -25.41 49.64
N LEU C 60 -26.59 -25.27 49.09
CA LEU C 60 -27.11 -23.98 48.65
C LEU C 60 -28.11 -23.45 49.68
N ASN C 61 -28.12 -22.14 49.84
CA ASN C 61 -28.95 -21.46 50.82
C ASN C 61 -29.60 -20.25 50.17
N ALA C 62 -30.78 -19.88 50.67
CA ALA C 62 -31.58 -18.83 50.06
C ALA C 62 -31.84 -17.70 51.04
N THR C 63 -31.64 -16.46 50.56
CA THR C 63 -31.99 -15.26 51.30
C THR C 63 -32.80 -14.35 50.39
N SER C 64 -33.84 -13.72 50.95
CA SER C 64 -34.75 -12.92 50.15
C SER C 64 -35.16 -11.67 50.90
N VAL C 65 -35.45 -10.62 50.14
CA VAL C 65 -36.01 -9.38 50.65
C VAL C 65 -37.12 -8.91 49.71
N THR C 66 -37.80 -7.84 50.13
CA THR C 66 -38.95 -7.30 49.41
C THR C 66 -38.61 -5.91 48.88
N HIS C 67 -39.07 -5.63 47.66
CA HIS C 67 -38.80 -4.34 47.04
C HIS C 67 -39.30 -3.19 47.90
N LYS C 68 -38.50 -2.14 47.98
CA LYS C 68 -38.83 -0.93 48.72
C LYS C 68 -39.02 0.24 47.78
N PRO C 69 -39.94 1.16 48.08
CA PRO C 69 -40.20 2.27 47.13
C PRO C 69 -38.98 3.13 46.87
N ASN C 70 -38.34 3.64 47.91
CA ASN C 70 -37.21 4.54 47.73
C ASN C 70 -36.00 3.76 47.20
N ALA C 71 -35.43 4.24 46.09
CA ALA C 71 -34.31 3.54 45.48
C ALA C 71 -33.06 3.59 46.37
N ILE C 72 -32.80 4.74 46.99
CA ILE C 72 -31.65 4.86 47.88
C ILE C 72 -31.78 3.88 49.04
N GLN C 73 -32.98 3.81 49.64
CA GLN C 73 -33.20 2.85 50.71
C GLN C 73 -33.16 1.42 50.19
N MET C 74 -33.53 1.21 48.92
CA MET C 74 -33.43 -0.13 48.34
C MET C 74 -31.97 -0.58 48.27
N ALA C 75 -31.09 0.30 47.80
CA ALA C 75 -29.66 -0.03 47.76
C ALA C 75 -29.09 -0.18 49.16
N LEU C 76 -29.51 0.66 50.09
CA LEU C 76 -29.05 0.53 51.47
C LEU C 76 -29.46 -0.80 52.07
N SER C 77 -30.69 -1.25 51.77
CA SER C 77 -31.12 -2.56 52.23
C SER C 77 -30.32 -3.68 51.59
N VAL C 78 -30.03 -3.55 50.29
CA VAL C 78 -29.19 -4.55 49.62
C VAL C 78 -27.85 -4.66 50.33
N CYS C 79 -27.26 -3.51 50.68
CA CYS C 79 -25.99 -3.52 51.41
C CYS C 79 -26.15 -4.14 52.79
N GLU C 80 -27.24 -3.81 53.49
CA GLU C 80 -27.42 -4.26 54.87
C GLU C 80 -27.68 -5.76 54.94
N ASP C 81 -28.57 -6.27 54.09
CA ASP C 81 -29.06 -7.64 54.22
C ASP C 81 -28.44 -8.59 53.20
N LEU C 82 -28.44 -8.22 51.93
CA LEU C 82 -28.01 -9.13 50.88
C LEU C 82 -26.50 -9.13 50.66
N ILE C 83 -25.75 -8.29 51.37
CA ILE C 83 -24.31 -8.25 51.19
C ILE C 83 -23.64 -8.69 52.48
N SER C 84 -24.32 -8.46 53.61
CA SER C 84 -23.83 -8.99 54.88
C SER C 84 -23.73 -10.50 54.84
N SER C 85 -24.75 -11.16 54.28
CA SER C 85 -24.62 -12.56 53.92
C SER C 85 -23.73 -12.68 52.69
N GLN C 86 -22.91 -13.73 52.66
CA GLN C 86 -21.93 -13.90 51.60
C GLN C 86 -22.62 -14.43 50.34
N VAL C 87 -23.35 -13.51 49.68
CA VAL C 87 -24.15 -13.88 48.53
C VAL C 87 -23.27 -14.10 47.31
N TYR C 88 -23.53 -15.17 46.57
CA TYR C 88 -22.81 -15.46 45.34
C TYR C 88 -23.50 -14.90 44.11
N ALA C 89 -24.82 -14.74 44.14
CA ALA C 89 -25.56 -14.17 43.03
C ALA C 89 -26.90 -13.67 43.53
N ILE C 90 -27.38 -12.59 42.94
CA ILE C 90 -28.65 -11.97 43.31
C ILE C 90 -29.63 -12.13 42.16
N LEU C 91 -30.89 -12.36 42.49
CA LEU C 91 -31.98 -12.35 41.54
C LEU C 91 -32.88 -11.15 41.82
N VAL C 92 -33.34 -10.49 40.77
CA VAL C 92 -34.17 -9.30 40.92
C VAL C 92 -35.34 -9.38 39.95
N SER C 93 -36.54 -9.06 40.45
CA SER C 93 -37.76 -9.16 39.66
C SER C 93 -38.56 -7.87 39.79
N HIS C 94 -39.21 -7.49 38.69
CA HIS C 94 -39.96 -6.24 38.67
C HIS C 94 -41.19 -6.33 39.58
N PRO C 95 -41.43 -5.33 40.41
CA PRO C 95 -42.64 -5.32 41.25
C PRO C 95 -43.89 -5.07 40.43
N PRO C 96 -45.07 -5.36 40.98
CA PRO C 96 -46.31 -5.13 40.21
C PRO C 96 -46.53 -3.68 39.79
N THR C 97 -46.13 -2.73 40.62
CA THR C 97 -46.35 -1.33 40.28
C THR C 97 -45.41 -0.89 39.16
N PRO C 98 -45.89 -0.18 38.15
CA PRO C 98 -45.01 0.28 37.07
C PRO C 98 -44.30 1.59 37.35
N ASN C 99 -44.72 2.33 38.37
CA ASN C 99 -44.08 3.60 38.70
C ASN C 99 -42.61 3.39 39.03
N ASP C 100 -41.75 4.19 38.40
CA ASP C 100 -40.30 4.06 38.50
C ASP C 100 -39.88 2.63 38.17
N HIS C 101 -40.16 2.25 36.92
CA HIS C 101 -40.00 0.89 36.43
C HIS C 101 -38.54 0.46 36.26
N PHE C 102 -37.58 1.25 36.72
CA PHE C 102 -36.17 0.88 36.68
C PHE C 102 -35.68 0.35 38.03
N THR C 103 -36.53 -0.39 38.75
CA THR C 103 -36.16 -0.86 40.08
C THR C 103 -34.91 -1.74 40.13
N PRO C 104 -34.52 -2.48 39.09
CA PRO C 104 -33.23 -3.19 39.18
C PRO C 104 -32.00 -2.29 39.20
N THR C 105 -32.14 -0.98 38.99
CA THR C 105 -30.97 -0.12 38.91
C THR C 105 -30.18 -0.06 40.22
N PRO C 106 -30.79 0.18 41.38
CA PRO C 106 -29.95 0.27 42.61
C PRO C 106 -29.25 -1.03 42.96
N VAL C 107 -29.97 -2.16 42.92
CA VAL C 107 -29.35 -3.44 43.22
C VAL C 107 -28.29 -3.76 42.18
N SER C 108 -28.54 -3.40 40.92
CA SER C 108 -27.54 -3.63 39.88
C SER C 108 -26.27 -2.87 40.16
N TYR C 109 -26.38 -1.60 40.55
CA TYR C 109 -25.19 -0.81 40.86
C TYR C 109 -24.44 -1.38 42.06
N THR C 110 -25.17 -1.72 43.13
CA THR C 110 -24.53 -2.23 44.33
C THR C 110 -23.83 -3.56 44.07
N ALA C 111 -24.48 -4.46 43.33
CA ALA C 111 -23.85 -5.74 43.03
C ALA C 111 -22.73 -5.61 42.01
N GLY C 112 -22.82 -4.63 41.12
CA GLY C 112 -21.77 -4.42 40.15
C GLY C 112 -20.55 -3.70 40.68
N PHE C 113 -20.67 -3.06 41.84
CA PHE C 113 -19.47 -2.53 42.49
C PHE C 113 -18.51 -3.65 42.86
N TYR C 114 -19.04 -4.73 43.44
CA TYR C 114 -18.24 -5.88 43.82
C TYR C 114 -18.19 -6.97 42.77
N ARG C 115 -18.76 -6.73 41.58
CA ARG C 115 -18.79 -7.66 40.47
C ARG C 115 -19.58 -8.93 40.77
N ILE C 116 -20.53 -8.86 41.69
CA ILE C 116 -21.44 -9.99 41.95
C ILE C 116 -22.47 -10.03 40.83
N PRO C 117 -22.57 -11.13 40.08
CA PRO C 117 -23.55 -11.18 38.99
C PRO C 117 -24.98 -11.15 39.52
N VAL C 118 -25.81 -10.29 38.92
CA VAL C 118 -27.21 -10.16 39.29
C VAL C 118 -28.06 -10.47 38.06
N LEU C 119 -29.10 -11.28 38.27
CA LEU C 119 -29.95 -11.79 37.20
C LEU C 119 -31.31 -11.13 37.29
N GLY C 120 -31.69 -10.41 36.24
CA GLY C 120 -33.03 -9.88 36.16
C GLY C 120 -34.01 -10.92 35.67
N LEU C 121 -35.26 -10.79 36.11
CA LEU C 121 -36.30 -11.75 35.79
C LEU C 121 -37.49 -11.17 35.06
N THR C 122 -37.72 -9.86 35.14
CA THR C 122 -38.87 -9.26 34.47
C THR C 122 -38.54 -7.92 33.82
N THR C 123 -37.27 -7.54 33.76
CA THR C 123 -36.88 -6.26 33.16
C THR C 123 -36.59 -6.45 31.67
N ARG C 124 -37.14 -5.55 30.86
CA ARG C 124 -37.01 -5.63 29.42
C ARG C 124 -36.28 -4.43 28.81
N MET C 125 -35.94 -3.44 29.61
CA MET C 125 -35.31 -2.24 29.07
C MET C 125 -33.89 -2.51 28.61
N SER C 126 -33.46 -1.76 27.59
CA SER C 126 -32.19 -2.01 26.93
C SER C 126 -30.99 -1.44 27.68
N ILE C 127 -31.20 -0.54 28.63
CA ILE C 127 -30.08 0.10 29.30
C ILE C 127 -29.25 -0.92 30.07
N TYR C 128 -29.85 -2.06 30.43
CA TYR C 128 -29.12 -3.08 31.16
C TYR C 128 -28.26 -3.94 30.27
N SER C 129 -28.40 -3.85 28.95
CA SER C 129 -27.50 -4.54 28.05
C SER C 129 -26.17 -3.82 27.85
N ASP C 130 -26.03 -2.63 28.41
CA ASP C 130 -24.79 -1.85 28.29
C ASP C 130 -23.84 -2.28 29.40
N LYS C 131 -22.87 -3.12 29.07
CA LYS C 131 -21.90 -3.58 30.06
C LYS C 131 -20.98 -2.48 30.55
N SER C 132 -20.98 -1.31 29.89
CA SER C 132 -20.17 -0.20 30.37
C SER C 132 -20.68 0.31 31.71
N ILE C 133 -21.99 0.36 31.90
CA ILE C 133 -22.58 0.86 33.14
C ILE C 133 -22.89 -0.30 34.08
N HIS C 134 -23.76 -1.20 33.65
CA HIS C 134 -24.16 -2.34 34.47
C HIS C 134 -23.13 -3.44 34.27
N LEU C 135 -22.10 -3.42 35.12
CA LEU C 135 -20.92 -4.25 34.92
C LEU C 135 -21.26 -5.73 35.00
N SER C 136 -21.99 -6.13 36.04
CA SER C 136 -22.36 -7.52 36.26
C SER C 136 -23.89 -7.60 36.20
N PHE C 137 -24.41 -7.96 35.04
CA PHE C 137 -25.86 -8.08 34.88
C PHE C 137 -26.15 -9.10 33.80
N LEU C 138 -27.02 -10.06 34.12
CA LEU C 138 -27.55 -11.02 33.17
C LEU C 138 -29.07 -10.98 33.27
N ARG C 139 -29.74 -11.51 32.24
CA ARG C 139 -31.20 -11.51 32.24
C ARG C 139 -31.70 -12.78 31.60
N THR C 140 -32.81 -13.29 32.13
CA THR C 140 -33.45 -14.49 31.63
C THR C 140 -34.62 -14.18 30.70
N VAL C 141 -34.75 -12.92 30.29
CA VAL C 141 -35.84 -12.50 29.40
C VAL C 141 -35.28 -11.48 28.41
N PRO C 142 -35.46 -11.68 27.11
CA PRO C 142 -34.80 -10.81 26.14
C PRO C 142 -35.34 -9.39 26.22
N PRO C 143 -34.53 -8.40 25.90
CA PRO C 143 -34.98 -7.01 25.99
C PRO C 143 -35.92 -6.65 24.85
N TYR C 144 -36.46 -5.44 24.92
CA TYR C 144 -37.38 -4.97 23.89
C TYR C 144 -36.70 -4.86 22.53
N SER C 145 -35.42 -4.49 22.52
CA SER C 145 -34.72 -4.28 21.27
C SER C 145 -34.73 -5.52 20.39
N HIS C 146 -34.64 -6.70 21.00
CA HIS C 146 -34.61 -7.94 20.24
C HIS C 146 -35.86 -8.12 19.39
N GLN C 147 -36.96 -7.46 19.75
CA GLN C 147 -38.17 -7.52 18.93
C GLN C 147 -37.86 -7.15 17.49
N SER C 148 -36.97 -6.18 17.28
CA SER C 148 -36.66 -5.77 15.92
C SER C 148 -36.30 -6.96 15.06
N SER C 149 -35.56 -7.92 15.65
CA SER C 149 -35.14 -9.09 14.89
C SER C 149 -36.32 -9.79 14.23
N VAL C 150 -37.37 -10.09 15.00
CA VAL C 150 -38.47 -10.84 14.41
C VAL C 150 -39.14 -10.03 13.32
N TRP C 151 -39.21 -8.70 13.50
CA TRP C 151 -39.77 -7.85 12.45
C TRP C 151 -39.06 -8.11 11.13
N PHE C 152 -37.72 -8.14 11.16
CA PHE C 152 -36.97 -8.40 9.95
C PHE C 152 -37.39 -9.72 9.33
N GLU C 153 -37.53 -10.77 10.14
CA GLU C 153 -37.96 -12.05 9.61
C GLU C 153 -39.32 -11.93 8.95
N MET C 154 -40.24 -11.20 9.56
CA MET C 154 -41.53 -10.98 8.93
C MET C 154 -41.36 -10.25 7.61
N MET C 155 -40.50 -9.22 7.59
CA MET C 155 -40.22 -8.52 6.34
C MET C 155 -39.65 -9.46 5.29
N ARG C 156 -38.96 -10.51 5.72
CA ARG C 156 -38.46 -11.50 4.77
C ARG C 156 -39.60 -12.39 4.27
N VAL C 157 -40.52 -12.76 5.15
CA VAL C 157 -41.56 -13.72 4.77
C VAL C 157 -42.55 -13.10 3.81
N TYR C 158 -43.00 -11.88 4.10
CA TYR C 158 -44.06 -11.24 3.35
C TYR C 158 -43.55 -10.32 2.24
N ASN C 159 -42.25 -10.26 2.02
CA ASN C 159 -41.64 -9.44 0.97
C ASN C 159 -41.99 -7.96 1.16
N TRP C 160 -41.76 -7.46 2.36
CA TRP C 160 -41.94 -6.04 2.67
C TRP C 160 -40.55 -5.41 2.73
N ASN C 161 -40.18 -4.71 1.66
CA ASN C 161 -38.84 -4.11 1.56
C ASN C 161 -38.83 -2.67 2.07
N HIS C 162 -39.82 -1.87 1.70
CA HIS C 162 -39.88 -0.48 2.08
C HIS C 162 -40.73 -0.34 3.34
N ILE C 163 -40.12 0.15 4.42
CA ILE C 163 -40.77 0.26 5.72
C ILE C 163 -40.51 1.64 6.30
N ILE C 164 -41.47 2.14 7.08
CA ILE C 164 -41.34 3.41 7.78
C ILE C 164 -41.22 3.11 9.27
N LEU C 165 -40.14 3.60 9.88
CA LEU C 165 -39.83 3.27 11.27
C LEU C 165 -40.16 4.45 12.17
N LEU C 166 -41.32 4.40 12.82
CA LEU C 166 -41.73 5.44 13.77
C LEU C 166 -41.23 5.03 15.16
N VAL C 167 -40.30 5.80 15.71
CA VAL C 167 -39.62 5.42 16.93
C VAL C 167 -39.61 6.59 17.91
N SER C 168 -39.50 6.26 19.19
CA SER C 168 -39.36 7.27 20.22
C SER C 168 -37.92 7.79 20.23
N ASP C 169 -37.68 8.84 21.02
CA ASP C 169 -36.36 9.42 21.16
C ASP C 169 -35.60 8.90 22.37
N ASP C 170 -36.23 8.07 23.21
CA ASP C 170 -35.59 7.54 24.39
C ASP C 170 -34.48 6.57 24.02
N HIS C 171 -33.77 6.08 25.03
CA HIS C 171 -32.70 5.11 24.79
C HIS C 171 -33.24 3.81 24.23
N GLU C 172 -34.40 3.38 24.70
CA GLU C 172 -34.99 2.13 24.21
C GLU C 172 -35.32 2.22 22.72
N GLY C 173 -35.93 3.33 22.32
CA GLY C 173 -36.26 3.50 20.92
C GLY C 173 -35.03 3.59 20.03
N ARG C 174 -34.00 4.32 20.50
CA ARG C 174 -32.77 4.41 19.74
C ARG C 174 -32.09 3.05 19.61
N ALA C 175 -32.13 2.25 20.69
CA ALA C 175 -31.55 0.92 20.63
C ALA C 175 -32.29 0.04 19.63
N ALA C 176 -33.63 0.09 19.65
CA ALA C 176 -34.40 -0.70 18.69
C ALA C 176 -34.11 -0.27 17.26
N GLN C 177 -34.03 1.04 17.02
CA GLN C 177 -33.70 1.53 15.69
C GLN C 177 -32.32 1.08 15.25
N LYS C 178 -31.35 1.15 16.15
CA LYS C 178 -29.98 0.72 15.82
C LYS C 178 -29.96 -0.75 15.46
N ARG C 179 -30.63 -1.58 16.25
CA ARG C 179 -30.66 -3.01 15.98
C ARG C 179 -31.30 -3.30 14.62
N LEU C 180 -32.46 -2.69 14.36
CA LEU C 180 -33.14 -2.97 13.10
C LEU C 180 -32.33 -2.46 11.90
N GLU C 181 -31.72 -1.28 12.03
CA GLU C 181 -30.94 -0.74 10.93
C GLU C 181 -29.70 -1.58 10.64
N THR C 182 -28.98 -2.00 11.69
CA THR C 182 -27.80 -2.82 11.47
C THR C 182 -28.17 -4.23 11.01
N LEU C 183 -29.38 -4.70 11.31
CA LEU C 183 -29.83 -5.98 10.77
C LEU C 183 -30.20 -5.85 9.29
N LEU C 184 -30.83 -4.72 8.92
CA LEU C 184 -31.28 -4.52 7.55
C LEU C 184 -30.14 -4.17 6.61
N GLU C 185 -29.09 -3.52 7.11
CA GLU C 185 -27.98 -3.13 6.26
C GLU C 185 -27.21 -4.34 5.74
N GLU C 186 -27.19 -5.44 6.49
CA GLU C 186 -26.51 -6.65 6.04
C GLU C 186 -27.19 -7.23 4.81
N ARG C 187 -28.46 -6.89 4.59
CA ARG C 187 -29.20 -7.35 3.43
C ARG C 187 -28.99 -6.36 2.28
N GLU C 188 -28.19 -5.32 2.55
CA GLU C 188 -28.00 -4.21 1.63
C GLU C 188 -29.33 -3.56 1.30
N SER C 189 -30.15 -3.33 2.33
CA SER C 189 -31.42 -2.66 2.19
C SER C 189 -31.54 -1.59 3.27
N LYS C 190 -32.43 -0.63 3.05
CA LYS C 190 -32.65 0.46 3.98
C LYS C 190 -34.13 0.68 4.18
N ALA C 191 -34.47 1.30 5.31
CA ALA C 191 -35.85 1.69 5.57
C ALA C 191 -36.21 2.90 4.72
N GLU C 192 -37.52 3.06 4.46
CA GLU C 192 -37.98 4.23 3.74
C GLU C 192 -37.55 5.51 4.45
N LYS C 193 -37.83 5.59 5.75
CA LYS C 193 -37.22 6.61 6.61
C LYS C 193 -37.60 6.30 8.06
N VAL C 194 -36.84 6.90 8.97
CA VAL C 194 -37.08 6.79 10.40
C VAL C 194 -37.56 8.14 10.91
N LEU C 195 -38.60 8.12 11.73
CA LEU C 195 -39.18 9.32 12.32
C LEU C 195 -39.10 9.20 13.83
N GLN C 196 -38.24 10.02 14.43
CA GLN C 196 -38.00 9.98 15.87
C GLN C 196 -38.83 11.09 16.51
N PHE C 197 -39.76 10.71 17.38
CA PHE C 197 -40.56 11.70 18.09
C PHE C 197 -40.17 11.72 19.56
N ASP C 198 -40.13 12.92 20.13
CA ASP C 198 -39.73 13.08 21.52
C ASP C 198 -40.75 12.42 22.43
N PRO C 199 -40.31 11.67 23.44
CA PRO C 199 -41.26 10.93 24.28
C PRO C 199 -42.08 11.85 25.16
N GLY C 200 -43.27 11.38 25.52
CA GLY C 200 -44.15 12.14 26.39
C GLY C 200 -44.66 13.42 25.77
N THR C 201 -44.91 13.43 24.47
CA THR C 201 -45.47 14.58 23.78
C THR C 201 -46.79 14.19 23.14
N LYS C 202 -47.69 15.16 23.03
CA LYS C 202 -48.98 14.98 22.40
C LYS C 202 -48.96 15.70 21.04
N ASN C 203 -50.03 15.55 20.28
CA ASN C 203 -50.20 16.22 19.00
C ASN C 203 -49.02 15.92 18.07
N VAL C 204 -48.82 14.64 17.80
CA VAL C 204 -47.71 14.16 16.97
C VAL C 204 -48.16 14.13 15.51
N THR C 205 -49.35 14.70 15.24
CA THR C 205 -49.93 14.64 13.90
C THR C 205 -48.96 15.12 12.84
N ALA C 206 -48.22 16.20 13.13
CA ALA C 206 -47.27 16.74 12.17
C ALA C 206 -46.31 15.66 11.70
N LEU C 207 -45.74 14.89 12.62
CA LEU C 207 -44.81 13.85 12.23
C LEU C 207 -45.46 12.82 11.33
N LEU C 208 -46.73 12.49 11.59
CA LEU C 208 -47.40 11.51 10.75
C LEU C 208 -47.52 12.02 9.32
N MET C 209 -47.57 13.35 9.14
CA MET C 209 -47.57 13.90 7.80
C MET C 209 -46.34 13.46 7.02
N GLU C 210 -45.19 13.42 7.69
CA GLU C 210 -43.96 13.00 7.03
C GLU C 210 -44.06 11.57 6.53
N ALA C 211 -44.93 10.76 7.15
CA ALA C 211 -45.13 9.39 6.71
C ALA C 211 -46.28 9.25 5.73
N ARG C 212 -47.08 10.29 5.53
CA ARG C 212 -48.22 10.18 4.62
C ARG C 212 -47.77 10.21 3.17
N GLU C 213 -46.82 11.09 2.83
CA GLU C 213 -46.38 11.24 1.46
C GLU C 213 -45.45 10.14 1.00
N LEU C 214 -44.88 9.36 1.92
CA LEU C 214 -43.91 8.34 1.56
C LEU C 214 -44.57 7.21 0.78
N GLU C 215 -43.78 6.53 -0.04
CA GLU C 215 -44.28 5.40 -0.80
C GLU C 215 -44.64 4.22 0.10
N ALA C 216 -43.84 3.97 1.14
CA ALA C 216 -44.04 2.80 1.97
C ALA C 216 -45.35 2.88 2.74
N ARG C 217 -46.03 1.75 2.87
CA ARG C 217 -47.32 1.67 3.53
C ARG C 217 -47.28 0.89 4.84
N VAL C 218 -46.11 0.40 5.25
CA VAL C 218 -45.98 -0.41 6.46
C VAL C 218 -45.24 0.40 7.52
N ILE C 219 -45.85 0.55 8.68
CA ILE C 219 -45.31 1.32 9.80
C ILE C 219 -44.84 0.35 10.86
N ILE C 220 -43.66 0.62 11.41
CA ILE C 220 -43.12 -0.15 12.53
C ILE C 220 -42.95 0.81 13.70
N LEU C 221 -43.70 0.58 14.77
CA LEU C 221 -43.79 1.50 15.89
C LEU C 221 -42.96 1.01 17.06
N SER C 222 -42.24 1.92 17.70
CA SER C 222 -41.47 1.59 18.90
C SER C 222 -41.59 2.74 19.89
N ALA C 223 -42.52 2.62 20.85
CA ALA C 223 -42.76 3.67 21.82
C ALA C 223 -43.47 3.07 23.03
N SER C 224 -43.60 3.88 24.08
CA SER C 224 -44.25 3.45 25.30
C SER C 224 -45.76 3.32 25.09
N GLU C 225 -46.48 2.98 26.16
CA GLU C 225 -47.92 2.76 26.05
C GLU C 225 -48.65 4.06 25.70
N ASP C 226 -48.39 5.13 26.45
CA ASP C 226 -49.07 6.39 26.20
C ASP C 226 -48.72 6.96 24.83
N ASP C 227 -47.45 6.87 24.44
CA ASP C 227 -47.05 7.35 23.12
C ASP C 227 -47.67 6.49 22.03
N ALA C 228 -47.78 5.18 22.25
CA ALA C 228 -48.47 4.33 21.29
C ALA C 228 -49.92 4.73 21.14
N ALA C 229 -50.60 5.02 22.25
CA ALA C 229 -51.99 5.47 22.17
C ALA C 229 -52.10 6.80 21.43
N THR C 230 -51.19 7.73 21.69
CA THR C 230 -51.20 9.02 21.01
C THR C 230 -51.02 8.84 19.50
N VAL C 231 -50.06 8.00 19.11
CA VAL C 231 -49.83 7.77 17.68
C VAL C 231 -51.02 7.07 17.06
N TYR C 232 -51.66 6.15 17.79
CA TYR C 232 -52.84 5.46 17.28
C TYR C 232 -53.96 6.45 17.01
N ARG C 233 -54.22 7.35 17.95
CA ARG C 233 -55.28 8.33 17.74
C ARG C 233 -54.94 9.29 16.60
N ALA C 234 -53.69 9.72 16.52
CA ALA C 234 -53.29 10.63 15.44
C ALA C 234 -53.41 9.96 14.08
N ALA C 235 -53.10 8.66 14.00
CA ALA C 235 -53.23 7.94 12.75
C ALA C 235 -54.69 7.72 12.39
N ALA C 236 -55.53 7.45 13.40
CA ALA C 236 -56.96 7.27 13.15
C ALA C 236 -57.59 8.57 12.66
N MET C 237 -57.09 9.70 13.13
CA MET C 237 -57.62 10.98 12.65
C MET C 237 -57.10 11.32 11.25
N LEU C 238 -56.10 10.58 10.76
CA LEU C 238 -55.45 10.89 9.50
C LEU C 238 -55.63 9.81 8.43
N ASN C 239 -56.50 8.82 8.66
CA ASN C 239 -56.82 7.76 7.72
C ASN C 239 -55.59 6.87 7.52
N MET C 240 -54.57 6.98 8.37
CA MET C 240 -53.41 6.11 8.19
C MET C 240 -53.71 4.65 8.56
N THR C 241 -54.85 4.37 9.17
CA THR C 241 -55.22 3.01 9.56
C THR C 241 -56.12 2.32 8.55
N GLY C 242 -56.40 2.95 7.41
CA GLY C 242 -57.30 2.40 6.43
C GLY C 242 -56.67 1.27 5.63
N SER C 243 -57.38 0.89 4.57
CA SER C 243 -56.93 -0.22 3.73
C SER C 243 -55.60 0.11 3.07
N GLY C 244 -54.82 -0.93 2.80
CA GLY C 244 -53.49 -0.79 2.23
C GLY C 244 -52.39 -0.69 3.26
N TYR C 245 -52.64 0.03 4.34
CA TYR C 245 -51.66 0.18 5.40
C TYR C 245 -51.60 -1.07 6.26
N VAL C 246 -50.40 -1.38 6.75
CA VAL C 246 -50.19 -2.49 7.67
C VAL C 246 -49.29 -2.02 8.80
N TRP C 247 -49.69 -2.30 10.03
CA TRP C 247 -48.99 -1.83 11.22
C TRP C 247 -48.27 -2.99 11.90
N LEU C 248 -47.02 -2.75 12.28
CA LEU C 248 -46.27 -3.67 13.13
C LEU C 248 -45.82 -2.92 14.38
N VAL C 249 -46.05 -3.53 15.54
CA VAL C 249 -45.72 -2.92 16.81
C VAL C 249 -45.01 -3.95 17.68
N GLY C 250 -44.62 -3.53 18.87
CA GLY C 250 -43.94 -4.37 19.83
C GLY C 250 -44.90 -4.99 20.83
N GLU C 251 -44.40 -5.18 22.06
CA GLU C 251 -45.20 -5.79 23.12
C GLU C 251 -45.94 -4.75 23.93
N ARG C 252 -45.30 -3.65 24.31
CA ARG C 252 -45.93 -2.65 25.14
C ARG C 252 -46.92 -1.77 24.38
N GLU C 253 -46.94 -1.86 23.05
CA GLU C 253 -47.84 -1.04 22.24
C GLU C 253 -49.21 -1.68 22.04
N ILE C 254 -49.44 -2.87 22.59
CA ILE C 254 -50.74 -3.53 22.48
C ILE C 254 -51.28 -3.82 23.87
N SER C 255 -50.97 -2.95 24.84
CA SER C 255 -51.44 -3.13 26.20
C SER C 255 -51.98 -1.82 26.74
N GLY C 256 -52.90 -1.92 27.69
CA GLY C 256 -53.41 -0.74 28.38
C GLY C 256 -54.10 0.24 27.44
N ASN C 257 -53.73 1.52 27.58
CA ASN C 257 -54.32 2.55 26.74
C ASN C 257 -54.03 2.31 25.27
N ALA C 258 -52.84 1.81 24.96
CA ALA C 258 -52.50 1.53 23.57
C ALA C 258 -53.43 0.49 22.98
N LEU C 259 -53.73 -0.57 23.73
CA LEU C 259 -54.68 -1.57 23.25
C LEU C 259 -56.09 -1.02 23.20
N ARG C 260 -56.43 -0.11 24.11
CA ARG C 260 -57.77 0.50 24.09
C ARG C 260 -57.97 1.33 22.84
N TYR C 261 -56.94 2.05 22.39
CA TYR C 261 -57.05 2.94 21.25
C TYR C 261 -56.50 2.35 19.96
N ALA C 262 -56.04 1.11 19.97
CA ALA C 262 -55.40 0.54 18.79
C ALA C 262 -56.42 0.29 17.69
N PRO C 263 -56.06 0.53 16.43
CA PRO C 263 -56.96 0.23 15.32
C PRO C 263 -57.06 -1.27 15.09
N ASP C 264 -58.14 -1.65 14.42
CA ASP C 264 -58.38 -3.07 14.12
C ASP C 264 -57.36 -3.55 13.09
N GLY C 265 -56.82 -4.75 13.32
CA GLY C 265 -56.00 -5.44 12.35
C GLY C 265 -54.51 -5.30 12.49
N ILE C 266 -54.02 -4.58 13.50
CA ILE C 266 -52.57 -4.42 13.66
C ILE C 266 -51.95 -5.73 14.14
N ILE C 267 -50.66 -5.88 13.86
CA ILE C 267 -49.91 -7.08 14.18
C ILE C 267 -48.85 -6.72 15.21
N GLY C 268 -49.01 -7.22 16.42
CA GLY C 268 -48.01 -7.09 17.46
C GLY C 268 -47.39 -8.44 17.81
N LEU C 269 -46.63 -8.43 18.89
CA LEU C 269 -46.05 -9.68 19.38
C LEU C 269 -45.90 -9.62 20.89
N GLN C 270 -45.79 -10.79 21.50
CA GLN C 270 -45.65 -10.88 22.95
C GLN C 270 -44.78 -12.08 23.31
N LEU C 271 -43.96 -11.92 24.33
CA LEU C 271 -43.22 -13.05 24.86
C LEU C 271 -44.18 -14.01 25.55
N ILE C 272 -44.03 -15.31 25.28
CA ILE C 272 -45.01 -16.28 25.77
C ILE C 272 -45.01 -16.33 27.29
N ASN C 273 -43.82 -16.31 27.89
CA ASN C 273 -43.70 -16.51 29.34
C ASN C 273 -43.10 -15.29 30.02
N GLY C 274 -43.46 -14.09 29.55
CA GLY C 274 -42.86 -12.88 30.08
C GLY C 274 -43.28 -12.58 31.51
N LYS C 275 -44.56 -12.73 31.82
CA LYS C 275 -45.11 -12.35 33.12
C LYS C 275 -45.32 -13.54 34.04
N ASN C 276 -44.46 -14.55 33.95
CA ASN C 276 -44.57 -15.76 34.76
C ASN C 276 -43.33 -15.82 35.66
N GLU C 277 -43.42 -15.17 36.82
CA GLU C 277 -42.28 -15.12 37.73
C GLU C 277 -41.94 -16.49 38.29
N SER C 278 -42.91 -17.41 38.32
CA SER C 278 -42.65 -18.75 38.85
C SER C 278 -41.62 -19.48 38.02
N ALA C 279 -41.88 -19.61 36.72
CA ALA C 279 -40.96 -20.35 35.85
C ALA C 279 -39.63 -19.63 35.73
N HIS C 280 -39.66 -18.29 35.70
CA HIS C 280 -38.41 -17.53 35.62
C HIS C 280 -37.56 -17.73 36.87
N ILE C 281 -38.19 -17.74 38.05
CA ILE C 281 -37.45 -17.99 39.28
C ILE C 281 -36.86 -19.40 39.27
N SER C 282 -37.66 -20.38 38.84
CA SER C 282 -37.17 -21.75 38.80
C SER C 282 -35.97 -21.89 37.87
N ASP C 283 -36.07 -21.30 36.67
CA ASP C 283 -34.97 -21.39 35.72
C ASP C 283 -33.74 -20.63 36.21
N ALA C 284 -33.94 -19.48 36.85
CA ALA C 284 -32.82 -18.71 37.37
C ALA C 284 -32.08 -19.48 38.45
N VAL C 285 -32.81 -20.08 39.39
CA VAL C 285 -32.14 -20.84 40.44
C VAL C 285 -31.49 -22.08 39.86
N GLY C 286 -32.09 -22.70 38.84
CA GLY C 286 -31.47 -23.86 38.23
C GLY C 286 -30.15 -23.52 37.57
N VAL C 287 -30.13 -22.45 36.78
CA VAL C 287 -28.89 -22.06 36.10
C VAL C 287 -27.85 -21.58 37.10
N VAL C 288 -28.27 -20.87 38.15
CA VAL C 288 -27.33 -20.41 39.16
C VAL C 288 -26.72 -21.60 39.89
N ALA C 289 -27.53 -22.60 40.23
CA ALA C 289 -27.02 -23.80 40.88
C ALA C 289 -26.05 -24.54 39.98
N GLN C 290 -26.38 -24.67 38.70
CA GLN C 290 -25.48 -25.34 37.76
C GLN C 290 -24.15 -24.59 37.65
N ALA C 291 -24.20 -23.26 37.56
CA ALA C 291 -22.98 -22.47 37.45
C ALA C 291 -22.13 -22.56 38.72
N VAL C 292 -22.78 -22.54 39.88
CA VAL C 292 -22.04 -22.67 41.14
C VAL C 292 -21.37 -24.03 41.22
N HIS C 293 -22.10 -25.09 40.85
CA HIS C 293 -21.53 -26.43 40.87
C HIS C 293 -20.34 -26.53 39.91
N GLU C 294 -20.46 -25.94 38.73
CA GLU C 294 -19.36 -25.94 37.77
C GLU C 294 -18.16 -25.14 38.28
N LEU C 295 -18.38 -23.99 38.91
CA LEU C 295 -17.27 -23.15 39.34
C LEU C 295 -16.50 -23.76 40.50
N LEU C 296 -17.20 -24.36 41.46
CA LEU C 296 -16.61 -24.73 42.73
C LEU C 296 -15.59 -25.87 42.63
N GLU C 297 -15.52 -26.56 41.50
CA GLU C 297 -14.47 -27.58 41.36
C GLU C 297 -13.10 -26.94 41.22
N LYS C 298 -13.04 -25.73 40.66
CA LYS C 298 -11.79 -24.99 40.58
C LYS C 298 -11.26 -24.73 41.99
N GLU C 299 -10.01 -25.13 42.23
CA GLU C 299 -9.41 -24.98 43.55
C GLU C 299 -9.35 -23.50 44.00
N ASN C 300 -9.18 -22.48 43.08
CA ASN C 300 -8.37 -21.30 43.38
C ASN C 300 -9.65 -20.46 43.53
N ILE C 301 -10.37 -20.37 44.67
CA ILE C 301 -11.66 -19.65 44.75
C ILE C 301 -11.61 -18.65 45.90
N THR C 302 -12.36 -17.55 45.76
CA THR C 302 -12.41 -16.49 46.77
C THR C 302 -13.84 -16.24 47.24
N ASP C 303 -14.00 -16.11 48.56
CA ASP C 303 -15.29 -15.88 49.18
C ASP C 303 -15.73 -14.43 48.97
N PRO C 304 -16.96 -14.18 48.54
CA PRO C 304 -17.42 -12.79 48.30
C PRO C 304 -17.36 -11.96 49.56
N PRO C 305 -17.13 -10.65 49.44
CA PRO C 305 -16.98 -9.80 50.63
C PRO C 305 -18.23 -9.79 51.48
N ARG C 306 -18.02 -9.71 52.80
CA ARG C 306 -19.10 -9.68 53.77
C ARG C 306 -19.32 -8.24 54.23
N GLY C 307 -20.50 -7.70 53.94
CA GLY C 307 -20.82 -6.35 54.35
C GLY C 307 -20.24 -5.30 53.44
N CYS C 308 -21.02 -4.23 53.19
CA CYS C 308 -20.53 -3.15 52.35
C CYS C 308 -19.52 -2.27 53.08
N VAL C 309 -19.70 -2.09 54.39
CA VAL C 309 -18.80 -1.24 55.15
C VAL C 309 -17.49 -1.98 55.40
N GLY C 310 -16.37 -1.31 55.13
CA GLY C 310 -15.07 -1.90 55.32
C GLY C 310 -14.56 -2.71 54.16
N ASN C 311 -15.27 -2.74 53.04
CA ASN C 311 -14.83 -3.47 51.84
C ASN C 311 -14.82 -2.50 50.67
N THR C 312 -13.64 -2.28 50.10
CA THR C 312 -13.49 -1.38 48.96
C THR C 312 -12.88 -2.08 47.75
N ASN C 313 -12.83 -3.40 47.75
CA ASN C 313 -12.23 -4.17 46.67
C ASN C 313 -13.28 -5.07 46.05
N ILE C 314 -13.12 -5.32 44.75
CA ILE C 314 -14.03 -6.19 44.01
C ILE C 314 -13.85 -7.62 44.48
N TRP C 315 -14.83 -8.47 44.16
CA TRP C 315 -14.71 -9.89 44.45
C TRP C 315 -13.94 -10.55 43.31
N LYS C 316 -12.78 -11.12 43.63
CA LYS C 316 -11.86 -11.58 42.59
C LYS C 316 -12.50 -12.66 41.71
N THR C 317 -13.26 -13.57 42.32
CA THR C 317 -13.89 -14.64 41.56
C THR C 317 -14.98 -14.10 40.64
N GLY C 318 -15.61 -12.98 41.02
CA GLY C 318 -16.75 -12.43 40.32
C GLY C 318 -16.73 -12.44 38.81
N PRO C 319 -15.72 -11.82 38.20
CA PRO C 319 -15.65 -11.85 36.72
C PRO C 319 -15.57 -13.24 36.13
N LEU C 320 -14.82 -14.15 36.75
CA LEU C 320 -14.74 -15.50 36.23
C LEU C 320 -16.06 -16.25 36.41
N PHE C 321 -16.72 -16.01 37.54
CA PHE C 321 -18.05 -16.59 37.77
C PHE C 321 -19.02 -16.13 36.69
N LYS C 322 -18.99 -14.83 36.38
CA LYS C 322 -19.86 -14.33 35.32
C LYS C 322 -19.50 -14.92 33.97
N ARG C 323 -18.20 -15.08 33.70
CA ARG C 323 -17.77 -15.66 32.43
C ARG C 323 -18.25 -17.09 32.28
N VAL C 324 -18.17 -17.88 33.35
CA VAL C 324 -18.64 -19.26 33.26
C VAL C 324 -20.17 -19.31 33.21
N LEU C 325 -20.84 -18.36 33.88
CA LEU C 325 -22.30 -18.32 33.84
C LEU C 325 -22.81 -17.97 32.45
N MET C 326 -22.10 -17.08 31.76
CA MET C 326 -22.49 -16.72 30.39
C MET C 326 -22.36 -17.91 29.44
N SER C 327 -21.38 -18.79 29.69
CA SER C 327 -21.13 -19.93 28.83
C SER C 327 -21.92 -21.17 29.23
N SER C 328 -22.79 -21.08 30.23
CA SER C 328 -23.54 -22.23 30.70
C SER C 328 -24.86 -22.35 29.95
N LYS C 329 -25.24 -23.59 29.66
CA LYS C 329 -26.49 -23.89 28.96
C LYS C 329 -27.34 -24.79 29.85
N TYR C 330 -28.63 -24.49 29.92
CA TYR C 330 -29.58 -25.21 30.78
C TYR C 330 -30.79 -25.54 29.93
N ALA C 331 -30.97 -26.83 29.62
CA ALA C 331 -31.97 -27.25 28.65
C ALA C 331 -33.30 -27.62 29.28
N ASP C 332 -33.30 -28.22 30.48
CA ASP C 332 -34.52 -28.71 31.09
C ASP C 332 -35.31 -27.62 31.81
N GLY C 333 -35.08 -26.34 31.48
CA GLY C 333 -35.81 -25.28 32.13
C GLY C 333 -37.28 -25.26 31.76
N VAL C 334 -38.07 -24.63 32.64
CA VAL C 334 -39.51 -24.54 32.43
C VAL C 334 -39.81 -23.71 31.18
N THR C 335 -39.10 -22.62 30.99
CA THR C 335 -39.28 -21.74 29.85
C THR C 335 -38.46 -22.17 28.63
N GLY C 336 -37.82 -23.33 28.69
CA GLY C 336 -37.02 -23.81 27.59
C GLY C 336 -35.54 -23.69 27.87
N ARG C 337 -34.76 -23.81 26.79
CA ARG C 337 -33.32 -23.70 26.90
C ARG C 337 -32.92 -22.29 27.32
N VAL C 338 -32.05 -22.20 28.32
CA VAL C 338 -31.62 -20.93 28.88
C VAL C 338 -30.19 -20.70 28.41
N GLU C 339 -30.01 -19.80 27.45
CA GLU C 339 -28.71 -19.48 26.90
C GLU C 339 -28.52 -17.98 26.91
N PHE C 340 -27.31 -17.53 27.19
CA PHE C 340 -26.98 -16.11 27.23
C PHE C 340 -25.98 -15.77 26.13
N ASN C 341 -26.21 -14.64 25.47
CA ASN C 341 -25.28 -14.16 24.45
C ASN C 341 -24.14 -13.39 25.13
N GLU C 342 -23.34 -12.69 24.34
CA GLU C 342 -22.16 -12.01 24.88
C GLU C 342 -22.53 -10.87 25.82
N ASP C 343 -23.74 -10.32 25.72
CA ASP C 343 -24.14 -9.19 26.54
C ASP C 343 -25.10 -9.56 27.67
N GLY C 344 -25.29 -10.85 27.92
CA GLY C 344 -26.15 -11.27 29.00
C GLY C 344 -27.63 -11.30 28.68
N ASP C 345 -28.01 -11.11 27.42
CA ASP C 345 -29.39 -11.24 27.01
C ASP C 345 -29.70 -12.68 26.67
N ARG C 346 -30.91 -13.12 27.02
CA ARG C 346 -31.31 -14.49 26.71
C ARG C 346 -31.45 -14.67 25.21
N LYS C 347 -30.98 -15.80 24.71
CA LYS C 347 -31.09 -16.15 23.30
C LYS C 347 -32.17 -17.21 23.10
N PHE C 348 -32.71 -17.23 21.88
CA PHE C 348 -33.70 -18.22 21.46
C PHE C 348 -34.93 -18.20 22.38
N ALA C 349 -35.59 -17.04 22.38
CA ALA C 349 -36.86 -16.85 23.07
C ALA C 349 -37.97 -16.83 22.04
N ASN C 350 -38.95 -17.72 22.20
CA ASN C 350 -40.01 -17.85 21.22
C ASN C 350 -41.13 -16.88 21.54
N TYR C 351 -41.64 -16.21 20.50
CA TYR C 351 -42.65 -15.16 20.63
C TYR C 351 -43.98 -15.65 20.08
N SER C 352 -45.04 -14.92 20.42
CA SER C 352 -46.38 -15.18 19.92
C SER C 352 -46.84 -13.94 19.17
N ILE C 353 -47.16 -14.10 17.88
CA ILE C 353 -47.63 -12.99 17.08
C ILE C 353 -49.11 -12.77 17.36
N MET C 354 -49.46 -11.55 17.75
CA MET C 354 -50.83 -11.20 18.11
C MET C 354 -51.47 -10.40 16.98
N ASN C 355 -52.71 -10.73 16.64
CA ASN C 355 -53.49 -9.99 15.66
C ASN C 355 -54.74 -9.45 16.34
N LEU C 356 -54.99 -8.15 16.17
CA LEU C 356 -56.15 -7.51 16.78
C LEU C 356 -57.35 -7.70 15.86
N GLN C 357 -58.27 -8.59 16.26
CA GLN C 357 -59.49 -8.85 15.51
C GLN C 357 -60.69 -8.58 16.42
N ASN C 358 -61.52 -7.63 16.00
CA ASN C 358 -62.72 -7.24 16.74
C ASN C 358 -62.40 -6.91 18.20
N ARG C 359 -61.45 -5.99 18.37
CA ARG C 359 -61.02 -5.46 19.67
C ARG C 359 -60.42 -6.52 20.58
N LYS C 360 -60.14 -7.72 20.06
CA LYS C 360 -59.58 -8.80 20.86
C LYS C 360 -58.41 -9.44 20.11
N LEU C 361 -57.34 -9.74 20.86
CA LEU C 361 -56.18 -10.36 20.27
C LEU C 361 -56.46 -11.82 19.92
N VAL C 362 -55.66 -12.35 19.01
CA VAL C 362 -55.72 -13.76 18.65
C VAL C 362 -54.41 -14.14 17.98
N GLN C 363 -53.89 -15.31 18.34
CA GLN C 363 -52.62 -15.75 17.79
C GLN C 363 -52.77 -16.15 16.33
N VAL C 364 -51.83 -15.69 15.50
CA VAL C 364 -51.83 -16.01 14.09
C VAL C 364 -50.47 -16.57 13.71
N GLY C 365 -49.67 -16.93 14.70
CA GLY C 365 -48.37 -17.51 14.44
C GLY C 365 -47.48 -17.49 15.66
N ILE C 366 -46.52 -18.40 15.65
CA ILE C 366 -45.48 -18.47 16.66
C ILE C 366 -44.16 -18.17 15.98
N TYR C 367 -43.29 -17.44 16.68
CA TYR C 367 -41.94 -17.15 16.18
C TYR C 367 -40.97 -17.99 17.00
N ASN C 368 -40.48 -19.07 16.41
CA ASN C 368 -39.49 -19.88 17.09
C ASN C 368 -38.14 -19.15 17.09
N GLY C 369 -37.11 -19.85 17.54
CA GLY C 369 -35.82 -19.23 17.72
C GLY C 369 -35.30 -18.50 16.50
N THR C 370 -35.61 -19.00 15.30
CA THR C 370 -35.02 -18.40 14.11
C THR C 370 -36.07 -17.90 13.12
N HIS C 371 -37.06 -18.72 12.78
CA HIS C 371 -38.10 -18.38 11.80
C HIS C 371 -39.44 -18.09 12.49
N VAL C 372 -40.41 -17.71 11.66
CA VAL C 372 -41.79 -17.50 12.09
C VAL C 372 -42.66 -18.55 11.41
N ILE C 373 -43.52 -19.20 12.19
CA ILE C 373 -44.32 -20.31 11.69
C ILE C 373 -45.81 -20.01 11.88
N PRO C 374 -46.49 -19.45 10.87
CA PRO C 374 -47.93 -19.21 11.00
C PRO C 374 -48.71 -20.47 10.65
N ASN C 375 -49.45 -20.99 11.64
CA ASN C 375 -50.16 -22.26 11.48
C ASN C 375 -51.51 -22.07 10.79
N ASP C 376 -52.41 -21.34 11.43
CA ASP C 376 -53.81 -21.23 11.04
C ASP C 376 -54.25 -19.80 11.34
N ARG C 377 -55.58 -19.59 11.40
CA ARG C 377 -56.16 -18.31 11.83
C ARG C 377 -55.69 -17.17 10.92
N LYS C 378 -56.16 -17.24 9.67
CA LYS C 378 -55.84 -16.28 8.62
C LYS C 378 -55.79 -14.85 9.15
N ILE C 379 -54.70 -14.13 8.84
CA ILE C 379 -54.49 -12.80 9.39
C ILE C 379 -55.46 -11.82 8.75
N ILE C 380 -56.05 -10.96 9.57
CA ILE C 380 -56.95 -9.91 9.10
C ILE C 380 -56.22 -8.58 9.22
N TRP C 381 -56.04 -7.92 8.09
CA TRP C 381 -55.21 -6.73 7.97
C TRP C 381 -56.01 -5.49 8.34
N PRO C 382 -55.34 -4.34 8.53
CA PRO C 382 -56.06 -3.15 9.05
C PRO C 382 -57.27 -2.73 8.24
N GLY C 383 -57.24 -2.89 6.93
CA GLY C 383 -58.36 -2.47 6.12
C GLY C 383 -59.54 -3.41 6.09
N GLY C 384 -59.53 -4.47 6.90
CA GLY C 384 -60.57 -5.46 6.85
C GLY C 384 -60.44 -6.47 5.74
N GLU C 385 -59.38 -6.39 4.94
CA GLU C 385 -59.18 -7.32 3.85
C GLU C 385 -58.40 -8.53 4.32
N THR C 386 -58.69 -9.68 3.69
CA THR C 386 -58.10 -10.95 4.08
C THR C 386 -56.96 -11.36 3.16
N GLU C 387 -56.55 -10.50 2.23
CA GLU C 387 -55.44 -10.77 1.33
C GLU C 387 -54.27 -9.87 1.69
N LYS C 388 -53.06 -10.42 1.66
CA LYS C 388 -51.85 -9.74 2.08
C LYS C 388 -51.64 -8.45 1.30
N PRO C 389 -51.77 -7.29 1.94
CA PRO C 389 -51.56 -6.03 1.22
C PRO C 389 -50.08 -5.79 0.98
N ARG C 390 -49.73 -5.46 -0.26
CA ARG C 390 -48.36 -5.11 -0.58
C ARG C 390 -47.98 -3.80 0.11
N GLY C 391 -46.85 -3.81 0.79
CA GLY C 391 -46.43 -2.65 1.54
C GLY C 391 -45.75 -1.60 0.67
N TYR C 392 -46.41 -1.19 -0.40
CA TYR C 392 -45.83 -0.22 -1.33
C TYR C 392 -46.94 0.32 -2.22
N GLN C 393 -46.91 1.62 -2.47
CA GLN C 393 -47.81 2.25 -3.43
C GLN C 393 -47.03 3.23 -4.28
N MET C 394 -47.21 3.14 -5.60
CA MET C 394 -46.52 4.02 -6.53
C MET C 394 -47.17 5.40 -6.52
N SER C 395 -46.36 6.44 -6.39
CA SER C 395 -46.83 7.82 -6.39
C SER C 395 -46.67 8.38 -7.80
N THR C 396 -47.80 8.54 -8.51
CA THR C 396 -47.76 9.08 -9.86
C THR C 396 -47.49 10.57 -9.89
N ARG C 397 -47.54 11.24 -8.75
CA ARG C 397 -47.25 12.67 -8.67
C ARG C 397 -45.86 12.86 -8.07
N LEU C 398 -45.02 13.61 -8.77
CA LEU C 398 -43.62 13.79 -8.40
C LEU C 398 -43.35 15.23 -7.97
N LYS C 399 -42.39 15.39 -7.07
CA LYS C 399 -41.93 16.69 -6.63
C LYS C 399 -40.55 16.93 -7.22
N ILE C 400 -40.39 18.05 -7.91
CA ILE C 400 -39.22 18.31 -8.74
C ILE C 400 -38.57 19.61 -8.29
N VAL C 401 -37.27 19.58 -8.08
CA VAL C 401 -36.49 20.75 -7.69
C VAL C 401 -35.75 21.26 -8.91
N THR C 402 -35.48 22.57 -8.93
CA THR C 402 -34.80 23.18 -10.07
C THR C 402 -34.05 24.43 -9.61
N ILE C 403 -33.18 24.91 -10.51
CA ILE C 403 -32.35 26.08 -10.24
C ILE C 403 -32.54 27.06 -11.38
N HIS C 404 -32.32 28.35 -11.09
CA HIS C 404 -32.49 29.41 -12.08
C HIS C 404 -31.20 29.56 -12.86
N GLN C 405 -31.14 28.93 -14.04
CA GLN C 405 -30.07 29.13 -14.99
C GLN C 405 -30.66 29.77 -16.24
N GLU C 406 -30.05 30.85 -16.69
CA GLU C 406 -30.65 31.72 -17.71
C GLU C 406 -30.96 30.98 -19.01
N PRO C 407 -30.02 30.27 -19.65
CA PRO C 407 -30.36 29.65 -20.94
C PRO C 407 -31.30 28.47 -20.81
N PHE C 408 -31.48 27.91 -19.61
CA PHE C 408 -32.23 26.68 -19.43
C PHE C 408 -33.55 26.88 -18.69
N VAL C 409 -33.50 27.48 -17.50
CA VAL C 409 -34.68 27.63 -16.66
C VAL C 409 -34.86 29.13 -16.39
N TYR C 410 -35.68 29.79 -17.20
CA TYR C 410 -36.10 31.15 -16.91
C TYR C 410 -37.15 31.14 -15.79
N VAL C 411 -36.94 32.00 -14.79
CA VAL C 411 -37.87 32.17 -13.68
C VAL C 411 -38.36 33.60 -13.74
N LYS C 412 -39.68 33.79 -13.78
CA LYS C 412 -40.22 35.14 -13.85
C LYS C 412 -41.36 35.30 -12.85
N PRO C 413 -41.48 36.49 -12.26
CA PRO C 413 -42.56 36.72 -11.30
C PRO C 413 -43.93 36.69 -11.96
N THR C 414 -44.92 36.25 -11.18
CA THR C 414 -46.29 36.19 -11.67
C THR C 414 -46.95 37.55 -11.58
N MET C 415 -48.10 37.68 -12.23
CA MET C 415 -48.81 38.95 -12.30
C MET C 415 -50.25 38.77 -11.84
N SER C 416 -50.79 39.82 -11.20
CA SER C 416 -52.19 39.94 -10.85
C SER C 416 -52.75 38.69 -10.17
N ASP C 417 -53.47 37.86 -10.94
CA ASP C 417 -54.18 36.73 -10.34
C ASP C 417 -53.22 35.73 -9.72
N GLY C 418 -52.08 35.48 -10.35
CA GLY C 418 -51.15 34.49 -9.84
C GLY C 418 -50.46 33.68 -10.93
N THR C 419 -50.79 33.98 -12.18
CA THR C 419 -50.14 33.39 -13.33
C THR C 419 -49.23 34.44 -13.98
N CYS C 420 -48.57 34.03 -15.05
CA CYS C 420 -47.74 34.95 -15.84
C CYS C 420 -48.16 34.88 -17.30
N LYS C 421 -47.93 35.98 -18.01
CA LYS C 421 -48.52 36.20 -19.31
C LYS C 421 -48.05 35.17 -20.34
N GLU C 422 -48.98 34.75 -21.20
CA GLU C 422 -48.63 33.89 -22.32
C GLU C 422 -47.93 34.70 -23.40
N GLU C 423 -46.96 34.06 -24.05
CA GLU C 423 -46.21 34.70 -25.12
C GLU C 423 -45.78 33.65 -26.12
N PHE C 424 -45.47 34.11 -27.34
CA PHE C 424 -45.17 33.23 -28.45
C PHE C 424 -43.77 33.48 -28.97
N THR C 425 -43.21 32.48 -29.64
CA THR C 425 -41.88 32.57 -30.22
C THR C 425 -41.95 33.13 -31.64
N VAL C 426 -40.80 33.16 -32.31
CA VAL C 426 -40.76 33.68 -33.68
C VAL C 426 -41.54 32.77 -34.62
N ASN C 427 -41.59 31.47 -34.33
CA ASN C 427 -42.40 30.56 -35.12
C ASN C 427 -43.90 30.80 -34.89
N GLY C 428 -44.28 31.32 -33.73
CA GLY C 428 -45.66 31.56 -33.40
C GLY C 428 -46.26 30.55 -32.45
N ASP C 429 -45.56 29.46 -32.15
CA ASP C 429 -46.07 28.46 -31.23
C ASP C 429 -46.10 29.01 -29.81
N PRO C 430 -47.09 28.60 -29.00
CA PRO C 430 -47.14 29.06 -27.62
C PRO C 430 -45.98 28.53 -26.80
N VAL C 431 -45.59 29.30 -25.78
CA VAL C 431 -44.51 28.91 -24.87
C VAL C 431 -45.12 28.21 -23.67
N LYS C 432 -44.61 27.01 -23.38
CA LYS C 432 -45.11 26.22 -22.26
C LYS C 432 -44.45 26.68 -20.97
N LYS C 433 -45.26 26.99 -19.96
CA LYS C 433 -44.80 27.46 -18.68
C LYS C 433 -45.45 26.66 -17.56
N VAL C 434 -44.78 26.62 -16.42
CA VAL C 434 -45.29 25.95 -15.23
C VAL C 434 -45.18 26.89 -14.04
N ILE C 435 -45.89 26.57 -12.98
CA ILE C 435 -45.88 27.35 -11.75
C ILE C 435 -44.89 26.72 -10.78
N CYS C 436 -43.95 27.51 -10.28
CA CYS C 436 -42.86 27.01 -9.44
C CYS C 436 -42.72 27.91 -8.22
N THR C 437 -42.65 27.31 -7.04
CA THR C 437 -42.49 28.08 -5.82
C THR C 437 -41.02 28.35 -5.54
N GLY C 438 -40.68 29.59 -5.23
CA GLY C 438 -39.29 29.94 -5.03
C GLY C 438 -38.97 30.66 -3.74
N PRO C 439 -37.68 30.67 -3.36
CA PRO C 439 -37.26 31.32 -2.11
C PRO C 439 -37.14 32.84 -2.24
N ASN C 440 -37.00 33.34 -3.47
CA ASN C 440 -36.91 34.78 -3.69
C ASN C 440 -35.86 35.39 -2.87
N ASP C 441 -34.66 34.92 -3.11
CA ASP C 441 -33.54 35.46 -2.39
C ASP C 441 -33.73 35.43 -0.90
N THR C 442 -33.39 34.31 -0.31
CA THR C 442 -33.54 34.17 1.12
C THR C 442 -32.97 35.38 1.93
N SER C 443 -33.72 35.94 2.91
CA SER C 443 -33.25 37.13 3.70
C SER C 443 -34.08 37.63 4.93
N PRO C 444 -33.41 37.93 6.05
CA PRO C 444 -34.24 38.45 7.15
C PRO C 444 -35.00 39.66 6.65
N GLY C 445 -34.31 40.54 5.93
CA GLY C 445 -34.97 41.71 5.37
C GLY C 445 -36.14 41.27 4.52
N SER C 446 -35.94 40.24 3.70
CA SER C 446 -37.01 39.73 2.87
C SER C 446 -38.23 39.50 3.74
N PRO C 447 -39.42 39.72 3.18
CA PRO C 447 -40.66 39.52 3.94
C PRO C 447 -40.83 38.07 4.37
N ARG C 448 -39.80 37.26 4.22
CA ARG C 448 -39.88 35.85 4.55
C ARG C 448 -40.97 35.20 3.77
N HIS C 449 -41.46 35.87 2.73
CA HIS C 449 -42.57 35.37 1.96
C HIS C 449 -42.12 34.35 0.86
N THR C 450 -42.67 33.12 0.85
CA THR C 450 -42.38 32.14 -0.23
C THR C 450 -43.34 32.48 -1.34
N VAL C 451 -42.87 32.63 -2.57
CA VAL C 451 -43.75 33.09 -3.63
C VAL C 451 -43.83 32.21 -4.87
N PRO C 452 -45.04 32.02 -5.41
CA PRO C 452 -45.15 31.28 -6.67
C PRO C 452 -44.81 32.16 -7.87
N GLN C 453 -43.73 31.79 -8.56
CA GLN C 453 -43.33 32.38 -9.83
C GLN C 453 -43.68 31.42 -10.95
N CYS C 454 -43.28 31.75 -12.18
CA CYS C 454 -43.50 30.87 -13.31
C CYS C 454 -42.17 30.56 -13.99
N CYS C 455 -41.95 29.28 -14.26
CA CYS C 455 -40.73 28.77 -14.86
C CYS C 455 -41.01 28.33 -16.29
N TYR C 456 -40.03 28.55 -17.16
CA TYR C 456 -40.13 28.11 -18.55
C TYR C 456 -38.73 28.08 -19.16
N GLY C 457 -38.53 27.18 -20.11
CA GLY C 457 -37.28 27.12 -20.82
C GLY C 457 -36.98 25.71 -21.29
N PHE C 458 -35.68 25.45 -21.47
CA PHE C 458 -35.23 24.16 -22.00
C PHE C 458 -35.62 23.02 -21.07
N CYS C 459 -35.26 23.13 -19.79
CA CYS C 459 -35.54 22.05 -18.85
C CYS C 459 -37.03 21.88 -18.63
N ILE C 460 -37.80 22.96 -18.62
CA ILE C 460 -39.24 22.85 -18.39
C ILE C 460 -39.93 22.20 -19.57
N ASP C 461 -39.54 22.55 -20.80
CA ASP C 461 -40.12 21.89 -21.97
C ASP C 461 -39.74 20.42 -21.98
N LEU C 462 -38.49 20.10 -21.66
CA LEU C 462 -38.08 18.70 -21.58
C LEU C 462 -38.88 17.96 -20.52
N LEU C 463 -39.11 18.58 -19.37
CA LEU C 463 -39.88 17.95 -18.31
C LEU C 463 -41.32 17.72 -18.73
N ILE C 464 -41.92 18.68 -19.42
CA ILE C 464 -43.29 18.50 -19.90
C ILE C 464 -43.37 17.34 -20.87
N LYS C 465 -42.41 17.25 -21.80
CA LYS C 465 -42.40 16.13 -22.72
C LYS C 465 -42.21 14.81 -21.99
N LEU C 466 -41.33 14.78 -20.99
CA LEU C 466 -41.06 13.57 -20.24
C LEU C 466 -42.30 13.12 -19.47
N ALA C 467 -42.99 14.06 -18.83
CA ALA C 467 -44.20 13.72 -18.07
C ALA C 467 -45.32 13.26 -19.00
N ARG C 468 -45.43 13.86 -20.17
CA ARG C 468 -46.43 13.41 -21.14
C ARG C 468 -46.13 12.00 -21.62
N THR C 469 -44.85 11.70 -21.85
CA THR C 469 -44.49 10.37 -22.35
C THR C 469 -44.67 9.29 -21.28
N MET C 470 -44.19 9.54 -20.06
CA MET C 470 -44.18 8.52 -19.02
C MET C 470 -45.44 8.54 -18.16
N ASN C 471 -46.39 9.43 -18.43
CA ASN C 471 -47.68 9.46 -17.76
C ASN C 471 -47.54 9.61 -16.25
N PHE C 472 -47.01 10.76 -15.84
CA PHE C 472 -46.97 11.11 -14.44
C PHE C 472 -47.13 12.62 -14.30
N THR C 473 -47.95 13.04 -13.35
CA THR C 473 -48.08 14.46 -13.04
C THR C 473 -46.87 14.92 -12.21
N TYR C 474 -46.74 16.23 -12.07
CA TYR C 474 -45.53 16.77 -11.46
C TYR C 474 -45.83 18.09 -10.77
N GLU C 475 -44.93 18.47 -9.86
CA GLU C 475 -44.94 19.77 -9.23
C GLU C 475 -43.51 20.29 -9.17
N VAL C 476 -43.32 21.55 -9.55
CA VAL C 476 -41.99 22.14 -9.70
C VAL C 476 -41.79 23.18 -8.61
N HIS C 477 -40.64 23.14 -7.96
CA HIS C 477 -40.27 24.15 -6.98
C HIS C 477 -38.78 24.43 -7.08
N LEU C 478 -38.39 25.68 -6.85
CA LEU C 478 -37.00 26.06 -6.92
C LEU C 478 -36.27 25.67 -5.63
N VAL C 479 -34.97 25.45 -5.75
CA VAL C 479 -34.17 25.05 -4.60
C VAL C 479 -34.11 26.20 -3.60
N ALA C 480 -34.17 25.87 -2.31
CA ALA C 480 -34.30 26.88 -1.28
C ALA C 480 -33.07 27.78 -1.21
N ASP C 481 -31.87 27.19 -1.25
CA ASP C 481 -30.65 27.94 -1.03
C ASP C 481 -29.94 28.35 -2.31
N GLY C 482 -30.48 28.00 -3.47
CA GLY C 482 -29.88 28.41 -4.73
C GLY C 482 -28.50 27.86 -5.00
N LYS C 483 -28.25 26.61 -4.63
CA LYS C 483 -26.96 25.96 -4.87
C LYS C 483 -27.19 24.60 -5.51
N PHE C 484 -26.26 24.21 -6.38
CA PHE C 484 -26.34 22.90 -7.03
C PHE C 484 -26.07 21.78 -6.03
N GLY C 485 -25.09 21.97 -5.15
CA GLY C 485 -24.94 21.00 -4.06
C GLY C 485 -23.66 20.21 -4.10
N THR C 486 -22.89 20.32 -3.02
CA THR C 486 -21.68 19.52 -2.81
C THR C 486 -21.69 19.00 -1.37
N GLN C 487 -20.84 18.02 -1.12
CA GLN C 487 -20.67 17.48 0.23
C GLN C 487 -19.87 18.47 1.07
N GLU C 488 -20.35 18.74 2.29
CA GLU C 488 -19.62 19.59 3.22
C GLU C 488 -19.68 18.97 4.60
N ARG C 489 -18.57 19.03 5.32
CA ARG C 489 -18.56 18.58 6.70
C ARG C 489 -19.37 19.55 7.56
N VAL C 490 -20.12 19.00 8.52
CA VAL C 490 -21.04 19.82 9.31
C VAL C 490 -20.27 20.87 10.10
N ASN C 491 -19.23 20.45 10.81
CA ASN C 491 -18.39 21.39 11.56
C ASN C 491 -17.12 20.65 11.95
N ASN C 492 -15.97 21.29 11.70
CA ASN C 492 -14.64 20.72 11.94
C ASN C 492 -14.56 19.25 11.55
N SER C 493 -14.45 18.37 12.54
CA SER C 493 -14.42 16.92 12.31
C SER C 493 -15.78 16.34 12.68
N ASN C 494 -16.64 16.21 11.67
CA ASN C 494 -17.98 15.70 11.86
C ASN C 494 -18.37 14.85 10.66
N LYS C 495 -19.66 14.50 10.60
CA LYS C 495 -20.17 13.72 9.48
C LYS C 495 -20.56 14.64 8.33
N LYS C 496 -20.17 14.25 7.12
CA LYS C 496 -20.45 15.08 5.94
C LYS C 496 -21.93 15.03 5.59
N GLU C 497 -22.41 16.11 4.97
CA GLU C 497 -23.80 16.25 4.59
C GLU C 497 -23.90 16.92 3.23
N TRP C 498 -24.92 16.56 2.46
CA TRP C 498 -25.17 17.15 1.16
C TRP C 498 -26.04 18.39 1.32
N ASN C 499 -25.72 19.44 0.56
CA ASN C 499 -26.50 20.66 0.56
C ASN C 499 -27.11 20.88 -0.82
N GLY C 500 -27.83 21.99 -0.96
CA GLY C 500 -28.33 22.41 -2.27
C GLY C 500 -29.35 21.45 -2.86
N MET C 501 -29.34 21.39 -4.19
CA MET C 501 -30.29 20.54 -4.91
C MET C 501 -30.05 19.06 -4.62
N MET C 502 -28.78 18.67 -4.48
CA MET C 502 -28.47 17.29 -4.10
C MET C 502 -29.05 16.97 -2.73
N GLY C 503 -28.91 17.90 -1.78
CA GLY C 503 -29.50 17.69 -0.47
C GLY C 503 -31.02 17.60 -0.52
N GLU C 504 -31.64 18.45 -1.33
CA GLU C 504 -33.10 18.37 -1.49
C GLU C 504 -33.53 17.03 -2.06
N LEU C 505 -32.81 16.53 -3.06
CA LEU C 505 -33.16 15.25 -3.65
C LEU C 505 -32.97 14.11 -2.66
N LEU C 506 -31.86 14.10 -1.93
CA LEU C 506 -31.58 13.00 -1.02
C LEU C 506 -32.51 13.02 0.19
N SER C 507 -32.88 14.21 0.65
CA SER C 507 -33.72 14.33 1.85
C SER C 507 -35.15 13.89 1.60
N GLY C 508 -35.57 13.78 0.34
CA GLY C 508 -36.93 13.44 0.01
C GLY C 508 -37.82 14.61 -0.32
N GLN C 509 -37.33 15.85 -0.14
CA GLN C 509 -38.10 17.02 -0.52
C GLN C 509 -38.31 17.12 -2.02
N ALA C 510 -37.50 16.40 -2.81
CA ALA C 510 -37.67 16.34 -4.26
C ALA C 510 -37.51 14.90 -4.71
N ASP C 511 -38.34 14.51 -5.69
CA ASP C 511 -38.28 13.17 -6.25
C ASP C 511 -37.42 13.10 -7.50
N MET C 512 -37.29 14.20 -8.23
CA MET C 512 -36.50 14.25 -9.45
C MET C 512 -35.78 15.59 -9.51
N ILE C 513 -34.72 15.64 -10.32
CA ILE C 513 -33.98 16.87 -10.56
C ILE C 513 -33.98 17.13 -12.05
N VAL C 514 -34.62 18.22 -12.47
CA VAL C 514 -34.63 18.64 -13.85
C VAL C 514 -33.98 20.01 -13.90
N ALA C 515 -32.68 20.03 -14.22
CA ALA C 515 -31.88 21.24 -14.26
C ALA C 515 -30.54 20.93 -14.92
N PRO C 516 -29.75 21.93 -15.30
CA PRO C 516 -28.42 21.64 -15.85
C PRO C 516 -27.46 21.11 -14.80
N LEU C 517 -27.64 19.87 -14.39
CA LEU C 517 -26.82 19.25 -13.35
C LEU C 517 -25.83 18.30 -14.01
N THR C 518 -24.55 18.59 -13.86
CA THR C 518 -23.52 17.79 -14.51
C THR C 518 -23.33 16.45 -13.79
N ILE C 519 -22.81 15.49 -14.53
CA ILE C 519 -22.53 14.16 -14.00
C ILE C 519 -21.07 14.10 -13.56
N ASN C 520 -20.85 13.67 -12.31
CA ASN C 520 -19.52 13.53 -11.77
C ASN C 520 -19.54 12.45 -10.70
N ASN C 521 -18.33 11.99 -10.32
CA ASN C 521 -18.22 10.83 -9.44
C ASN C 521 -18.85 11.11 -8.08
N GLU C 522 -18.62 12.29 -7.52
CA GLU C 522 -19.14 12.60 -6.19
C GLU C 522 -20.65 12.46 -6.15
N ARG C 523 -21.35 13.11 -7.09
CA ARG C 523 -22.80 13.02 -7.11
C ARG C 523 -23.29 11.65 -7.53
N ALA C 524 -22.56 10.99 -8.44
CA ALA C 524 -23.00 9.67 -8.90
C ALA C 524 -22.83 8.60 -7.85
N GLN C 525 -22.02 8.83 -6.81
CA GLN C 525 -21.90 7.85 -5.75
C GLN C 525 -23.19 7.70 -4.96
N TYR C 526 -24.00 8.75 -4.89
CA TYR C 526 -25.17 8.78 -4.02
C TYR C 526 -26.50 8.76 -4.76
N ILE C 527 -26.58 9.39 -5.93
CA ILE C 527 -27.81 9.41 -6.72
C ILE C 527 -27.54 8.72 -8.04
N GLU C 528 -28.61 8.53 -8.81
CA GLU C 528 -28.55 7.88 -10.11
C GLU C 528 -28.81 8.90 -11.20
N PHE C 529 -27.90 8.97 -12.16
CA PHE C 529 -28.02 9.89 -13.29
C PHE C 529 -28.57 9.16 -14.51
N SER C 530 -29.40 9.87 -15.27
CA SER C 530 -29.88 9.37 -16.54
C SER C 530 -28.83 9.62 -17.62
N LYS C 531 -29.09 9.07 -18.81
CA LYS C 531 -28.22 9.36 -19.94
C LYS C 531 -28.26 10.86 -20.23
N PRO C 532 -27.12 11.49 -20.50
CA PRO C 532 -27.09 12.94 -20.63
C PRO C 532 -27.99 13.43 -21.75
N PHE C 533 -28.72 14.50 -21.48
CA PHE C 533 -29.55 15.15 -22.49
C PHE C 533 -28.87 16.36 -23.10
N LYS C 534 -27.64 16.67 -22.69
CA LYS C 534 -26.90 17.80 -23.24
C LYS C 534 -25.43 17.59 -22.95
N TYR C 535 -24.63 17.39 -23.99
CA TYR C 535 -23.19 17.24 -23.84
C TYR C 535 -22.54 18.61 -23.91
N GLN C 536 -21.54 18.83 -23.04
CA GLN C 536 -20.95 20.15 -22.91
C GLN C 536 -19.61 20.00 -22.21
N GLY C 537 -19.01 21.12 -21.84
CA GLY C 537 -17.78 21.12 -21.09
C GLY C 537 -17.68 22.30 -20.16
N LEU C 538 -16.46 22.62 -19.73
CA LEU C 538 -16.19 23.81 -18.93
C LEU C 538 -15.41 24.80 -19.77
N THR C 539 -15.60 26.09 -19.48
CA THR C 539 -14.95 27.12 -20.28
C THR C 539 -14.88 28.41 -19.47
N ILE C 540 -14.10 29.36 -19.98
CA ILE C 540 -13.81 30.61 -19.30
C ILE C 540 -14.36 31.77 -20.13
N LEU C 541 -15.04 32.70 -19.46
CA LEU C 541 -15.65 33.86 -20.07
C LEU C 541 -14.96 35.12 -19.55
N VAL C 542 -14.61 36.03 -20.46
CA VAL C 542 -13.95 37.28 -20.11
C VAL C 542 -14.55 38.40 -20.94
N LYS C 543 -14.24 39.63 -20.55
CA LYS C 543 -14.75 40.80 -21.26
C LYS C 543 -13.98 41.00 -22.56
N LYS C 544 -14.72 41.33 -23.62
CA LYS C 544 -14.12 41.57 -24.92
C LYS C 544 -13.78 43.04 -25.07
N GLU C 545 -12.62 43.31 -25.66
CA GLU C 545 -12.11 44.67 -25.83
C GLU C 545 -12.19 45.08 -27.30
N ILE C 546 -12.73 46.26 -27.55
CA ILE C 546 -12.82 46.82 -28.89
C ILE C 546 -11.50 47.52 -29.20
N PRO C 547 -10.90 47.30 -30.37
CA PRO C 547 -9.65 47.98 -30.71
C PRO C 547 -9.81 49.50 -30.69
N ARG C 548 -8.77 50.17 -30.20
CA ARG C 548 -8.80 51.63 -30.07
C ARG C 548 -8.68 52.30 -31.43
N SER C 549 -9.71 53.05 -31.81
CA SER C 549 -9.74 53.80 -33.07
C SER C 549 -9.55 52.89 -34.29
N ARG C 663 -7.48 36.16 -25.44
CA ARG C 663 -6.97 36.53 -24.12
C ARG C 663 -6.43 35.31 -23.40
N ILE C 664 -6.69 35.22 -22.10
CA ILE C 664 -6.17 34.13 -21.31
C ILE C 664 -6.43 32.71 -21.85
N THR C 665 -5.41 31.89 -22.03
CA THR C 665 -5.64 30.58 -22.65
C THR C 665 -5.88 29.40 -21.69
N GLY C 666 -7.11 28.90 -21.56
CA GLY C 666 -7.37 27.72 -20.75
C GLY C 666 -7.05 27.71 -19.26
N ILE C 667 -6.83 26.53 -18.68
CA ILE C 667 -6.52 26.44 -17.26
C ILE C 667 -5.01 26.34 -17.09
N ASN C 668 -4.29 26.07 -18.18
CA ASN C 668 -2.85 25.92 -18.11
C ASN C 668 -2.12 27.27 -18.33
N ASP C 669 -2.86 28.36 -18.48
CA ASP C 669 -2.21 29.67 -18.63
C ASP C 669 -1.48 30.00 -17.36
N PRO C 670 -0.28 30.53 -17.47
CA PRO C 670 0.53 31.00 -16.33
C PRO C 670 -0.02 32.19 -15.55
N ARG C 671 -1.10 32.81 -16.02
CA ARG C 671 -1.71 33.88 -15.24
C ARG C 671 -2.60 33.16 -14.24
N LEU C 672 -3.22 32.05 -14.66
CA LEU C 672 -4.11 31.28 -13.77
C LEU C 672 -3.32 30.42 -12.80
N ARG C 673 -2.30 29.73 -13.28
CA ARG C 673 -1.54 28.83 -12.42
C ARG C 673 -0.61 29.54 -11.46
N ASN C 674 -0.40 30.83 -11.67
CA ASN C 674 0.44 31.62 -10.77
C ASN C 674 -0.38 32.80 -10.31
N PRO C 675 -1.25 32.58 -9.32
CA PRO C 675 -2.15 33.67 -8.96
C PRO C 675 -1.52 34.90 -8.32
N SER C 676 -2.20 36.04 -8.45
CA SER C 676 -1.71 37.26 -7.82
C SER C 676 -2.90 37.95 -7.23
N ASP C 677 -2.68 38.81 -6.25
CA ASP C 677 -3.79 39.57 -5.68
C ASP C 677 -4.46 40.35 -6.81
N LYS C 678 -3.67 40.91 -7.70
CA LYS C 678 -4.22 41.71 -8.81
C LYS C 678 -5.25 40.93 -9.64
N PHE C 679 -4.93 39.72 -10.07
CA PHE C 679 -5.84 38.96 -10.95
C PHE C 679 -6.96 38.28 -10.23
N ILE C 680 -8.21 38.40 -10.72
CA ILE C 680 -9.21 37.67 -9.94
C ILE C 680 -10.05 36.84 -10.89
N TYR C 681 -10.09 35.53 -10.66
CA TYR C 681 -10.97 34.61 -11.35
C TYR C 681 -11.63 33.70 -10.32
N ALA C 682 -12.92 33.45 -10.52
CA ALA C 682 -13.67 32.63 -9.57
C ALA C 682 -14.86 32.00 -10.27
N THR C 683 -15.53 31.10 -9.56
CA THR C 683 -16.70 30.39 -10.08
C THR C 683 -17.79 30.44 -9.03
N VAL C 684 -18.93 29.81 -9.35
CA VAL C 684 -20.06 29.79 -8.43
C VAL C 684 -19.76 28.88 -7.24
N LYS C 685 -20.21 29.30 -6.06
CA LYS C 685 -20.00 28.51 -4.85
C LYS C 685 -20.79 27.21 -4.90
N GLN C 686 -20.18 26.14 -4.39
CA GLN C 686 -20.82 24.84 -4.23
C GLN C 686 -21.48 24.38 -5.52
N SER C 687 -20.63 24.21 -6.55
CA SER C 687 -21.09 23.75 -7.85
C SER C 687 -20.19 22.61 -8.30
N SER C 688 -20.38 22.17 -9.55
CA SER C 688 -19.54 21.11 -10.09
C SER C 688 -18.11 21.56 -10.29
N VAL C 689 -17.90 22.83 -10.65
CA VAL C 689 -16.54 23.33 -10.84
C VAL C 689 -15.80 23.39 -9.53
N ASP C 690 -16.49 23.75 -8.44
CA ASP C 690 -15.89 23.73 -7.12
C ASP C 690 -15.41 22.32 -6.76
N ILE C 691 -16.25 21.32 -7.02
CA ILE C 691 -15.85 19.94 -6.77
C ILE C 691 -14.66 19.55 -7.64
N TYR C 692 -14.70 19.95 -8.92
CA TYR C 692 -13.63 19.59 -9.85
C TYR C 692 -12.29 20.14 -9.39
N PHE C 693 -12.27 21.39 -8.93
CA PHE C 693 -11.03 21.96 -8.44
C PHE C 693 -10.64 21.42 -7.06
N ARG C 694 -11.61 21.01 -6.25
CA ARG C 694 -11.29 20.37 -4.98
C ARG C 694 -10.58 19.04 -5.20
N ARG C 695 -11.05 18.24 -6.16
CA ARG C 695 -10.49 16.91 -6.39
C ARG C 695 -9.05 16.99 -6.86
N GLN C 696 -8.75 17.91 -7.77
CA GLN C 696 -7.42 17.98 -8.37
C GLN C 696 -6.39 18.43 -7.34
N VAL C 697 -5.22 17.80 -7.39
CA VAL C 697 -4.13 18.16 -6.49
C VAL C 697 -3.20 19.18 -7.14
N GLU C 698 -2.92 19.02 -8.44
CA GLU C 698 -2.11 19.98 -9.17
C GLU C 698 -2.82 21.29 -9.41
N LEU C 699 -4.11 21.38 -9.11
CA LEU C 699 -4.87 22.62 -9.22
C LEU C 699 -5.21 23.18 -7.85
N SER C 700 -4.42 22.81 -6.84
CA SER C 700 -4.76 23.19 -5.46
C SER C 700 -4.55 24.69 -5.23
N THR C 701 -3.47 25.26 -5.78
CA THR C 701 -3.26 26.69 -5.64
C THR C 701 -4.36 27.48 -6.33
N MET C 702 -4.78 27.02 -7.52
CA MET C 702 -5.90 27.65 -8.21
C MET C 702 -7.17 27.56 -7.37
N TYR C 703 -7.42 26.42 -6.75
CA TYR C 703 -8.60 26.29 -5.92
C TYR C 703 -8.53 27.24 -4.73
N ARG C 704 -7.36 27.37 -4.12
CA ARG C 704 -7.22 28.24 -2.96
C ARG C 704 -7.44 29.70 -3.36
N HIS C 705 -6.92 30.11 -4.51
CA HIS C 705 -7.17 31.47 -5.00
C HIS C 705 -8.65 31.67 -5.32
N MET C 706 -9.28 30.67 -5.95
CA MET C 706 -10.66 30.81 -6.38
C MET C 706 -11.62 30.89 -5.19
N GLU C 707 -11.37 30.08 -4.16
CA GLU C 707 -12.32 29.96 -3.06
C GLU C 707 -12.50 31.27 -2.32
N LYS C 708 -11.47 32.11 -2.28
CA LYS C 708 -11.56 33.36 -1.53
C LYS C 708 -12.44 34.40 -2.23
N HIS C 709 -12.79 34.18 -3.50
CA HIS C 709 -13.58 35.14 -4.25
C HIS C 709 -14.77 34.49 -4.97
N ASN C 710 -15.16 33.29 -4.54
CA ASN C 710 -16.23 32.58 -5.22
C ASN C 710 -17.55 33.32 -5.09
N TYR C 711 -18.38 33.21 -6.13
CA TYR C 711 -19.63 33.94 -6.23
C TYR C 711 -20.82 33.06 -5.90
N GLU C 712 -21.93 33.71 -5.52
CA GLU C 712 -23.11 32.98 -5.08
C GLU C 712 -23.91 32.39 -6.24
N SER C 713 -23.98 33.08 -7.37
CA SER C 713 -24.81 32.62 -8.48
C SER C 713 -24.15 33.00 -9.81
N ALA C 714 -24.62 32.35 -10.87
CA ALA C 714 -24.02 32.56 -12.19
C ALA C 714 -24.40 33.91 -12.77
N ALA C 715 -25.65 34.34 -12.58
CA ALA C 715 -26.10 35.61 -13.17
C ALA C 715 -25.34 36.79 -12.58
N GLU C 716 -25.18 36.82 -11.26
CA GLU C 716 -24.42 37.89 -10.64
C GLU C 716 -22.95 37.80 -11.02
N ALA C 717 -22.45 36.59 -11.28
CA ALA C 717 -21.09 36.46 -11.78
C ALA C 717 -20.94 37.09 -13.16
N ILE C 718 -21.92 36.88 -14.03
CA ILE C 718 -21.90 37.52 -15.34
C ILE C 718 -21.95 39.03 -15.19
N GLN C 719 -22.79 39.52 -14.29
CA GLN C 719 -22.87 40.97 -14.07
C GLN C 719 -21.55 41.52 -13.53
N ALA C 720 -20.88 40.76 -12.65
CA ALA C 720 -19.58 41.20 -12.16
C ALA C 720 -18.55 41.22 -13.27
N VAL C 721 -18.58 40.22 -14.16
CA VAL C 721 -17.65 40.20 -15.28
C VAL C 721 -17.86 41.41 -16.18
N ARG C 722 -19.12 41.74 -16.48
CA ARG C 722 -19.40 42.94 -17.25
C ARG C 722 -19.02 44.20 -16.48
N ASP C 723 -19.06 44.14 -15.15
CA ASP C 723 -18.71 45.25 -14.27
C ASP C 723 -17.19 45.45 -14.21
N ASN C 724 -16.41 44.42 -14.55
CA ASN C 724 -14.95 44.34 -14.44
C ASN C 724 -14.48 44.11 -13.03
N LYS C 725 -15.39 43.77 -12.11
CA LYS C 725 -14.97 43.36 -10.77
C LYS C 725 -14.30 41.99 -10.80
N LEU C 726 -14.71 41.12 -11.72
CA LEU C 726 -14.15 39.78 -11.87
C LEU C 726 -13.62 39.62 -13.28
N HIS C 727 -12.33 39.29 -13.40
CA HIS C 727 -11.67 39.28 -14.71
C HIS C 727 -12.11 38.10 -15.55
N ALA C 728 -12.16 36.91 -14.96
CA ALA C 728 -12.50 35.69 -15.69
C ALA C 728 -13.50 34.87 -14.88
N PHE C 729 -14.43 34.22 -15.58
CA PHE C 729 -15.45 33.38 -14.97
C PHE C 729 -15.40 31.99 -15.58
N ILE C 730 -15.26 30.98 -14.72
CA ILE C 730 -15.16 29.58 -15.16
C ILE C 730 -16.51 28.91 -14.90
N TRP C 731 -17.13 28.40 -15.95
CA TRP C 731 -18.48 27.86 -15.83
C TRP C 731 -18.76 26.88 -16.96
N ASP C 732 -19.96 26.32 -16.96
CA ASP C 732 -20.35 25.33 -17.95
C ASP C 732 -20.36 25.94 -19.35
N SER C 733 -20.07 25.10 -20.34
CA SER C 733 -19.89 25.59 -21.70
C SER C 733 -21.18 26.15 -22.27
N ALA C 734 -22.30 25.42 -22.11
CA ALA C 734 -23.53 25.83 -22.76
C ALA C 734 -24.00 27.19 -22.28
N VAL C 735 -23.97 27.41 -20.96
CA VAL C 735 -24.42 28.67 -20.40
C VAL C 735 -23.55 29.82 -20.89
N LEU C 736 -22.23 29.64 -20.87
CA LEU C 736 -21.33 30.71 -21.24
C LEU C 736 -21.40 31.00 -22.74
N GLU C 737 -21.55 29.98 -23.57
CA GLU C 737 -21.74 30.21 -25.00
C GLU C 737 -23.05 30.93 -25.27
N PHE C 738 -24.09 30.68 -24.46
CA PHE C 738 -25.32 31.44 -24.61
C PHE C 738 -25.12 32.90 -24.25
N GLU C 739 -24.50 33.16 -23.09
CA GLU C 739 -24.34 34.54 -22.64
C GLU C 739 -23.42 35.33 -23.58
N ALA C 740 -22.35 34.70 -24.07
CA ALA C 740 -21.45 35.40 -24.98
C ALA C 740 -22.16 35.76 -26.28
N SER C 741 -22.99 34.86 -26.80
CA SER C 741 -23.72 35.15 -28.02
C SER C 741 -24.75 36.25 -27.81
N GLN C 742 -25.46 36.22 -26.67
CA GLN C 742 -26.52 37.20 -26.46
C GLN C 742 -25.96 38.58 -26.14
N LYS C 743 -24.94 38.65 -25.28
CA LYS C 743 -24.45 39.95 -24.82
C LYS C 743 -23.66 40.68 -25.90
N CYS C 744 -22.87 39.95 -26.67
CA CYS C 744 -22.02 40.43 -27.75
C CYS C 744 -20.82 41.24 -27.26
N ASP C 745 -20.68 41.47 -25.95
CA ASP C 745 -19.52 42.16 -25.40
C ASP C 745 -18.68 41.26 -24.51
N LEU C 746 -18.95 39.97 -24.48
CA LEU C 746 -18.16 39.00 -23.74
C LEU C 746 -17.71 37.91 -24.68
N VAL C 747 -16.60 37.26 -24.35
CA VAL C 747 -16.01 36.23 -25.20
C VAL C 747 -15.56 35.06 -24.35
N THR C 748 -15.71 33.86 -24.90
CA THR C 748 -15.23 32.64 -24.27
C THR C 748 -13.87 32.27 -24.84
N THR C 749 -12.91 32.00 -23.96
CA THR C 749 -11.55 31.66 -24.34
C THR C 749 -11.18 30.27 -23.84
N GLY C 750 -10.28 29.62 -24.57
CA GLY C 750 -9.77 28.33 -24.17
C GLY C 750 -10.66 27.19 -24.64
N GLU C 751 -10.06 26.01 -24.71
CA GLU C 751 -10.76 24.81 -25.12
C GLU C 751 -11.48 24.18 -23.92
N LEU C 752 -12.53 23.40 -24.21
CA LEU C 752 -13.29 22.73 -23.18
C LEU C 752 -12.39 21.75 -22.42
N PHE C 753 -12.06 22.06 -21.18
CA PHE C 753 -11.08 21.27 -20.45
C PHE C 753 -11.69 20.21 -19.54
N PHE C 754 -13.02 20.15 -19.45
CA PHE C 754 -13.67 19.09 -18.68
C PHE C 754 -15.06 18.87 -19.28
N ARG C 755 -15.18 17.86 -20.13
CA ARG C 755 -16.38 17.63 -20.90
C ARG C 755 -17.24 16.57 -20.23
N SER C 756 -18.49 16.92 -19.95
CA SER C 756 -19.44 15.99 -19.34
C SER C 756 -20.84 16.38 -19.82
N GLY C 757 -21.85 15.72 -19.25
CA GLY C 757 -23.21 15.96 -19.67
C GLY C 757 -24.14 16.38 -18.57
N PHE C 758 -25.27 16.98 -18.95
CA PHE C 758 -26.34 17.29 -18.02
C PHE C 758 -27.25 16.08 -17.87
N GLY C 759 -27.54 15.71 -16.63
CA GLY C 759 -28.34 14.53 -16.36
C GLY C 759 -29.48 14.83 -15.42
N ILE C 760 -30.54 14.06 -15.56
CA ILE C 760 -31.70 14.16 -14.67
C ILE C 760 -31.44 13.27 -13.46
N GLY C 761 -31.25 13.88 -12.30
CA GLY C 761 -30.92 13.14 -11.10
C GLY C 761 -32.14 12.51 -10.45
N MET C 762 -31.95 11.29 -9.96
CA MET C 762 -32.97 10.57 -9.22
C MET C 762 -32.31 9.81 -8.09
N ARG C 763 -33.10 9.40 -7.11
CA ARG C 763 -32.57 8.64 -6.00
C ARG C 763 -32.16 7.24 -6.46
N LYS C 764 -31.27 6.62 -5.68
CA LYS C 764 -30.68 5.34 -6.08
C LYS C 764 -31.73 4.26 -6.26
N ASP C 765 -32.80 4.30 -5.49
CA ASP C 765 -33.87 3.30 -5.58
C ASP C 765 -35.06 3.79 -6.39
N SER C 766 -34.85 4.76 -7.28
CA SER C 766 -35.95 5.29 -8.07
C SER C 766 -36.44 4.24 -9.07
N PRO C 767 -37.74 4.11 -9.28
CA PRO C 767 -38.26 3.20 -10.30
C PRO C 767 -38.45 3.80 -11.67
N TRP C 768 -38.03 5.05 -11.89
CA TRP C 768 -38.15 5.72 -13.18
C TRP C 768 -36.87 5.70 -13.99
N LYS C 769 -35.80 5.07 -13.49
CA LYS C 769 -34.48 5.26 -14.08
C LYS C 769 -34.43 4.78 -15.52
N GLN C 770 -34.85 3.54 -15.77
CA GLN C 770 -34.79 2.98 -17.12
C GLN C 770 -35.68 3.75 -18.07
N ASN C 771 -36.89 4.10 -17.64
CA ASN C 771 -37.82 4.75 -18.54
C ASN C 771 -37.41 6.19 -18.84
N VAL C 772 -36.87 6.90 -17.85
CA VAL C 772 -36.36 8.24 -18.10
C VAL C 772 -35.18 8.20 -19.06
N SER C 773 -34.25 7.26 -18.86
CA SER C 773 -33.11 7.16 -19.76
C SER C 773 -33.54 6.80 -21.18
N LEU C 774 -34.49 5.86 -21.31
CA LEU C 774 -34.98 5.49 -22.63
C LEU C 774 -35.67 6.67 -23.31
N SER C 775 -36.46 7.44 -22.56
CA SER C 775 -37.11 8.60 -23.14
C SER C 775 -36.09 9.64 -23.59
N ILE C 776 -35.04 9.86 -22.80
CA ILE C 776 -34.01 10.82 -23.18
C ILE C 776 -33.34 10.37 -24.47
N LEU C 777 -33.00 9.08 -24.57
CA LEU C 777 -32.36 8.58 -25.78
C LEU C 777 -33.28 8.69 -26.98
N LYS C 778 -34.58 8.41 -26.80
CA LYS C 778 -35.51 8.54 -27.91
C LYS C 778 -35.64 9.98 -28.36
N SER C 779 -35.68 10.91 -27.40
CA SER C 779 -35.75 12.33 -27.75
C SER C 779 -34.51 12.78 -28.51
N HIS C 780 -33.34 12.27 -28.10
CA HIS C 780 -32.13 12.56 -28.85
C HIS C 780 -32.21 12.02 -30.27
N GLU C 781 -32.72 10.80 -30.43
CA GLU C 781 -32.77 10.20 -31.76
C GLU C 781 -33.74 10.93 -32.68
N ASN C 782 -34.92 11.30 -32.16
CA ASN C 782 -35.96 11.90 -33.00
C ASN C 782 -35.63 13.32 -33.46
N GLY C 783 -34.59 13.94 -32.91
CA GLY C 783 -34.32 15.33 -33.17
C GLY C 783 -35.07 16.30 -32.27
N PHE C 784 -35.80 15.80 -31.29
CA PHE C 784 -36.51 16.68 -30.36
C PHE C 784 -35.53 17.55 -29.57
N MET C 785 -34.42 16.97 -29.14
CA MET C 785 -33.38 17.76 -28.47
C MET C 785 -32.84 18.83 -29.40
N GLU C 786 -32.71 18.53 -30.69
CA GLU C 786 -32.30 19.55 -31.65
C GLU C 786 -33.34 20.66 -31.75
N ASP C 787 -34.63 20.30 -31.71
CA ASP C 787 -35.67 21.33 -31.72
C ASP C 787 -35.58 22.22 -30.49
N LEU C 788 -35.34 21.63 -29.32
CA LEU C 788 -35.21 22.43 -28.11
C LEU C 788 -33.98 23.34 -28.18
N ASP C 789 -32.86 22.80 -28.66
CA ASP C 789 -31.65 23.61 -28.82
C ASP C 789 -31.90 24.77 -29.76
N LYS C 790 -32.58 24.52 -30.88
CA LYS C 790 -32.89 25.56 -31.85
C LYS C 790 -33.81 26.62 -31.26
N THR C 791 -34.82 26.19 -30.49
CA THR C 791 -35.78 27.13 -29.93
C THR C 791 -35.12 28.05 -28.89
N TRP C 792 -34.37 27.46 -27.96
CA TRP C 792 -33.88 28.23 -26.82
C TRP C 792 -32.42 28.66 -26.96
N VAL C 793 -31.51 27.70 -27.13
CA VAL C 793 -30.09 27.99 -26.98
C VAL C 793 -29.56 28.83 -28.14
N ARG C 794 -29.92 28.47 -29.37
CA ARG C 794 -29.33 29.10 -30.54
C ARG C 794 -30.29 30.12 -31.15
N TYR C 795 -29.84 30.77 -32.22
CA TYR C 795 -30.57 31.84 -32.91
C TYR C 795 -30.87 33.02 -31.99
N GLN C 796 -29.94 33.34 -31.10
CA GLN C 796 -30.06 34.52 -30.26
C GLN C 796 -28.97 35.53 -30.61
N ALA D 29 -27.79 32.37 50.56
CA ALA D 29 -27.72 31.13 51.31
C ALA D 29 -27.08 30.01 50.48
N VAL D 30 -26.15 30.39 49.60
CA VAL D 30 -25.49 29.40 48.76
C VAL D 30 -24.56 28.54 49.61
N THR D 31 -24.66 27.23 49.44
CA THR D 31 -23.89 26.26 50.20
C THR D 31 -23.35 25.22 49.23
N VAL D 32 -22.03 25.07 49.19
CA VAL D 32 -21.36 24.15 48.29
C VAL D 32 -20.61 23.13 49.12
N ALA D 33 -20.83 21.85 48.82
CA ALA D 33 -20.22 20.76 49.55
C ALA D 33 -19.11 20.13 48.72
N VAL D 34 -18.00 19.83 49.36
CA VAL D 34 -16.89 19.12 48.75
C VAL D 34 -16.72 17.80 49.47
N VAL D 35 -16.64 16.71 48.72
CA VAL D 35 -16.51 15.37 49.27
C VAL D 35 -15.15 14.83 48.86
N PHE D 36 -14.34 14.44 49.83
CA PHE D 36 -13.03 13.87 49.59
C PHE D 36 -13.11 12.36 49.77
N GLY D 37 -12.68 11.62 48.75
CA GLY D 37 -12.75 10.18 48.80
C GLY D 37 -11.41 9.50 48.59
N SER D 38 -10.39 10.28 48.25
CA SER D 38 -9.07 9.70 47.99
C SER D 38 -8.55 8.97 49.23
N SER D 39 -8.09 7.74 49.03
CA SER D 39 -7.72 6.86 50.12
C SER D 39 -6.30 7.11 50.63
N GLY D 40 -5.71 8.27 50.33
CA GLY D 40 -4.43 8.63 50.87
C GLY D 40 -4.59 9.34 52.20
N PRO D 41 -3.91 10.48 52.35
CA PRO D 41 -4.09 11.31 53.56
C PRO D 41 -5.36 12.16 53.50
N LEU D 42 -6.51 11.48 53.48
CA LEU D 42 -7.79 12.18 53.29
C LEU D 42 -8.04 13.16 54.42
N GLN D 43 -7.77 12.74 55.66
CA GLN D 43 -7.93 13.66 56.79
C GLN D 43 -6.98 14.84 56.67
N THR D 44 -5.79 14.59 56.13
CA THR D 44 -4.89 15.70 55.89
C THR D 44 -5.43 16.51 54.72
N GLN D 45 -6.22 15.87 53.86
CA GLN D 45 -6.75 16.55 52.67
C GLN D 45 -8.02 17.31 52.99
N ALA D 46 -8.85 16.76 53.87
CA ALA D 46 -10.04 17.47 54.28
C ALA D 46 -9.59 18.61 55.15
N ARG D 47 -8.71 18.32 56.10
CA ARG D 47 -8.18 19.37 56.97
C ARG D 47 -7.35 20.35 56.18
N THR D 48 -6.87 19.94 55.01
CA THR D 48 -6.05 20.82 54.18
C THR D 48 -6.54 22.26 54.26
N ARG D 49 -7.84 22.46 54.08
CA ARG D 49 -8.33 23.81 54.21
C ARG D 49 -9.61 23.86 55.01
N LEU D 50 -10.57 23.00 54.69
CA LEU D 50 -11.87 23.09 55.36
C LEU D 50 -12.21 24.50 55.82
N THR D 51 -12.33 25.44 54.89
CA THR D 51 -12.56 26.82 55.28
C THR D 51 -13.66 27.51 54.49
N SER D 52 -13.98 28.73 54.88
CA SER D 52 -14.92 29.54 54.08
C SER D 52 -14.23 30.74 53.40
N GLN D 53 -13.04 31.15 53.86
CA GLN D 53 -12.33 32.32 53.30
C GLN D 53 -11.77 32.07 51.90
N ASN D 54 -11.64 30.81 51.52
CA ASN D 54 -11.12 30.49 50.20
C ASN D 54 -12.09 30.92 49.10
N PHE D 55 -11.72 30.68 47.85
CA PHE D 55 -12.58 31.04 46.74
C PHE D 55 -13.03 32.49 46.84
N LEU D 56 -12.11 33.38 47.19
CA LEU D 56 -12.46 34.79 47.35
C LEU D 56 -12.54 35.47 46.00
N ASP D 57 -11.57 35.22 45.13
CA ASP D 57 -11.57 35.81 43.80
C ASP D 57 -12.89 35.57 43.07
N LEU D 58 -13.70 34.62 43.53
CA LEU D 58 -14.97 34.28 42.88
C LEU D 58 -16.01 35.39 42.93
N PRO D 59 -16.91 35.45 41.93
CA PRO D 59 -18.00 36.43 41.92
C PRO D 59 -19.06 36.02 42.91
N LEU D 60 -18.65 35.46 44.04
CA LEU D 60 -19.59 34.98 45.05
C LEU D 60 -18.94 34.66 46.39
N GLU D 61 -19.72 34.73 47.47
CA GLU D 61 -19.20 34.44 48.80
C GLU D 61 -19.43 32.99 49.08
N ILE D 62 -18.48 32.16 48.69
CA ILE D 62 -18.63 30.73 48.86
C ILE D 62 -18.88 30.31 50.29
N GLN D 63 -19.50 29.15 50.44
CA GLN D 63 -19.72 28.61 51.77
C GLN D 63 -19.44 27.15 51.59
N PRO D 64 -18.19 26.76 51.80
CA PRO D 64 -17.86 25.36 51.51
C PRO D 64 -18.19 24.41 52.64
N LEU D 65 -18.17 23.10 52.36
CA LEU D 65 -18.45 22.11 53.39
C LEU D 65 -17.76 20.80 53.04
N THR D 66 -16.73 20.45 53.81
CA THR D 66 -16.02 19.20 53.56
C THR D 66 -16.68 18.05 54.29
N VAL D 67 -16.98 16.97 53.57
CA VAL D 67 -17.57 15.79 54.20
C VAL D 67 -16.58 14.62 54.14
N GLY D 68 -15.71 14.64 53.14
CA GLY D 68 -14.70 13.59 53.02
C GLY D 68 -15.16 12.17 53.26
N VAL D 69 -15.82 11.55 52.28
CA VAL D 69 -16.21 10.15 52.42
C VAL D 69 -15.00 9.36 52.87
N ASN D 70 -15.14 8.65 53.99
CA ASN D 70 -14.00 7.94 54.56
C ASN D 70 -13.39 6.84 53.75
N ASN D 71 -14.20 5.97 53.16
CA ASN D 71 -13.63 4.79 52.51
C ASN D 71 -14.22 4.49 51.14
N THR D 72 -15.25 5.21 50.72
CA THR D 72 -15.84 5.06 49.38
C THR D 72 -16.31 3.63 49.11
N ASN D 73 -17.18 3.14 49.97
CA ASN D 73 -17.99 1.98 49.66
C ASN D 73 -19.43 2.44 49.43
N PRO D 74 -20.23 1.67 48.69
CA PRO D 74 -21.58 2.15 48.33
C PRO D 74 -22.41 2.58 49.53
N SER D 75 -22.40 1.79 50.62
CA SER D 75 -23.17 2.15 51.79
C SER D 75 -22.68 3.45 52.40
N SER D 76 -21.36 3.59 52.55
CA SER D 76 -20.80 4.81 53.13
C SER D 76 -21.12 6.02 52.27
N ILE D 77 -20.94 5.90 50.94
CA ILE D 77 -21.19 7.03 50.05
C ILE D 77 -22.66 7.46 50.15
N LEU D 78 -23.58 6.49 50.03
CA LEU D 78 -24.99 6.82 50.05
C LEU D 78 -25.39 7.44 51.39
N THR D 79 -24.94 6.84 52.50
CA THR D 79 -25.32 7.35 53.81
C THR D 79 -24.76 8.74 54.06
N GLN D 80 -23.49 8.98 53.73
CA GLN D 80 -22.90 10.28 53.97
C GLN D 80 -23.53 11.36 53.09
N ILE D 81 -23.79 11.04 51.82
CA ILE D 81 -24.41 12.02 50.94
C ILE D 81 -25.83 12.35 51.42
N CYS D 82 -26.61 11.34 51.80
CA CYS D 82 -27.96 11.59 52.29
C CYS D 82 -27.94 12.41 53.58
N GLY D 83 -27.02 12.10 54.48
CA GLY D 83 -26.91 12.87 55.71
C GLY D 83 -26.53 14.32 55.46
N LEU D 84 -25.58 14.54 54.54
CA LEU D 84 -25.21 15.90 54.17
C LEU D 84 -26.39 16.66 53.59
N LEU D 85 -27.14 16.01 52.68
CA LEU D 85 -28.27 16.66 52.04
C LEU D 85 -29.36 16.99 53.04
N GLY D 86 -29.61 16.09 53.99
CA GLY D 86 -30.68 16.30 54.95
C GLY D 86 -30.27 17.15 56.13
N ALA D 87 -29.05 17.67 56.10
CA ALA D 87 -28.54 18.53 57.17
C ALA D 87 -28.21 19.93 56.71
N ALA D 88 -27.49 20.09 55.60
CA ALA D 88 -27.02 21.40 55.17
C ALA D 88 -27.81 21.97 53.99
N ARG D 89 -28.51 21.14 53.24
CA ARG D 89 -29.27 21.58 52.06
C ARG D 89 -28.37 22.37 51.10
N VAL D 90 -27.37 21.67 50.57
CA VAL D 90 -26.38 22.30 49.71
C VAL D 90 -26.96 22.49 48.32
N HIS D 91 -26.40 23.44 47.57
CA HIS D 91 -26.84 23.68 46.19
C HIS D 91 -26.14 22.75 45.21
N GLY D 92 -24.85 22.47 45.46
CA GLY D 92 -24.10 21.59 44.58
C GLY D 92 -23.07 20.82 45.37
N ILE D 93 -22.54 19.77 44.76
CA ILE D 93 -21.56 18.89 45.37
C ILE D 93 -20.38 18.73 44.43
N VAL D 94 -19.17 18.72 45.00
CA VAL D 94 -17.95 18.44 44.25
C VAL D 94 -17.34 17.16 44.82
N PHE D 95 -17.09 16.20 43.95
CA PHE D 95 -16.60 14.89 44.35
C PHE D 95 -15.17 14.68 43.87
N GLU D 96 -14.39 13.99 44.70
CA GLU D 96 -12.99 13.68 44.40
C GLU D 96 -12.65 12.34 45.01
N ASP D 97 -11.90 11.52 44.27
CA ASP D 97 -11.50 10.20 44.76
C ASP D 97 -10.19 9.81 44.08
N ASN D 98 -9.78 8.55 44.25
CA ASN D 98 -8.52 8.03 43.74
C ASN D 98 -8.70 7.39 42.36
N VAL D 99 -7.57 7.17 41.69
CA VAL D 99 -7.61 6.75 40.29
C VAL D 99 -7.89 5.27 40.12
N ASP D 100 -7.78 4.45 41.17
CA ASP D 100 -8.08 3.04 41.05
C ASP D 100 -9.57 2.75 41.01
N THR D 101 -10.39 3.75 41.31
CA THR D 101 -11.84 3.57 41.40
C THR D 101 -12.44 3.20 40.03
N GLU D 102 -13.41 2.29 40.04
CA GLU D 102 -14.05 1.84 38.81
C GLU D 102 -15.54 2.16 38.79
N ALA D 103 -16.30 1.80 39.81
CA ALA D 103 -17.76 1.86 39.73
C ALA D 103 -18.39 3.00 40.52
N VAL D 104 -17.61 3.93 41.07
CA VAL D 104 -18.20 5.01 41.87
C VAL D 104 -18.96 5.99 40.98
N ALA D 105 -18.48 6.22 39.76
CA ALA D 105 -19.15 7.15 38.86
C ALA D 105 -20.60 6.75 38.61
N GLN D 106 -20.88 5.45 38.61
CA GLN D 106 -22.26 4.98 38.51
C GLN D 106 -23.07 5.40 39.72
N LEU D 107 -22.51 5.23 40.92
CA LEU D 107 -23.24 5.54 42.14
C LEU D 107 -23.53 7.03 42.24
N LEU D 108 -22.56 7.87 41.85
CA LEU D 108 -22.77 9.31 41.90
C LEU D 108 -23.88 9.73 40.95
N ASP D 109 -23.89 9.16 39.74
CA ASP D 109 -24.95 9.46 38.79
C ASP D 109 -26.30 9.00 39.32
N PHE D 110 -26.33 7.85 39.99
CA PHE D 110 -27.56 7.36 40.60
C PHE D 110 -28.06 8.34 41.67
N VAL D 111 -27.15 8.84 42.50
CA VAL D 111 -27.53 9.80 43.54
C VAL D 111 -28.06 11.08 42.92
N SER D 112 -27.38 11.59 41.89
CA SER D 112 -27.83 12.81 41.23
C SER D 112 -29.18 12.63 40.57
N SER D 113 -29.46 11.44 40.03
CA SER D 113 -30.78 11.18 39.47
C SER D 113 -31.85 11.07 40.54
N GLN D 114 -31.51 10.52 41.69
CA GLN D 114 -32.50 10.33 42.75
C GLN D 114 -32.83 11.63 43.48
N THR D 115 -31.85 12.51 43.71
CA THR D 115 -32.07 13.70 44.51
C THR D 115 -32.05 15.00 43.71
N HIS D 116 -31.76 14.93 42.41
CA HIS D 116 -31.74 16.12 41.54
C HIS D 116 -30.79 17.20 42.06
N VAL D 117 -29.65 16.78 42.61
CA VAL D 117 -28.61 17.70 43.04
C VAL D 117 -27.48 17.68 42.01
N PRO D 118 -26.97 18.83 41.59
CA PRO D 118 -25.87 18.84 40.61
C PRO D 118 -24.55 18.47 41.29
N ILE D 119 -23.99 17.34 40.87
CA ILE D 119 -22.69 16.90 41.34
C ILE D 119 -21.65 17.31 40.30
N LEU D 120 -20.38 17.22 40.66
CA LEU D 120 -19.30 17.60 39.76
C LEU D 120 -18.07 16.79 40.16
N SER D 121 -17.77 15.74 39.40
CA SER D 121 -16.68 14.84 39.73
C SER D 121 -15.38 15.34 39.14
N ILE D 122 -14.35 15.39 39.98
CA ILE D 122 -13.02 15.86 39.59
C ILE D 122 -12.00 14.83 40.02
N SER D 123 -11.11 14.45 39.09
CA SER D 123 -9.96 13.59 39.37
C SER D 123 -10.36 12.17 39.77
N GLY D 124 -9.43 11.23 39.59
CA GLY D 124 -9.65 9.87 40.01
C GLY D 124 -10.49 9.08 39.02
N GLY D 125 -10.77 7.83 39.40
CA GLY D 125 -11.56 6.96 38.56
C GLY D 125 -13.00 7.37 38.39
N SER D 126 -13.46 8.35 39.18
CA SER D 126 -14.81 8.87 39.03
C SER D 126 -14.94 9.86 37.88
N ALA D 127 -13.84 10.20 37.21
CA ALA D 127 -13.84 11.16 36.12
C ALA D 127 -13.80 10.50 34.75
N VAL D 128 -13.94 9.18 34.67
CA VAL D 128 -14.09 8.51 33.39
C VAL D 128 -15.51 8.71 32.90
N VAL D 129 -15.66 8.96 31.61
CA VAL D 129 -16.95 9.40 31.09
C VAL D 129 -17.88 8.21 30.92
N LEU D 130 -19.10 8.33 31.44
CA LEU D 130 -20.20 7.43 31.11
C LEU D 130 -21.04 8.11 30.04
N THR D 131 -21.25 7.42 28.92
CA THR D 131 -21.90 8.08 27.80
C THR D 131 -23.42 8.20 28.01
N PRO D 132 -24.17 7.13 28.36
CA PRO D 132 -25.56 7.34 28.78
C PRO D 132 -25.68 7.53 30.28
N LYS D 133 -26.32 8.61 30.73
CA LYS D 133 -26.39 8.93 32.15
C LYS D 133 -27.82 9.30 32.54
N GLU D 134 -28.64 8.30 32.88
CA GLU D 134 -29.87 8.46 33.67
C GLU D 134 -30.60 9.75 33.33
N PRO D 135 -31.26 9.83 32.16
CA PRO D 135 -31.56 11.12 31.52
C PRO D 135 -31.84 12.30 32.43
N GLY D 136 -32.63 12.10 33.49
CA GLY D 136 -32.86 13.17 34.44
C GLY D 136 -31.84 13.22 35.57
N SER D 137 -30.58 13.44 35.24
CA SER D 137 -29.52 13.48 36.25
C SER D 137 -28.43 14.45 35.83
N ALA D 138 -27.96 15.26 36.78
CA ALA D 138 -26.91 16.23 36.53
C ALA D 138 -25.61 15.76 37.19
N PHE D 139 -24.85 14.96 36.44
CA PHE D 139 -23.59 14.45 36.96
C PHE D 139 -22.42 15.36 36.61
N LEU D 140 -22.26 15.71 35.34
CA LEU D 140 -21.28 16.70 34.89
C LEU D 140 -19.85 16.29 35.29
N GLN D 141 -19.39 15.21 34.70
CA GLN D 141 -18.02 14.77 34.92
C GLN D 141 -17.04 15.75 34.26
N LEU D 142 -15.92 15.98 34.94
CA LEU D 142 -14.89 16.88 34.45
C LEU D 142 -13.82 16.12 33.66
N GLY D 143 -14.26 15.31 32.70
CA GLY D 143 -13.36 14.51 31.91
C GLY D 143 -13.77 14.51 30.46
N VAL D 144 -12.90 13.94 29.62
CA VAL D 144 -13.06 13.97 28.17
C VAL D 144 -13.40 12.57 27.68
N SER D 145 -14.33 12.48 26.74
CA SER D 145 -14.83 11.21 26.27
C SER D 145 -13.77 10.46 25.47
N LEU D 146 -14.13 9.26 25.03
CA LEU D 146 -13.18 8.43 24.29
C LEU D 146 -12.97 8.91 22.87
N GLU D 147 -14.01 9.46 22.25
CA GLU D 147 -13.91 9.89 20.85
C GLU D 147 -12.95 11.07 20.70
N GLN D 148 -12.94 11.99 21.66
CA GLN D 148 -12.03 13.14 21.56
C GLN D 148 -10.58 12.71 21.78
N GLN D 149 -10.35 11.77 22.70
CA GLN D 149 -9.01 11.22 22.87
C GLN D 149 -8.56 10.51 21.59
N LEU D 150 -9.47 9.77 20.96
CA LEU D 150 -9.15 9.13 19.69
C LEU D 150 -8.82 10.16 18.61
N GLN D 151 -9.56 11.27 18.58
CA GLN D 151 -9.27 12.32 17.62
C GLN D 151 -7.87 12.89 17.83
N VAL D 152 -7.51 13.16 19.08
CA VAL D 152 -6.19 13.70 19.35
C VAL D 152 -5.10 12.70 18.98
N LEU D 153 -5.30 11.43 19.30
CA LEU D 153 -4.30 10.43 18.96
C LEU D 153 -4.16 10.26 17.45
N PHE D 154 -5.27 10.32 16.72
CA PHE D 154 -5.19 10.22 15.26
C PHE D 154 -4.54 11.44 14.65
N LYS D 155 -4.74 12.62 15.23
CA LYS D 155 -4.01 13.79 14.74
C LYS D 155 -2.53 13.69 15.06
N VAL D 156 -2.17 13.07 16.18
CA VAL D 156 -0.76 12.81 16.48
C VAL D 156 -0.18 11.87 15.43
N LEU D 157 -0.94 10.83 15.05
CA LEU D 157 -0.50 9.93 13.98
C LEU D 157 -0.34 10.68 12.67
N GLU D 158 -1.25 11.60 12.38
CA GLU D 158 -1.17 12.40 11.16
C GLU D 158 0.07 13.27 11.15
N GLU D 159 0.43 13.84 12.31
CA GLU D 159 1.54 14.78 12.37
C GLU D 159 2.85 14.13 11.94
N TYR D 160 3.11 12.92 12.43
CA TYR D 160 4.33 12.19 12.08
C TYR D 160 4.12 11.26 10.89
N ASP D 161 2.96 11.32 10.24
CA ASP D 161 2.66 10.49 9.07
C ASP D 161 2.86 9.01 9.38
N TRP D 162 2.19 8.56 10.43
CA TRP D 162 2.15 7.15 10.80
C TRP D 162 0.84 6.57 10.31
N SER D 163 0.93 5.59 9.43
CA SER D 163 -0.24 4.85 8.96
C SER D 163 0.01 3.36 9.22
N ALA D 164 -0.94 2.54 8.78
CA ALA D 164 -0.88 1.10 8.98
C ALA D 164 -0.58 0.78 10.44
N PHE D 165 -1.54 1.11 11.30
CA PHE D 165 -1.46 0.79 12.71
C PHE D 165 -2.34 -0.40 13.03
N ALA D 166 -2.12 -0.99 14.19
CA ALA D 166 -2.91 -2.10 14.68
C ALA D 166 -3.49 -1.74 16.03
N VAL D 167 -4.59 -2.40 16.38
CA VAL D 167 -5.32 -2.13 17.61
C VAL D 167 -5.24 -3.35 18.51
N ILE D 168 -4.83 -3.14 19.76
CA ILE D 168 -4.85 -4.15 20.79
C ILE D 168 -5.99 -3.82 21.74
N THR D 169 -6.80 -4.81 22.09
CA THR D 169 -7.95 -4.58 22.94
C THR D 169 -8.19 -5.79 23.82
N SER D 170 -8.51 -5.54 25.08
CA SER D 170 -8.88 -6.61 26.00
C SER D 170 -10.40 -6.75 26.03
N LEU D 171 -10.90 -7.60 26.91
CA LEU D 171 -12.35 -7.75 27.09
C LEU D 171 -12.91 -6.74 28.09
N HIS D 172 -12.21 -5.63 28.31
CA HIS D 172 -12.70 -4.60 29.20
C HIS D 172 -14.03 -4.06 28.68
N PRO D 173 -15.01 -3.83 29.55
CA PRO D 173 -16.29 -3.29 29.08
C PRO D 173 -16.11 -1.94 28.41
N GLY D 174 -16.91 -1.70 27.37
CA GLY D 174 -16.79 -0.50 26.58
C GLY D 174 -15.83 -0.60 25.41
N HIS D 175 -15.22 -1.76 25.20
CA HIS D 175 -14.28 -1.92 24.08
C HIS D 175 -14.98 -1.79 22.73
N ALA D 176 -16.26 -2.17 22.67
CA ALA D 176 -17.01 -2.00 21.43
C ALA D 176 -17.11 -0.53 21.05
N LEU D 177 -17.37 0.34 22.05
CA LEU D 177 -17.40 1.77 21.78
C LEU D 177 -16.05 2.27 21.31
N PHE D 178 -14.96 1.77 21.90
CA PHE D 178 -13.63 2.17 21.48
C PHE D 178 -13.36 1.80 20.03
N LEU D 179 -13.70 0.57 19.66
CA LEU D 179 -13.48 0.13 18.27
C LEU D 179 -14.34 0.92 17.29
N GLU D 180 -15.60 1.18 17.66
CA GLU D 180 -16.47 1.95 16.78
C GLU D 180 -15.96 3.37 16.63
N GLY D 181 -15.42 3.96 17.71
CA GLY D 181 -14.84 5.28 17.60
C GLY D 181 -13.60 5.31 16.73
N VAL D 182 -12.75 4.28 16.86
CA VAL D 182 -11.57 4.18 16.00
C VAL D 182 -11.98 4.12 14.54
N ARG D 183 -12.96 3.26 14.23
CA ARG D 183 -13.39 3.12 12.85
C ARG D 183 -14.02 4.40 12.33
N ALA D 184 -14.83 5.07 13.14
CA ALA D 184 -15.46 6.32 12.71
C ALA D 184 -14.42 7.41 12.46
N VAL D 185 -13.43 7.54 13.35
CA VAL D 185 -12.42 8.58 13.19
C VAL D 185 -11.53 8.29 11.99
N ALA D 186 -11.18 7.02 11.77
CA ALA D 186 -10.39 6.66 10.60
C ALA D 186 -11.18 6.92 9.32
N ASP D 187 -12.48 6.61 9.32
CA ASP D 187 -13.28 6.78 8.11
C ASP D 187 -13.54 8.26 7.82
N ALA D 188 -13.85 9.04 8.85
CA ALA D 188 -14.21 10.45 8.66
C ALA D 188 -12.98 11.33 8.84
N SER D 189 -12.08 11.25 7.86
CA SER D 189 -10.87 12.05 7.86
C SER D 189 -10.44 12.30 6.42
N TYR D 190 -9.65 13.36 6.23
CA TYR D 190 -9.12 13.66 4.90
C TYR D 190 -7.99 12.71 4.53
N LEU D 191 -7.20 12.27 5.50
CA LEU D 191 -6.14 11.31 5.22
C LEU D 191 -6.74 9.90 5.05
N SER D 192 -5.95 9.03 4.42
CA SER D 192 -6.40 7.66 4.15
C SER D 192 -5.72 6.72 5.15
N TRP D 193 -6.35 6.57 6.31
CA TRP D 193 -5.89 5.62 7.29
C TRP D 193 -6.11 4.20 6.81
N ARG D 194 -5.27 3.29 7.30
CA ARG D 194 -5.34 1.89 6.89
C ARG D 194 -5.13 1.02 8.12
N LEU D 195 -6.24 0.61 8.74
CA LEU D 195 -6.18 -0.33 9.86
C LEU D 195 -5.70 -1.68 9.35
N LEU D 196 -4.71 -2.25 10.04
CA LEU D 196 -4.17 -3.55 9.62
C LEU D 196 -4.99 -4.70 10.19
N ASP D 197 -5.06 -4.80 11.51
CA ASP D 197 -5.83 -5.87 12.14
C ASP D 197 -6.15 -5.46 13.57
N VAL D 198 -7.25 -5.99 14.08
CA VAL D 198 -7.67 -5.78 15.47
C VAL D 198 -7.64 -7.14 16.17
N LEU D 199 -6.98 -7.17 17.32
CA LEU D 199 -6.86 -8.40 18.10
C LEU D 199 -7.47 -8.18 19.47
N THR D 200 -8.25 -9.16 19.92
CA THR D 200 -8.87 -9.15 21.24
C THR D 200 -8.18 -10.18 22.12
N LEU D 201 -7.91 -9.79 23.36
CA LEU D 201 -7.17 -10.63 24.29
C LEU D 201 -7.99 -10.79 25.57
N GLU D 202 -7.46 -11.59 26.50
CA GLU D 202 -8.05 -11.71 27.82
C GLU D 202 -7.41 -10.73 28.79
N LEU D 203 -6.09 -10.81 28.95
CA LEU D 203 -5.32 -9.90 29.81
C LEU D 203 -5.80 -9.97 31.26
N GLY D 204 -6.31 -11.13 31.67
CA GLY D 204 -6.76 -11.32 33.03
C GLY D 204 -5.72 -12.03 33.86
N PRO D 205 -5.77 -11.84 35.18
CA PRO D 205 -4.82 -12.51 36.06
C PRO D 205 -5.08 -14.01 36.11
N GLY D 206 -3.99 -14.78 36.06
CA GLY D 206 -4.07 -16.23 36.16
C GLY D 206 -4.98 -16.89 35.14
N GLY D 207 -4.66 -16.73 33.86
CA GLY D 207 -5.44 -17.34 32.80
C GLY D 207 -4.57 -17.89 31.69
N PRO D 208 -5.13 -18.03 30.49
CA PRO D 208 -4.33 -18.50 29.36
C PRO D 208 -3.22 -17.52 28.99
N ARG D 209 -1.97 -17.93 29.17
CA ARG D 209 -0.83 -17.11 28.83
C ARG D 209 -0.23 -17.46 27.48
N ALA D 210 -0.42 -18.70 27.01
CA ALA D 210 0.07 -19.08 25.69
C ALA D 210 -0.71 -18.36 24.59
N ARG D 211 -2.00 -18.13 24.79
CA ARG D 211 -2.81 -17.50 23.75
C ARG D 211 -2.38 -16.07 23.51
N THR D 212 -2.23 -15.29 24.58
CA THR D 212 -1.81 -13.89 24.43
C THR D 212 -0.41 -13.80 23.84
N GLN D 213 0.51 -14.64 24.31
CA GLN D 213 1.87 -14.63 23.80
C GLN D 213 1.91 -14.99 22.32
N ARG D 214 1.13 -16.01 21.93
CA ARG D 214 1.09 -16.42 20.53
C ARG D 214 0.52 -15.32 19.65
N LEU D 215 -0.55 -14.67 20.10
CA LEU D 215 -1.15 -13.60 19.30
C LEU D 215 -0.22 -12.40 19.19
N LEU D 216 0.49 -12.06 20.28
CA LEU D 216 1.33 -10.89 20.26
C LEU D 216 2.57 -11.06 19.39
N ARG D 217 3.01 -12.29 19.15
CA ARG D 217 4.16 -12.53 18.29
C ARG D 217 3.80 -12.53 16.82
N GLN D 218 2.52 -12.42 16.48
CA GLN D 218 2.07 -12.43 15.10
C GLN D 218 1.82 -11.04 14.54
N VAL D 219 1.78 -10.01 15.38
CA VAL D 219 1.57 -8.64 14.91
C VAL D 219 2.90 -8.05 14.49
N ASP D 220 2.88 -7.30 13.39
CA ASP D 220 4.07 -6.66 12.86
C ASP D 220 3.87 -5.20 12.52
N ALA D 221 2.76 -4.59 12.95
CA ALA D 221 2.52 -3.19 12.68
C ALA D 221 3.54 -2.32 13.38
N PRO D 222 4.00 -1.23 12.76
CA PRO D 222 4.93 -0.33 13.44
C PRO D 222 4.28 0.58 14.47
N VAL D 223 2.96 0.77 14.41
CA VAL D 223 2.23 1.58 15.37
C VAL D 223 1.13 0.73 15.99
N LEU D 224 1.10 0.69 17.32
CA LEU D 224 0.16 -0.15 18.05
C LEU D 224 -0.66 0.72 19.00
N VAL D 225 -1.97 0.55 18.97
CA VAL D 225 -2.89 1.25 19.86
C VAL D 225 -3.55 0.23 20.77
N ALA D 226 -3.53 0.50 22.07
CA ALA D 226 -4.04 -0.44 23.06
C ALA D 226 -5.12 0.24 23.88
N TYR D 227 -6.02 -0.58 24.43
CA TYR D 227 -7.10 -0.08 25.27
C TYR D 227 -7.38 -1.13 26.34
N CYS D 228 -7.09 -0.79 27.59
CA CYS D 228 -7.29 -1.70 28.71
C CYS D 228 -7.12 -0.91 30.00
N SER D 229 -7.47 -1.55 31.11
CA SER D 229 -7.31 -0.94 32.42
C SER D 229 -5.84 -0.94 32.82
N ARG D 230 -5.55 -0.43 34.01
CA ARG D 230 -4.16 -0.30 34.46
C ARG D 230 -3.48 -1.65 34.59
N GLU D 231 -4.11 -2.57 35.33
CA GLU D 231 -3.50 -3.89 35.53
C GLU D 231 -3.40 -4.64 34.22
N GLU D 232 -4.44 -4.58 33.39
CA GLU D 232 -4.39 -5.21 32.08
C GLU D 232 -3.32 -4.58 31.20
N ALA D 233 -3.14 -3.25 31.31
CA ALA D 233 -2.08 -2.60 30.55
C ALA D 233 -0.71 -3.11 30.98
N GLU D 234 -0.50 -3.26 32.29
CA GLU D 234 0.78 -3.78 32.76
C GLU D 234 1.02 -5.21 32.27
N VAL D 235 -0.01 -6.05 32.32
CA VAL D 235 0.12 -7.42 31.84
C VAL D 235 0.46 -7.43 30.35
N LEU D 236 -0.28 -6.63 29.56
CA LEU D 236 -0.06 -6.58 28.13
C LEU D 236 1.34 -6.09 27.80
N PHE D 237 1.83 -5.07 28.52
CA PHE D 237 3.13 -4.52 28.22
C PHE D 237 4.25 -5.49 28.62
N ALA D 238 4.06 -6.22 29.73
CA ALA D 238 5.03 -7.27 30.07
C ALA D 238 5.09 -8.33 28.98
N GLU D 239 3.92 -8.77 28.50
CA GLU D 239 3.90 -9.78 27.45
C GLU D 239 4.51 -9.26 26.16
N ALA D 240 4.26 -7.99 25.82
CA ALA D 240 4.84 -7.40 24.62
C ALA D 240 6.35 -7.28 24.73
N ALA D 241 6.85 -6.92 25.92
CA ALA D 241 8.29 -6.91 26.13
C ALA D 241 8.87 -8.31 25.95
N GLN D 242 8.16 -9.32 26.44
CA GLN D 242 8.58 -10.69 26.15
C GLN D 242 8.45 -11.02 24.66
N ALA D 243 7.47 -10.42 23.99
CA ALA D 243 7.22 -10.68 22.57
C ALA D 243 8.00 -9.76 21.65
N GLY D 244 8.90 -8.93 22.18
CA GLY D 244 9.71 -8.05 21.37
C GLY D 244 8.94 -6.98 20.61
N LEU D 245 8.03 -6.30 21.30
CA LEU D 245 7.27 -5.19 20.73
C LEU D 245 7.46 -3.91 21.54
N VAL D 246 8.66 -3.70 22.09
CA VAL D 246 8.94 -2.55 22.93
C VAL D 246 10.08 -1.69 22.40
N GLY D 247 10.99 -2.26 21.61
CA GLY D 247 12.13 -1.53 21.09
C GLY D 247 11.75 -0.35 20.22
N PRO D 248 12.76 0.37 19.73
CA PRO D 248 12.50 1.61 18.97
C PRO D 248 11.71 1.41 17.69
N GLY D 249 11.44 0.18 17.27
CA GLY D 249 10.68 -0.06 16.07
C GLY D 249 9.19 -0.23 16.31
N HIS D 250 8.73 0.18 17.48
CA HIS D 250 7.31 0.04 17.84
C HIS D 250 6.94 1.20 18.76
N VAL D 251 5.92 1.96 18.37
CA VAL D 251 5.41 3.06 19.17
C VAL D 251 4.02 2.69 19.66
N TRP D 252 3.77 2.93 20.95
CA TRP D 252 2.50 2.56 21.58
C TRP D 252 1.72 3.82 21.94
N LEU D 253 0.40 3.75 21.79
CA LEU D 253 -0.50 4.84 22.14
C LEU D 253 -1.63 4.29 22.98
N VAL D 254 -1.93 4.95 24.09
CA VAL D 254 -3.00 4.50 24.99
C VAL D 254 -3.81 5.69 25.44
N PRO D 255 -5.11 5.48 25.69
CA PRO D 255 -5.96 6.52 26.25
C PRO D 255 -5.75 6.66 27.75
N ASN D 256 -6.57 7.51 28.36
CA ASN D 256 -6.44 7.78 29.79
C ASN D 256 -6.63 6.53 30.64
N LEU D 257 -7.45 5.60 30.16
CA LEU D 257 -7.82 4.45 30.99
C LEU D 257 -6.61 3.61 31.34
N ALA D 258 -5.71 3.37 30.38
CA ALA D 258 -4.54 2.56 30.65
C ALA D 258 -3.61 3.22 31.66
N LEU D 259 -3.64 4.54 31.75
CA LEU D 259 -2.81 5.25 32.72
C LEU D 259 -3.38 5.08 34.13
N GLY D 260 -2.53 5.36 35.11
CA GLY D 260 -2.94 5.36 36.50
C GLY D 260 -2.44 6.59 37.20
N SER D 261 -1.70 6.41 38.30
CA SER D 261 -1.06 7.52 38.98
C SER D 261 0.09 8.03 38.11
N THR D 262 -0.09 9.19 37.50
CA THR D 262 0.93 9.72 36.60
C THR D 262 2.22 10.05 37.34
N ASP D 263 2.13 10.34 38.64
CA ASP D 263 3.34 10.67 39.40
C ASP D 263 4.28 9.48 39.48
N ALA D 264 3.75 8.28 39.65
CA ALA D 264 4.56 7.06 39.78
C ALA D 264 4.12 6.05 38.73
N PRO D 265 4.73 6.06 37.55
CA PRO D 265 4.40 5.08 36.52
C PRO D 265 5.06 3.75 36.82
N PRO D 266 4.43 2.64 36.44
CA PRO D 266 5.03 1.33 36.68
C PRO D 266 6.19 1.06 35.73
N ALA D 267 6.99 0.05 36.10
CA ALA D 267 8.14 -0.32 35.27
C ALA D 267 7.73 -1.07 34.01
N ALA D 268 6.51 -1.59 33.96
CA ALA D 268 6.08 -2.33 32.78
C ALA D 268 5.85 -1.42 31.58
N PHE D 269 5.54 -0.15 31.82
CA PHE D 269 5.25 0.76 30.73
C PHE D 269 6.51 1.05 29.92
N PRO D 270 6.49 0.83 28.61
CA PRO D 270 7.69 1.08 27.80
C PRO D 270 7.98 2.55 27.65
N VAL D 271 9.26 2.86 27.45
CA VAL D 271 9.65 4.24 27.17
C VAL D 271 9.15 4.64 25.79
N GLY D 272 8.58 5.83 25.70
CA GLY D 272 7.95 6.28 24.47
C GLY D 272 6.46 6.05 24.39
N LEU D 273 5.82 5.68 25.49
CA LEU D 273 4.38 5.58 25.52
C LEU D 273 3.75 6.96 25.36
N ILE D 274 2.63 7.02 24.63
CA ILE D 274 1.96 8.28 24.34
C ILE D 274 0.53 8.20 24.85
N SER D 275 0.07 9.26 25.49
CA SER D 275 -1.31 9.34 25.95
C SER D 275 -1.76 10.79 25.86
N VAL D 276 -3.07 11.00 26.02
CA VAL D 276 -3.65 12.34 25.93
C VAL D 276 -4.55 12.56 27.13
N VAL D 277 -4.33 13.67 27.84
CA VAL D 277 -5.04 13.99 29.07
C VAL D 277 -5.50 15.44 29.00
N THR D 278 -6.23 15.87 30.03
CA THR D 278 -6.69 17.24 30.13
C THR D 278 -5.67 18.09 30.87
N GLU D 279 -6.02 19.36 31.09
CA GLU D 279 -5.12 20.25 31.82
C GLU D 279 -5.04 19.91 33.30
N SER D 280 -6.00 19.15 33.82
CA SER D 280 -5.98 18.75 35.22
C SER D 280 -4.73 17.96 35.57
N TRP D 281 -4.10 17.35 34.56
CA TRP D 281 -2.76 16.79 34.69
C TRP D 281 -1.82 17.79 35.34
N ARG D 282 -1.02 17.29 36.28
CA ARG D 282 0.00 17.97 37.09
C ARG D 282 -0.59 19.02 38.02
N LEU D 283 -1.90 19.25 38.03
CA LEU D 283 -2.49 20.18 38.99
C LEU D 283 -2.63 19.52 40.35
N SER D 284 -2.56 20.35 41.40
CA SER D 284 -2.70 19.86 42.75
C SER D 284 -4.17 19.69 43.11
N LEU D 285 -4.42 18.97 44.21
CA LEU D 285 -5.78 18.65 44.62
C LEU D 285 -6.55 19.91 44.99
N ARG D 286 -5.92 20.82 45.74
CA ARG D 286 -6.61 22.04 46.16
C ARG D 286 -7.00 22.89 44.95
N GLN D 287 -6.15 22.92 43.93
CA GLN D 287 -6.49 23.66 42.72
C GLN D 287 -7.70 23.06 42.02
N LYS D 288 -7.78 21.72 41.96
CA LYS D 288 -8.94 21.07 41.35
C LYS D 288 -10.21 21.37 42.14
N VAL D 289 -10.12 21.31 43.46
CA VAL D 289 -11.28 21.62 44.30
C VAL D 289 -11.73 23.06 44.08
N ARG D 290 -10.76 23.98 44.01
CA ARG D 290 -11.07 25.38 43.76
C ARG D 290 -11.75 25.56 42.41
N ASP D 291 -11.27 24.84 41.39
CA ASP D 291 -11.88 24.95 40.06
C ASP D 291 -13.32 24.45 40.06
N GLY D 292 -13.58 23.32 40.72
CA GLY D 292 -14.94 22.82 40.79
C GLY D 292 -15.88 23.75 41.54
N VAL D 293 -15.42 24.25 42.70
CA VAL D 293 -16.23 25.20 43.46
C VAL D 293 -16.46 26.47 42.65
N ALA D 294 -15.46 26.90 41.89
CA ALA D 294 -15.61 28.08 41.04
C ALA D 294 -16.65 27.85 39.96
N ILE D 295 -16.65 26.67 39.34
CA ILE D 295 -17.65 26.38 38.31
C ILE D 295 -19.05 26.43 38.91
N LEU D 296 -19.23 25.80 40.07
CA LEU D 296 -20.55 25.81 40.70
C LEU D 296 -20.96 27.23 41.10
N ALA D 297 -20.02 28.01 41.65
CA ALA D 297 -20.32 29.37 42.07
C ALA D 297 -20.69 30.25 40.89
N LEU D 298 -19.97 30.11 39.77
CA LEU D 298 -20.29 30.89 38.59
C LEU D 298 -21.63 30.48 37.99
N GLY D 299 -21.97 29.19 38.03
CA GLY D 299 -23.29 28.78 37.60
C GLY D 299 -24.39 29.40 38.45
N ALA D 300 -24.21 29.37 39.77
CA ALA D 300 -25.20 29.99 40.65
C ALA D 300 -25.28 31.49 40.43
N HIS D 301 -24.13 32.14 40.20
CA HIS D 301 -24.11 33.58 39.95
C HIS D 301 -24.83 33.93 38.65
N SER D 302 -24.63 33.13 37.60
CA SER D 302 -25.35 33.36 36.36
C SER D 302 -26.86 33.15 36.57
N TYR D 303 -27.24 32.14 37.35
CA TYR D 303 -28.65 31.93 37.64
C TYR D 303 -29.24 33.12 38.39
N ARG D 304 -28.50 33.66 39.35
CA ARG D 304 -28.99 34.81 40.10
C ARG D 304 -29.09 36.05 39.21
N ARG D 305 -28.13 36.22 38.29
CA ARG D 305 -28.19 37.34 37.36
C ARG D 305 -29.36 37.21 36.39
N GLN D 306 -29.72 35.98 36.03
CA GLN D 306 -30.80 35.78 35.07
C GLN D 306 -32.18 35.84 35.70
N TYR D 307 -32.38 35.20 36.85
CA TYR D 307 -33.70 35.12 37.47
C TYR D 307 -33.83 35.97 38.72
N GLY D 308 -32.77 36.68 39.14
CA GLY D 308 -32.87 37.53 40.30
C GLY D 308 -32.85 36.81 41.63
N THR D 309 -32.61 35.51 41.65
CA THR D 309 -32.63 34.75 42.89
C THR D 309 -31.73 33.53 42.74
N LEU D 310 -31.34 32.96 43.87
CA LEU D 310 -30.52 31.77 43.90
C LEU D 310 -31.36 30.53 43.59
N PRO D 311 -30.75 29.48 43.04
CA PRO D 311 -31.49 28.24 42.81
C PRO D 311 -31.86 27.57 44.13
N ALA D 312 -32.94 26.80 44.09
CA ALA D 312 -33.42 26.13 45.29
C ALA D 312 -32.42 25.07 45.74
N PRO D 313 -32.23 24.91 47.04
CA PRO D 313 -31.35 23.86 47.55
C PRO D 313 -31.93 22.48 47.28
N ALA D 314 -31.03 21.50 47.24
CA ALA D 314 -31.42 20.13 46.95
C ALA D 314 -32.24 19.54 48.10
N GLY D 315 -33.05 18.55 47.77
CA GLY D 315 -33.93 17.94 48.75
C GLY D 315 -33.25 16.85 49.55
N ASP D 316 -33.85 15.66 49.58
CA ASP D 316 -33.27 14.55 50.30
C ASP D 316 -33.70 13.25 49.62
N CYS D 317 -32.94 12.19 49.89
CA CYS D 317 -33.19 10.90 49.25
C CYS D 317 -34.46 10.21 49.74
N ARG D 318 -35.05 10.67 50.85
CA ARG D 318 -36.29 10.05 51.31
C ARG D 318 -37.49 10.69 50.63
N SER D 319 -37.46 10.74 49.30
CA SER D 319 -38.51 11.35 48.49
C SER D 319 -38.16 11.08 47.03
N HIS D 320 -39.09 11.45 46.15
CA HIS D 320 -38.87 11.33 44.70
C HIS D 320 -39.63 12.45 44.01
N PRO D 321 -38.97 13.57 43.73
CA PRO D 321 -39.63 14.66 43.00
C PRO D 321 -39.77 14.35 41.52
N GLY D 322 -40.81 13.62 41.16
CA GLY D 322 -41.05 13.23 39.79
C GLY D 322 -40.98 14.38 38.80
N PRO D 323 -41.83 15.40 39.00
CA PRO D 323 -41.71 16.63 38.21
C PRO D 323 -40.27 17.11 38.04
N VAL D 324 -39.93 17.54 36.82
CA VAL D 324 -38.56 17.92 36.51
C VAL D 324 -38.12 19.21 37.17
N SER D 325 -39.04 19.95 37.80
CA SER D 325 -38.75 21.20 38.49
C SER D 325 -38.00 22.16 37.57
N PRO D 326 -38.68 22.80 36.61
CA PRO D 326 -37.99 23.60 35.59
C PRO D 326 -36.99 24.62 36.14
N ALA D 327 -37.13 25.00 37.40
CA ALA D 327 -36.09 25.83 38.02
C ALA D 327 -34.76 25.08 38.07
N ARG D 328 -34.79 23.82 38.47
CA ARG D 328 -33.58 23.01 38.51
C ARG D 328 -33.03 22.75 37.11
N GLU D 329 -33.91 22.53 36.12
CA GLU D 329 -33.45 22.37 34.75
C GLU D 329 -32.77 23.64 34.25
N ALA D 330 -33.33 24.81 34.58
CA ALA D 330 -32.71 26.06 34.21
C ALA D 330 -31.35 26.23 34.88
N PHE D 331 -31.26 25.85 36.17
CA PHE D 331 -29.97 25.91 36.85
C PHE D 331 -28.94 25.01 36.19
N TYR D 332 -29.36 23.80 35.81
CA TYR D 332 -28.45 22.87 35.13
C TYR D 332 -28.00 23.44 33.79
N ARG D 333 -28.93 24.01 33.03
CA ARG D 333 -28.58 24.60 31.74
C ARG D 333 -27.59 25.75 31.91
N HIS D 334 -27.77 26.55 32.96
CA HIS D 334 -26.81 27.61 33.25
C HIS D 334 -25.46 27.03 33.65
N LEU D 335 -25.47 25.92 34.38
CA LEU D 335 -24.24 25.30 34.83
C LEU D 335 -23.45 24.65 33.69
N LEU D 336 -24.12 24.30 32.59
CA LEU D 336 -23.44 23.66 31.47
C LEU D 336 -22.33 24.55 30.90
N ASN D 337 -22.68 25.69 30.34
CA ASN D 337 -21.72 26.57 29.67
C ASN D 337 -21.21 27.61 30.66
N VAL D 338 -19.92 27.55 30.97
CA VAL D 338 -19.30 28.44 31.94
C VAL D 338 -17.80 28.46 31.68
N THR D 339 -17.21 29.65 31.79
CA THR D 339 -15.77 29.82 31.59
C THR D 339 -15.14 30.43 32.82
N TRP D 340 -13.88 30.10 33.06
CA TRP D 340 -13.21 30.51 34.29
C TRP D 340 -11.71 30.61 34.03
N GLU D 341 -11.14 31.77 34.32
CA GLU D 341 -9.70 32.03 34.16
C GLU D 341 -9.23 31.75 32.73
N GLY D 342 -10.06 32.14 31.77
CA GLY D 342 -9.68 32.02 30.37
C GLY D 342 -9.70 30.61 29.82
N ARG D 343 -10.27 29.66 30.55
CA ARG D 343 -10.36 28.28 30.10
C ARG D 343 -11.82 27.88 29.95
N ASP D 344 -12.11 27.12 28.90
CA ASP D 344 -13.46 26.72 28.58
C ASP D 344 -13.84 25.48 29.38
N PHE D 345 -14.94 25.58 30.13
CA PHE D 345 -15.46 24.47 30.91
C PHE D 345 -16.85 24.06 30.44
N SER D 346 -17.13 24.23 29.15
CA SER D 346 -18.43 23.85 28.62
C SER D 346 -18.61 22.33 28.72
N PHE D 347 -19.82 21.92 29.04
CA PHE D 347 -20.17 20.51 29.18
C PHE D 347 -21.14 20.11 28.08
N SER D 348 -20.87 18.95 27.47
CA SER D 348 -21.79 18.40 26.48
C SER D 348 -23.09 17.98 27.18
N PRO D 349 -24.19 17.89 26.43
CA PRO D 349 -25.42 17.36 27.02
C PRO D 349 -25.27 15.96 27.57
N GLY D 350 -24.24 15.23 27.16
CA GLY D 350 -23.92 13.93 27.73
C GLY D 350 -23.13 13.99 29.01
N GLY D 351 -23.00 15.16 29.62
CA GLY D 351 -22.34 15.29 30.92
C GLY D 351 -20.84 15.05 30.93
N TYR D 352 -20.12 15.56 29.93
CA TYR D 352 -18.67 15.48 29.92
C TYR D 352 -18.11 16.75 29.29
N LEU D 353 -16.82 16.96 29.51
CA LEU D 353 -16.15 18.17 29.03
C LEU D 353 -16.10 18.18 27.51
N VAL D 354 -16.70 19.20 26.89
CA VAL D 354 -16.71 19.35 25.44
C VAL D 354 -15.70 20.42 25.07
N ARG D 355 -15.03 20.22 23.94
CA ARG D 355 -13.94 21.05 23.42
C ARG D 355 -13.03 21.64 24.51
N PRO D 356 -12.37 20.80 25.31
CA PRO D 356 -11.34 21.31 26.22
C PRO D 356 -9.97 21.26 25.60
N THR D 357 -9.09 22.15 26.06
CA THR D 357 -7.70 22.07 25.66
C THR D 357 -7.05 20.88 26.35
N MET D 358 -6.37 20.04 25.57
CA MET D 358 -5.82 18.79 26.05
C MET D 358 -4.33 18.75 25.74
N VAL D 359 -3.58 18.01 26.54
CA VAL D 359 -2.15 17.88 26.34
C VAL D 359 -1.82 16.42 26.05
N VAL D 360 -0.88 16.22 25.14
CA VAL D 360 -0.39 14.90 24.76
C VAL D 360 0.93 14.69 25.48
N ILE D 361 0.95 13.71 26.38
CA ILE D 361 2.09 13.44 27.24
C ILE D 361 2.75 12.14 26.82
N ALA D 362 4.05 12.02 27.11
CA ALA D 362 4.82 10.85 26.73
C ALA D 362 5.77 10.49 27.86
N LEU D 363 6.15 9.21 27.89
CA LEU D 363 7.06 8.69 28.92
C LEU D 363 8.47 8.75 28.36
N ASN D 364 9.28 9.68 28.88
CA ASN D 364 10.61 9.91 28.37
C ASN D 364 11.58 8.89 28.94
N ARG D 365 12.87 9.07 28.68
CA ARG D 365 13.87 8.10 29.10
C ARG D 365 13.98 8.04 30.62
N HIS D 366 13.83 9.18 31.29
CA HIS D 366 13.88 9.20 32.75
C HIS D 366 12.69 8.52 33.41
N ARG D 367 11.81 7.90 32.62
CA ARG D 367 10.62 7.23 33.13
C ARG D 367 9.74 8.21 33.91
N LEU D 368 9.48 9.36 33.30
CA LEU D 368 8.59 10.37 33.83
C LEU D 368 7.64 10.81 32.73
N TRP D 369 6.46 11.27 33.13
CA TRP D 369 5.43 11.67 32.16
C TRP D 369 5.70 13.11 31.74
N GLU D 370 6.59 13.26 30.76
CA GLU D 370 6.82 14.56 30.16
C GLU D 370 5.68 14.91 29.21
N MET D 371 5.34 16.19 29.15
CA MET D 371 4.30 16.68 28.26
C MET D 371 4.92 17.05 26.93
N VAL D 372 4.35 16.54 25.84
CA VAL D 372 4.92 16.67 24.50
C VAL D 372 4.19 17.74 23.69
N GLY D 373 2.87 17.61 23.54
CA GLY D 373 2.12 18.50 22.69
C GLY D 373 0.89 19.04 23.39
N ARG D 374 0.21 19.96 22.70
CA ARG D 374 -1.02 20.55 23.21
C ARG D 374 -2.07 20.57 22.11
N TRP D 375 -3.33 20.70 22.52
CA TRP D 375 -4.49 20.65 21.62
C TRP D 375 -5.38 21.86 21.84
N ASP D 376 -4.80 23.05 21.80
CA ASP D 376 -5.60 24.26 21.93
C ASP D 376 -6.55 24.41 20.75
N HIS D 377 -7.83 24.60 21.05
CA HIS D 377 -8.91 24.70 20.06
C HIS D 377 -8.85 23.47 19.16
N GLY D 378 -8.96 23.60 17.84
CA GLY D 378 -8.96 22.45 16.97
C GLY D 378 -7.63 22.19 16.29
N VAL D 379 -6.56 22.81 16.79
CA VAL D 379 -5.25 22.75 16.17
C VAL D 379 -4.26 22.10 17.15
N LEU D 380 -3.25 21.44 16.60
CA LEU D 380 -2.30 20.66 17.37
C LEU D 380 -0.91 21.26 17.24
N TYR D 381 -0.25 21.48 18.38
CA TYR D 381 1.14 21.89 18.43
C TYR D 381 1.91 20.83 19.20
N MET D 382 3.04 20.40 18.66
CA MET D 382 3.83 19.38 19.32
C MET D 382 5.30 19.80 19.39
N LYS D 383 5.94 19.48 20.51
CA LYS D 383 7.28 19.98 20.79
C LYS D 383 8.32 19.40 19.84
N TYR D 384 8.18 18.12 19.50
CA TYR D 384 9.21 17.41 18.75
C TYR D 384 8.85 17.37 17.27
N PRO D 385 9.62 18.01 16.40
CA PRO D 385 9.38 17.85 14.96
C PRO D 385 9.54 16.43 14.46
N VAL D 386 10.37 15.62 15.13
CA VAL D 386 10.54 14.21 14.79
C VAL D 386 10.50 13.40 16.07
N TRP D 387 9.82 12.26 16.02
CA TRP D 387 9.63 11.44 17.22
C TRP D 387 10.91 10.71 17.58
N PRO D 388 11.47 10.94 18.76
CA PRO D 388 12.67 10.19 19.16
C PRO D 388 12.34 8.74 19.46
N ARG D 389 13.33 7.88 19.27
CA ARG D 389 13.20 6.46 19.58
C ARG D 389 14.46 5.98 20.28
N TYR D 390 14.28 5.34 21.43
CA TYR D 390 15.37 4.85 22.26
C TYR D 390 15.46 3.33 22.15
N SER D 391 16.68 2.82 22.26
CA SER D 391 16.89 1.38 22.21
C SER D 391 16.36 0.71 23.48
N THR D 392 16.37 -0.62 23.46
CA THR D 392 15.91 -1.38 24.62
C THR D 392 16.78 -1.13 25.84
N SER D 393 18.01 -0.65 25.63
CA SER D 393 18.91 -0.29 26.71
C SER D 393 18.87 1.21 27.03
N LEU D 394 17.78 1.88 26.65
CA LEU D 394 17.64 3.34 26.84
C LEU D 394 18.78 4.09 26.16
N GLN D 395 19.19 3.61 24.99
CA GLN D 395 20.22 4.27 24.20
C GLN D 395 19.57 4.94 23.01
N PRO D 396 19.68 6.28 22.87
CA PRO D 396 19.01 6.98 21.76
C PRO D 396 19.38 6.42 20.39
N VAL D 397 18.40 5.86 19.70
CA VAL D 397 18.59 5.33 18.36
C VAL D 397 18.16 6.40 17.37
N VAL D 398 18.87 6.51 16.24
CA VAL D 398 18.50 7.42 15.17
C VAL D 398 18.32 6.60 13.90
N ASP D 399 17.16 6.72 13.26
CA ASP D 399 16.86 5.93 12.08
C ASP D 399 17.80 6.33 10.95
N SER D 400 18.45 5.34 10.33
CA SER D 400 19.43 5.63 9.30
C SER D 400 18.80 6.18 8.03
N ARG D 401 17.50 5.95 7.83
CA ARG D 401 16.80 6.37 6.61
C ARG D 401 16.12 7.72 6.76
N HIS D 402 16.33 8.41 7.88
CA HIS D 402 15.71 9.72 8.12
C HIS D 402 16.73 10.80 7.83
N LEU D 403 16.57 11.47 6.70
CA LEU D 403 17.50 12.53 6.30
C LEU D 403 17.04 13.88 6.83
N THR D 404 18.01 14.67 7.31
CA THR D 404 17.76 16.03 7.76
C THR D 404 18.15 16.98 6.63
N VAL D 405 17.17 17.68 6.08
CA VAL D 405 17.35 18.50 4.89
C VAL D 405 17.30 19.97 5.28
N ALA D 406 18.34 20.71 4.92
CA ALA D 406 18.37 22.15 5.12
C ALA D 406 18.04 22.85 3.81
N THR D 407 17.36 23.99 3.91
CA THR D 407 16.93 24.73 2.72
C THR D 407 16.81 26.20 3.07
N LEU D 408 16.40 26.99 2.08
CA LEU D 408 16.30 28.43 2.24
C LEU D 408 15.28 28.95 1.23
N GLU D 409 14.60 30.03 1.59
CA GLU D 409 13.51 30.54 0.77
C GLU D 409 14.03 31.23 -0.48
N GLU D 410 13.52 30.80 -1.64
CA GLU D 410 13.85 31.41 -2.92
C GLU D 410 12.58 31.31 -3.78
N ARG D 411 11.92 32.45 -3.98
CA ARG D 411 10.55 32.55 -4.47
C ARG D 411 10.20 31.59 -5.61
N PRO D 412 10.99 31.48 -6.68
CA PRO D 412 10.62 30.53 -7.74
C PRO D 412 10.60 29.08 -7.27
N PHE D 413 11.52 28.74 -6.36
CA PHE D 413 11.76 27.35 -5.98
C PHE D 413 11.24 27.01 -4.59
N VAL D 414 11.48 27.85 -3.59
CA VAL D 414 11.04 27.59 -2.22
C VAL D 414 10.16 28.74 -1.76
N ILE D 415 8.97 28.39 -1.27
CA ILE D 415 7.98 29.36 -0.78
C ILE D 415 7.51 28.88 0.58
N VAL D 416 7.53 29.78 1.57
CA VAL D 416 7.08 29.46 2.92
C VAL D 416 5.76 30.17 3.17
N GLU D 417 4.85 29.47 3.84
CA GLU D 417 3.55 30.01 4.19
C GLU D 417 3.20 29.61 5.62
N SER D 418 2.34 30.40 6.24
CA SER D 418 1.79 29.96 7.52
C SER D 418 0.69 28.94 7.29
N PRO D 419 0.56 27.95 8.16
CA PRO D 419 -0.48 26.93 7.96
C PRO D 419 -1.88 27.53 8.09
N ASP D 420 -2.83 26.89 7.39
CA ASP D 420 -4.21 27.36 7.39
C ASP D 420 -4.79 27.28 8.80
N PRO D 421 -5.23 28.41 9.36
CA PRO D 421 -5.82 28.37 10.70
C PRO D 421 -7.09 27.54 10.79
N GLY D 422 -7.88 27.49 9.73
CA GLY D 422 -9.17 26.83 9.80
C GLY D 422 -9.06 25.33 10.04
N THR D 423 -8.19 24.67 9.30
CA THR D 423 -8.03 23.22 9.40
C THR D 423 -6.89 22.79 10.30
N GLY D 424 -6.24 23.74 10.99
CA GLY D 424 -5.13 23.41 11.85
C GLY D 424 -3.84 23.21 11.10
N GLY D 425 -3.81 22.24 10.19
CA GLY D 425 -2.68 22.01 9.33
C GLY D 425 -2.72 22.93 8.12
N CYS D 426 -2.02 22.52 7.07
CA CYS D 426 -1.99 23.31 5.85
C CYS D 426 -2.35 22.45 4.65
N VAL D 427 -2.48 23.15 3.53
CA VAL D 427 -2.95 22.64 2.23
C VAL D 427 -2.06 21.47 1.80
N PRO D 428 -2.59 20.41 1.20
CA PRO D 428 -1.69 19.34 0.76
C PRO D 428 -0.87 19.80 -0.44
N ASN D 429 0.06 18.94 -0.87
CA ASN D 429 1.09 19.32 -1.82
C ASN D 429 1.91 20.48 -1.24
N THR D 430 2.21 20.38 0.05
CA THR D 430 3.03 21.38 0.73
C THR D 430 3.65 20.73 1.95
N VAL D 431 4.97 20.58 1.94
CA VAL D 431 5.66 19.81 2.98
C VAL D 431 5.84 20.70 4.21
N PRO D 432 5.44 20.26 5.39
CA PRO D 432 5.69 21.05 6.60
C PRO D 432 7.19 21.25 6.81
N CYS D 433 7.56 22.46 7.24
CA CYS D 433 8.94 22.81 7.50
C CYS D 433 9.00 23.60 8.80
N ARG D 434 10.16 23.58 9.44
CA ARG D 434 10.38 24.30 10.69
C ARG D 434 11.45 25.35 10.50
N ARG D 435 11.41 26.37 11.34
CA ARG D 435 12.43 27.41 11.36
C ARG D 435 13.44 27.07 12.43
N GLN D 436 14.70 27.48 12.23
CA GLN D 436 15.79 27.11 13.13
C GLN D 436 15.46 27.38 14.59
N SER D 437 15.79 26.41 15.46
CA SER D 437 15.41 26.44 16.86
C SER D 437 16.48 27.06 17.76
N ASN D 438 17.48 27.74 17.18
CA ASN D 438 18.45 28.46 17.99
C ASN D 438 17.75 29.40 18.96
N HIS D 439 16.93 30.31 18.45
CA HIS D 439 16.12 31.18 19.29
C HIS D 439 14.86 30.43 19.71
N THR D 440 14.70 30.22 21.00
CA THR D 440 13.56 29.47 21.50
C THR D 440 12.30 30.33 21.47
N PHE D 441 11.32 29.92 20.66
CA PHE D 441 10.01 30.55 20.63
C PHE D 441 8.99 29.79 21.47
N SER D 442 9.45 29.02 22.46
CA SER D 442 8.54 28.22 23.27
C SER D 442 7.56 29.08 24.05
N SER D 443 8.03 30.21 24.60
CA SER D 443 7.22 31.05 25.46
C SER D 443 6.58 30.23 26.58
N GLY D 444 7.43 29.48 27.28
CA GLY D 444 6.96 28.50 28.22
C GLY D 444 7.10 27.09 27.69
N ASP D 445 5.99 26.49 27.24
CA ASP D 445 5.99 25.12 26.76
C ASP D 445 5.13 24.91 25.51
N LEU D 446 4.88 25.95 24.72
CA LEU D 446 3.97 25.80 23.58
C LEU D 446 4.65 25.07 22.41
N THR D 447 5.66 25.70 21.80
CA THR D 447 6.43 25.19 20.68
C THR D 447 7.75 25.94 20.57
N PRO D 448 8.89 25.24 20.57
CA PRO D 448 10.18 25.91 20.43
C PRO D 448 10.56 26.27 19.00
N TYR D 449 9.71 25.93 18.02
CA TYR D 449 10.02 26.14 16.62
C TYR D 449 8.83 26.75 15.90
N THR D 450 9.13 27.61 14.93
CA THR D 450 8.10 28.16 14.06
C THR D 450 7.76 27.14 12.98
N LYS D 451 6.51 26.69 12.96
CA LYS D 451 6.06 25.67 12.02
C LYS D 451 5.40 26.33 10.83
N LEU D 452 6.07 26.30 9.69
CA LEU D 452 5.55 26.82 8.43
C LEU D 452 5.33 25.65 7.47
N CYS D 453 4.89 25.98 6.26
CA CYS D 453 4.74 24.99 5.21
C CYS D 453 5.46 25.48 3.96
N CYS D 454 6.27 24.60 3.38
CA CYS D 454 7.14 24.93 2.26
C CYS D 454 6.64 24.23 1.00
N LYS D 455 6.69 24.95 -0.13
CA LYS D 455 6.27 24.39 -1.40
C LYS D 455 7.11 25.01 -2.51
N GLY D 456 7.07 24.37 -3.68
CA GLY D 456 7.71 24.93 -4.85
C GLY D 456 8.43 23.85 -5.65
N PHE D 457 9.31 24.31 -6.54
CA PHE D 457 10.02 23.40 -7.44
C PHE D 457 10.94 22.46 -6.67
N CYS D 458 11.80 23.02 -5.82
CA CYS D 458 12.78 22.21 -5.11
C CYS D 458 12.10 21.25 -4.15
N ILE D 459 11.01 21.68 -3.51
CA ILE D 459 10.29 20.79 -2.60
C ILE D 459 9.61 19.67 -3.37
N ASP D 460 9.11 19.96 -4.57
CA ASP D 460 8.56 18.91 -5.42
C ASP D 460 9.62 17.90 -5.80
N ILE D 461 10.82 18.38 -6.14
CA ILE D 461 11.93 17.47 -6.45
C ILE D 461 12.27 16.62 -5.24
N LEU D 462 12.29 17.22 -4.06
CA LEU D 462 12.60 16.48 -2.84
C LEU D 462 11.54 15.43 -2.54
N LYS D 463 10.27 15.75 -2.78
CA LYS D 463 9.21 14.77 -2.58
C LYS D 463 9.34 13.61 -3.55
N LYS D 464 9.66 13.90 -4.82
CA LYS D 464 9.88 12.84 -5.79
C LYS D 464 11.05 11.96 -5.39
N LEU D 465 12.13 12.57 -4.90
CA LEU D 465 13.28 11.80 -4.45
C LEU D 465 12.92 10.93 -3.25
N ALA D 466 12.12 11.46 -2.32
CA ALA D 466 11.70 10.65 -1.17
C ALA D 466 10.87 9.46 -1.61
N LYS D 467 10.00 9.65 -2.61
CA LYS D 467 9.21 8.53 -3.11
C LYS D 467 10.09 7.51 -3.82
N VAL D 468 11.06 7.95 -4.62
CA VAL D 468 11.83 7.02 -5.44
C VAL D 468 12.88 6.29 -4.62
N VAL D 469 13.75 7.04 -3.93
CA VAL D 469 14.79 6.45 -3.10
C VAL D 469 14.24 5.79 -1.85
N LYS D 470 12.97 6.05 -1.49
CA LYS D 470 12.32 5.46 -0.33
C LYS D 470 13.06 5.82 0.96
N PHE D 471 13.04 7.13 1.26
CA PHE D 471 13.56 7.63 2.52
C PHE D 471 12.58 8.64 3.10
N SER D 472 12.67 8.84 4.41
CA SER D 472 11.88 9.84 5.11
C SER D 472 12.75 11.03 5.47
N TYR D 473 12.12 12.17 5.69
CA TYR D 473 12.87 13.40 5.86
C TYR D 473 12.04 14.42 6.63
N ASP D 474 12.73 15.31 7.34
CA ASP D 474 12.18 16.56 7.81
C ASP D 474 12.70 17.68 6.92
N LEU D 475 12.43 18.93 7.30
CA LEU D 475 12.87 20.06 6.50
C LEU D 475 12.94 21.29 7.39
N TYR D 476 14.09 21.94 7.44
CA TYR D 476 14.24 23.16 8.22
C TYR D 476 15.02 24.19 7.41
N LEU D 477 14.67 25.46 7.61
CA LEU D 477 15.30 26.56 6.90
C LEU D 477 16.56 27.01 7.64
N VAL D 478 17.39 27.78 6.95
CA VAL D 478 18.65 28.27 7.50
C VAL D 478 18.50 29.75 7.80
N THR D 479 18.76 30.13 9.06
CA THR D 479 18.69 31.52 9.49
C THR D 479 20.07 32.10 9.77
N ASN D 480 21.14 31.37 9.47
CA ASN D 480 22.50 31.84 9.68
C ASN D 480 23.13 32.07 8.31
N GLY D 481 22.92 33.26 7.76
CA GLY D 481 23.48 33.61 6.48
C GLY D 481 22.68 33.09 5.30
N LYS D 482 23.13 33.47 4.12
CA LYS D 482 22.50 33.08 2.86
C LYS D 482 23.05 31.74 2.42
N HIS D 483 22.86 31.38 1.14
CA HIS D 483 23.29 30.12 0.56
C HIS D 483 24.65 29.64 1.06
N GLY D 484 25.60 30.57 1.21
CA GLY D 484 26.87 30.22 1.82
C GLY D 484 28.07 30.96 1.31
N LYS D 485 28.88 31.50 2.23
CA LYS D 485 30.11 32.20 1.90
C LYS D 485 31.11 31.96 3.01
N ARG D 486 32.36 31.70 2.63
CA ARG D 486 33.41 31.48 3.62
C ARG D 486 33.81 32.81 4.23
N VAL D 487 33.65 32.93 5.54
CA VAL D 487 34.05 34.13 6.29
C VAL D 487 34.99 33.71 7.40
N ARG D 488 36.21 34.26 7.38
CA ARG D 488 37.23 33.96 8.39
C ARG D 488 37.53 32.45 8.46
N GLY D 489 37.44 31.77 7.33
CA GLY D 489 37.74 30.36 7.26
C GLY D 489 36.61 29.42 7.60
N VAL D 490 35.46 29.95 8.04
CA VAL D 490 34.32 29.12 8.37
C VAL D 490 33.22 29.36 7.35
N TRP D 491 32.27 28.43 7.29
CA TRP D 491 31.18 28.47 6.33
C TRP D 491 29.86 28.66 7.05
N ASN D 492 29.03 29.55 6.51
CA ASN D 492 27.70 29.81 7.01
C ASN D 492 26.66 29.41 5.98
N GLY D 493 25.39 29.42 6.39
CA GLY D 493 24.34 29.07 5.47
C GLY D 493 24.21 27.56 5.27
N MET D 494 23.63 27.20 4.13
CA MET D 494 23.37 25.79 3.82
C MET D 494 24.66 25.00 3.73
N ILE D 495 25.69 25.58 3.10
CA ILE D 495 26.99 24.93 3.03
C ILE D 495 27.57 24.75 4.42
N GLY D 496 27.36 25.73 5.29
CA GLY D 496 27.82 25.58 6.67
C GLY D 496 27.10 24.47 7.40
N GLU D 497 25.78 24.37 7.21
CA GLU D 497 25.01 23.32 7.88
C GLU D 497 25.44 21.94 7.40
N VAL D 498 25.64 21.78 6.09
CA VAL D 498 26.02 20.47 5.57
C VAL D 498 27.45 20.12 5.93
N TYR D 499 28.38 21.07 5.81
CA TYR D 499 29.79 20.78 6.05
C TYR D 499 30.04 20.42 7.51
N TYR D 500 29.32 21.06 8.44
CA TYR D 500 29.47 20.79 9.86
C TYR D 500 28.51 19.71 10.35
N LYS D 501 27.93 18.95 9.44
CA LYS D 501 27.13 17.76 9.76
C LYS D 501 25.86 18.08 10.54
N ARG D 502 25.41 19.33 10.53
CA ARG D 502 24.13 19.66 11.16
C ARG D 502 22.94 19.16 10.33
N ALA D 503 23.14 18.93 9.04
CA ALA D 503 22.08 18.44 8.16
C ALA D 503 22.66 17.40 7.22
N ASP D 504 21.82 16.46 6.80
CA ASP D 504 22.27 15.42 5.88
C ASP D 504 22.51 15.99 4.49
N MET D 505 21.61 16.83 4.01
CA MET D 505 21.73 17.38 2.67
C MET D 505 21.06 18.75 2.61
N ALA D 506 21.46 19.55 1.64
CA ALA D 506 20.90 20.87 1.42
C ALA D 506 20.29 20.93 0.03
N ILE D 507 19.06 21.41 -0.06
CA ILE D 507 18.35 21.54 -1.33
C ILE D 507 17.85 22.97 -1.47
N GLY D 508 17.75 23.44 -2.71
CA GLY D 508 17.31 24.79 -2.97
C GLY D 508 18.02 25.42 -4.14
N SER D 509 18.19 26.74 -4.11
CA SER D 509 18.90 27.46 -5.16
C SER D 509 20.39 27.51 -4.83
N LEU D 510 21.04 26.36 -4.96
CA LEU D 510 22.45 26.19 -4.63
C LEU D 510 23.22 25.90 -5.91
N THR D 511 24.14 26.79 -6.26
CA THR D 511 24.91 26.65 -7.49
C THR D 511 26.17 25.82 -7.24
N ILE D 512 26.46 24.93 -8.19
CA ILE D 512 27.67 24.13 -8.11
C ILE D 512 28.87 24.96 -8.55
N ASN D 513 29.89 25.03 -7.69
CA ASN D 513 31.12 25.73 -8.04
C ASN D 513 32.29 25.04 -7.35
N GLU D 514 33.50 25.40 -7.78
CA GLU D 514 34.69 24.66 -7.34
C GLU D 514 34.91 24.77 -5.84
N GLU D 515 34.75 25.99 -5.29
CA GLU D 515 35.05 26.19 -3.88
C GLU D 515 34.12 25.39 -2.99
N ARG D 516 32.88 25.17 -3.42
CA ARG D 516 31.98 24.33 -2.64
C ARG D 516 32.18 22.85 -2.93
N SER D 517 32.46 22.50 -4.19
CA SER D 517 32.66 21.11 -4.54
C SER D 517 33.93 20.53 -3.93
N GLU D 518 34.88 21.38 -3.54
CA GLU D 518 36.06 20.87 -2.83
C GLU D 518 35.71 20.48 -1.40
N ILE D 519 34.91 21.29 -0.70
CA ILE D 519 34.66 21.05 0.71
C ILE D 519 33.53 20.05 0.91
N ILE D 520 32.50 20.08 0.06
CA ILE D 520 31.37 19.16 0.15
C ILE D 520 31.21 18.44 -1.19
N ASP D 521 30.34 17.44 -1.19
CA ASP D 521 29.97 16.73 -2.40
C ASP D 521 28.70 17.32 -2.99
N PHE D 522 28.54 17.17 -4.29
CA PHE D 522 27.40 17.70 -5.02
C PHE D 522 26.78 16.60 -5.87
N SER D 523 25.47 16.69 -6.06
CA SER D 523 24.78 15.75 -6.93
C SER D 523 24.78 16.28 -8.36
N VAL D 524 24.24 15.48 -9.28
CA VAL D 524 24.14 15.93 -10.68
C VAL D 524 23.17 17.11 -10.75
N PRO D 525 23.49 18.17 -11.50
CA PRO D 525 22.56 19.30 -11.57
C PRO D 525 21.21 18.89 -12.16
N PHE D 526 20.14 19.42 -11.58
CA PHE D 526 18.79 19.13 -12.05
C PHE D 526 18.11 20.33 -12.71
N VAL D 527 18.74 21.50 -12.67
CA VAL D 527 18.28 22.65 -13.46
C VAL D 527 19.48 23.54 -13.72
N GLU D 528 19.70 23.89 -14.99
CA GLU D 528 20.88 24.64 -15.39
C GLU D 528 20.67 26.13 -15.17
N THR D 529 21.77 26.84 -14.94
CA THR D 529 21.74 28.25 -14.55
C THR D 529 23.13 28.84 -14.76
N GLY D 530 23.27 30.11 -14.42
CA GLY D 530 24.56 30.77 -14.51
C GLY D 530 24.41 32.25 -14.22
N ILE D 531 25.46 33.00 -14.53
CA ILE D 531 25.45 34.44 -14.36
C ILE D 531 24.72 35.07 -15.55
N SER D 532 23.76 35.93 -15.26
CA SER D 532 22.97 36.59 -16.29
C SER D 532 22.76 38.05 -15.93
N VAL D 533 22.49 38.84 -16.96
CA VAL D 533 22.36 40.29 -16.88
C VAL D 533 20.91 40.67 -17.13
N MET D 534 20.37 41.52 -16.28
CA MET D 534 19.00 42.01 -16.39
C MET D 534 19.02 43.51 -16.63
N VAL D 535 18.33 43.96 -17.66
CA VAL D 535 18.20 45.37 -17.99
C VAL D 535 16.73 45.68 -18.24
N SER D 536 16.38 46.96 -18.15
CA SER D 536 15.02 47.43 -18.34
C SER D 536 14.84 47.85 -19.79
N ARG D 537 13.81 47.29 -20.44
CA ARG D 537 13.54 47.61 -21.84
C ARG D 537 13.07 49.04 -21.98
N ASP D 658 19.30 45.60 -25.26
CA ASP D 658 20.60 44.99 -25.55
C ASP D 658 21.66 46.08 -25.68
N THR D 659 21.79 46.89 -24.64
CA THR D 659 22.77 47.97 -24.64
C THR D 659 24.17 47.49 -24.36
N VAL D 660 24.33 46.35 -23.68
CA VAL D 660 25.64 45.89 -23.23
C VAL D 660 26.18 44.82 -24.19
N SER D 661 25.41 43.75 -24.37
CA SER D 661 25.75 42.67 -25.28
C SER D 661 27.08 42.01 -24.90
N GLY D 662 27.11 41.46 -23.68
CA GLY D 662 28.27 40.73 -23.22
C GLY D 662 28.69 41.05 -21.80
N LEU D 663 28.95 40.01 -21.00
CA LEU D 663 29.38 40.22 -19.62
C LEU D 663 30.77 40.86 -19.58
N SER D 664 31.65 40.46 -20.51
CA SER D 664 33.01 40.98 -20.57
C SER D 664 33.10 42.27 -21.37
N ASP D 665 31.99 42.99 -21.51
CA ASP D 665 31.98 44.23 -22.27
C ASP D 665 32.85 45.30 -21.59
N LYS D 666 33.33 46.24 -22.40
CA LYS D 666 34.20 47.29 -21.88
C LYS D 666 33.48 48.19 -20.89
N LYS D 667 32.15 48.30 -20.99
CA LYS D 667 31.39 49.08 -20.03
C LYS D 667 31.57 48.55 -18.62
N PHE D 668 31.55 47.22 -18.47
CA PHE D 668 31.70 46.59 -17.17
C PHE D 668 33.16 46.44 -16.77
N GLN D 669 34.00 45.95 -17.68
CA GLN D 669 35.42 45.79 -17.37
C GLN D 669 36.08 47.12 -17.07
N ARG D 670 35.59 48.20 -17.66
CA ARG D 670 36.10 49.55 -17.45
C ARG D 670 34.96 50.44 -17.01
N PRO D 671 34.70 50.54 -15.70
CA PRO D 671 33.61 51.39 -15.23
C PRO D 671 33.76 52.85 -15.61
N GLN D 672 34.99 53.37 -15.66
CA GLN D 672 35.24 54.77 -15.96
C GLN D 672 35.61 55.00 -17.42
N ASP D 673 35.22 54.10 -18.32
CA ASP D 673 35.53 54.31 -19.73
C ASP D 673 34.79 55.52 -20.30
N GLN D 674 33.54 55.72 -19.87
CA GLN D 674 32.73 56.83 -20.41
C GLN D 674 31.46 56.96 -19.57
N TYR D 675 30.80 58.18 -19.63
CA TYR D 675 29.47 58.44 -19.07
C TYR D 675 29.62 58.35 -17.55
N PRO D 676 28.77 58.82 -16.66
CA PRO D 676 29.09 58.74 -15.44
C PRO D 676 28.94 57.28 -14.97
N PRO D 677 29.48 56.93 -13.81
CA PRO D 677 29.73 55.52 -13.52
C PRO D 677 28.47 54.69 -13.72
N PHE D 678 28.63 53.54 -14.38
CA PHE D 678 27.52 52.65 -14.66
C PHE D 678 26.98 52.08 -13.35
N ARG D 679 25.66 52.16 -13.16
CA ARG D 679 25.04 51.77 -11.90
C ARG D 679 24.55 50.33 -12.00
N PHE D 680 25.49 49.40 -11.86
CA PHE D 680 25.19 47.97 -11.89
C PHE D 680 25.73 47.32 -10.63
N GLY D 681 24.95 46.41 -10.04
CA GLY D 681 25.32 45.77 -8.81
C GLY D 681 24.67 44.40 -8.68
N THR D 682 25.00 43.72 -7.59
CA THR D 682 24.53 42.36 -7.37
C THR D 682 24.40 42.12 -5.87
N VAL D 683 23.65 41.07 -5.53
CA VAL D 683 23.45 40.68 -4.14
C VAL D 683 24.72 40.01 -3.62
N PRO D 684 25.30 40.49 -2.54
CA PRO D 684 26.58 39.95 -2.04
C PRO D 684 26.37 38.61 -1.34
N ASN D 685 27.49 37.98 -1.01
CA ASN D 685 27.53 36.68 -0.35
C ASN D 685 26.79 35.62 -1.16
N GLY D 686 27.33 35.36 -2.35
CA GLY D 686 26.78 34.34 -3.22
C GLY D 686 27.84 33.86 -4.18
N SER D 687 27.43 32.95 -5.07
CA SER D 687 28.36 32.43 -6.06
C SER D 687 28.75 33.50 -7.08
N THR D 688 27.79 34.36 -7.44
CA THR D 688 28.07 35.41 -8.42
C THR D 688 29.13 36.37 -7.91
N GLU D 689 29.03 36.79 -6.66
CA GLU D 689 29.99 37.73 -6.10
C GLU D 689 31.39 37.13 -6.07
N ARG D 690 31.50 35.86 -5.65
CA ARG D 690 32.81 35.23 -5.62
C ARG D 690 33.38 35.03 -7.01
N ASN D 691 32.53 34.67 -7.98
CA ASN D 691 32.98 34.53 -9.35
C ASN D 691 33.53 35.86 -9.87
N ILE D 692 32.79 36.95 -9.64
CA ILE D 692 33.23 38.27 -10.10
C ILE D 692 34.53 38.67 -9.42
N ARG D 693 34.63 38.43 -8.11
CA ARG D 693 35.86 38.79 -7.39
C ARG D 693 37.05 38.02 -7.91
N SER D 694 36.88 36.71 -8.14
CA SER D 694 38.02 35.90 -8.57
C SER D 694 38.38 36.12 -10.03
N ASN D 695 37.45 36.61 -10.85
CA ASN D 695 37.71 36.80 -12.27
C ASN D 695 38.02 38.24 -12.65
N TYR D 696 37.10 39.16 -12.39
CA TYR D 696 37.22 40.55 -12.85
C TYR D 696 37.35 41.43 -11.60
N ARG D 697 38.57 41.82 -11.28
CA ARG D 697 38.82 42.60 -10.08
C ARG D 697 38.15 43.98 -10.17
N ASP D 698 38.22 44.62 -11.34
CA ASP D 698 37.61 45.94 -11.50
C ASP D 698 36.10 45.88 -11.35
N MET D 699 35.47 44.87 -11.96
CA MET D 699 34.04 44.64 -11.78
C MET D 699 33.68 44.56 -10.31
N HIS D 700 34.39 43.72 -9.55
CA HIS D 700 34.06 43.53 -8.15
C HIS D 700 34.28 44.79 -7.34
N THR D 701 35.38 45.51 -7.60
CA THR D 701 35.65 46.73 -6.85
C THR D 701 34.60 47.80 -7.12
N HIS D 702 34.06 47.85 -8.34
CA HIS D 702 32.97 48.78 -8.59
C HIS D 702 31.65 48.30 -7.98
N MET D 703 31.41 46.99 -8.01
CA MET D 703 30.15 46.44 -7.53
C MET D 703 29.95 46.67 -6.04
N VAL D 704 31.02 46.93 -5.29
CA VAL D 704 30.89 47.13 -3.85
C VAL D 704 30.03 48.34 -3.55
N LYS D 705 30.06 49.35 -4.42
CA LYS D 705 29.24 50.54 -4.21
C LYS D 705 27.75 50.20 -4.24
N PHE D 706 27.33 49.42 -5.23
CA PHE D 706 25.92 49.06 -5.39
C PHE D 706 25.64 47.68 -4.78
N ASN D 707 25.88 47.57 -3.48
CA ASN D 707 25.62 46.34 -2.75
C ASN D 707 24.11 46.20 -2.55
N GLN D 708 23.45 45.64 -3.56
CA GLN D 708 22.01 45.46 -3.51
C GLN D 708 21.63 44.41 -2.46
N ARG D 709 20.33 44.28 -2.24
CA ARG D 709 19.79 43.25 -1.35
C ARG D 709 18.36 42.97 -1.78
N SER D 710 17.86 41.80 -1.39
CA SER D 710 16.43 41.48 -1.52
C SER D 710 15.97 41.62 -2.97
N VAL D 711 16.41 40.66 -3.78
CA VAL D 711 16.37 40.72 -5.24
C VAL D 711 15.10 41.38 -5.78
N GLU D 712 13.99 41.21 -5.08
CA GLU D 712 12.78 41.96 -5.43
C GLU D 712 13.02 43.47 -5.32
N ASP D 713 13.72 43.89 -4.26
CA ASP D 713 14.05 45.31 -4.12
C ASP D 713 15.00 45.78 -5.22
N ALA D 714 15.95 44.94 -5.60
CA ALA D 714 16.81 45.28 -6.73
C ALA D 714 15.99 45.42 -8.00
N LEU D 715 14.99 44.57 -8.17
CA LEU D 715 14.16 44.60 -9.37
C LEU D 715 13.36 45.89 -9.40
N THR D 716 12.79 46.28 -8.25
CA THR D 716 12.02 47.53 -8.20
C THR D 716 12.91 48.76 -8.35
N SER D 717 14.16 48.68 -7.87
CA SER D 717 15.10 49.78 -8.10
C SER D 717 15.44 49.88 -9.58
N LEU D 718 15.55 48.74 -10.26
CA LEU D 718 15.73 48.76 -11.71
C LEU D 718 14.54 49.40 -12.40
N LYS D 719 13.32 49.07 -11.95
CA LYS D 719 12.13 49.63 -12.56
C LYS D 719 12.06 51.14 -12.36
N MET D 720 12.34 51.61 -11.15
CA MET D 720 12.26 53.04 -10.87
C MET D 720 13.30 53.82 -11.65
N GLY D 721 14.52 53.29 -11.76
CA GLY D 721 15.56 53.96 -12.51
C GLY D 721 16.83 54.19 -11.73
N LYS D 722 16.89 53.68 -10.50
CA LYS D 722 18.09 53.78 -9.68
C LYS D 722 19.19 52.81 -10.12
N LEU D 723 18.90 51.91 -11.04
CA LEU D 723 19.84 50.90 -11.49
C LEU D 723 19.54 50.57 -12.95
N ASP D 724 20.59 50.27 -13.72
CA ASP D 724 20.43 49.99 -15.13
C ASP D 724 20.87 48.58 -15.53
N ALA D 725 21.53 47.84 -14.66
CA ALA D 725 21.93 46.47 -14.95
C ALA D 725 22.06 45.70 -13.64
N PHE D 726 21.55 44.47 -13.64
CA PHE D 726 21.57 43.61 -12.47
C PHE D 726 22.21 42.28 -12.83
N ILE D 727 23.25 41.91 -12.10
CA ILE D 727 24.01 40.68 -12.34
C ILE D 727 23.59 39.65 -11.32
N TYR D 728 22.99 38.54 -11.76
CA TYR D 728 22.48 37.58 -10.79
C TYR D 728 22.36 36.21 -11.47
N ASP D 729 21.61 35.30 -10.84
CA ASP D 729 21.48 33.95 -11.34
C ASP D 729 20.52 33.88 -12.51
N ALA D 730 20.88 33.11 -13.54
CA ALA D 730 20.07 33.01 -14.74
C ALA D 730 18.73 32.34 -14.48
N ALA D 731 18.70 31.28 -13.65
CA ALA D 731 17.45 30.57 -13.43
C ALA D 731 16.41 31.45 -12.78
N VAL D 732 16.81 32.28 -11.82
CA VAL D 732 15.88 33.19 -11.18
C VAL D 732 15.63 34.43 -12.03
N LEU D 733 16.61 34.87 -12.82
CA LEU D 733 16.41 36.04 -13.65
C LEU D 733 15.42 35.77 -14.77
N ASN D 734 15.45 34.56 -15.34
CA ASN D 734 14.46 34.20 -16.35
C ASN D 734 13.05 34.21 -15.76
N TYR D 735 12.89 33.66 -14.55
CA TYR D 735 11.58 33.67 -13.91
C TYR D 735 11.13 35.09 -13.59
N MET D 736 12.04 35.94 -13.10
CA MET D 736 11.68 37.31 -12.78
C MET D 736 11.31 38.10 -14.03
N ALA D 737 11.97 37.82 -15.16
CA ALA D 737 11.57 38.44 -16.42
C ALA D 737 10.21 37.92 -16.88
N GLY D 738 9.94 36.63 -16.65
CA GLY D 738 8.69 36.05 -17.12
C GLY D 738 7.47 36.68 -16.49
N LYS D 739 7.48 36.84 -15.16
CA LYS D 739 6.35 37.44 -14.45
C LYS D 739 6.62 38.92 -14.20
N ASP D 740 6.83 39.64 -15.31
CA ASP D 740 7.06 41.07 -15.27
C ASP D 740 5.99 41.80 -16.05
N GLU D 741 5.45 42.86 -15.46
CA GLU D 741 4.41 43.64 -16.13
C GLU D 741 4.99 44.51 -17.24
N GLY D 742 6.20 45.05 -17.04
CA GLY D 742 6.92 45.75 -18.07
C GLY D 742 7.76 44.87 -18.96
N CYS D 743 7.85 43.58 -18.64
CA CYS D 743 8.61 42.59 -19.41
C CYS D 743 10.05 43.04 -19.63
N LYS D 744 10.78 43.13 -18.52
CA LYS D 744 12.21 43.33 -18.57
C LYS D 744 12.90 42.19 -19.32
N LEU D 745 14.00 42.54 -19.97
CA LEU D 745 14.68 41.63 -20.88
C LEU D 745 16.09 41.36 -20.37
N VAL D 746 16.56 40.15 -20.59
CA VAL D 746 17.94 39.77 -20.33
C VAL D 746 18.77 40.24 -21.52
N THR D 747 20.05 40.54 -21.27
CA THR D 747 20.92 41.23 -22.22
C THR D 747 20.81 40.67 -23.63
N ILE D 748 21.03 39.38 -23.80
CA ILE D 748 20.91 38.75 -25.10
C ILE D 748 19.66 37.88 -25.10
N GLY D 749 19.09 37.66 -26.29
CA GLY D 749 17.86 36.89 -26.45
C GLY D 749 17.73 35.67 -25.57
N SER D 750 18.80 34.87 -25.49
CA SER D 750 18.83 33.71 -24.61
C SER D 750 19.66 34.01 -23.37
N GLY D 751 19.91 35.30 -23.11
CA GLY D 751 20.64 35.71 -21.94
C GLY D 751 22.13 35.50 -22.02
N LYS D 752 22.58 34.71 -23.00
CA LYS D 752 23.98 34.34 -23.15
C LYS D 752 24.59 33.97 -21.80
N VAL D 753 24.02 32.92 -21.20
CA VAL D 753 24.38 32.50 -19.85
C VAL D 753 25.88 32.37 -19.71
N PHE D 754 26.45 33.06 -18.73
CA PHE D 754 27.88 33.05 -18.48
C PHE D 754 28.19 32.16 -17.28
N ALA D 755 29.30 31.44 -17.38
CA ALA D 755 29.74 30.51 -16.33
C ALA D 755 28.62 29.50 -16.03
N THR D 756 28.25 28.75 -17.07
CA THR D 756 27.11 27.85 -16.97
C THR D 756 27.37 26.75 -15.95
N THR D 757 26.49 26.64 -14.97
CA THR D 757 26.54 25.62 -13.94
C THR D 757 25.11 25.14 -13.70
N GLY D 758 24.88 24.45 -12.59
CA GLY D 758 23.54 23.97 -12.31
C GLY D 758 23.25 23.99 -10.82
N TYR D 759 21.98 23.78 -10.50
CA TYR D 759 21.56 23.62 -9.12
C TYR D 759 21.73 22.18 -8.69
N GLY D 760 22.35 21.98 -7.53
CA GLY D 760 22.63 20.64 -7.05
C GLY D 760 22.12 20.46 -5.63
N ILE D 761 22.14 19.20 -5.20
CA ILE D 761 21.75 18.82 -3.85
C ILE D 761 23.03 18.59 -3.05
N ALA D 762 23.33 19.52 -2.15
CA ALA D 762 24.52 19.42 -1.33
C ALA D 762 24.46 18.18 -0.45
N MET D 763 25.61 17.55 -0.23
CA MET D 763 25.70 16.39 0.64
C MET D 763 26.99 16.46 1.44
N GLN D 764 27.04 15.65 2.50
CA GLN D 764 28.29 15.51 3.24
C GLN D 764 29.32 14.77 2.40
N LYS D 765 30.58 15.14 2.60
CA LYS D 765 31.65 14.56 1.80
C LYS D 765 31.74 13.06 2.02
N ASP D 766 31.87 12.32 0.92
CA ASP D 766 32.01 10.86 0.94
C ASP D 766 30.83 10.19 1.63
N SER D 767 29.61 10.62 1.33
CA SER D 767 28.42 10.03 1.92
C SER D 767 28.00 8.79 1.18
N HIS D 768 26.80 8.26 1.50
CA HIS D 768 26.31 7.05 0.87
C HIS D 768 25.15 7.36 -0.08
N TRP D 769 24.34 8.37 0.28
CA TRP D 769 23.13 8.65 -0.49
C TRP D 769 23.45 9.19 -1.88
N LYS D 770 24.69 9.60 -2.11
CA LYS D 770 25.07 10.31 -3.33
C LYS D 770 24.73 9.53 -4.59
N ARG D 771 25.14 8.27 -4.67
CA ARG D 771 24.93 7.49 -5.89
C ARG D 771 23.45 7.28 -6.17
N ALA D 772 22.70 6.90 -5.13
CA ALA D 772 21.27 6.63 -5.31
C ALA D 772 20.53 7.89 -5.74
N ILE D 773 20.85 9.02 -5.11
CA ILE D 773 20.17 10.26 -5.44
C ILE D 773 20.56 10.74 -6.84
N ASP D 774 21.83 10.55 -7.22
CA ASP D 774 22.25 10.89 -8.58
C ASP D 774 21.46 10.08 -9.60
N LEU D 775 21.35 8.76 -9.38
CA LEU D 775 20.61 7.92 -10.31
C LEU D 775 19.14 8.30 -10.35
N ALA D 776 18.56 8.63 -9.18
CA ALA D 776 17.15 9.03 -9.16
C ALA D 776 16.92 10.33 -9.91
N LEU D 777 17.82 11.29 -9.74
CA LEU D 777 17.70 12.56 -10.47
C LEU D 777 17.84 12.33 -11.97
N LEU D 778 18.77 11.48 -12.37
CA LEU D 778 18.93 11.19 -13.80
C LEU D 778 17.70 10.49 -14.35
N GLN D 779 17.09 9.60 -13.57
CA GLN D 779 15.85 8.97 -13.99
C GLN D 779 14.73 9.99 -14.14
N LEU D 780 14.63 10.92 -13.19
CA LEU D 780 13.60 11.96 -13.28
C LEU D 780 13.80 12.82 -14.51
N LEU D 781 15.05 13.17 -14.82
CA LEU D 781 15.32 13.93 -16.05
C LEU D 781 14.98 13.11 -17.28
N GLY D 782 15.24 11.80 -17.25
CA GLY D 782 14.99 10.97 -18.41
C GLY D 782 13.52 10.81 -18.73
N ASP D 783 12.66 10.70 -17.72
CA ASP D 783 11.25 10.43 -17.91
C ASP D 783 10.43 11.69 -18.14
N GLY D 784 11.06 12.85 -18.20
CA GLY D 784 10.34 14.07 -18.50
C GLY D 784 9.59 14.68 -17.35
N GLU D 785 9.79 14.18 -16.12
CA GLU D 785 9.13 14.78 -14.97
C GLU D 785 9.70 16.17 -14.68
N THR D 786 11.00 16.35 -14.91
CA THR D 786 11.61 17.67 -14.72
C THR D 786 11.03 18.69 -15.68
N GLN D 787 10.78 18.28 -16.93
CA GLN D 787 10.14 19.20 -17.88
C GLN D 787 8.74 19.58 -17.42
N LYS D 788 8.00 18.62 -16.87
CA LYS D 788 6.67 18.93 -16.35
C LYS D 788 6.77 19.91 -15.19
N LEU D 789 7.74 19.73 -14.30
CA LEU D 789 7.92 20.67 -13.21
C LEU D 789 8.33 22.05 -13.70
N GLU D 790 9.16 22.12 -14.76
CA GLU D 790 9.49 23.40 -15.36
C GLU D 790 8.24 24.09 -15.90
N THR D 791 7.38 23.33 -16.58
CA THR D 791 6.17 23.93 -17.13
C THR D 791 5.23 24.40 -16.02
N VAL D 792 5.17 23.66 -14.92
CA VAL D 792 4.19 23.98 -13.87
C VAL D 792 4.71 24.97 -12.84
N TRP D 793 6.01 25.21 -12.77
CA TRP D 793 6.55 26.10 -11.76
C TRP D 793 7.30 27.31 -12.29
N LEU D 794 7.98 27.20 -13.43
CA LEU D 794 8.80 28.29 -13.94
C LEU D 794 8.29 28.85 -15.25
N SER D 795 6.98 28.78 -15.49
CA SER D 795 6.41 29.38 -16.69
C SER D 795 6.39 30.89 -16.58
N GLY D 796 6.40 31.56 -17.74
CA GLY D 796 6.37 33.00 -17.78
C GLY D 796 5.25 33.49 -18.67
N ILE D 797 4.88 34.76 -18.47
CA ILE D 797 3.79 35.37 -19.21
C ILE D 797 4.29 35.77 -20.59
N CYS D 798 5.26 36.68 -20.65
CA CYS D 798 5.80 37.15 -21.91
C CYS D 798 7.14 36.51 -22.25
N GLN D 799 7.36 35.27 -21.80
CA GLN D 799 8.58 34.54 -22.16
C GLN D 799 8.51 33.94 -23.55
N ASN D 800 7.31 33.82 -24.12
CA ASN D 800 7.15 33.27 -25.47
C ASN D 800 6.68 34.32 -26.45
#